data_5DM6
#
_entry.id   5DM6
#
_cell.length_a   169.900
_cell.length_b   410.760
_cell.length_c   696.120
_cell.angle_alpha   90.000
_cell.angle_beta   90.000
_cell.angle_gamma   90.000
#
_symmetry.space_group_name_H-M   'I 2 2 2'
#
loop_
_entity.id
_entity.type
_entity.pdbx_description
1 polymer '50S ribosomal protein L1'
2 polymer '50S ribosomal protein L2'
3 polymer '50S ribosomal protein L3'
4 polymer '50S ribosomal protein L4'
5 polymer '50S ribosomal protein L5'
6 polymer '50S ribosomal protein L6'
7 polymer '50S ribosomal protein L11'
8 polymer '50S ribosomal protein L13'
9 polymer '50S ribosomal protein L14'
10 polymer '50S ribosomal protein L15'
11 polymer '50S ribosomal protein L16'
12 polymer '50S ribosomal protein L17'
13 polymer '50S ribosomal protein L18'
14 polymer '50S ribosomal protein L19'
15 polymer '50S ribosomal protein L20'
16 polymer '50S ribosomal protein L21'
17 polymer '50S ribosomal protein L22'
18 polymer '50S ribosomal protein L23'
19 polymer '50S ribosomal protein L24'
20 polymer '50S ribosomal protein L25'
21 polymer '50S ribosomal protein L27'
22 polymer '50S ribosomal protein L28'
23 polymer '50S ribosomal protein L29'
24 polymer '50S ribosomal protein L30'
25 polymer '50S ribosomal protein L32'
26 polymer '50S ribosomal protein L33'
27 polymer '50S ribosomal protein L34'
28 polymer '50S ribosomal protein L35'
29 polymer '23S ribosomal RNA'
30 polymer '5S ribosomal RNA'
31 non-polymer 'MAGNESIUM ION'
#
loop_
_entity_poly.entity_id
_entity_poly.type
_entity_poly.pdbx_seq_one_letter_code
_entity_poly.pdbx_strand_id
1 'polypeptide(L)'
;KRYRALEGKVDRNKQYSIDEAAALVKELATAKFDETVEVHFRLGIDPRKSDQNVRGTVALPHGTGRSVRVAVITKGENVQ
AAEAAGADVVGSDELIERIAGGFMDFDAVVATPDMMAQIGQKLARLLGPRGLLPNPKSGTVGADVAGMVRGLKAGRIEFR
NDKTGVVHAPIGKASFESGNLSANYQALISALEGAKPGTAKGVFLRSAYLTTTMGPSIPLALGG
;
0
2 'polypeptide(L)'
;AVKKYKPYTPSRRQMTTADFSGLAKKRPEKALTEALPKTGGRNNRGRITSRFIGGGHKRLYRIIDFKRRDKSGVNAKVAA
IEYDPNRSARIALLHYADGEKRYILAPEGLTVGATVNAGPEAEPKLGNALPLRFVPVGAVVHALELVPGKGAQLARSAGT
SVQVQGKESDYVIVRLPSGELRRVHSECYATIGAVGNAEHKNIVLGKAGRSRWLGRKPHQRGSAMNPVDHPHGGGEGRTG
AGRVPVTPWGKPTKGLKTRRKRKTSDRFLVTRRK
;
A
3 'polypeptide(L)'
;MKGILGTKIGMTQIWKNDRAIPVTVVLAGPCPIVQRKTAQTDGYEAVQIGYAPKAERKVNKPMQGHFAKAGVAPTRILRE
FRGFAPDGDSVNVDIFAEGEKIDATGTSKGKGTQGVMKRWNFAGGPASHGSKKWHRRPGSIGQRKTPGRVYKGKRMAGHM
GMERVTVQNLEVVEIRAGENLILVKGAIPGANGGLVVLRSAAKAS
;
B
4 'polypeptide(L)'
;AQINVIGQNGGRTIELPLPEVNSGVLHEVVTWQLASRRRGTASTRTRAQVSKTGRKMYGQKGTGNARHGDRSVPTFVGGG
VAFGPKPRSYDYTLPRQVRQLGLAMAIASRQEGGKLVAVDGFDIADAKTKNFISWAKQNGLDGTEKVLLVTDDENTRRAA
RNVSWVSVLPVAGVNVYDILRHDRLVIDAAALEIVEE
;
C
5 'polypeptide(L)'
;QLKTKYNDQVRPALMQQFGYSSVMAVPRIEKIVVNEGLGSSKEDSKAIDKAAKELALITLQKPIITKAKKSISNFKLRQG
MPVGIKVTLRGERMYVFLEKLINIGLPRIRDFRGINPNAFDGRGNYNLGIKEQLIFPEITYDMVDKTRGMDITIVTTAKT
DEEARALLQSMGLPFRK
;
D
6 'polypeptide(L)'
;GKQPIAVPSGVTVNAQDGVFKVKGPKGELTVPYNTELTVRQDGDQLLVERPSDAQKHRALHGLTRTLVANAVKGVSDGYT
INLELRGVGFRAKLTGKALEMNIGYSHPVIIEPPAGVTFAVPEPTRIDVSGIDKQLVGQVAANVRKVRKPDAYHGKGVRF
VGEQIALKAGK
;
E
7 'polypeptide(L)'
;MRRVAGIVKLQLPAGKATPAPPVGPALGQYGANIMEFTKAFNAQTADKGDAIIPVEITIYADRSFTFITKTPPMSYLIRK
AAGIGKGSSTPNKAKVGKLNWDQVLEIAKTKMPDLNAGSVEAAANTVAGTARSMGVTVEGGPNA
;
F
8 'polypeptide(L)'
;KTYIPKNDEQNWVVVDASGVPLGRLATLIASRIRGKHRPDFTPNMIQGDFVVVINAAQVALTGKKLDDKVYTRYTGYQGG
LKTETAREALSKHPERVIEHAVFGMLPKGRQGRAMHTRLKVYAGETHPHSAQKPQVLKTQPL
;
G
9 'polypeptide(L)'
;MIMPQSRLDVADNSGAREIMCIRVLNSGIGGKGLTTGGGGNKRYAHVGDIIVASVKDAAPRGAVKAGDVVKAVVVRTSHA
IKRADGSTIRFDRNAAVIINNQGEPRGTRVFGPVARELRDRRFMKIVSLAPEVL
;
H
10 'polypeptide(L)'
;HDLKPTPGSRKDRKRVGRGPGGTDKTAGRGHKGQKSRSGAGKGAFFEGGRSRLIARLPKRGFNNVGTTYEVVKLSQLQDL
EDTTFDRDTLEAYRLVRRKNRPVKLLASGEISRAVTVHVDAASAAAIKAVEAAGGRVVLPE
;
I
11 'polypeptide(L)'
;KRTKFRKQFRGRMTGDAKGGDYVAFGDYGLIAMEPAWIKSNQIEACRIVMSRHFRRGGKIYIRIFPDKPVTKKPAETRMG
KGKGAVEYWVSVVKPGRVMFEVAGVTEEQAKEAFRLAGHKLPIQTKMVKREVYDEA
;
J
12 'polypeptide(L)'
;HGKAGRKLNRNSSARVALARAQATALLREGRIQTTLTKAKELRPFVEQLITTAKGGDLHSRRLVAQDIHDKDVVRKVMDE
VAPKYAERPGGYTRILRVGTRRGDGVTMALIEL
;
K
13 'polypeptide(L)'
;RRKLRTRRKVRTTTAASGKLRLSVYRSSKHIYAQIIDDSRGQTLAAASSAALKSGNKTDTAAAVGKALAAAAAEKGIKQV
VFDRGSYKYHGRVKALADAAREGG
;
L
14 'polypeptide(L)'
;QTHIKINRGELLRGIEQDHTRQLPDFRPGDTVRVDTKVREGNRTRSQAFEGVVIAINGSGSRKSFTVRKISFGEGVERVF
PFASPLVNQVTIVERGKVRRAKLYYGKAA
;
M
15 'polypeptide(L)'
;PRAKTGIVRRRRHKKVLKRAKGFWGSRSKQYRNAFQTLLNAATYEYRDRRNKKRDFRRLWIQRINAGARLHGMNYSTFIN
GLKRANIDLNRKVLADIAAREPEAFKALVDASRNARQ
;
N
16 'polypeptide(L)'
;IQTGGKQYRVSEGDVIRVESLQGEAGDKVELKALFVGGEQTVFGEDAGKYTVQAEVVEHGRGKKIYIRKYKSGVQYRRRT
GHRQNFTAIKILGI
;
O
17 'polypeptide(L)'
;FRNKKQRKQQVKLRKPGFAVAKYVRMSPRKVRLVVDVIRGKSVQDAEDLLRFIPRSASEPVAKVLNSAKANALHNDEMLE
DRLFVKEAYVDAGPTLKRLIPRARGSANIIKKRTSHITIIVAEKGNK
;
P
18 'polypeptide(L)'
;SHYDILQAPVISEKAYSAMERGVYSFWVSPKATKTEIKDAIQQAFGVRVIGISTMNVPGKRKRVGRFIGQRNDRKKAIVR
LAEGQSIEALAGQ
;
Q
19 'polypeptide(L)'
;PSAGSHHNDKLHFKKGDTVIVLSGKHKGQTGKVLLALPRDQKVVVEGVNVITKNVKPSMTNPQGGQEQRELALHASKVAL
VDPETGKATRVRKQIVDGKKVRVAVASGKT
;
R
20 'polypeptide(L)'
;MELTAKPRTPKQKLDESMIAAVAYNKENNVSFALDRKAFDRAFRQQSTTGLFDITVEGGETFPALVKAVQMDKRKRAPIH
VDFYMVTYGEPVEVSVPVHTTGRSQGEVQGGLVDIVVHNLQIVAPGPRRIPQELVVDVTKMNIGDHITAGDIKLPEGCTL
AADPELTVVSVLPPR
;
S
21 'polypeptide(L)'
;AHKKGVGSSKNGRDSNPKYLGVKKFGGEVVKAGNILVRQRGTKFKAGQGVGMGRDHTLFALSDGKVVFINKGKGARFISI
EAAQ
;
T
22 'polypeptide(L)' TGKKNLVVNSVIRRGKARADGGVGRKTTGITKRVQRANLHKKAIRENGQVKTVWLSANAIRTLSKGPYKGIE U
23 'polypeptide(L)' MKPSEMRNLQATDFAKEIDARKKELMELRFQAAAGQLAQPHRVRQLRREVAQLNTVKAELARKGEQ V
24 'polypeptide(L)' MKIKLVRSVIGRPGNQVKTVQALGLRKIGDSREVSDTPAVRGMVKTVKHLLEVQE W
25 'polypeptide(L)' KHPVPKKKTSKSKRDMRRSHHALTAPNLTECPQCHGKKLSHHICPNCGYYDGRQVLA Z
26 'polypeptide(L)' AAAGAAPRIIVKMESSAGTGFYYTTTKNRRNTQAKLELKKYDPVAAHVVFAAAA 1
27 'polypeptide(L)' MKRTYQPNNRKRAKTHGFRARMKTKSGRNILARRRAKGRHQLTVSDE 2
28 'polypeptide(L)' PKMKTHKMAKRRIKITGTGKVMAFKSGKRHQNTGKSGDEIRGKGKGFVLAKAEWARMKLMLPRGK 3
29 'polyribonucleotide'
;GGGUCAAGAUAGUAAGGGUCCACGGUGGAUGCCCUGGCGCUGGAGCCGAUGAAGGACGCGAUUACCUGCGAAAAGCCCCG
ACGAGCUGGAGAUACGCUUUGACUCGGGGAUGUCCGAAUGGGGAAACCCACCUCGUAAGAGGUAUCCGCAAGGAUGGGAA
CUCAGGGAACUGAAACAUCUCAGUACCUGAAGGAGAAGAAAGAGAAUUCGAUUCCGUUAGUAGCGGCGAGCGAACCCGGA
UCAGCCCAAACCGAAACGCUUGCGUUUCGGGGUUGUAGGACCAGUUUUUAAGAUUCAACCCCUCAAGCCGAAGUGGCUGG
AAAGCUACACCUCAGAAGGUGAGAGUCCUGUAGGCGAACGAGCGGUUGACUGUACUGGCACCUGAGUAGGUCGUUGUUCG
UGAAACGAUGACUGAAUCCGCGCGGACCACCGCGCAAGGCUAAAUACUCCCAGUGACCGAUAGCGCAUAGUACCGUGAGG
GAAAGGUGAAAAGAACCCCGGGAGGGGAGUGAAAGAGAACCUGAAACCGUGGACUUACAAGCAGUCAUGGCACCUUAUGC
GUGUUAUGGCGUGCCUAUUGAAGCAUGAGCCGGCGACUUAGACCUGACGUGCGAGCUUAAGUUGAAAAACGGAGGCGGAG
CGAAAGCGAGUCCGAAUAGGGCGGCAUUAGUACGUCGGGCUAGACUCGAAACCAGGUGAGCUAAGCAUGACCAGGUUGAA
ACCCCCGUGACAGGGGGCGGAGGACCGAACCGGUGCCUGCUGAAACAGUCUCGGAUGAGUUGUGUUUAGGAGUGAAAAGC
UAACCGAACCUGGAGAUAGCUAGUUCUCCCCGAAAUGUAUUGAGGUACAGCCUCGGAUGUUGACCAUGUCCUGUAGAGCA
CUCACAAGGCUAGGGGGCCUACCAGCUUACCAAACCUUAUGAAACUCCGAAGGGGCACGCGUUUAGUCCGGGAGUGAGGC
UGCGAGAGCUAACUUCCGUAGCCGAGAGGGAAACAACCCAGACCAUCAGCUAAGGUCCCUAAAUGAUCGCUCAGUGGUUA
AGGAUGUGUCGUCGCAUAGACAGCCAGGAGGUUGGCUUAGAAGCAGCCACCCUUCAAAGAGUGCGUAAUAGCUCACUGGU
CGAGUGACGAUGCGCCGAAAAUGAUCGGGGCUCAAGUGAUCUACCGAAGCUAUGGAUUCAACUCGCGAAGCGAGUUGUCU
GGUAGGGGAGCGUUCAGUCCGCGGAGAAGCCAUACCGGAAGGAGUGGUGGAGCCGACUGAAGUGCGGAUGCCGGCAUGAG
UAACGAUAAAAGAAGUGAGAAUCUUCUUCGCCGUAAGGACAAGGGUUCCUGGGGAAGGGUCGUCCGCCCAGGGAAAGUCG
GGACCUAAGGUGAGGCCGAACGGCGCAGCCGAUGGACAGCAGGUCAAGAUUCCUGCACCGAUCAUGUGGAGUGAUGGAGG
GACGCAUUACGCUAUCCAAUGCCAAGCUAUGGCUAUGCUGGUUGGUACGCUCAAGGGCGAUCGGGUCAGAAAAUCUACCG
GUCACAUGCCUCAGACGUAUCGGGAGCUUCCUCGGAAGCGAAGUUGGAAACGCGACGGUGCCAAGAAAAGCUUCUAAACG
UUGAAACAUGAUUGCCCGUACCGCAAACCGACACAGGUGUCCGAGUGUCAAUGCACUAAGGCGCGCGAGAGAACCCUCGU
UAAGGAACUUUGCAAUCUCACCCCGUAACUUCGGAAGAAGGGGUCCCCACGCUUCGCGUGGGGCGCAGUGAAUAGGCCCA
GGCGACUGUUUACCAAAAUCACAGCACUCUGCCAACACGAACAGUGGACGUAUAGGGUGUGACGCCUGCCCGGUGCCGGA
AGGUCAAGUGGAGCGGUGCAAGCUGCGAAAUGAAGCCCCGGUGAACGGCGGCCGUAACUAUAACGGUCCUAAGGUAGCGA
AAUUCCUUGUCGGGUAAGUUCCGACCUGCACGAAAGGCGUAACGAUCUGGGCGCUGUCUCAACGAGGGACUCGGUGAAAU
UGAAUUGGCUGUAAAGAUGCGGCCUACCCGUAGCAGGACGAAAAGACCCCGUGGAGCUUUACUAUAGUCUGGCAUUGGGA
UUCGGGUUUCUCUGCGUAGGAUAGGUGGGAGCCUGCGAAACUGGCCUUUUGGGGUCGGUGGAGGCAACGGUGAAAUACCA
CCCUGAGAAACUUGGAUUUCUAACCUGAAAAAUCACUUUCGGGGACCGUGCUUGGCGGGUAGUUUGACUGGGGCGGUCGC
CUCCCAAAAUGUAACGGAGGCGCCCAAAGGUCACCUCAAGACGGUUGGAAAUCGUCUGUAGAGCGCAAAGGUAGAAGGUG
GCUUGACUGCGAGACUGACACGUCGAGCAGGGAGGAAACUCGGGCUUAGUGAACCGGUGGUACCGUGUGGAAGGGCCAUC
GAUCAACGGAUAAAAGUUACCCCGGGGAUAACAGGCUGAUCUCCCCCGAGAGUCCAUAUCGGCGGGGAGGUUUGGCACCU
CGAUGUCGGCUCGUCGCAUCCUGGGGCUGAAGAAGGUCCCAAGGGUUGGGCUGUUCGCCCAUUAAAGCGGCACGCGAGCU
GGGUUCAGAACGUCGUGAGACAGUUCGGUCUCUAUCCGCUACGGGCGCAGGAGAAUUGAGGGGAGUUGCUCCUAGUACGA
GAGGACCGGAGUGAACGGACCGCUGGUCUCCCUGCUGUCGUACCAACGGCACAUGCAGGGUAGCUAUGUCCGGAACGGAU
AACCGCUGAAAGCAUCUAAGCGGGAAGCCAGCCCCAAGAUGAGUUCUCCCACUGUUUAUCAGGUAAGACUCCCGGAAGAC
CACCGGGUUAAGAGGCCAGGCGUGCACGCAUAGCAAUGUGUUCAGCGGACUGGUGCUCAUCAGUCGAGGUCUUGACCACU
C
;
X
30 'polyribonucleotide'
;CACCCCCGUGCCCAUAGCACUGUGGAACCACCCCACCCCAUGCCGAACUGGGUCGUGAAACACAGCAGCGCCAAUGAUAC
UCGGACCGCAGGGUCCCGGAAAAGUCGGUCAGCGCGGGGGUU
;
Y
#
# COMPACT_ATOMS: atom_id res chain seq x y z
N LYS A 1 12.17 -74.94 99.91
CA LYS A 1 12.10 -74.73 98.47
C LYS A 1 11.29 -75.85 97.83
N ARG A 2 11.95 -76.99 97.59
CA ARG A 2 11.37 -78.14 96.88
C ARG A 2 10.83 -77.71 95.51
N TYR A 3 11.63 -76.90 94.80
CA TYR A 3 11.24 -76.35 93.50
C TYR A 3 11.66 -77.28 92.34
N ARG A 4 12.64 -78.15 92.56
CA ARG A 4 13.24 -78.94 91.47
C ARG A 4 12.42 -80.19 91.13
N ALA A 5 12.76 -80.81 90.00
CA ALA A 5 12.07 -81.99 89.44
C ALA A 5 10.63 -81.65 89.06
N LEU A 6 10.33 -80.36 88.95
CA LEU A 6 9.01 -79.89 88.55
C LEU A 6 9.11 -78.53 87.84
N GLU A 7 10.18 -77.79 88.15
CA GLU A 7 10.51 -76.56 87.43
C GLU A 7 11.58 -76.84 86.37
N GLY A 8 12.38 -77.88 86.59
CA GLY A 8 13.38 -78.31 85.64
C GLY A 8 12.77 -78.81 84.35
N LYS A 9 11.68 -79.55 84.47
CA LYS A 9 10.93 -80.04 83.30
C LYS A 9 10.20 -78.91 82.58
N VAL A 10 10.29 -77.71 83.14
CA VAL A 10 9.52 -76.57 82.66
C VAL A 10 10.40 -75.47 82.07
N ASP A 11 9.98 -74.95 80.92
CA ASP A 11 10.62 -73.80 80.29
C ASP A 11 9.54 -72.80 79.87
N ARG A 12 9.60 -71.58 80.40
CA ARG A 12 8.61 -70.54 80.07
C ARG A 12 8.87 -69.95 78.69
N ASN A 13 9.66 -70.66 77.89
CA ASN A 13 10.08 -70.21 76.57
C ASN A 13 9.51 -71.08 75.46
N LYS A 14 8.90 -72.21 75.82
CA LYS A 14 8.29 -73.11 74.83
C LYS A 14 6.77 -73.21 75.04
N GLN A 15 6.13 -74.13 74.32
CA GLN A 15 4.67 -74.25 74.36
C GLN A 15 4.20 -75.69 74.60
N TYR A 16 3.10 -75.81 75.33
CA TYR A 16 2.44 -77.09 75.60
C TYR A 16 0.94 -76.94 75.38
N SER A 17 0.44 -77.44 74.24
CA SER A 17 -0.90 -77.14 73.76
C SER A 17 -2.06 -77.84 74.50
N ILE A 18 -2.89 -78.57 73.74
CA ILE A 18 -4.09 -79.23 74.27
C ILE A 18 -3.88 -80.73 74.47
N ASP A 19 -3.03 -81.34 73.63
CA ASP A 19 -2.76 -82.78 73.70
C ASP A 19 -1.34 -83.12 74.22
N GLU A 20 -0.62 -82.11 74.70
CA GLU A 20 0.71 -82.32 75.26
C GLU A 20 0.85 -81.78 76.70
N ALA A 21 0.06 -80.76 77.02
CA ALA A 21 0.09 -80.15 78.35
C ALA A 21 -0.73 -80.96 79.35
N ALA A 22 -1.93 -81.37 78.96
CA ALA A 22 -2.85 -82.11 79.83
C ALA A 22 -2.31 -83.48 80.26
N ALA A 23 -1.16 -83.87 79.71
CA ALA A 23 -0.46 -85.09 80.10
C ALA A 23 0.85 -84.76 80.83
N LEU A 24 1.21 -83.48 80.83
CA LEU A 24 2.32 -82.98 81.64
C LEU A 24 1.81 -81.82 82.51
N VAL A 25 0.64 -82.03 83.11
CA VAL A 25 -0.03 -81.05 83.97
C VAL A 25 -0.41 -81.69 85.31
N LYS A 26 -0.75 -82.98 85.29
CA LYS A 26 -0.94 -83.74 86.51
C LYS A 26 0.41 -84.03 87.14
N GLU A 27 1.46 -84.01 86.31
CA GLU A 27 2.85 -84.04 86.77
C GLU A 27 3.11 -82.83 87.66
N LEU A 28 3.15 -81.66 87.01
CA LEU A 28 3.40 -80.37 87.66
C LEU A 28 2.40 -80.12 88.77
N ALA A 29 2.55 -80.89 89.85
CA ALA A 29 1.51 -80.98 90.86
C ALA A 29 2.00 -81.79 92.05
N THR A 30 3.01 -82.64 91.81
CA THR A 30 3.52 -83.57 92.82
C THR A 30 3.80 -82.86 94.16
N ALA A 31 2.73 -82.63 94.92
CA ALA A 31 2.80 -81.94 96.21
C ALA A 31 2.40 -82.87 97.36
N LYS A 32 1.12 -82.91 97.67
CA LYS A 32 0.59 -83.75 98.74
C LYS A 32 -0.64 -84.57 98.32
N PHE A 33 -1.83 -84.00 98.54
CA PHE A 33 -3.08 -84.69 98.22
C PHE A 33 -3.42 -84.60 96.72
N ASP A 34 -4.71 -84.38 96.41
CA ASP A 34 -5.14 -84.17 95.04
C ASP A 34 -4.61 -82.85 94.50
N GLU A 35 -4.51 -82.72 93.19
CA GLU A 35 -3.85 -81.57 92.58
C GLU A 35 -4.45 -81.13 91.24
N THR A 36 -5.38 -80.18 91.31
CA THR A 36 -6.00 -79.59 90.11
C THR A 36 -5.12 -78.47 89.54
N VAL A 37 -5.22 -78.24 88.24
CA VAL A 37 -4.42 -77.21 87.57
C VAL A 37 -5.32 -76.19 86.86
N GLU A 38 -5.03 -74.90 87.03
CA GLU A 38 -5.82 -73.83 86.42
C GLU A 38 -5.63 -73.74 84.91
N VAL A 39 -6.49 -72.97 84.26
CA VAL A 39 -6.34 -72.61 82.85
C VAL A 39 -6.65 -71.12 82.67
N HIS A 40 -5.62 -70.31 82.44
CA HIS A 40 -5.74 -68.84 82.39
C HIS A 40 -6.22 -68.30 81.03
N PHE A 41 -6.81 -67.12 81.06
CA PHE A 41 -7.15 -66.34 79.86
C PHE A 41 -6.85 -64.86 80.15
N ARG A 42 -7.22 -63.98 79.22
CA ARG A 42 -7.01 -62.53 79.42
C ARG A 42 -8.05 -61.67 78.67
N LEU A 43 -9.10 -61.29 79.37
CA LEU A 43 -10.07 -60.32 78.83
C LEU A 43 -9.53 -58.91 79.05
N GLY A 44 -8.43 -58.58 78.36
CA GLY A 44 -7.81 -57.28 78.46
C GLY A 44 -8.30 -56.34 77.37
N ILE A 45 -9.60 -56.41 77.09
CA ILE A 45 -10.25 -55.54 76.13
C ILE A 45 -10.12 -54.11 76.60
N ASP A 46 -11.12 -53.68 77.37
CA ASP A 46 -11.07 -52.41 78.08
C ASP A 46 -11.71 -52.65 79.45
N PRO A 47 -10.90 -53.09 80.42
CA PRO A 47 -11.36 -53.62 81.72
C PRO A 47 -11.92 -52.60 82.72
N ARG A 48 -11.92 -51.31 82.39
CA ARG A 48 -12.46 -50.29 83.31
C ARG A 48 -13.81 -49.73 82.84
N LYS A 49 -14.55 -50.51 82.05
CA LYS A 49 -15.90 -50.15 81.63
C LYS A 49 -16.91 -51.21 82.08
N SER A 50 -18.16 -50.80 82.30
CA SER A 50 -19.19 -51.73 82.78
C SER A 50 -19.83 -52.49 81.62
N ASP A 51 -19.36 -52.21 80.40
CA ASP A 51 -19.77 -52.99 79.22
C ASP A 51 -18.60 -53.86 78.72
N GLN A 52 -17.77 -54.31 79.65
CA GLN A 52 -16.74 -55.32 79.39
C GLN A 52 -16.51 -56.16 80.64
N ASN A 53 -17.62 -56.46 81.34
CA ASN A 53 -17.63 -57.38 82.48
C ASN A 53 -18.53 -58.57 82.16
N VAL A 54 -17.94 -59.76 82.06
CA VAL A 54 -18.66 -60.97 81.67
C VAL A 54 -19.66 -61.41 82.75
N ARG A 55 -20.94 -61.39 82.41
CA ARG A 55 -22.01 -61.77 83.33
C ARG A 55 -22.85 -62.93 82.77
N GLY A 56 -22.17 -64.03 82.46
CA GLY A 56 -22.81 -65.23 81.93
C GLY A 56 -22.21 -66.52 82.47
N THR A 57 -22.92 -67.63 82.32
CA THR A 57 -22.56 -68.88 82.99
C THR A 57 -21.69 -69.83 82.16
N VAL A 58 -21.20 -70.88 82.82
CA VAL A 58 -20.41 -71.95 82.21
C VAL A 58 -21.00 -73.28 82.69
N ALA A 59 -20.97 -74.31 81.84
CA ALA A 59 -21.52 -75.60 82.21
C ALA A 59 -20.56 -76.76 81.92
N LEU A 60 -19.78 -77.17 82.93
CA LEU A 60 -18.85 -78.29 82.82
C LEU A 60 -19.52 -79.54 82.26
N PRO A 61 -18.82 -80.26 81.36
CA PRO A 61 -19.39 -81.42 80.66
C PRO A 61 -19.75 -82.59 81.59
N HIS A 62 -18.73 -83.30 82.08
CA HIS A 62 -18.93 -84.49 82.89
C HIS A 62 -19.41 -84.18 84.31
N GLY A 63 -18.76 -84.84 85.27
CA GLY A 63 -19.00 -84.58 86.68
C GLY A 63 -17.70 -84.23 87.37
N THR A 64 -17.71 -83.13 88.10
CA THR A 64 -16.53 -82.69 88.83
C THR A 64 -16.37 -83.52 90.10
N GLY A 65 -15.44 -83.13 90.97
CA GLY A 65 -15.26 -83.83 92.24
C GLY A 65 -16.06 -83.21 93.37
N ARG A 66 -17.31 -82.81 93.07
CA ARG A 66 -18.20 -82.17 94.03
C ARG A 66 -19.61 -82.75 93.94
N SER A 67 -20.61 -81.93 94.28
CA SER A 67 -22.02 -82.30 94.14
C SER A 67 -22.78 -81.16 93.45
N VAL A 68 -24.00 -80.87 93.92
CA VAL A 68 -24.82 -79.82 93.31
C VAL A 68 -25.48 -78.92 94.36
N ARG A 69 -25.44 -77.60 94.12
CA ARG A 69 -26.06 -76.60 95.01
C ARG A 69 -27.19 -75.83 94.32
N VAL A 70 -28.42 -76.04 94.80
CA VAL A 70 -29.60 -75.29 94.36
C VAL A 70 -30.63 -75.20 95.49
N ALA A 71 -30.64 -74.08 96.21
CA ALA A 71 -31.49 -73.91 97.40
C ALA A 71 -32.95 -73.64 97.05
N VAL A 72 -33.65 -74.70 96.64
CA VAL A 72 -35.02 -74.62 96.16
C VAL A 72 -35.99 -74.09 97.22
N ILE A 73 -37.03 -73.37 96.76
CA ILE A 73 -38.09 -72.87 97.63
C ILE A 73 -39.45 -73.21 97.01
N THR A 74 -39.96 -74.41 97.29
CA THR A 74 -41.15 -74.93 96.59
C THR A 74 -42.35 -75.23 97.52
N LYS A 75 -43.34 -75.95 96.98
CA LYS A 75 -44.53 -76.40 97.74
C LYS A 75 -45.45 -77.29 96.89
N GLY A 76 -45.72 -78.51 97.37
CA GLY A 76 -46.65 -79.41 96.70
C GLY A 76 -46.01 -80.61 96.00
N GLU A 77 -46.33 -80.78 94.72
CA GLU A 77 -45.71 -81.81 93.88
C GLU A 77 -44.41 -81.28 93.28
N ASN A 78 -43.80 -80.33 93.98
CA ASN A 78 -42.51 -79.76 93.61
C ASN A 78 -41.52 -79.98 94.77
N VAL A 79 -41.97 -80.72 95.79
CA VAL A 79 -41.16 -81.05 96.95
C VAL A 79 -40.58 -82.46 96.79
N GLN A 80 -41.33 -83.35 96.13
CA GLN A 80 -40.87 -84.71 95.86
C GLN A 80 -40.17 -84.81 94.49
N ALA A 81 -39.78 -83.66 93.95
CA ALA A 81 -39.11 -83.60 92.65
C ALA A 81 -37.77 -82.85 92.74
N ALA A 82 -37.43 -82.37 93.93
CA ALA A 82 -36.17 -81.68 94.18
C ALA A 82 -35.47 -82.22 95.44
N GLU A 83 -36.17 -83.08 96.18
CA GLU A 83 -35.62 -83.75 97.35
C GLU A 83 -35.26 -85.20 97.03
N ALA A 84 -36.01 -85.80 96.09
CA ALA A 84 -35.77 -87.17 95.66
C ALA A 84 -34.98 -87.20 94.35
N ALA A 85 -34.01 -86.29 94.23
CA ALA A 85 -33.16 -86.18 93.04
C ALA A 85 -31.69 -85.92 93.40
N GLY A 86 -31.39 -84.71 93.88
CA GLY A 86 -30.06 -84.35 94.32
C GLY A 86 -29.71 -82.87 94.42
N ALA A 87 -30.69 -82.05 94.81
CA ALA A 87 -30.48 -80.60 94.90
C ALA A 87 -29.72 -80.21 96.19
N ASP A 88 -30.30 -79.31 96.97
CA ASP A 88 -29.73 -78.84 98.24
C ASP A 88 -30.76 -78.07 99.07
N VAL A 89 -30.79 -78.36 100.38
CA VAL A 89 -31.67 -77.70 101.36
C VAL A 89 -33.04 -77.36 100.74
N VAL A 90 -33.81 -78.40 100.43
CA VAL A 90 -35.11 -78.24 99.77
C VAL A 90 -36.24 -78.41 100.78
N GLY A 91 -37.33 -77.68 100.57
CA GLY A 91 -38.48 -77.76 101.44
C GLY A 91 -39.63 -76.88 100.97
N SER A 92 -40.01 -75.91 101.78
CA SER A 92 -41.11 -75.01 101.45
C SER A 92 -40.69 -73.54 101.49
N ASP A 93 -41.59 -72.68 101.95
CA ASP A 93 -41.30 -71.24 102.09
C ASP A 93 -40.54 -70.99 103.39
N GLU A 94 -40.39 -72.03 104.19
CA GLU A 94 -39.53 -71.99 105.38
C GLU A 94 -38.11 -71.57 104.97
N LEU A 95 -37.76 -71.83 103.72
CA LEU A 95 -36.45 -71.46 103.17
C LEU A 95 -36.20 -69.94 103.19
N ILE A 96 -37.27 -69.14 103.24
CA ILE A 96 -37.11 -67.70 103.47
C ILE A 96 -36.33 -67.52 104.77
N GLU A 97 -36.81 -68.18 105.83
CA GLU A 97 -36.14 -68.16 107.13
C GLU A 97 -34.73 -68.79 107.07
N ARG A 98 -34.49 -69.63 106.06
CA ARG A 98 -33.18 -70.27 105.89
C ARG A 98 -32.28 -69.47 104.94
N ILE A 99 -32.82 -68.40 104.36
CA ILE A 99 -32.05 -67.53 103.46
C ILE A 99 -32.37 -66.05 103.82
N ALA A 100 -32.42 -65.77 105.12
CA ALA A 100 -32.64 -64.42 105.63
C ALA A 100 -32.19 -64.34 107.10
N GLY A 101 -32.04 -65.52 107.72
CA GLY A 101 -31.60 -65.60 109.10
C GLY A 101 -30.11 -65.81 109.24
N GLY A 102 -29.39 -65.69 108.13
CA GLY A 102 -27.95 -65.76 108.14
C GLY A 102 -27.31 -67.02 107.59
N PHE A 103 -27.72 -67.44 106.39
CA PHE A 103 -27.09 -68.57 105.70
C PHE A 103 -27.20 -68.45 104.18
N MET A 104 -26.47 -67.50 103.60
CA MET A 104 -26.43 -67.36 102.14
C MET A 104 -25.08 -67.81 101.57
N ASP A 105 -24.82 -69.11 101.69
CA ASP A 105 -23.67 -69.74 101.05
C ASP A 105 -24.18 -70.65 99.93
N PHE A 106 -25.50 -70.62 99.73
CA PHE A 106 -26.16 -71.37 98.67
C PHE A 106 -25.85 -70.76 97.31
N ASP A 107 -26.39 -71.37 96.26
CA ASP A 107 -26.26 -70.82 94.91
C ASP A 107 -27.64 -70.41 94.39
N ALA A 108 -28.06 -71.01 93.28
CA ALA A 108 -29.33 -70.68 92.67
C ALA A 108 -30.47 -70.93 93.65
N VAL A 109 -30.88 -69.88 94.35
CA VAL A 109 -32.01 -69.96 95.27
C VAL A 109 -33.29 -70.13 94.45
N VAL A 110 -33.63 -71.38 94.12
CA VAL A 110 -34.74 -71.67 93.19
C VAL A 110 -36.11 -71.29 93.76
N ALA A 111 -37.15 -71.49 92.94
CA ALA A 111 -38.51 -71.14 93.34
C ALA A 111 -39.54 -71.94 92.54
N THR A 112 -40.81 -71.72 92.89
CA THR A 112 -41.97 -72.26 92.18
C THR A 112 -42.44 -71.16 91.23
N PRO A 113 -43.15 -71.52 90.14
CA PRO A 113 -43.83 -70.54 89.29
C PRO A 113 -44.66 -69.47 90.04
N ASP A 114 -45.75 -69.88 90.71
CA ASP A 114 -46.65 -68.95 91.39
C ASP A 114 -46.06 -68.36 92.67
N MET A 115 -44.85 -68.80 93.03
CA MET A 115 -44.23 -68.46 94.30
C MET A 115 -42.88 -67.76 94.14
N MET A 116 -42.74 -66.99 93.06
CA MET A 116 -41.61 -66.07 92.91
C MET A 116 -41.88 -64.80 93.72
N ALA A 117 -43.16 -64.62 94.09
CA ALA A 117 -43.59 -63.48 94.89
C ALA A 117 -43.11 -63.59 96.33
N GLN A 118 -42.72 -64.80 96.73
CA GLN A 118 -42.16 -65.06 98.05
C GLN A 118 -40.70 -64.65 98.13
N ILE A 119 -39.97 -64.84 97.03
CA ILE A 119 -38.58 -64.41 96.91
C ILE A 119 -38.56 -62.94 96.46
N GLY A 120 -39.72 -62.41 96.10
CA GLY A 120 -39.83 -61.05 95.60
C GLY A 120 -40.48 -59.98 96.48
N GLN A 121 -41.23 -60.38 97.50
CA GLN A 121 -41.90 -59.39 98.36
C GLN A 121 -41.25 -59.26 99.74
N LYS A 122 -40.52 -60.28 100.18
CA LYS A 122 -39.82 -60.27 101.47
C LYS A 122 -38.30 -60.18 101.28
N LEU A 123 -37.77 -61.05 100.43
CA LEU A 123 -36.34 -61.09 100.16
C LEU A 123 -35.99 -60.31 98.89
N ALA A 124 -36.60 -59.14 98.73
CA ALA A 124 -36.21 -58.20 97.70
C ALA A 124 -35.51 -57.02 98.37
N ARG A 125 -35.65 -56.98 99.69
CA ARG A 125 -34.94 -56.01 100.51
C ARG A 125 -33.71 -56.70 101.09
N LEU A 126 -33.61 -58.00 100.83
CA LEU A 126 -32.44 -58.79 101.20
C LEU A 126 -31.79 -59.42 99.96
N LEU A 127 -32.40 -60.45 99.38
CA LEU A 127 -31.86 -61.15 98.21
C LEU A 127 -31.86 -60.28 96.94
N GLY A 128 -32.65 -59.21 96.96
CA GLY A 128 -32.73 -58.27 95.85
C GLY A 128 -31.42 -57.92 95.15
N PRO A 129 -30.46 -57.32 95.88
CA PRO A 129 -29.15 -56.96 95.32
C PRO A 129 -28.16 -58.11 95.22
N ARG A 130 -28.62 -59.36 95.09
CA ARG A 130 -27.68 -60.47 94.97
C ARG A 130 -27.51 -60.92 93.52
N GLY A 131 -28.60 -60.83 92.74
CA GLY A 131 -28.57 -61.28 91.36
C GLY A 131 -28.31 -62.78 91.30
N LEU A 132 -28.69 -63.48 92.36
CA LEU A 132 -28.57 -64.92 92.46
C LEU A 132 -29.96 -65.56 92.58
N LEU A 133 -30.91 -65.00 91.83
CA LEU A 133 -32.32 -65.39 91.93
C LEU A 133 -32.82 -65.97 90.60
N PRO A 134 -33.90 -66.77 90.65
CA PRO A 134 -34.46 -67.37 89.42
C PRO A 134 -35.24 -66.37 88.55
N ASN A 135 -34.64 -65.96 87.44
CA ASN A 135 -35.27 -65.03 86.49
C ASN A 135 -36.00 -65.80 85.37
N PRO A 136 -37.09 -65.21 84.83
CA PRO A 136 -37.80 -65.82 83.69
C PRO A 136 -37.03 -65.82 82.35
N LYS A 137 -35.72 -65.58 82.36
CA LYS A 137 -34.88 -65.71 81.18
C LYS A 137 -33.49 -66.24 81.50
N SER A 138 -33.16 -66.33 82.79
CA SER A 138 -31.85 -66.79 83.22
C SER A 138 -31.71 -68.30 83.01
N GLY A 139 -31.72 -69.06 84.10
CA GLY A 139 -31.52 -70.49 84.01
C GLY A 139 -32.65 -71.36 84.50
N THR A 140 -33.24 -71.00 85.64
CA THR A 140 -34.20 -71.89 86.29
C THR A 140 -35.53 -71.21 86.69
N VAL A 141 -36.39 -70.99 85.71
CA VAL A 141 -37.74 -70.45 85.97
C VAL A 141 -38.79 -71.47 85.52
N GLY A 142 -40.02 -71.29 85.97
CA GLY A 142 -41.10 -72.18 85.60
C GLY A 142 -41.02 -73.54 86.28
N ALA A 143 -41.37 -74.59 85.54
CA ALA A 143 -41.34 -75.96 86.07
C ALA A 143 -40.11 -76.73 85.56
N ASP A 144 -39.08 -76.00 85.17
CA ASP A 144 -37.82 -76.59 84.73
C ASP A 144 -36.79 -76.58 85.86
N VAL A 145 -37.17 -77.15 87.00
CA VAL A 145 -36.27 -77.34 88.13
C VAL A 145 -36.02 -78.85 88.28
N ALA A 146 -35.42 -79.43 87.24
CA ALA A 146 -35.06 -80.85 87.19
C ALA A 146 -34.11 -81.13 86.02
N GLY A 147 -34.26 -80.37 84.94
CA GLY A 147 -33.44 -80.55 83.74
C GLY A 147 -32.58 -79.36 83.36
N MET A 148 -32.91 -78.19 83.90
CA MET A 148 -32.07 -76.99 83.75
C MET A 148 -31.42 -76.63 85.08
N VAL A 149 -31.80 -77.35 86.14
CA VAL A 149 -30.99 -77.44 87.36
C VAL A 149 -29.89 -78.44 87.02
N ARG A 150 -30.12 -79.23 85.97
CA ARG A 150 -29.08 -80.04 85.34
C ARG A 150 -28.22 -79.19 84.40
N GLY A 151 -28.24 -77.88 84.65
CA GLY A 151 -27.26 -76.93 84.13
C GLY A 151 -26.51 -76.35 85.32
N LEU A 152 -27.06 -76.62 86.50
CA LEU A 152 -26.40 -76.36 87.78
C LEU A 152 -25.94 -77.71 88.38
N LYS A 153 -26.30 -78.80 87.69
CA LYS A 153 -25.81 -80.15 87.98
C LYS A 153 -24.73 -80.57 86.98
N ALA A 154 -25.12 -80.69 85.71
CA ALA A 154 -24.19 -81.01 84.64
C ALA A 154 -23.41 -79.76 84.23
N GLY A 155 -22.84 -79.09 85.24
CA GLY A 155 -22.04 -77.89 85.02
C GLY A 155 -21.83 -77.01 86.24
N ARG A 156 -20.63 -77.07 86.81
CA ARG A 156 -20.23 -76.14 87.87
C ARG A 156 -20.36 -74.71 87.35
N ILE A 157 -21.43 -74.04 87.75
CA ILE A 157 -21.88 -72.77 87.19
C ILE A 157 -20.86 -71.62 87.38
N GLU A 158 -21.14 -70.72 88.32
CA GLU A 158 -20.26 -69.59 88.67
C GLU A 158 -20.16 -68.54 87.54
N PHE A 159 -20.04 -67.27 87.92
CA PHE A 159 -19.85 -66.18 86.94
C PHE A 159 -19.22 -64.91 87.56
N ARG A 160 -17.98 -64.59 87.13
CA ARG A 160 -17.22 -63.46 87.70
C ARG A 160 -16.28 -62.78 86.68
N ASN A 161 -15.92 -61.52 86.96
CA ASN A 161 -15.01 -60.75 86.11
C ASN A 161 -14.34 -59.63 86.93
N ASP A 162 -13.17 -59.15 86.49
CA ASP A 162 -12.34 -58.23 87.29
C ASP A 162 -11.99 -56.88 86.63
N LYS A 163 -10.99 -56.18 87.17
CA LYS A 163 -10.66 -54.81 86.76
C LYS A 163 -9.18 -54.57 86.38
N THR A 164 -8.41 -55.64 86.18
CA THR A 164 -7.00 -55.51 85.76
C THR A 164 -6.80 -56.13 84.39
N GLY A 165 -7.22 -57.39 84.24
CA GLY A 165 -7.11 -58.09 82.97
C GLY A 165 -6.72 -59.54 83.11
N VAL A 166 -7.21 -60.20 84.16
CA VAL A 166 -6.93 -61.62 84.39
C VAL A 166 -8.25 -62.39 84.56
N VAL A 167 -8.47 -63.39 83.71
CA VAL A 167 -9.69 -64.22 83.80
C VAL A 167 -9.33 -65.69 83.59
N HIS A 168 -9.56 -66.52 84.61
CA HIS A 168 -9.16 -67.93 84.50
C HIS A 168 -10.16 -68.92 85.11
N ALA A 169 -11.08 -69.42 84.27
CA ALA A 169 -11.98 -70.47 84.71
C ALA A 169 -11.25 -71.81 84.77
N PRO A 170 -11.46 -72.57 85.85
CA PRO A 170 -10.78 -73.84 86.10
C PRO A 170 -11.42 -75.04 85.37
N ILE A 171 -10.71 -76.17 85.34
CA ILE A 171 -11.18 -77.37 84.65
C ILE A 171 -12.08 -78.22 85.56
N GLY A 172 -11.72 -78.32 86.84
CA GLY A 172 -12.51 -79.07 87.80
C GLY A 172 -11.72 -79.89 88.81
N LYS A 173 -11.12 -80.98 88.32
CA LYS A 173 -10.20 -81.80 89.10
C LYS A 173 -9.26 -82.54 88.14
N ALA A 174 -8.06 -82.87 88.61
CA ALA A 174 -7.13 -83.68 87.82
C ALA A 174 -7.35 -85.16 88.14
N SER A 175 -8.54 -85.48 88.63
CA SER A 175 -8.94 -86.86 88.92
C SER A 175 -9.53 -87.50 87.68
N PHE A 176 -8.97 -87.17 86.53
CA PHE A 176 -9.39 -87.71 85.24
C PHE A 176 -8.18 -88.18 84.43
N GLU A 177 -8.21 -87.94 83.13
CA GLU A 177 -7.13 -88.36 82.22
C GLU A 177 -6.49 -87.16 81.52
N SER A 178 -5.88 -87.39 80.36
CA SER A 178 -5.31 -86.29 79.57
C SER A 178 -6.23 -85.94 78.40
N GLY A 179 -7.27 -86.74 78.22
CA GLY A 179 -8.36 -86.43 77.31
C GLY A 179 -9.61 -86.02 78.08
N ASN A 180 -9.39 -85.55 79.31
CA ASN A 180 -10.45 -85.05 80.18
C ASN A 180 -9.94 -83.87 81.02
N LEU A 181 -8.62 -83.60 80.95
CA LEU A 181 -8.04 -82.35 81.43
C LEU A 181 -8.06 -81.35 80.28
N SER A 182 -8.33 -81.87 79.08
CA SER A 182 -8.54 -81.06 77.90
C SER A 182 -9.88 -81.41 77.23
N ALA A 183 -10.78 -82.00 78.02
CA ALA A 183 -12.19 -82.15 77.66
C ALA A 183 -13.03 -81.39 78.69
N ASN A 184 -12.36 -80.95 79.76
CA ASN A 184 -12.90 -79.96 80.68
C ASN A 184 -12.27 -78.61 80.35
N TYR A 185 -11.15 -78.64 79.64
CA TYR A 185 -10.52 -77.46 79.04
C TYR A 185 -11.15 -77.22 77.65
N GLN A 186 -12.03 -78.15 77.25
CA GLN A 186 -12.87 -77.97 76.07
C GLN A 186 -14.27 -77.51 76.54
N ALA A 187 -14.27 -76.75 77.64
CA ALA A 187 -15.46 -76.12 78.19
C ALA A 187 -15.04 -74.78 78.81
N LEU A 188 -13.81 -74.38 78.51
CA LEU A 188 -13.22 -73.12 78.98
C LEU A 188 -13.03 -72.14 77.82
N ILE A 189 -12.57 -72.66 76.69
CA ILE A 189 -12.57 -71.88 75.45
C ILE A 189 -13.86 -72.24 74.71
N SER A 190 -14.76 -72.94 75.41
CA SER A 190 -16.09 -73.26 74.92
C SER A 190 -17.17 -72.64 75.81
N ALA A 191 -16.78 -71.65 76.62
CA ALA A 191 -17.71 -70.97 77.51
C ALA A 191 -17.13 -69.66 78.07
N LEU A 192 -16.02 -69.20 77.50
CA LEU A 192 -15.40 -67.93 77.94
C LEU A 192 -14.93 -67.01 76.79
N GLU A 193 -14.99 -67.46 75.54
CA GLU A 193 -14.69 -66.56 74.43
C GLU A 193 -15.96 -66.24 73.63
N GLY A 194 -17.06 -66.10 74.37
CA GLY A 194 -18.30 -65.54 73.87
C GLY A 194 -18.63 -64.27 74.63
N ALA A 195 -17.61 -63.43 74.81
CA ALA A 195 -17.72 -62.21 75.61
C ALA A 195 -17.33 -60.96 74.81
N LYS A 196 -18.12 -60.65 73.79
CA LYS A 196 -17.97 -59.43 73.01
C LYS A 196 -19.34 -58.72 72.90
N PRO A 197 -19.64 -57.83 73.86
CA PRO A 197 -20.97 -57.20 73.97
C PRO A 197 -21.28 -56.17 72.87
N GLY A 198 -20.54 -55.07 72.84
CA GLY A 198 -20.78 -54.01 71.87
C GLY A 198 -19.54 -53.27 71.39
N THR A 199 -18.52 -53.20 72.25
CA THR A 199 -17.24 -52.58 71.90
C THR A 199 -16.10 -53.55 72.22
N ALA A 200 -15.07 -53.57 71.38
CA ALA A 200 -13.96 -54.51 71.55
C ALA A 200 -12.62 -53.90 71.12
N LYS A 201 -11.59 -54.74 71.04
CA LYS A 201 -10.27 -54.35 70.58
C LYS A 201 -9.81 -55.26 69.44
N GLY A 202 -8.50 -55.32 69.24
CA GLY A 202 -7.91 -56.18 68.23
C GLY A 202 -7.19 -57.37 68.81
N VAL A 203 -7.59 -58.57 68.39
CA VAL A 203 -7.04 -59.86 68.83
C VAL A 203 -7.31 -60.10 70.32
N PHE A 204 -8.20 -61.06 70.60
CA PHE A 204 -8.54 -61.42 71.97
C PHE A 204 -7.52 -62.40 72.56
N LEU A 205 -7.47 -63.62 72.02
CA LEU A 205 -6.50 -64.63 72.46
C LEU A 205 -5.07 -64.16 72.22
N ARG A 206 -4.38 -63.78 73.30
CA ARG A 206 -2.99 -63.32 73.22
C ARG A 206 -2.01 -64.47 73.51
N SER A 207 -2.30 -65.27 74.53
CA SER A 207 -1.47 -66.42 74.90
C SER A 207 -2.21 -67.36 75.85
N ALA A 208 -1.48 -67.94 76.82
CA ALA A 208 -2.03 -68.77 77.90
C ALA A 208 -0.93 -69.26 78.87
N TYR A 209 -1.21 -69.20 80.18
CA TYR A 209 -0.26 -69.69 81.20
C TYR A 209 -0.95 -70.70 82.16
N LEU A 210 -0.31 -71.05 83.28
CA LEU A 210 -0.82 -72.09 84.18
C LEU A 210 -0.67 -71.81 85.69
N THR A 211 -1.16 -72.74 86.52
CA THR A 211 -1.16 -72.60 87.98
C THR A 211 -1.52 -73.91 88.71
N THR A 212 -0.75 -74.25 89.75
CA THR A 212 -1.05 -75.41 90.62
C THR A 212 -0.68 -75.09 92.08
N THR A 213 -0.50 -76.12 92.91
CA THR A 213 -0.13 -75.93 94.32
C THR A 213 1.39 -75.86 94.45
N MET A 214 2.07 -75.80 93.31
CA MET A 214 3.51 -75.50 93.25
C MET A 214 3.92 -75.06 91.86
N GLY A 215 2.99 -74.44 91.13
CA GLY A 215 3.26 -73.92 89.80
C GLY A 215 3.64 -74.98 88.80
N PRO A 216 4.38 -74.58 87.74
CA PRO A 216 4.75 -73.20 87.44
C PRO A 216 3.99 -72.62 86.24
N SER A 217 4.60 -72.68 85.05
CA SER A 217 3.99 -72.15 83.83
C SER A 217 4.72 -72.58 82.54
N ILE A 218 4.05 -73.42 81.73
CA ILE A 218 4.46 -73.73 80.35
C ILE A 218 3.41 -73.19 79.39
N PRO A 219 3.70 -72.05 78.73
CA PRO A 219 2.71 -71.29 77.93
C PRO A 219 1.87 -72.12 76.95
N LEU A 220 0.59 -72.31 77.25
CA LEU A 220 -0.32 -73.08 76.40
C LEU A 220 -0.54 -72.37 75.06
N ALA A 221 -0.17 -73.04 73.97
CA ALA A 221 -0.35 -72.48 72.63
C ALA A 221 -1.83 -72.35 72.30
N LEU A 222 -2.12 -71.73 71.16
CA LEU A 222 -3.49 -71.59 70.68
C LEU A 222 -3.52 -71.83 69.16
N GLY A 223 -4.47 -72.66 68.72
CA GLY A 223 -4.61 -73.00 67.32
C GLY A 223 -5.50 -74.20 67.02
N GLY A 224 -5.02 -75.09 66.15
CA GLY A 224 -5.79 -76.25 65.74
C GLY A 224 -5.83 -77.37 66.77
N ALA B 1 57.95 12.35 56.60
CA ALA B 1 56.91 11.33 56.72
C ALA B 1 56.47 10.90 55.32
N VAL B 2 56.36 11.89 54.44
CA VAL B 2 55.90 11.72 53.07
C VAL B 2 56.60 12.82 52.27
N LYS B 3 56.91 12.59 51.00
CA LYS B 3 57.45 13.67 50.18
C LYS B 3 56.33 14.36 49.42
N LYS B 4 56.35 15.68 49.40
CA LYS B 4 55.37 16.49 48.67
C LYS B 4 56.02 17.06 47.42
N TYR B 5 55.24 17.79 46.61
CA TYR B 5 55.75 18.34 45.36
C TYR B 5 55.06 19.66 45.06
N LYS B 6 55.85 20.68 44.73
CA LYS B 6 55.29 21.95 44.24
C LYS B 6 54.42 21.64 43.02
N PRO B 7 53.40 22.47 42.78
CA PRO B 7 52.50 22.27 41.65
C PRO B 7 53.08 22.72 40.30
N TYR B 8 54.14 22.09 39.79
CA TYR B 8 54.74 22.59 38.57
C TYR B 8 54.23 21.89 37.33
N THR B 9 53.48 20.82 37.56
CA THR B 9 52.62 20.18 36.58
C THR B 9 51.31 19.91 37.30
N PRO B 10 50.18 19.93 36.58
CA PRO B 10 48.92 19.88 37.31
C PRO B 10 48.83 18.64 38.18
N SER B 11 49.28 17.50 37.68
CA SER B 11 49.12 16.26 38.43
C SER B 11 50.31 16.05 39.34
N ARG B 12 50.93 17.14 39.74
CA ARG B 12 52.10 17.01 40.55
C ARG B 12 51.85 17.76 41.86
N ARG B 13 50.72 18.45 41.96
CA ARG B 13 50.38 19.06 43.24
C ARG B 13 49.94 17.93 44.18
N GLN B 14 48.76 17.35 43.97
CA GLN B 14 48.18 16.35 44.87
C GLN B 14 49.08 15.15 45.15
N MET B 15 49.89 14.80 44.17
CA MET B 15 50.83 13.68 44.28
C MET B 15 51.65 13.72 45.55
N THR B 16 51.93 12.55 46.12
CA THR B 16 52.86 12.42 47.22
C THR B 16 53.64 11.13 47.11
N THR B 17 54.78 11.04 47.80
CA THR B 17 55.55 9.81 47.77
C THR B 17 56.08 9.43 49.13
N ALA B 18 56.28 8.13 49.32
CA ALA B 18 56.77 7.57 50.57
C ALA B 18 58.17 8.09 50.97
N ASP B 19 58.47 7.96 52.27
CA ASP B 19 59.76 8.36 52.82
C ASP B 19 60.72 7.20 52.87
N PHE B 20 61.77 7.24 52.05
CA PHE B 20 62.72 6.12 51.95
C PHE B 20 64.02 6.34 52.71
N SER B 21 64.18 7.51 53.31
CA SER B 21 65.45 7.92 53.91
C SER B 21 65.93 6.97 55.00
N GLY B 22 65.08 6.02 55.39
CA GLY B 22 65.43 5.04 56.40
C GLY B 22 65.60 3.63 55.85
N LEU B 23 65.76 3.54 54.53
CA LEU B 23 65.96 2.25 53.91
C LEU B 23 67.40 2.09 53.46
N ALA B 24 68.10 1.12 54.06
CA ALA B 24 69.48 0.86 53.69
C ALA B 24 69.58 0.49 52.22
N LYS B 25 70.19 1.38 51.43
CA LYS B 25 70.25 1.24 49.96
C LYS B 25 71.01 -0.01 49.50
N LYS B 26 70.27 -1.11 49.35
CA LYS B 26 70.84 -2.42 49.05
C LYS B 26 70.02 -3.16 47.98
N ARG B 27 70.71 -3.87 47.09
CA ARG B 27 70.04 -4.81 46.21
C ARG B 27 69.67 -6.05 47.02
N PRO B 28 68.50 -6.64 46.74
CA PRO B 28 68.08 -7.79 47.54
C PRO B 28 69.09 -8.92 47.43
N GLU B 29 68.99 -9.92 48.29
CA GLU B 29 69.97 -10.99 48.29
C GLU B 29 69.86 -11.86 47.05
N LYS B 30 70.98 -12.07 46.36
CA LYS B 30 71.02 -12.92 45.15
C LYS B 30 70.48 -14.32 45.49
N ALA B 31 70.72 -14.75 46.72
CA ALA B 31 70.28 -16.05 47.18
C ALA B 31 68.81 -16.02 47.62
N LEU B 32 68.17 -14.87 47.49
CA LEU B 32 66.81 -14.71 48.02
C LEU B 32 65.87 -14.02 47.04
N THR B 33 66.36 -13.68 45.87
CA THR B 33 65.51 -13.12 44.84
C THR B 33 65.03 -14.17 43.87
N GLU B 34 63.71 -14.28 43.77
CA GLU B 34 63.01 -15.20 42.91
C GLU B 34 62.36 -14.43 41.77
N ALA B 35 62.02 -15.11 40.70
CA ALA B 35 61.48 -14.43 39.53
C ALA B 35 59.97 -14.39 39.61
N LEU B 36 59.39 -13.19 39.65
CA LEU B 36 57.93 -13.08 39.68
C LEU B 36 57.34 -12.54 38.38
N PRO B 37 56.91 -13.45 37.48
CA PRO B 37 56.18 -12.98 36.32
C PRO B 37 54.80 -12.49 36.71
N LYS B 38 54.24 -11.60 35.90
CA LYS B 38 52.87 -11.15 36.10
C LYS B 38 51.83 -12.07 35.48
N THR B 39 50.56 -11.81 35.82
CA THR B 39 49.38 -12.42 35.21
C THR B 39 48.31 -11.36 34.97
N GLY B 40 47.61 -11.43 33.85
CA GLY B 40 46.55 -10.48 33.59
C GLY B 40 45.39 -10.64 34.54
N GLY B 41 45.54 -11.55 35.49
CA GLY B 41 44.42 -12.00 36.26
C GLY B 41 43.83 -13.11 35.42
N ARG B 42 44.72 -13.78 34.70
CA ARG B 42 44.36 -14.90 33.86
C ARG B 42 44.83 -16.19 34.54
N ASN B 43 44.06 -17.24 34.36
CA ASN B 43 44.35 -18.49 35.04
C ASN B 43 44.60 -19.57 34.00
N ASN B 44 45.09 -20.73 34.46
CA ASN B 44 45.58 -21.77 33.55
C ASN B 44 44.57 -22.24 32.49
N ARG B 45 43.41 -21.58 32.37
CA ARG B 45 42.55 -21.79 31.22
C ARG B 45 42.51 -20.52 30.38
N GLY B 46 43.30 -19.53 30.78
CA GLY B 46 43.56 -18.39 29.92
C GLY B 46 42.61 -17.22 30.06
N ARG B 47 41.55 -17.43 30.85
CA ARG B 47 40.50 -16.42 31.03
C ARG B 47 40.82 -15.38 32.11
N ILE B 48 40.39 -14.14 31.89
CA ILE B 48 40.48 -13.13 32.92
C ILE B 48 39.60 -13.57 34.07
N THR B 49 40.13 -13.45 35.28
CA THR B 49 39.38 -13.93 36.41
C THR B 49 39.33 -12.88 37.48
N SER B 50 40.49 -12.27 37.74
CA SER B 50 40.62 -11.27 38.79
C SER B 50 40.38 -9.84 38.31
N ARG B 51 40.31 -9.63 37.01
CA ARG B 51 39.73 -8.41 36.42
C ARG B 51 40.50 -7.13 36.73
N PHE B 52 40.91 -6.42 35.68
CA PHE B 52 41.67 -5.17 35.79
C PHE B 52 43.03 -5.35 36.42
N ILE B 53 43.84 -6.23 35.85
CA ILE B 53 45.24 -6.35 36.25
C ILE B 53 46.11 -6.34 35.00
N GLY B 54 47.20 -5.58 35.05
CA GLY B 54 48.12 -5.54 33.93
C GLY B 54 49.10 -4.39 33.99
N GLY B 55 50.23 -4.56 33.32
CA GLY B 55 51.23 -3.52 33.28
C GLY B 55 52.02 -3.48 34.56
N GLY B 56 52.54 -2.29 34.87
CA GLY B 56 53.27 -2.06 36.12
C GLY B 56 54.72 -2.50 36.06
N HIS B 57 55.53 -1.96 36.97
CA HIS B 57 56.97 -2.25 36.95
C HIS B 57 57.27 -3.73 37.12
N LYS B 58 58.39 -4.16 36.56
CA LYS B 58 58.85 -5.55 36.67
C LYS B 58 59.15 -5.85 38.13
N ARG B 59 58.74 -7.01 38.62
CA ARG B 59 59.01 -7.30 40.03
C ARG B 59 59.71 -8.65 40.24
N LEU B 60 60.73 -8.62 41.10
CA LEU B 60 61.33 -9.83 41.68
C LEU B 60 60.71 -10.12 43.04
N TYR B 61 60.62 -11.41 43.38
CA TYR B 61 60.12 -11.81 44.68
C TYR B 61 61.27 -11.89 45.65
N ARG B 62 61.02 -11.55 46.91
CA ARG B 62 62.03 -11.73 47.94
C ARG B 62 61.50 -12.71 48.97
N ILE B 63 62.05 -13.93 48.96
CA ILE B 63 61.60 -15.00 49.86
C ILE B 63 61.65 -14.53 51.29
N ILE B 64 60.60 -14.85 52.03
CA ILE B 64 60.52 -14.52 53.44
C ILE B 64 60.25 -15.82 54.17
N ASP B 65 60.64 -15.88 55.44
CA ASP B 65 60.14 -16.93 56.31
C ASP B 65 59.33 -16.23 57.40
N PHE B 66 58.15 -16.77 57.68
CA PHE B 66 57.30 -16.22 58.72
C PHE B 66 57.34 -17.15 59.92
N LYS B 67 57.19 -18.44 59.64
CA LYS B 67 57.45 -19.46 60.63
C LYS B 67 58.94 -19.45 60.96
N ARG B 68 59.28 -18.88 62.11
CA ARG B 68 60.68 -18.69 62.46
C ARG B 68 61.24 -19.88 63.25
N ARG B 69 60.46 -20.95 63.35
CA ARG B 69 60.81 -22.10 64.16
C ARG B 69 62.07 -22.80 63.65
N ASP B 70 62.43 -22.51 62.41
CA ASP B 70 63.68 -23.00 61.82
C ASP B 70 64.86 -22.53 62.65
N LYS B 71 64.79 -21.26 63.06
CA LYS B 71 65.89 -20.60 63.74
C LYS B 71 65.56 -20.21 65.17
N SER B 72 64.63 -20.95 65.78
CA SER B 72 64.27 -20.70 67.16
C SER B 72 65.43 -21.08 68.07
N GLY B 73 65.62 -20.32 69.13
CA GLY B 73 66.73 -20.55 70.03
C GLY B 73 67.89 -19.63 69.74
N VAL B 74 68.41 -19.71 68.52
CA VAL B 74 69.50 -18.83 68.10
C VAL B 74 68.92 -17.47 67.74
N ASN B 75 69.76 -16.44 67.76
CA ASN B 75 69.32 -15.11 67.42
C ASN B 75 70.20 -14.49 66.36
N ALA B 76 69.70 -13.44 65.74
CA ALA B 76 70.41 -12.78 64.65
C ALA B 76 70.51 -11.30 64.94
N LYS B 77 71.11 -10.54 64.03
CA LYS B 77 71.04 -9.09 64.11
C LYS B 77 70.51 -8.47 62.83
N VAL B 78 69.86 -7.32 62.99
CA VAL B 78 69.28 -6.54 61.91
C VAL B 78 70.38 -6.00 61.02
N ALA B 79 70.45 -6.51 59.79
CA ALA B 79 71.49 -6.11 58.84
C ALA B 79 71.10 -4.84 58.08
N ALA B 80 69.81 -4.70 57.77
CA ALA B 80 69.32 -3.56 57.01
C ALA B 80 67.81 -3.60 56.88
N ILE B 81 67.26 -2.51 56.38
CA ILE B 81 65.84 -2.46 56.06
C ILE B 81 65.72 -2.05 54.60
N GLU B 82 65.34 -2.99 53.73
CA GLU B 82 65.23 -2.69 52.31
C GLU B 82 63.80 -2.52 51.86
N TYR B 83 63.64 -2.19 50.58
CA TYR B 83 62.35 -2.03 49.93
C TYR B 83 61.88 -3.34 49.27
N ASP B 84 60.63 -3.74 49.52
CA ASP B 84 60.01 -4.85 48.80
C ASP B 84 58.79 -4.29 48.08
N PRO B 85 58.70 -4.53 46.76
CA PRO B 85 57.64 -4.00 45.88
C PRO B 85 56.30 -4.67 46.07
N ASN B 86 56.31 -5.95 46.43
CA ASN B 86 55.08 -6.75 46.48
C ASN B 86 54.41 -6.74 47.85
N ARG B 87 54.93 -5.93 48.76
CA ARG B 87 54.37 -5.89 50.09
C ARG B 87 54.14 -4.47 50.53
N SER B 88 53.12 -4.27 51.35
CA SER B 88 52.86 -2.94 51.88
C SER B 88 53.93 -2.56 52.90
N ALA B 89 54.55 -3.57 53.49
CA ALA B 89 55.50 -3.37 54.58
C ALA B 89 56.91 -3.31 54.08
N ARG B 90 57.75 -2.61 54.80
CA ARG B 90 59.17 -2.71 54.54
C ARG B 90 59.63 -4.02 55.18
N ILE B 91 60.68 -4.61 54.64
CA ILE B 91 61.20 -5.88 55.15
C ILE B 91 62.62 -5.67 55.65
N ALA B 92 63.16 -6.65 56.38
CA ALA B 92 64.50 -6.47 56.91
C ALA B 92 65.31 -7.75 56.90
N LEU B 93 66.62 -7.54 56.86
CA LEU B 93 67.60 -8.60 56.66
C LEU B 93 68.14 -9.06 58.01
N LEU B 94 68.40 -10.36 58.10
CA LEU B 94 68.84 -10.98 59.34
C LEU B 94 70.16 -11.73 59.16
N HIS B 95 71.13 -11.38 60.01
CA HIS B 95 72.40 -12.11 60.06
C HIS B 95 72.54 -12.88 61.39
N TYR B 96 72.41 -14.19 61.32
CA TYR B 96 72.58 -15.05 62.50
C TYR B 96 74.04 -15.30 62.79
N ALA B 97 74.38 -15.40 64.07
CA ALA B 97 75.71 -15.88 64.47
C ALA B 97 75.88 -17.28 63.90
N ASP B 98 74.73 -17.92 63.67
CA ASP B 98 74.64 -19.19 63.00
C ASP B 98 75.22 -19.17 61.59
N GLY B 99 75.11 -18.03 60.90
CA GLY B 99 75.74 -17.87 59.60
C GLY B 99 74.78 -17.74 58.45
N GLU B 100 73.51 -18.08 58.69
CA GLU B 100 72.47 -17.99 57.68
C GLU B 100 71.90 -16.57 57.61
N LYS B 101 71.49 -16.16 56.42
CA LYS B 101 70.84 -14.88 56.21
C LYS B 101 69.37 -15.10 55.97
N ARG B 102 68.50 -14.37 56.64
CA ARG B 102 67.07 -14.55 56.36
C ARG B 102 66.34 -13.22 56.23
N TYR B 103 65.09 -13.29 55.77
CA TYR B 103 64.29 -12.09 55.56
C TYR B 103 63.03 -12.13 56.41
N ILE B 104 62.81 -11.12 57.24
CA ILE B 104 61.55 -11.08 57.98
C ILE B 104 60.90 -9.73 57.84
N LEU B 105 59.57 -9.72 57.97
CA LEU B 105 58.83 -8.46 57.91
C LEU B 105 59.41 -7.50 58.92
N ALA B 106 59.46 -6.22 58.56
CA ALA B 106 60.11 -5.22 59.40
C ALA B 106 59.11 -4.35 60.14
N PRO B 107 59.02 -4.52 61.48
CA PRO B 107 58.07 -3.86 62.39
C PRO B 107 58.37 -2.38 62.71
N GLU B 108 57.33 -1.65 63.13
CA GLU B 108 57.43 -0.22 63.42
C GLU B 108 58.46 0.08 64.51
N GLY B 109 59.44 0.92 64.17
CA GLY B 109 60.46 1.33 65.11
C GLY B 109 61.78 0.60 64.96
N LEU B 110 61.71 -0.74 64.94
CA LEU B 110 62.89 -1.61 64.91
C LEU B 110 64.02 -1.09 64.00
N THR B 111 65.13 -0.70 64.62
CA THR B 111 66.26 -0.09 63.91
C THR B 111 67.27 -1.11 63.40
N VAL B 112 68.02 -0.68 62.38
CA VAL B 112 69.12 -1.45 61.85
C VAL B 112 70.15 -1.62 62.94
N GLY B 113 70.75 -2.81 63.03
CA GLY B 113 71.80 -3.05 64.00
C GLY B 113 71.32 -3.71 65.28
N ALA B 114 70.01 -3.70 65.49
CA ALA B 114 69.42 -4.38 66.63
C ALA B 114 69.64 -5.87 66.49
N THR B 115 69.56 -6.60 67.60
CA THR B 115 69.56 -8.07 67.57
C THR B 115 68.20 -8.57 67.99
N VAL B 116 67.85 -9.77 67.55
CA VAL B 116 66.51 -10.25 67.76
C VAL B 116 66.56 -11.77 67.87
N ASN B 117 65.68 -12.31 68.70
CA ASN B 117 65.74 -13.71 69.10
C ASN B 117 64.40 -14.44 68.91
N ALA B 118 64.42 -15.54 68.17
CA ALA B 118 63.24 -16.37 67.99
C ALA B 118 63.30 -17.55 68.95
N GLY B 119 62.13 -18.11 69.26
CA GLY B 119 62.07 -19.25 70.16
C GLY B 119 61.48 -18.88 71.51
N PRO B 120 60.66 -19.79 72.08
CA PRO B 120 59.86 -19.66 73.31
C PRO B 120 60.51 -18.80 74.40
N GLU B 121 61.80 -19.00 74.58
CA GLU B 121 62.55 -18.24 75.55
C GLU B 121 63.05 -16.96 74.87
N ALA B 122 62.21 -15.94 74.86
CA ALA B 122 62.60 -14.65 74.30
C ALA B 122 61.76 -13.54 74.90
N GLU B 123 62.39 -12.41 75.12
CA GLU B 123 61.74 -11.32 75.80
C GLU B 123 60.61 -10.74 74.95
N PRO B 124 59.62 -10.09 75.60
CA PRO B 124 58.57 -9.30 74.92
C PRO B 124 59.07 -7.99 74.33
N LYS B 125 60.21 -8.00 73.65
CA LYS B 125 60.66 -6.81 72.92
C LYS B 125 60.47 -6.97 71.41
N LEU B 126 60.47 -5.84 70.72
CA LEU B 126 60.22 -5.77 69.29
C LEU B 126 61.09 -6.72 68.48
N GLY B 127 60.44 -7.65 67.79
CA GLY B 127 61.13 -8.47 66.83
C GLY B 127 61.27 -9.93 67.20
N ASN B 128 61.27 -10.22 68.48
CA ASN B 128 61.37 -11.60 68.94
C ASN B 128 60.18 -12.43 68.42
N ALA B 129 60.41 -13.71 68.16
CA ALA B 129 59.36 -14.57 67.67
C ALA B 129 58.94 -15.54 68.75
N LEU B 130 57.79 -15.26 69.35
CA LEU B 130 57.33 -16.03 70.49
C LEU B 130 56.08 -16.83 70.16
N PRO B 131 55.91 -17.99 70.82
CA PRO B 131 54.58 -18.60 70.84
C PRO B 131 53.59 -17.62 71.50
N LEU B 132 52.32 -17.79 71.20
CA LEU B 132 51.34 -16.80 71.62
C LEU B 132 51.18 -16.76 73.13
N ARG B 133 51.16 -17.93 73.75
CA ARG B 133 50.84 -18.00 75.18
C ARG B 133 51.90 -17.30 76.03
N PHE B 134 53.15 -17.41 75.61
CA PHE B 134 54.26 -16.75 76.31
C PHE B 134 54.22 -15.24 76.18
N VAL B 135 53.29 -14.73 75.39
CA VAL B 135 53.11 -13.30 75.22
C VAL B 135 52.24 -12.73 76.33
N PRO B 136 52.79 -11.76 77.09
CA PRO B 136 52.02 -11.00 78.08
C PRO B 136 50.75 -10.43 77.46
N VAL B 137 49.69 -10.39 78.25
CA VAL B 137 48.39 -9.93 77.79
C VAL B 137 48.48 -8.51 77.29
N GLY B 138 47.51 -8.12 76.46
CA GLY B 138 47.37 -6.74 76.03
C GLY B 138 48.51 -6.23 75.18
N ALA B 139 49.45 -7.12 74.89
CA ALA B 139 50.62 -6.80 74.08
C ALA B 139 50.20 -6.43 72.66
N VAL B 140 51.05 -5.67 71.99
CA VAL B 140 50.84 -5.36 70.58
C VAL B 140 51.82 -6.20 69.75
N VAL B 141 51.26 -6.89 68.75
CA VAL B 141 51.93 -7.97 68.06
C VAL B 141 51.39 -8.10 66.63
N HIS B 142 52.17 -8.76 65.78
CA HIS B 142 51.70 -9.14 64.45
C HIS B 142 52.34 -10.44 63.98
N ALA B 143 52.09 -10.80 62.72
CA ALA B 143 52.58 -12.04 62.11
C ALA B 143 52.01 -13.30 62.75
N LEU B 144 50.73 -13.27 63.09
CA LEU B 144 50.07 -14.41 63.73
C LEU B 144 49.70 -15.48 62.72
N GLU B 145 50.06 -16.73 63.01
CA GLU B 145 49.63 -17.82 62.16
C GLU B 145 48.36 -18.46 62.70
N LEU B 146 47.68 -19.23 61.85
CA LEU B 146 46.42 -19.87 62.21
C LEU B 146 46.61 -21.34 62.53
N VAL B 147 47.81 -21.85 62.25
CA VAL B 147 48.21 -23.20 62.59
C VAL B 147 49.69 -23.16 62.92
N PRO B 148 50.09 -23.82 64.02
CA PRO B 148 51.49 -23.78 64.44
C PRO B 148 52.43 -24.30 63.37
N GLY B 149 53.32 -23.42 62.92
CA GLY B 149 54.33 -23.79 61.92
C GLY B 149 53.93 -23.55 60.48
N LYS B 150 52.67 -23.20 60.25
CA LYS B 150 52.17 -22.98 58.89
C LYS B 150 52.70 -21.68 58.31
N GLY B 151 52.87 -20.68 59.17
CA GLY B 151 53.42 -19.40 58.76
C GLY B 151 52.45 -18.25 58.95
N ALA B 152 52.99 -17.05 59.13
CA ALA B 152 52.19 -15.87 59.46
C ALA B 152 51.19 -15.53 58.36
N GLN B 153 49.92 -15.59 58.70
CA GLN B 153 48.85 -15.31 57.75
C GLN B 153 48.06 -14.08 58.15
N LEU B 154 48.25 -13.61 59.38
CA LEU B 154 47.49 -12.49 59.92
C LEU B 154 48.39 -11.29 60.25
N ALA B 155 47.85 -10.09 60.07
CA ALA B 155 48.57 -8.84 60.33
C ALA B 155 49.89 -8.79 59.57
N ARG B 156 49.84 -8.36 58.30
CA ARG B 156 51.04 -8.36 57.46
C ARG B 156 51.22 -7.01 56.72
N SER B 157 50.12 -6.40 56.30
CA SER B 157 50.19 -5.13 55.59
C SER B 157 50.61 -4.02 56.53
N ALA B 158 51.04 -2.90 55.96
CA ALA B 158 51.66 -1.83 56.75
C ALA B 158 50.73 -1.28 57.83
N GLY B 159 51.33 -1.02 58.99
CA GLY B 159 50.65 -0.35 60.07
C GLY B 159 49.54 -1.13 60.71
N THR B 160 49.65 -2.46 60.70
CA THR B 160 48.61 -3.29 61.31
C THR B 160 49.03 -3.95 62.61
N SER B 161 48.07 -4.04 63.52
CA SER B 161 48.29 -4.46 64.89
C SER B 161 47.33 -5.59 65.27
N VAL B 162 47.85 -6.57 66.01
CA VAL B 162 46.99 -7.53 66.69
C VAL B 162 47.23 -7.38 68.19
N GLN B 163 46.16 -7.18 68.96
CA GLN B 163 46.29 -6.95 70.40
C GLN B 163 45.67 -8.07 71.24
N VAL B 164 46.52 -8.91 71.84
CA VAL B 164 46.08 -10.12 72.54
C VAL B 164 45.11 -9.82 73.67
N GLN B 165 43.84 -10.15 73.46
CA GLN B 165 42.82 -9.98 74.50
C GLN B 165 43.16 -10.86 75.69
N GLY B 166 43.75 -12.02 75.43
CA GLY B 166 44.24 -12.85 76.52
C GLY B 166 43.92 -14.34 76.51
N LYS B 167 44.72 -15.09 77.26
CA LYS B 167 44.69 -16.56 77.24
C LYS B 167 43.32 -17.16 77.58
N GLU B 168 43.20 -18.47 77.37
CA GLU B 168 41.98 -19.19 77.69
C GLU B 168 42.23 -20.68 77.79
N SER B 169 41.67 -21.44 76.84
CA SER B 169 41.77 -22.90 76.86
C SER B 169 43.20 -23.39 76.53
N ASP B 170 43.33 -24.13 75.44
CA ASP B 170 44.63 -24.32 74.80
C ASP B 170 44.95 -23.03 74.06
N TYR B 171 43.88 -22.28 73.79
CA TYR B 171 43.90 -21.15 72.87
C TYR B 171 44.02 -19.79 73.56
N VAL B 172 44.14 -18.75 72.75
CA VAL B 172 44.31 -17.37 73.20
C VAL B 172 43.37 -16.46 72.40
N ILE B 173 42.66 -15.58 73.09
CA ILE B 173 41.78 -14.63 72.43
C ILE B 173 42.58 -13.46 71.87
N VAL B 174 42.31 -13.18 70.59
CA VAL B 174 43.10 -12.31 69.73
C VAL B 174 42.26 -11.21 69.08
N ARG B 175 42.80 -9.99 68.98
CA ARG B 175 42.10 -8.90 68.31
C ARG B 175 42.67 -8.57 66.93
N LEU B 176 41.86 -8.75 65.89
CA LEU B 176 42.27 -8.59 64.50
C LEU B 176 42.07 -7.16 64.03
N PRO B 177 42.90 -6.70 63.08
CA PRO B 177 42.90 -5.30 62.62
C PRO B 177 41.55 -4.82 62.09
N SER B 178 40.70 -5.77 61.71
CA SER B 178 39.37 -5.45 61.22
C SER B 178 38.45 -5.04 62.35
N GLY B 179 38.84 -5.40 63.58
CA GLY B 179 38.01 -5.18 64.74
C GLY B 179 37.33 -6.48 65.12
N GLU B 180 37.74 -7.56 64.47
CA GLU B 180 37.17 -8.87 64.73
C GLU B 180 37.92 -9.58 65.85
N LEU B 181 37.20 -10.35 66.65
CA LEU B 181 37.81 -11.11 67.74
C LEU B 181 37.87 -12.59 67.38
N ARG B 182 39.05 -13.19 67.52
CA ARG B 182 39.30 -14.55 67.06
C ARG B 182 39.97 -15.39 68.13
N ARG B 183 39.79 -16.71 68.07
CA ARG B 183 40.52 -17.63 68.94
C ARG B 183 41.68 -18.27 68.19
N VAL B 184 42.88 -18.21 68.76
CA VAL B 184 44.04 -18.80 68.08
C VAL B 184 44.85 -19.69 69.01
N HIS B 185 45.24 -20.87 68.53
CA HIS B 185 46.00 -21.81 69.35
C HIS B 185 47.26 -21.16 69.88
N SER B 186 47.48 -21.27 71.19
CA SER B 186 48.58 -20.58 71.86
C SER B 186 49.93 -21.11 71.41
N GLU B 187 49.93 -22.28 70.80
CA GLU B 187 51.17 -22.86 70.30
C GLU B 187 51.66 -22.13 69.04
N CYS B 188 50.78 -21.36 68.41
CA CYS B 188 51.14 -20.60 67.23
C CYS B 188 52.12 -19.50 67.57
N TYR B 189 53.15 -19.34 66.74
CA TYR B 189 54.12 -18.27 66.94
C TYR B 189 53.49 -16.91 66.68
N ALA B 190 54.29 -15.86 66.89
CA ALA B 190 53.91 -14.49 66.56
C ALA B 190 55.17 -13.64 66.66
N THR B 191 55.11 -12.40 66.20
CA THR B 191 56.25 -11.51 66.30
C THR B 191 55.83 -10.17 66.92
N ILE B 192 56.58 -9.75 67.93
CA ILE B 192 56.23 -8.59 68.75
C ILE B 192 56.20 -7.28 67.98
N GLY B 193 55.03 -6.67 67.88
CA GLY B 193 54.96 -5.29 67.44
C GLY B 193 54.02 -4.91 66.31
N ALA B 194 53.87 -3.60 66.14
CA ALA B 194 53.12 -3.02 65.02
C ALA B 194 53.91 -3.20 63.75
N VAL B 195 53.26 -3.11 62.60
CA VAL B 195 53.87 -3.61 61.38
C VAL B 195 54.89 -2.69 60.74
N GLY B 196 54.61 -1.41 60.63
CA GLY B 196 55.60 -0.54 60.03
C GLY B 196 55.14 0.12 58.75
N ASN B 197 56.04 0.90 58.15
CA ASN B 197 55.67 1.88 57.14
C ASN B 197 54.59 2.77 57.75
N ALA B 198 53.39 2.23 57.90
CA ALA B 198 52.33 2.83 58.70
C ALA B 198 51.80 4.14 58.14
N GLU B 199 52.67 4.94 57.54
CA GLU B 199 52.27 6.20 56.94
C GLU B 199 51.77 5.91 55.53
N HIS B 200 51.97 4.65 55.13
CA HIS B 200 51.56 4.14 53.83
C HIS B 200 50.13 4.51 53.45
N LYS B 201 49.24 4.55 54.44
CA LYS B 201 47.82 4.82 54.20
C LYS B 201 47.59 6.26 53.74
N ASN B 202 48.62 7.08 53.85
CA ASN B 202 48.46 8.50 53.65
C ASN B 202 48.99 8.98 52.31
N ILE B 203 49.81 8.16 51.66
CA ILE B 203 50.38 8.54 50.37
C ILE B 203 49.25 8.83 49.39
N VAL B 204 49.52 9.72 48.45
CA VAL B 204 48.53 10.08 47.44
C VAL B 204 49.02 9.70 46.05
N LEU B 205 48.19 9.02 45.27
CA LEU B 205 48.63 8.52 43.96
C LEU B 205 48.83 9.67 42.94
N GLY B 206 47.82 10.51 42.74
CA GLY B 206 48.04 11.79 42.09
C GLY B 206 47.72 11.93 40.62
N LYS B 207 48.23 11.00 39.84
CA LYS B 207 48.03 10.95 38.39
C LYS B 207 47.58 9.54 38.02
N ALA B 208 46.71 9.43 37.01
CA ALA B 208 46.25 8.12 36.57
C ALA B 208 47.42 7.16 36.54
N GLY B 209 48.45 7.52 35.78
CA GLY B 209 49.70 6.79 35.70
C GLY B 209 50.06 5.92 36.88
N ARG B 210 50.07 6.52 38.07
CA ARG B 210 50.50 5.82 39.29
C ARG B 210 49.78 4.48 39.44
N SER B 211 48.48 4.49 39.16
CA SER B 211 47.73 3.26 39.17
C SER B 211 48.38 2.23 38.23
N ARG B 212 48.74 2.71 37.05
CA ARG B 212 49.33 1.82 36.05
C ARG B 212 50.69 1.33 36.54
N TRP B 213 51.50 2.19 37.14
CA TRP B 213 52.79 1.76 37.68
C TRP B 213 52.61 0.68 38.74
N LEU B 214 51.45 0.67 39.38
CA LEU B 214 51.16 -0.39 40.33
C LEU B 214 50.29 -1.48 39.69
N GLY B 215 50.46 -1.66 38.38
CA GLY B 215 49.83 -2.74 37.66
C GLY B 215 48.32 -2.80 37.79
N ARG B 216 47.69 -1.62 37.85
CA ARG B 216 46.25 -1.58 37.95
C ARG B 216 45.59 -0.94 36.73
N LYS B 217 45.04 -1.79 35.85
CA LYS B 217 44.34 -1.32 34.67
C LYS B 217 43.07 -0.60 35.10
N PRO B 218 42.59 0.36 34.30
CA PRO B 218 41.47 1.18 34.72
C PRO B 218 40.26 0.32 34.99
N HIS B 219 39.39 0.79 35.90
CA HIS B 219 38.27 0.01 36.43
C HIS B 219 36.96 0.52 35.88
N GLN B 220 36.20 -0.38 35.27
CA GLN B 220 35.13 0.09 34.41
C GLN B 220 33.78 0.16 35.14
N ARG B 221 33.14 1.32 35.06
CA ARG B 221 31.81 1.45 35.62
C ARG B 221 30.84 0.67 34.76
N GLY B 222 30.11 -0.25 35.40
CA GLY B 222 29.02 -0.92 34.75
C GLY B 222 28.05 0.01 34.05
N SER B 223 27.85 1.22 34.55
CA SER B 223 26.71 2.02 34.07
C SER B 223 27.00 2.55 32.67
N ALA B 224 28.28 2.45 32.33
CA ALA B 224 28.76 2.87 31.04
C ALA B 224 28.57 1.78 30.01
N MET B 225 28.54 0.55 30.48
CA MET B 225 28.47 -0.60 29.60
C MET B 225 27.13 -0.67 28.88
N ASN B 226 26.87 -1.84 28.31
CA ASN B 226 25.66 -2.04 27.56
C ASN B 226 24.86 -3.12 28.22
N PRO B 227 23.55 -3.20 27.89
CA PRO B 227 22.72 -4.30 28.38
C PRO B 227 23.47 -5.60 28.19
N VAL B 228 23.87 -5.90 26.96
CA VAL B 228 24.59 -7.14 26.66
C VAL B 228 25.78 -7.36 27.62
N ASP B 229 26.35 -6.28 28.16
CA ASP B 229 27.62 -6.38 28.88
C ASP B 229 27.49 -6.62 30.40
N HIS B 230 26.44 -6.11 31.00
CA HIS B 230 26.40 -5.96 32.47
C HIS B 230 25.08 -5.35 32.91
N PRO B 231 24.54 -5.83 34.03
CA PRO B 231 23.21 -5.46 34.55
C PRO B 231 22.90 -3.95 34.51
N HIS B 232 23.86 -3.12 34.86
CA HIS B 232 23.62 -1.68 34.94
C HIS B 232 23.73 -1.00 33.57
N GLY B 233 23.90 -1.78 32.51
CA GLY B 233 24.08 -1.22 31.18
C GLY B 233 22.80 -0.82 30.48
N GLY B 234 22.86 0.22 29.64
CA GLY B 234 21.70 0.67 28.89
C GLY B 234 21.10 2.01 29.31
N GLY B 235 19.89 2.28 28.81
CA GLY B 235 19.19 3.51 29.09
C GLY B 235 19.62 4.67 28.21
N GLU B 236 18.87 5.76 28.23
CA GLU B 236 19.18 6.86 27.36
C GLU B 236 19.88 8.04 28.06
N GLY B 237 20.73 7.74 29.02
CA GLY B 237 21.57 8.78 29.57
C GLY B 237 22.53 8.33 30.65
N ARG B 238 22.94 9.29 31.48
CA ARG B 238 23.50 8.94 32.77
C ARG B 238 22.26 8.36 33.47
N THR B 239 22.37 7.13 33.95
CA THR B 239 21.23 6.48 34.58
C THR B 239 21.59 5.95 35.95
N GLY B 240 20.59 5.97 36.83
CA GLY B 240 20.71 5.41 38.16
C GLY B 240 20.12 4.03 38.18
N ALA B 241 21.00 3.04 38.33
CA ALA B 241 20.67 1.61 38.36
C ALA B 241 19.32 1.21 37.71
N GLY B 242 18.22 1.35 38.46
CA GLY B 242 16.91 0.90 38.03
C GLY B 242 16.62 -0.48 38.57
N ARG B 243 17.32 -0.79 39.66
CA ARG B 243 17.27 -2.07 40.37
C ARG B 243 18.32 -2.00 41.47
N VAL B 244 18.31 -2.97 42.38
CA VAL B 244 19.32 -3.01 43.42
C VAL B 244 20.71 -3.07 42.81
N PRO B 245 21.63 -2.23 43.28
CA PRO B 245 23.07 -2.36 43.09
C PRO B 245 23.54 -3.82 43.10
N VAL B 246 24.25 -4.20 42.05
CA VAL B 246 24.44 -5.60 41.74
C VAL B 246 25.76 -5.80 41.00
N THR B 247 26.45 -6.91 41.26
CA THR B 247 27.74 -7.21 40.63
C THR B 247 27.56 -7.54 39.13
N PRO B 248 28.68 -7.67 38.39
CA PRO B 248 28.53 -8.11 37.00
C PRO B 248 27.70 -9.37 36.86
N TRP B 249 27.88 -10.29 37.79
CA TRP B 249 27.23 -11.59 37.71
C TRP B 249 25.81 -11.58 38.30
N GLY B 250 25.39 -10.44 38.85
CA GLY B 250 24.01 -10.31 39.25
C GLY B 250 23.71 -10.37 40.74
N LYS B 251 24.58 -11.02 41.51
CA LYS B 251 24.39 -11.12 42.95
C LYS B 251 24.47 -9.73 43.57
N PRO B 252 23.60 -9.44 44.54
CA PRO B 252 23.51 -8.09 45.10
C PRO B 252 24.81 -7.61 45.75
N THR B 253 25.24 -6.40 45.43
CA THR B 253 26.30 -5.79 46.21
C THR B 253 25.66 -4.81 47.15
N LYS B 254 26.48 -4.16 47.98
CA LYS B 254 25.99 -3.23 49.00
C LYS B 254 25.01 -3.89 49.97
N GLY B 255 25.55 -4.60 50.97
CA GLY B 255 24.73 -5.11 52.04
C GLY B 255 24.57 -6.62 52.20
N LEU B 256 24.68 -7.35 51.09
CA LEU B 256 24.47 -8.79 51.13
C LEU B 256 25.67 -9.51 51.72
N LYS B 257 25.45 -10.24 52.81
CA LYS B 257 26.53 -10.98 53.43
C LYS B 257 27.00 -12.04 52.45
N THR B 258 28.22 -12.54 52.58
CA THR B 258 28.72 -13.52 51.61
C THR B 258 29.45 -14.72 52.21
N ARG B 259 30.01 -14.57 53.41
CA ARG B 259 30.72 -15.68 54.04
C ARG B 259 29.81 -16.90 54.09
N ARG B 260 30.36 -18.04 53.67
CA ARG B 260 29.60 -19.30 53.60
C ARG B 260 28.90 -19.58 54.93
N LYS B 261 27.63 -19.97 54.88
CA LYS B 261 26.80 -20.02 56.08
C LYS B 261 27.26 -21.10 57.05
N ARG B 262 27.49 -22.32 56.57
CA ARG B 262 27.97 -23.38 57.44
C ARG B 262 29.45 -23.64 57.26
N LYS B 263 30.25 -23.29 58.26
CA LYS B 263 31.72 -23.39 58.15
C LYS B 263 32.39 -23.68 59.48
N THR B 264 33.49 -24.43 59.43
CA THR B 264 34.24 -24.84 60.61
C THR B 264 34.75 -23.67 61.45
N SER B 265 35.31 -22.67 60.78
CA SER B 265 35.97 -21.55 61.46
C SER B 265 35.06 -20.77 62.39
N ASP B 266 33.75 -20.88 62.17
CA ASP B 266 32.78 -20.07 62.88
C ASP B 266 32.94 -20.20 64.39
N ARG B 267 33.14 -21.42 64.88
CA ARG B 267 33.31 -21.63 66.32
C ARG B 267 34.72 -21.28 66.77
N PHE B 268 35.31 -20.28 66.13
CA PHE B 268 36.55 -19.69 66.58
C PHE B 268 36.44 -18.17 66.51
N LEU B 269 35.40 -17.70 65.83
CA LEU B 269 35.05 -16.29 65.80
C LEU B 269 34.14 -15.94 66.96
N VAL B 270 34.64 -15.14 67.91
CA VAL B 270 33.86 -14.81 69.10
C VAL B 270 33.00 -13.58 68.85
N THR B 271 33.54 -12.62 68.11
CA THR B 271 32.73 -11.50 67.67
C THR B 271 32.94 -11.29 66.17
N ARG B 272 31.84 -11.06 65.47
CA ARG B 272 31.91 -10.66 64.06
C ARG B 272 32.74 -9.36 63.97
N ARG B 273 33.42 -9.19 62.85
CA ARG B 273 33.96 -7.89 62.50
C ARG B 273 32.79 -6.90 62.44
N LYS B 274 33.01 -5.66 62.86
CA LYS B 274 31.99 -4.65 62.65
C LYS B 274 32.63 -3.29 62.42
N MET C 1 19.56 56.30 -45.33
CA MET C 1 20.05 56.72 -46.65
C MET C 1 21.57 56.79 -46.77
N LYS C 2 22.18 57.83 -46.22
CA LYS C 2 23.59 58.04 -46.45
C LYS C 2 24.39 56.85 -45.90
N GLY C 3 25.50 56.52 -46.56
CA GLY C 3 26.34 55.42 -46.13
C GLY C 3 27.66 55.25 -46.90
N ILE C 4 28.63 54.61 -46.25
CA ILE C 4 29.90 54.40 -46.91
C ILE C 4 30.70 53.31 -46.17
N LEU C 5 31.80 52.88 -46.77
CA LEU C 5 32.58 51.79 -46.21
C LEU C 5 33.98 52.24 -45.84
N GLY C 6 34.54 51.58 -44.84
CA GLY C 6 35.94 51.83 -44.52
C GLY C 6 36.48 50.95 -43.43
N THR C 7 37.69 51.22 -42.98
CA THR C 7 38.35 50.35 -42.03
C THR C 7 38.60 51.00 -40.68
N LYS C 8 38.42 50.25 -39.60
CA LYS C 8 38.72 50.76 -38.27
C LYS C 8 40.22 50.73 -38.05
N ILE C 9 40.83 51.92 -37.96
CA ILE C 9 42.27 52.10 -37.80
C ILE C 9 42.74 52.05 -36.34
N GLY C 10 41.89 52.53 -35.44
CA GLY C 10 42.31 52.64 -34.05
C GLY C 10 41.58 53.71 -33.28
N MET C 11 41.82 53.69 -31.97
CA MET C 11 41.27 54.69 -31.03
C MET C 11 42.32 55.61 -30.46
N THR C 12 41.98 56.88 -30.26
CA THR C 12 42.93 57.78 -29.63
C THR C 12 42.28 58.96 -28.96
N GLN C 13 43.11 59.70 -28.22
CA GLN C 13 42.78 60.89 -27.44
C GLN C 13 42.95 62.19 -28.25
N ILE C 14 41.90 62.99 -28.34
CA ILE C 14 42.03 64.35 -28.87
C ILE C 14 41.25 65.30 -27.99
N TRP C 15 41.49 66.59 -28.17
CA TRP C 15 40.69 67.61 -27.48
C TRP C 15 39.92 68.49 -28.44
N LYS C 16 38.61 68.53 -28.30
CA LYS C 16 37.88 69.64 -28.88
C LYS C 16 37.55 70.63 -27.74
N ASN C 17 37.81 71.92 -27.97
CA ASN C 17 37.72 72.93 -26.93
C ASN C 17 38.55 72.46 -25.75
N ASP C 18 37.92 72.08 -24.65
CA ASP C 18 38.74 71.76 -23.50
C ASP C 18 38.49 70.38 -22.90
N ARG C 19 37.55 69.63 -23.46
CA ARG C 19 37.38 68.27 -22.96
C ARG C 19 38.01 67.23 -23.86
N ALA C 20 38.70 66.31 -23.20
CA ALA C 20 39.28 65.13 -23.81
C ALA C 20 38.25 64.14 -24.41
N ILE C 21 38.01 64.26 -25.70
CA ILE C 21 37.21 63.30 -26.41
C ILE C 21 37.98 62.02 -26.77
N PRO C 22 37.46 60.83 -26.40
CA PRO C 22 38.02 59.63 -27.04
C PRO C 22 37.47 59.49 -28.43
N VAL C 23 38.34 59.27 -29.40
CA VAL C 23 37.93 59.14 -30.78
C VAL C 23 38.45 57.85 -31.42
N THR C 24 37.57 57.18 -32.16
CA THR C 24 37.92 56.10 -33.08
C THR C 24 38.22 56.60 -34.51
N VAL C 25 39.38 56.21 -35.06
CA VAL C 25 39.76 56.70 -36.39
C VAL C 25 39.32 55.77 -37.45
N VAL C 26 38.47 56.27 -38.31
CA VAL C 26 37.98 55.45 -39.38
C VAL C 26 38.51 55.99 -40.68
N LEU C 27 38.83 55.08 -41.59
CA LEU C 27 39.21 55.46 -42.95
C LEU C 27 38.07 55.05 -43.86
N ALA C 28 37.22 55.97 -44.27
CA ALA C 28 36.25 55.59 -45.30
C ALA C 28 36.83 56.06 -46.61
N GLY C 29 37.73 55.23 -47.14
CA GLY C 29 38.35 55.38 -48.46
C GLY C 29 37.27 55.45 -49.51
N PRO C 30 37.62 55.96 -50.69
CA PRO C 30 36.61 56.21 -51.71
C PRO C 30 35.93 54.94 -52.19
N CYS C 31 34.63 55.03 -52.43
CA CYS C 31 33.92 53.87 -52.95
C CYS C 31 33.37 54.11 -54.34
N PRO C 32 33.73 53.22 -55.27
CA PRO C 32 33.16 53.27 -56.60
C PRO C 32 31.75 52.74 -56.60
N ILE C 33 31.01 53.11 -57.64
CA ILE C 33 29.59 52.88 -57.63
C ILE C 33 29.22 51.46 -58.02
N VAL C 34 29.89 50.84 -59.00
CA VAL C 34 29.59 49.44 -59.37
C VAL C 34 28.11 49.20 -59.77
N GLN C 35 27.20 48.87 -58.84
CA GLN C 35 25.84 48.57 -59.34
C GLN C 35 24.77 49.51 -58.78
N ARG C 36 23.83 49.91 -59.64
CA ARG C 36 22.67 50.71 -59.22
C ARG C 36 21.38 49.93 -59.37
N LYS C 37 20.79 49.51 -58.25
CA LYS C 37 19.56 48.70 -58.28
C LYS C 37 18.32 49.55 -58.12
N THR C 38 17.42 49.42 -59.09
CA THR C 38 16.14 50.11 -59.06
C THR C 38 14.97 49.14 -59.00
N ALA C 39 13.77 49.71 -58.93
CA ALA C 39 12.55 48.94 -58.87
C ALA C 39 12.43 48.01 -60.07
N GLN C 40 12.48 48.57 -61.28
CA GLN C 40 12.22 47.76 -62.48
C GLN C 40 13.41 46.87 -62.83
N THR C 41 14.52 47.06 -62.13
CA THR C 41 15.68 46.22 -62.36
C THR C 41 15.68 45.09 -61.33
N ASP C 42 15.52 45.46 -60.07
CA ASP C 42 15.66 44.48 -58.98
C ASP C 42 14.47 44.37 -58.04
N GLY C 43 13.44 45.17 -58.26
CA GLY C 43 12.31 45.23 -57.34
C GLY C 43 12.42 46.30 -56.27
N TYR C 44 13.63 46.65 -55.85
CA TYR C 44 13.80 47.51 -54.67
C TYR C 44 14.93 48.50 -54.88
N GLU C 45 14.87 49.62 -54.16
CA GLU C 45 15.81 50.72 -54.38
C GLU C 45 17.09 50.61 -53.55
N ALA C 46 18.24 50.63 -54.22
CA ALA C 46 19.53 50.45 -53.53
C ALA C 46 20.69 50.75 -54.44
N VAL C 47 21.88 50.92 -53.84
CA VAL C 47 23.14 50.98 -54.61
C VAL C 47 24.20 50.10 -53.98
N GLN C 48 24.99 49.44 -54.83
CA GLN C 48 26.04 48.55 -54.40
C GLN C 48 27.38 49.16 -54.67
N ILE C 49 28.06 49.65 -53.64
CA ILE C 49 29.43 50.17 -53.79
C ILE C 49 30.50 49.21 -53.32
N GLY C 50 31.77 49.54 -53.58
CA GLY C 50 32.86 48.65 -53.21
C GLY C 50 34.01 49.27 -52.45
N TYR C 51 34.72 48.53 -51.61
CA TYR C 51 35.75 49.17 -50.82
C TYR C 51 37.21 48.80 -51.20
N ALA C 52 37.76 47.67 -50.74
CA ALA C 52 39.22 47.56 -50.77
C ALA C 52 39.77 47.11 -52.15
N PRO C 53 40.89 47.68 -52.60
CA PRO C 53 41.30 47.37 -53.97
C PRO C 53 41.88 45.96 -54.09
N LYS C 54 41.85 45.40 -55.29
CA LYS C 54 42.25 44.00 -55.49
C LYS C 54 42.87 43.80 -56.85
N ALA C 55 44.01 43.11 -56.91
CA ALA C 55 44.72 42.94 -58.20
C ALA C 55 43.99 41.97 -59.13
N GLU C 56 44.06 42.21 -60.45
CA GLU C 56 43.39 41.36 -61.45
C GLU C 56 43.69 39.89 -61.26
N ARG C 57 44.97 39.61 -60.99
CA ARG C 57 45.45 38.24 -60.79
C ARG C 57 44.71 37.51 -59.68
N LYS C 58 43.91 38.21 -58.91
CA LYS C 58 43.12 37.56 -57.87
C LYS C 58 41.60 37.67 -58.13
N VAL C 59 41.20 37.99 -59.35
CA VAL C 59 39.79 38.28 -59.59
C VAL C 59 39.13 37.35 -60.62
N ASN C 60 38.25 36.48 -60.12
CA ASN C 60 37.31 35.69 -60.93
C ASN C 60 36.90 36.29 -62.25
N LYS C 61 36.93 35.47 -63.29
CA LYS C 61 36.33 35.83 -64.56
C LYS C 61 34.96 36.48 -64.35
N PRO C 62 34.05 35.84 -63.58
CA PRO C 62 32.70 36.44 -63.43
C PRO C 62 32.73 37.75 -62.71
N MET C 63 33.56 37.84 -61.67
CA MET C 63 33.69 39.10 -60.93
C MET C 63 34.26 40.21 -61.81
N GLN C 64 35.21 39.83 -62.67
CA GLN C 64 35.82 40.79 -63.55
C GLN C 64 34.76 41.32 -64.49
N GLY C 65 33.89 40.42 -64.93
CA GLY C 65 32.83 40.82 -65.82
C GLY C 65 31.93 41.85 -65.16
N HIS C 66 31.44 41.47 -63.97
CA HIS C 66 30.71 42.37 -63.07
C HIS C 66 31.32 43.78 -63.03
N PHE C 67 32.49 43.88 -62.42
CA PHE C 67 33.14 45.19 -62.29
C PHE C 67 33.27 45.92 -63.65
N ALA C 68 33.73 45.21 -64.67
CA ALA C 68 33.94 45.78 -66.00
C ALA C 68 32.69 46.40 -66.63
N LYS C 69 31.52 45.83 -66.35
CA LYS C 69 30.29 46.33 -66.97
C LYS C 69 29.99 47.79 -66.58
N ALA C 70 30.40 48.17 -65.37
CA ALA C 70 30.25 49.53 -64.87
C ALA C 70 31.60 50.20 -64.85
N GLY C 71 32.56 49.52 -65.46
CA GLY C 71 33.93 50.00 -65.62
C GLY C 71 34.51 50.63 -64.38
N VAL C 72 34.79 49.83 -63.38
CA VAL C 72 35.10 50.45 -62.11
C VAL C 72 36.50 50.13 -61.58
N ALA C 73 36.96 48.90 -61.81
CA ALA C 73 38.26 48.38 -61.35
C ALA C 73 38.05 47.76 -59.99
N PRO C 74 38.81 46.72 -59.70
CA PRO C 74 38.13 45.76 -58.84
C PRO C 74 38.46 45.91 -57.37
N THR C 75 37.53 45.39 -56.58
CA THR C 75 37.45 45.61 -55.14
C THR C 75 37.27 44.30 -54.38
N ARG C 76 37.97 44.14 -53.27
CA ARG C 76 37.83 42.93 -52.47
C ARG C 76 36.47 42.82 -51.78
N ILE C 77 35.69 43.91 -51.78
CA ILE C 77 34.49 44.00 -50.94
C ILE C 77 33.32 44.75 -51.61
N LEU C 78 32.15 44.14 -51.70
CA LEU C 78 30.98 44.89 -52.17
C LEU C 78 29.91 44.92 -51.09
N ARG C 79 29.14 46.00 -51.04
CA ARG C 79 28.01 46.11 -50.10
C ARG C 79 26.92 47.01 -50.65
N GLU C 80 25.71 46.75 -50.20
CA GLU C 80 24.56 47.53 -50.65
C GLU C 80 24.08 48.53 -49.61
N PHE C 81 23.41 49.57 -50.09
CA PHE C 81 22.80 50.57 -49.26
C PHE C 81 21.43 50.89 -49.80
N ARG C 82 20.41 50.67 -48.98
CA ARG C 82 19.04 50.97 -49.37
C ARG C 82 18.82 52.48 -49.49
N GLY C 83 18.30 52.91 -50.63
CA GLY C 83 17.89 54.29 -50.83
C GLY C 83 19.03 55.28 -50.83
N PHE C 84 19.70 55.40 -51.98
CA PHE C 84 20.94 56.17 -52.09
C PHE C 84 21.20 56.44 -53.57
N ALA C 85 21.86 57.56 -53.90
CA ALA C 85 22.21 57.85 -55.29
C ALA C 85 23.60 58.49 -55.51
N PRO C 86 23.68 59.83 -55.38
CA PRO C 86 24.40 60.82 -56.22
C PRO C 86 24.96 60.28 -57.52
N ASP C 87 25.91 60.99 -58.12
CA ASP C 87 26.55 60.43 -59.32
C ASP C 87 28.04 60.29 -59.09
N GLY C 88 28.69 59.63 -60.05
CA GLY C 88 30.11 59.39 -59.98
C GLY C 88 30.39 58.28 -58.99
N ASP C 89 30.96 58.64 -57.84
CA ASP C 89 31.32 57.68 -56.78
C ASP C 89 31.33 58.37 -55.39
N SER C 90 31.71 57.65 -54.33
CA SER C 90 31.29 58.06 -53.00
C SER C 90 32.39 58.14 -51.93
N VAL C 91 32.74 59.37 -51.54
CA VAL C 91 33.77 59.61 -50.50
C VAL C 91 33.05 60.25 -49.32
N ASN C 92 33.65 60.21 -48.13
CA ASN C 92 32.93 60.62 -46.91
C ASN C 92 32.80 62.12 -46.82
N VAL C 93 33.57 62.80 -47.65
CA VAL C 93 33.34 64.19 -47.97
C VAL C 93 31.86 64.33 -48.28
N ASP C 94 31.30 65.50 -47.98
CA ASP C 94 29.90 65.78 -48.25
C ASP C 94 28.97 64.73 -47.58
N ILE C 95 29.18 63.46 -47.89
CA ILE C 95 28.39 62.37 -47.32
C ILE C 95 28.27 62.49 -45.81
N PHE C 96 29.31 62.99 -45.14
CA PHE C 96 29.14 63.34 -43.74
C PHE C 96 29.63 64.76 -43.44
N ALA C 97 28.96 65.40 -42.49
CA ALA C 97 29.35 66.73 -42.00
C ALA C 97 29.77 66.60 -40.54
N GLU C 98 30.76 67.37 -40.10
CA GLU C 98 31.14 67.31 -38.70
C GLU C 98 29.97 67.75 -37.82
N GLY C 99 29.75 67.02 -36.72
CA GLY C 99 28.59 67.27 -35.86
C GLY C 99 27.42 66.31 -36.06
N GLU C 100 27.25 65.90 -37.32
CA GLU C 100 26.24 64.91 -37.72
C GLU C 100 26.35 63.62 -36.93
N LYS C 101 25.21 63.08 -36.53
CA LYS C 101 25.18 61.83 -35.80
C LYS C 101 25.12 60.67 -36.78
N ILE C 102 25.96 59.67 -36.58
CA ILE C 102 25.97 58.52 -37.50
C ILE C 102 25.87 57.22 -36.75
N ASP C 103 25.46 56.19 -37.50
CA ASP C 103 25.34 54.81 -37.04
C ASP C 103 26.52 53.95 -37.58
N ALA C 104 27.29 53.34 -36.68
CA ALA C 104 28.45 52.58 -37.07
C ALA C 104 28.24 51.09 -36.90
N THR C 105 28.26 50.35 -38.00
CA THR C 105 28.18 48.90 -37.91
C THR C 105 29.53 48.22 -38.15
N GLY C 106 29.77 47.15 -37.40
CA GLY C 106 30.90 46.26 -37.64
C GLY C 106 30.66 44.82 -37.23
N THR C 107 31.75 44.10 -37.01
CA THR C 107 31.66 42.72 -36.58
C THR C 107 32.45 42.54 -35.31
N SER C 108 31.76 42.39 -34.19
CA SER C 108 32.46 42.34 -32.90
C SER C 108 33.56 41.30 -32.88
N LYS C 109 34.69 41.70 -32.33
CA LYS C 109 35.73 40.77 -31.92
C LYS C 109 35.13 39.46 -31.40
N GLY C 110 35.55 38.33 -31.95
CA GLY C 110 34.97 37.05 -31.56
C GLY C 110 35.70 36.33 -30.44
N LYS C 111 34.94 35.64 -29.61
CA LYS C 111 35.46 35.21 -28.29
C LYS C 111 35.41 33.70 -28.20
N GLY C 112 34.69 33.09 -29.13
CA GLY C 112 34.82 31.66 -29.21
C GLY C 112 33.78 31.09 -28.30
N THR C 113 34.04 30.05 -27.54
CA THR C 113 32.87 29.57 -26.82
C THR C 113 33.09 29.90 -25.38
N GLN C 114 32.03 30.49 -24.83
CA GLN C 114 32.07 31.21 -23.59
C GLN C 114 30.99 30.70 -22.69
N GLY C 115 31.38 30.36 -21.45
CA GLY C 115 30.40 30.09 -20.41
C GLY C 115 29.34 31.16 -20.09
N VAL C 116 28.34 30.75 -19.32
CA VAL C 116 27.18 31.59 -19.08
C VAL C 116 27.49 32.95 -18.37
N MET C 117 28.47 32.96 -17.48
CA MET C 117 29.01 34.21 -16.96
C MET C 117 29.42 35.10 -18.15
N LYS C 118 30.66 35.06 -18.59
CA LYS C 118 31.13 35.80 -19.77
C LYS C 118 30.11 36.05 -20.90
N ARG C 119 29.22 35.11 -21.15
CA ARG C 119 28.40 35.22 -22.34
C ARG C 119 27.10 35.95 -22.06
N TRP C 120 26.47 35.64 -20.92
CA TRP C 120 25.13 36.10 -20.60
C TRP C 120 24.99 36.92 -19.29
N ASN C 121 25.95 36.73 -18.41
CA ASN C 121 26.15 37.46 -17.15
C ASN C 121 25.51 36.63 -16.09
N PHE C 122 25.71 35.33 -16.13
CA PHE C 122 25.22 34.54 -15.01
C PHE C 122 26.02 34.82 -13.74
N ALA C 123 25.35 34.51 -12.65
CA ALA C 123 25.76 34.72 -11.28
C ALA C 123 26.83 33.78 -10.76
N GLY C 124 27.06 32.69 -11.47
CA GLY C 124 28.02 31.73 -10.99
C GLY C 124 27.64 31.00 -9.72
N GLY C 125 28.62 30.62 -8.90
CA GLY C 125 28.33 29.87 -7.70
C GLY C 125 29.35 30.20 -6.62
N PRO C 126 29.02 29.85 -5.37
CA PRO C 126 29.81 29.95 -4.14
C PRO C 126 31.18 29.50 -4.38
N ALA C 127 32.15 30.37 -4.38
CA ALA C 127 33.49 29.92 -4.51
C ALA C 127 33.96 29.18 -3.25
N SER C 128 33.10 28.94 -2.27
CA SER C 128 33.65 28.35 -1.07
C SER C 128 32.69 27.69 -0.11
N HIS C 129 31.40 27.70 -0.35
CA HIS C 129 30.66 27.20 0.80
C HIS C 129 30.24 25.79 0.49
N GLY C 130 31.29 24.97 0.34
CA GLY C 130 31.18 23.55 0.14
C GLY C 130 30.81 23.20 -1.28
N SER C 131 30.83 24.21 -2.14
CA SER C 131 30.41 24.06 -3.52
C SER C 131 31.27 22.99 -4.16
N LYS C 132 30.63 22.04 -4.84
CA LYS C 132 31.32 20.85 -5.30
C LYS C 132 31.26 20.91 -6.80
N LYS C 133 32.40 21.23 -7.40
CA LYS C 133 32.50 21.51 -8.81
C LYS C 133 31.31 22.29 -9.41
N TRP C 134 30.63 23.13 -8.61
CA TRP C 134 29.63 24.01 -9.25
C TRP C 134 29.97 25.54 -9.19
N HIS C 135 31.26 25.85 -9.16
CA HIS C 135 31.76 27.20 -9.25
C HIS C 135 31.35 28.03 -10.52
N ARG C 136 31.28 27.47 -11.72
CA ARG C 136 30.95 28.35 -12.88
C ARG C 136 29.73 28.00 -13.70
N ARG C 137 28.91 27.07 -13.23
CA ARG C 137 27.95 26.38 -14.09
C ARG C 137 26.64 27.12 -14.06
N PRO C 138 25.66 26.70 -14.87
CA PRO C 138 24.59 27.68 -14.97
C PRO C 138 23.45 27.34 -14.06
N GLY C 139 23.69 26.57 -13.01
CA GLY C 139 22.61 26.14 -12.12
C GLY C 139 21.60 25.12 -12.61
N SER C 140 20.35 25.56 -12.79
CA SER C 140 19.27 24.78 -13.36
C SER C 140 18.86 25.28 -14.74
N ILE C 141 18.35 24.36 -15.57
CA ILE C 141 17.99 24.66 -16.95
C ILE C 141 16.49 24.51 -17.14
N GLY C 142 15.77 24.17 -16.07
CA GLY C 142 14.33 24.05 -16.18
C GLY C 142 13.54 23.90 -14.90
N GLN C 143 12.31 23.41 -15.06
CA GLN C 143 11.36 23.26 -13.96
C GLN C 143 11.47 21.84 -13.41
N ARG C 144 10.36 21.07 -13.38
CA ARG C 144 10.42 19.61 -13.26
C ARG C 144 9.54 18.98 -14.34
N LYS C 145 8.60 18.10 -13.96
CA LYS C 145 7.93 17.27 -14.97
C LYS C 145 6.94 18.09 -15.82
N THR C 146 6.50 19.21 -15.28
CA THR C 146 5.91 20.25 -16.10
C THR C 146 7.03 21.24 -16.26
N PRO C 147 7.50 21.45 -17.49
CA PRO C 147 6.96 20.84 -18.69
C PRO C 147 7.93 19.80 -19.25
N GLY C 148 8.66 19.11 -18.37
CA GLY C 148 9.65 18.12 -18.77
C GLY C 148 10.50 18.46 -19.98
N ARG C 149 10.82 19.72 -20.19
CA ARG C 149 11.56 20.15 -21.37
C ARG C 149 12.43 21.37 -21.01
N VAL C 150 13.14 21.92 -21.99
CA VAL C 150 13.97 23.10 -21.75
C VAL C 150 13.63 24.22 -22.71
N TYR C 151 13.37 25.41 -22.19
CA TYR C 151 12.81 26.48 -23.00
C TYR C 151 13.58 26.70 -24.26
N LYS C 152 12.89 27.00 -25.36
CA LYS C 152 13.63 27.35 -26.57
C LYS C 152 14.18 28.73 -26.32
N GLY C 153 15.38 28.96 -26.81
CA GLY C 153 16.09 30.19 -26.56
C GLY C 153 16.83 30.25 -25.24
N LYS C 154 16.74 29.22 -24.40
CA LYS C 154 17.41 29.33 -23.10
C LYS C 154 18.92 29.65 -23.17
N ARG C 155 19.29 30.85 -22.77
CA ARG C 155 20.69 31.21 -22.64
C ARG C 155 21.57 30.16 -21.95
N MET C 156 22.64 29.76 -22.67
CA MET C 156 23.66 28.84 -22.14
C MET C 156 24.98 28.94 -22.96
N ALA C 157 26.01 28.22 -22.50
CA ALA C 157 27.38 28.35 -23.07
C ALA C 157 27.36 28.32 -24.58
N GLY C 158 28.24 29.10 -25.21
CA GLY C 158 28.22 29.18 -26.67
C GLY C 158 29.12 30.22 -27.35
N HIS C 159 29.03 30.27 -28.67
CA HIS C 159 29.95 31.11 -29.45
C HIS C 159 29.51 32.53 -29.25
N MET C 160 30.28 33.20 -28.42
CA MET C 160 30.20 34.62 -28.19
C MET C 160 31.15 35.34 -29.12
N GLY C 161 30.59 36.30 -29.84
CA GLY C 161 31.43 37.22 -30.56
C GLY C 161 31.18 37.04 -32.02
N MET C 162 32.08 37.59 -32.83
CA MET C 162 32.01 37.45 -34.28
C MET C 162 30.63 37.79 -34.83
N GLU C 163 29.98 38.75 -34.17
CA GLU C 163 28.59 39.01 -34.52
C GLU C 163 28.46 40.37 -35.12
N ARG C 164 27.34 40.62 -35.79
CA ARG C 164 27.18 41.93 -36.39
C ARG C 164 26.59 42.89 -35.38
N VAL C 165 27.21 44.05 -35.22
CA VAL C 165 26.77 44.96 -34.18
C VAL C 165 26.72 46.40 -34.68
N THR C 166 25.61 47.06 -34.38
CA THR C 166 25.42 48.44 -34.79
C THR C 166 25.33 49.37 -33.58
N VAL C 167 26.24 50.33 -33.49
CA VAL C 167 26.11 51.35 -32.47
C VAL C 167 25.45 52.60 -33.09
N GLN C 168 24.49 53.14 -32.35
CA GLN C 168 23.69 54.25 -32.83
C GLN C 168 24.13 55.63 -32.28
N ASN C 169 23.92 56.67 -33.09
CA ASN C 169 24.18 58.05 -32.66
C ASN C 169 25.61 58.30 -32.20
N LEU C 170 26.59 57.89 -33.00
CA LEU C 170 27.95 58.34 -32.73
C LEU C 170 28.10 59.64 -33.49
N GLU C 171 28.91 60.52 -32.90
CA GLU C 171 29.03 61.92 -33.30
C GLU C 171 30.29 62.15 -34.14
N VAL C 172 30.11 62.67 -35.34
CA VAL C 172 31.26 62.97 -36.18
C VAL C 172 32.08 64.14 -35.62
N VAL C 173 33.09 63.80 -34.83
CA VAL C 173 34.00 64.80 -34.31
C VAL C 173 34.74 65.51 -35.47
N GLU C 174 35.58 64.79 -36.23
CA GLU C 174 36.39 65.47 -37.25
C GLU C 174 36.31 64.80 -38.63
N ILE C 175 36.52 65.57 -39.68
CA ILE C 175 36.58 65.02 -41.03
C ILE C 175 37.81 65.54 -41.78
N ARG C 176 38.77 64.67 -42.02
CA ARG C 176 39.87 65.03 -42.89
C ARG C 176 39.61 64.36 -44.21
N ALA C 177 38.87 65.02 -45.11
CA ALA C 177 38.64 64.47 -46.45
C ALA C 177 39.95 64.50 -47.25
N GLY C 178 40.06 63.67 -48.28
CA GLY C 178 41.32 63.62 -49.00
C GLY C 178 42.46 63.10 -48.14
N GLU C 179 42.11 62.58 -46.97
CA GLU C 179 42.84 61.50 -46.35
C GLU C 179 41.75 60.48 -46.07
N ASN C 180 40.55 60.79 -46.55
CA ASN C 180 39.40 59.93 -46.34
C ASN C 180 39.32 59.45 -44.89
N LEU C 181 39.45 60.36 -43.93
CA LEU C 181 39.38 59.94 -42.53
C LEU C 181 38.22 60.60 -41.81
N ILE C 182 37.43 59.80 -41.09
CA ILE C 182 36.48 60.33 -40.12
C ILE C 182 36.90 59.99 -38.70
N LEU C 183 37.06 61.05 -37.91
CA LEU C 183 37.23 60.98 -36.48
C LEU C 183 35.85 60.88 -35.86
N VAL C 184 35.61 59.78 -35.14
CA VAL C 184 34.26 59.54 -34.65
C VAL C 184 34.34 59.37 -33.14
N LYS C 185 33.35 59.90 -32.41
CA LYS C 185 33.43 59.88 -30.95
C LYS C 185 33.20 58.45 -30.57
N GLY C 186 33.61 58.05 -29.38
CA GLY C 186 33.16 56.80 -28.81
C GLY C 186 33.82 55.55 -29.36
N ALA C 187 33.06 54.46 -29.57
CA ALA C 187 33.67 53.17 -29.90
C ALA C 187 32.85 52.33 -30.88
N ILE C 188 33.52 51.81 -31.91
CA ILE C 188 32.91 50.98 -32.95
C ILE C 188 33.27 49.52 -32.72
N PRO C 189 32.35 48.59 -32.98
CA PRO C 189 32.65 47.17 -32.81
C PRO C 189 33.70 46.59 -33.79
N GLY C 190 34.33 45.51 -33.37
CA GLY C 190 35.23 44.83 -34.26
C GLY C 190 36.60 45.34 -34.08
N ALA C 191 37.60 44.57 -34.51
CA ALA C 191 39.00 44.91 -34.24
C ALA C 191 39.61 45.84 -35.30
N ASN C 192 40.74 46.47 -34.94
CA ASN C 192 41.56 47.22 -35.90
C ASN C 192 41.82 46.52 -37.23
N GLY C 193 41.62 47.26 -38.31
CA GLY C 193 41.79 46.70 -39.62
C GLY C 193 40.53 45.98 -40.05
N GLY C 194 39.49 46.12 -39.24
CA GLY C 194 38.21 45.51 -39.54
C GLY C 194 37.40 46.39 -40.45
N LEU C 195 36.35 45.82 -41.05
CA LEU C 195 35.43 46.57 -41.92
C LEU C 195 34.34 47.23 -41.11
N VAL C 196 34.00 48.46 -41.47
CA VAL C 196 32.90 49.15 -40.84
C VAL C 196 32.11 49.86 -41.91
N VAL C 197 30.80 49.87 -41.70
CA VAL C 197 29.92 50.63 -42.55
C VAL C 197 29.42 51.79 -41.68
N LEU C 198 29.47 53.00 -42.23
CA LEU C 198 28.98 54.19 -41.55
C LEU C 198 27.71 54.66 -42.24
N ARG C 199 26.74 55.10 -41.43
CA ARG C 199 25.42 55.42 -41.98
C ARG C 199 24.85 56.66 -41.33
N SER C 200 23.87 57.28 -42.00
CA SER C 200 23.10 58.33 -41.35
C SER C 200 22.43 57.79 -40.09
N ALA C 201 21.80 58.64 -39.30
CA ALA C 201 21.14 58.10 -38.10
C ALA C 201 19.95 57.25 -38.53
N ALA C 202 19.63 56.26 -37.71
CA ALA C 202 18.41 55.50 -37.91
C ALA C 202 17.27 56.26 -37.25
N LYS C 203 17.64 57.11 -36.31
CA LYS C 203 16.71 57.74 -35.42
C LYS C 203 16.83 59.26 -35.52
N ALA C 204 15.75 59.99 -35.21
CA ALA C 204 15.75 61.45 -35.41
C ALA C 204 16.40 62.22 -34.24
N SER C 205 16.36 61.61 -33.04
CA SER C 205 16.82 62.19 -31.75
C SER C 205 16.02 63.44 -31.21
N ALA D 1 -8.48 -79.63 -31.20
CA ALA D 1 -9.19 -80.10 -32.40
C ALA D 1 -8.25 -80.46 -33.57
N GLN D 2 -7.02 -80.93 -33.28
CA GLN D 2 -6.02 -81.02 -34.36
C GLN D 2 -4.86 -82.05 -34.23
N ILE D 3 -4.35 -82.48 -35.38
CA ILE D 3 -3.49 -83.66 -35.53
C ILE D 3 -2.07 -83.49 -35.06
N ASN D 4 -1.39 -84.62 -34.82
CA ASN D 4 0.04 -84.61 -34.49
C ASN D 4 0.90 -84.72 -35.73
N VAL D 5 2.09 -85.30 -35.59
CA VAL D 5 2.87 -85.65 -36.75
C VAL D 5 3.47 -87.07 -36.68
N ILE D 6 4.54 -87.30 -35.90
CA ILE D 6 5.31 -88.57 -36.10
C ILE D 6 4.72 -89.85 -35.42
N GLY D 7 4.75 -89.91 -34.09
CA GLY D 7 4.42 -91.13 -33.39
C GLY D 7 3.01 -91.30 -32.84
N GLN D 8 2.01 -90.72 -33.52
CA GLN D 8 0.57 -91.01 -33.33
C GLN D 8 -0.23 -90.08 -34.24
N ASN D 9 -1.44 -89.67 -33.80
CA ASN D 9 -2.28 -88.68 -34.51
C ASN D 9 -3.60 -88.26 -33.82
N GLY D 10 -3.68 -88.38 -32.49
CA GLY D 10 -4.92 -88.08 -31.75
C GLY D 10 -5.47 -86.65 -31.79
N GLY D 11 -5.30 -85.91 -30.68
CA GLY D 11 -5.41 -84.45 -30.62
C GLY D 11 -6.72 -83.70 -30.83
N ARG D 12 -7.84 -84.42 -30.90
CA ARG D 12 -9.19 -83.83 -31.05
C ARG D 12 -9.64 -83.19 -29.75
N THR D 13 -8.79 -83.33 -28.74
CA THR D 13 -9.03 -82.77 -27.42
C THR D 13 -8.85 -81.25 -27.45
N ILE D 14 -8.76 -80.68 -26.24
CA ILE D 14 -8.59 -79.23 -26.03
C ILE D 14 -9.79 -78.42 -26.55
N GLU D 15 -10.64 -78.02 -25.60
CA GLU D 15 -11.58 -76.91 -25.80
C GLU D 15 -10.75 -75.64 -26.06
N LEU D 16 -11.35 -74.65 -26.72
CA LEU D 16 -10.58 -73.50 -27.17
C LEU D 16 -11.22 -72.13 -26.88
N PRO D 17 -10.39 -71.11 -26.57
CA PRO D 17 -10.69 -69.69 -26.37
C PRO D 17 -11.31 -68.98 -27.57
N LEU D 18 -12.63 -69.08 -27.64
CA LEU D 18 -13.44 -68.44 -28.66
C LEU D 18 -13.58 -66.93 -28.27
N PRO D 19 -14.50 -66.14 -28.90
CA PRO D 19 -15.35 -66.33 -30.09
C PRO D 19 -14.50 -66.68 -31.31
N GLU D 20 -13.52 -65.82 -31.63
CA GLU D 20 -12.48 -66.16 -32.59
C GLU D 20 -11.14 -65.57 -32.14
N VAL D 21 -10.82 -65.76 -30.84
CA VAL D 21 -9.63 -65.19 -30.16
C VAL D 21 -9.83 -63.68 -29.97
N ASN D 22 -9.46 -63.17 -28.79
CA ASN D 22 -9.60 -61.73 -28.48
C ASN D 22 -8.22 -61.09 -28.25
N SER D 23 -7.95 -59.99 -28.95
CA SER D 23 -6.62 -59.38 -28.87
C SER D 23 -6.48 -58.61 -27.56
N GLY D 24 -7.59 -58.09 -27.05
CA GLY D 24 -7.57 -57.30 -25.83
C GLY D 24 -6.83 -57.98 -24.71
N VAL D 25 -7.25 -59.21 -24.43
CA VAL D 25 -6.69 -59.96 -23.31
C VAL D 25 -5.25 -60.33 -23.62
N LEU D 26 -4.99 -60.55 -24.89
CA LEU D 26 -3.63 -60.86 -25.31
C LEU D 26 -2.74 -59.71 -24.89
N HIS D 27 -3.08 -58.52 -25.37
CA HIS D 27 -2.43 -57.29 -24.99
C HIS D 27 -2.16 -57.22 -23.49
N GLU D 28 -3.23 -57.28 -22.69
CA GLU D 28 -3.09 -57.31 -21.23
C GLU D 28 -1.91 -58.17 -20.81
N VAL D 29 -2.00 -59.43 -21.21
CA VAL D 29 -1.01 -60.43 -20.83
C VAL D 29 0.41 -60.09 -21.26
N VAL D 30 0.56 -59.59 -22.49
CA VAL D 30 1.90 -59.30 -23.03
C VAL D 30 2.54 -58.07 -22.39
N THR D 31 1.80 -56.97 -22.28
CA THR D 31 2.36 -55.76 -21.68
C THR D 31 2.71 -56.08 -20.24
N TRP D 32 1.83 -56.79 -19.54
CA TRP D 32 2.18 -57.28 -18.21
C TRP D 32 3.52 -57.99 -18.31
N GLN D 33 3.63 -58.85 -19.31
CA GLN D 33 4.77 -59.71 -19.41
C GLN D 33 6.08 -58.91 -19.47
N LEU D 34 6.12 -57.92 -20.36
CA LEU D 34 7.34 -57.14 -20.56
C LEU D 34 7.63 -56.28 -19.35
N ALA D 35 6.58 -55.66 -18.83
CA ALA D 35 6.67 -54.95 -17.57
C ALA D 35 7.39 -55.80 -16.52
N SER D 36 7.06 -57.08 -16.45
CA SER D 36 7.56 -57.92 -15.37
C SER D 36 9.07 -58.09 -15.39
N ARG D 37 9.69 -57.75 -16.51
CA ARG D 37 11.11 -58.07 -16.67
C ARG D 37 11.97 -56.82 -16.82
N ARG D 38 11.34 -55.64 -16.83
CA ARG D 38 12.09 -54.39 -16.92
C ARG D 38 13.04 -54.30 -15.76
N ARG D 39 14.26 -53.86 -16.04
CA ARG D 39 15.26 -53.78 -15.00
C ARG D 39 14.90 -52.76 -13.92
N GLY D 40 14.11 -51.74 -14.30
CA GLY D 40 13.82 -50.60 -13.43
C GLY D 40 15.09 -50.00 -12.84
N THR D 41 16.06 -49.72 -13.70
CA THR D 41 17.40 -49.49 -13.21
C THR D 41 17.91 -48.10 -13.58
N ALA D 42 17.06 -47.32 -14.23
CA ALA D 42 17.32 -45.90 -14.43
C ALA D 42 17.51 -45.24 -13.06
N SER D 43 18.48 -44.33 -12.95
CA SER D 43 18.77 -43.60 -11.71
C SER D 43 19.48 -42.26 -11.93
N THR D 44 19.01 -41.23 -11.24
CA THR D 44 19.57 -39.87 -11.31
C THR D 44 19.72 -39.23 -9.93
N ARG D 45 20.47 -38.13 -9.88
CA ARG D 45 20.64 -37.34 -8.64
C ARG D 45 19.64 -36.19 -8.49
N THR D 46 19.19 -35.98 -7.25
CA THR D 46 18.47 -34.78 -6.90
C THR D 46 19.36 -33.83 -6.12
N ARG D 47 18.75 -32.73 -5.71
CA ARG D 47 19.44 -31.68 -4.98
C ARG D 47 20.22 -32.14 -3.76
N ALA D 48 19.71 -33.16 -3.08
CA ALA D 48 20.41 -33.72 -1.95
C ALA D 48 21.62 -34.50 -2.42
N GLN D 49 21.58 -34.94 -3.69
CA GLN D 49 22.54 -35.92 -4.19
C GLN D 49 23.73 -35.36 -4.99
N VAL D 50 23.55 -34.20 -5.61
CA VAL D 50 24.64 -33.56 -6.34
C VAL D 50 25.74 -33.25 -5.35
N SER D 51 27.00 -33.39 -5.74
CA SER D 51 28.08 -32.89 -4.90
C SER D 51 28.25 -31.39 -5.12
N LYS D 52 27.43 -30.62 -4.40
CA LYS D 52 27.57 -29.20 -4.33
C LYS D 52 27.41 -28.85 -2.86
N THR D 53 28.37 -28.14 -2.26
CA THR D 53 28.16 -27.65 -0.89
C THR D 53 26.89 -26.85 -0.78
N GLY D 54 26.27 -26.91 0.40
CA GLY D 54 24.98 -26.29 0.63
C GLY D 54 25.10 -24.87 1.12
N ARG D 55 26.32 -24.46 1.42
CA ARG D 55 26.63 -23.08 1.77
C ARG D 55 25.87 -22.07 0.89
N LYS D 56 25.38 -20.98 1.47
CA LYS D 56 24.74 -19.97 0.64
C LYS D 56 25.78 -19.34 -0.25
N MET D 57 25.48 -19.13 -1.53
CA MET D 57 26.54 -18.66 -2.43
C MET D 57 26.94 -17.20 -2.16
N TYR D 58 25.93 -16.38 -1.88
CA TYR D 58 26.13 -14.98 -1.52
C TYR D 58 24.80 -14.44 -1.01
N GLY D 59 24.75 -13.15 -0.74
CA GLY D 59 23.64 -12.54 -0.04
C GLY D 59 22.26 -12.45 -0.64
N GLN D 60 21.28 -12.77 0.21
CA GLN D 60 19.88 -12.82 -0.13
C GLN D 60 19.36 -11.56 -0.82
N LYS D 61 19.79 -10.42 -0.32
CA LYS D 61 19.53 -9.17 -1.01
C LYS D 61 20.84 -8.40 -1.04
N GLY D 62 20.97 -7.43 -1.94
CA GLY D 62 22.22 -6.69 -2.03
C GLY D 62 22.83 -6.65 -3.41
N THR D 63 23.81 -7.52 -3.63
CA THR D 63 24.29 -8.01 -4.93
C THR D 63 23.69 -7.56 -6.26
N GLY D 64 22.38 -7.46 -6.37
CA GLY D 64 21.79 -7.01 -7.61
C GLY D 64 21.49 -8.19 -8.52
N ASN D 65 22.09 -9.32 -8.17
CA ASN D 65 21.80 -10.61 -8.78
C ASN D 65 20.41 -11.14 -8.42
N ALA D 66 19.97 -12.19 -9.07
CA ALA D 66 18.80 -12.90 -8.59
C ALA D 66 19.21 -13.67 -7.35
N ARG D 67 18.20 -14.13 -6.58
CA ARG D 67 18.46 -14.82 -5.33
C ARG D 67 18.65 -16.29 -5.53
N HIS D 68 19.65 -16.82 -4.86
CA HIS D 68 19.93 -18.24 -4.94
C HIS D 68 20.38 -18.62 -3.57
N GLY D 69 20.41 -19.90 -3.31
CA GLY D 69 20.94 -20.38 -2.05
C GLY D 69 22.04 -21.35 -2.34
N ASP D 70 21.81 -22.22 -3.33
CA ASP D 70 22.76 -23.27 -3.66
C ASP D 70 22.96 -23.48 -5.16
N ARG D 71 24.06 -24.16 -5.51
CA ARG D 71 24.31 -24.61 -6.90
C ARG D 71 23.96 -26.09 -7.14
N SER D 72 23.14 -26.66 -6.25
CA SER D 72 22.69 -28.06 -6.37
C SER D 72 21.22 -28.12 -6.68
N VAL D 73 20.77 -27.22 -7.54
CA VAL D 73 19.36 -26.95 -7.72
C VAL D 73 18.97 -27.21 -9.15
N PRO D 74 17.78 -27.70 -9.37
CA PRO D 74 17.44 -28.10 -10.73
C PRO D 74 17.28 -26.94 -11.71
N THR D 75 17.37 -25.70 -11.26
CA THR D 75 17.42 -24.65 -12.27
C THR D 75 18.87 -24.34 -12.59
N PHE D 76 19.76 -25.24 -12.17
CA PHE D 76 21.19 -24.99 -12.26
C PHE D 76 21.90 -26.05 -13.05
N VAL D 77 22.41 -25.64 -14.21
CA VAL D 77 23.35 -26.44 -14.93
C VAL D 77 24.30 -27.14 -13.98
N GLY D 78 24.28 -28.46 -14.06
CA GLY D 78 25.17 -29.27 -13.26
C GLY D 78 24.57 -29.54 -11.92
N GLY D 79 23.27 -29.25 -11.77
CA GLY D 79 22.63 -29.42 -10.49
C GLY D 79 22.02 -30.79 -10.28
N GLY D 80 20.86 -30.83 -9.68
CA GLY D 80 20.11 -32.06 -9.57
C GLY D 80 19.04 -32.11 -10.62
N VAL D 81 18.54 -33.32 -10.90
CA VAL D 81 17.37 -33.44 -11.74
C VAL D 81 16.22 -33.16 -10.83
N ALA D 82 15.21 -32.48 -11.35
CA ALA D 82 14.08 -32.10 -10.51
C ALA D 82 13.32 -33.35 -10.10
N PHE D 83 13.06 -34.18 -11.11
CA PHE D 83 12.02 -35.18 -11.04
C PHE D 83 12.48 -36.38 -11.81
N GLY D 84 13.70 -36.81 -11.52
CA GLY D 84 14.31 -37.83 -12.33
C GLY D 84 13.73 -39.20 -12.11
N PRO D 85 14.29 -40.20 -12.79
CA PRO D 85 13.99 -41.58 -12.45
C PRO D 85 14.94 -42.10 -11.36
N LYS D 86 14.38 -42.65 -10.30
CA LYS D 86 15.16 -43.43 -9.35
C LYS D 86 14.85 -44.92 -9.60
N PRO D 87 15.76 -45.84 -9.18
CA PRO D 87 15.48 -47.25 -9.44
C PRO D 87 14.18 -47.70 -8.78
N ARG D 88 13.29 -48.28 -9.58
CA ARG D 88 11.99 -48.69 -9.10
C ARG D 88 11.63 -50.06 -9.70
N SER D 89 10.42 -50.55 -9.42
CA SER D 89 9.97 -51.77 -10.07
C SER D 89 8.59 -51.64 -10.71
N TYR D 90 8.36 -52.48 -11.71
CA TYR D 90 7.17 -52.42 -12.56
C TYR D 90 6.36 -53.71 -12.48
N ASP D 91 6.85 -54.65 -11.67
CA ASP D 91 6.37 -56.03 -11.63
C ASP D 91 5.14 -56.18 -10.74
N TYR D 92 3.98 -56.31 -11.35
CA TYR D 92 2.78 -56.64 -10.60
C TYR D 92 2.33 -58.07 -10.81
N THR D 93 1.23 -58.42 -10.15
CA THR D 93 0.65 -59.75 -10.26
C THR D 93 -0.65 -59.72 -11.07
N LEU D 94 -0.55 -60.03 -12.36
CA LEU D 94 -1.75 -60.19 -13.18
C LEU D 94 -2.53 -61.41 -12.68
N PRO D 95 -3.86 -61.27 -12.54
CA PRO D 95 -4.70 -62.38 -12.08
C PRO D 95 -4.45 -63.71 -12.82
N ARG D 96 -4.40 -64.80 -12.06
CA ARG D 96 -3.93 -66.08 -12.62
C ARG D 96 -4.77 -66.50 -13.80
N GLN D 97 -6.08 -66.44 -13.60
CA GLN D 97 -7.01 -66.91 -14.62
C GLN D 97 -6.79 -66.17 -15.93
N VAL D 98 -6.29 -64.95 -15.84
CA VAL D 98 -6.04 -64.18 -17.04
C VAL D 98 -4.75 -64.63 -17.72
N ARG D 99 -3.72 -64.98 -16.96
CA ARG D 99 -2.51 -65.57 -17.56
C ARG D 99 -2.88 -66.85 -18.31
N GLN D 100 -3.70 -67.67 -17.64
CA GLN D 100 -4.11 -68.96 -18.18
C GLN D 100 -4.93 -68.77 -19.47
N LEU D 101 -5.99 -67.96 -19.38
CA LEU D 101 -6.85 -67.66 -20.52
C LEU D 101 -6.03 -67.08 -21.65
N GLY D 102 -5.03 -66.28 -21.30
CA GLY D 102 -4.13 -65.75 -22.30
C GLY D 102 -3.47 -66.85 -23.06
N LEU D 103 -2.53 -67.54 -22.40
CA LEU D 103 -1.75 -68.64 -23.00
C LEU D 103 -2.60 -69.50 -23.91
N ALA D 104 -3.69 -69.94 -23.31
CA ALA D 104 -4.75 -70.61 -24.03
C ALA D 104 -5.02 -69.91 -25.35
N MET D 105 -5.44 -68.64 -25.27
CA MET D 105 -5.88 -67.91 -26.44
C MET D 105 -4.77 -67.69 -27.46
N ALA D 106 -3.53 -67.82 -27.00
CA ALA D 106 -2.38 -67.76 -27.88
C ALA D 106 -2.44 -68.98 -28.77
N ILE D 107 -2.54 -70.13 -28.11
CA ILE D 107 -2.52 -71.39 -28.83
C ILE D 107 -3.70 -71.40 -29.80
N ALA D 108 -4.84 -70.94 -29.30
CA ALA D 108 -6.05 -70.87 -30.10
C ALA D 108 -5.85 -70.01 -31.34
N SER D 109 -5.22 -68.86 -31.15
CA SER D 109 -5.00 -67.93 -32.25
C SER D 109 -4.16 -68.58 -33.33
N ARG D 110 -3.08 -69.21 -32.88
CA ARG D 110 -2.16 -69.89 -33.79
C ARG D 110 -2.76 -71.15 -34.43
N GLN D 111 -3.91 -71.60 -33.90
CA GLN D 111 -4.61 -72.74 -34.47
C GLN D 111 -5.44 -72.40 -35.68
N GLU D 112 -6.27 -71.36 -35.59
CA GLU D 112 -7.00 -70.88 -36.76
C GLU D 112 -6.07 -70.41 -37.88
N GLY D 113 -4.76 -70.52 -37.65
CA GLY D 113 -3.73 -70.07 -38.57
C GLY D 113 -3.79 -70.58 -40.01
N GLY D 114 -3.65 -71.88 -40.19
CA GLY D 114 -3.36 -72.81 -39.12
C GLY D 114 -1.87 -73.03 -38.98
N LYS D 115 -1.28 -72.39 -37.99
CA LYS D 115 0.15 -72.49 -37.83
C LYS D 115 0.51 -73.28 -36.57
N LEU D 116 -0.39 -74.17 -36.16
CA LEU D 116 -0.04 -75.13 -35.12
C LEU D 116 0.51 -76.38 -35.79
N VAL D 117 1.52 -76.96 -35.16
CA VAL D 117 2.02 -78.25 -35.63
C VAL D 117 2.32 -79.12 -34.43
N ALA D 118 1.36 -79.95 -34.05
CA ALA D 118 1.58 -80.91 -32.98
C ALA D 118 2.56 -81.98 -33.45
N VAL D 119 3.41 -82.47 -32.54
CA VAL D 119 4.52 -83.36 -32.89
C VAL D 119 4.80 -84.43 -31.83
N ASP D 120 5.04 -85.66 -32.27
CA ASP D 120 5.40 -86.76 -31.38
C ASP D 120 6.78 -87.32 -31.72
N GLY D 121 7.65 -87.48 -30.72
CA GLY D 121 8.91 -88.19 -30.89
C GLY D 121 10.13 -87.51 -31.53
N PHE D 122 9.90 -86.79 -32.63
CA PHE D 122 10.96 -86.12 -33.44
C PHE D 122 11.82 -87.16 -34.16
N ASP D 123 12.96 -86.73 -34.70
CA ASP D 123 13.84 -87.58 -35.51
C ASP D 123 15.06 -86.82 -36.04
N ILE D 124 16.04 -86.56 -35.17
CA ILE D 124 17.10 -85.61 -35.52
C ILE D 124 18.48 -86.25 -35.38
N ALA D 125 18.58 -87.53 -35.64
CA ALA D 125 19.83 -88.26 -35.42
C ALA D 125 20.33 -87.96 -34.01
N ASP D 126 21.64 -87.75 -33.88
CA ASP D 126 22.20 -87.42 -32.57
C ASP D 126 22.69 -85.99 -32.51
N ALA D 127 21.80 -85.10 -32.07
CA ALA D 127 22.12 -83.70 -31.73
C ALA D 127 22.90 -82.99 -32.82
N LYS D 128 22.29 -82.84 -33.98
CA LYS D 128 22.94 -82.16 -35.09
C LYS D 128 21.98 -81.22 -35.78
N THR D 129 22.49 -80.04 -36.12
CA THR D 129 21.65 -78.96 -36.60
C THR D 129 21.25 -79.21 -38.06
N LYS D 130 22.14 -79.84 -38.83
CA LYS D 130 21.86 -80.10 -40.24
C LYS D 130 20.64 -81.02 -40.33
N ASN D 131 20.58 -81.97 -39.40
CA ASN D 131 19.50 -82.94 -39.33
C ASN D 131 18.22 -82.28 -38.83
N PHE D 132 18.36 -81.27 -37.99
CA PHE D 132 17.20 -80.48 -37.61
C PHE D 132 16.65 -79.81 -38.85
N ILE D 133 17.58 -79.39 -39.72
CA ILE D 133 17.20 -78.63 -40.89
C ILE D 133 16.43 -79.51 -41.85
N SER D 134 16.91 -80.73 -42.06
CA SER D 134 16.20 -81.68 -42.93
C SER D 134 14.84 -82.09 -42.36
N TRP D 135 14.82 -82.48 -41.08
CA TRP D 135 13.55 -82.74 -40.40
C TRP D 135 12.56 -81.60 -40.65
N ALA D 136 12.97 -80.37 -40.32
CA ALA D 136 12.15 -79.18 -40.52
C ALA D 136 11.63 -79.06 -41.95
N LYS D 137 12.54 -79.30 -42.90
CA LYS D 137 12.24 -79.19 -44.32
C LYS D 137 11.18 -80.20 -44.77
N GLN D 138 11.21 -81.40 -44.20
CA GLN D 138 10.20 -82.43 -44.53
C GLN D 138 8.82 -82.00 -44.02
N ASN D 139 8.81 -81.16 -42.99
CA ASN D 139 7.59 -80.73 -42.33
C ASN D 139 7.07 -79.38 -42.85
N GLY D 140 7.67 -78.91 -43.95
CA GLY D 140 7.21 -77.70 -44.61
C GLY D 140 7.81 -76.41 -44.08
N LEU D 141 8.91 -76.53 -43.35
CA LEU D 141 9.52 -75.37 -42.74
C LEU D 141 10.65 -74.85 -43.64
N ASP D 142 10.22 -74.09 -44.65
CA ASP D 142 11.06 -73.65 -45.76
C ASP D 142 12.23 -72.80 -45.28
N GLY D 143 11.96 -71.97 -44.28
CA GLY D 143 12.90 -70.96 -43.80
C GLY D 143 12.23 -69.59 -43.75
N THR D 144 11.13 -69.46 -44.48
CA THR D 144 10.44 -68.17 -44.64
C THR D 144 9.46 -67.89 -43.51
N GLU D 145 9.75 -68.44 -42.34
CA GLU D 145 8.94 -68.21 -41.15
C GLU D 145 9.81 -68.28 -39.90
N LYS D 146 9.33 -67.68 -38.82
CA LYS D 146 10.05 -67.75 -37.56
C LYS D 146 9.30 -68.74 -36.68
N VAL D 147 10.06 -69.65 -36.09
CA VAL D 147 9.47 -70.81 -35.45
C VAL D 147 9.85 -70.95 -34.00
N LEU D 148 8.83 -71.07 -33.14
CA LEU D 148 9.07 -71.42 -31.75
C LEU D 148 8.90 -72.93 -31.57
N LEU D 149 9.90 -73.55 -30.96
CA LEU D 149 9.87 -74.96 -30.68
C LEU D 149 9.81 -75.22 -29.18
N VAL D 150 8.82 -75.98 -28.71
CA VAL D 150 8.80 -76.39 -27.32
C VAL D 150 8.87 -77.92 -27.20
N THR D 151 9.91 -78.42 -26.52
CA THR D 151 10.05 -79.85 -26.21
C THR D 151 10.81 -80.07 -24.92
N ASP D 152 10.75 -81.28 -24.38
CA ASP D 152 11.58 -81.59 -23.22
C ASP D 152 12.81 -82.42 -23.59
N ASP D 153 13.13 -82.57 -24.88
CA ASP D 153 14.29 -83.39 -25.23
C ASP D 153 15.54 -82.59 -25.58
N GLU D 154 16.43 -82.56 -24.61
CA GLU D 154 17.77 -82.00 -24.68
C GLU D 154 18.39 -81.79 -26.07
N ASN D 155 18.36 -82.86 -26.87
CA ASN D 155 19.16 -82.89 -28.08
C ASN D 155 18.45 -82.26 -29.29
N THR D 156 17.12 -82.31 -29.32
CA THR D 156 16.39 -81.71 -30.45
C THR D 156 16.50 -80.20 -30.38
N ARG D 157 16.32 -79.67 -29.17
CA ARG D 157 16.64 -78.29 -28.90
C ARG D 157 18.08 -78.07 -29.30
N ARG D 158 19.01 -78.81 -28.69
CA ARG D 158 20.42 -78.71 -29.02
C ARG D 158 20.72 -78.74 -30.53
N ALA D 159 19.73 -79.14 -31.33
CA ALA D 159 19.89 -79.17 -32.77
C ALA D 159 19.27 -77.96 -33.44
N ALA D 160 18.15 -77.50 -32.91
CA ALA D 160 17.50 -76.30 -33.43
C ALA D 160 18.31 -75.00 -33.21
N ARG D 161 18.34 -74.53 -31.95
CA ARG D 161 19.04 -73.31 -31.47
C ARG D 161 19.77 -72.43 -32.50
N ASN D 162 20.92 -72.91 -32.96
CA ASN D 162 21.82 -72.10 -33.79
C ASN D 162 21.21 -71.68 -35.12
N VAL D 163 20.03 -72.20 -35.44
CA VAL D 163 19.31 -71.73 -36.62
C VAL D 163 18.81 -70.33 -36.31
N SER D 164 19.10 -69.41 -37.21
CA SER D 164 18.63 -68.04 -37.06
C SER D 164 17.14 -68.03 -36.74
N TRP D 165 16.34 -68.69 -37.57
CA TRP D 165 14.90 -68.53 -37.49
C TRP D 165 14.17 -69.45 -36.52
N VAL D 166 14.91 -70.14 -35.66
CA VAL D 166 14.24 -70.92 -34.63
C VAL D 166 14.62 -70.41 -33.24
N SER D 167 13.58 -70.25 -32.41
CA SER D 167 13.74 -69.97 -30.98
C SER D 167 13.26 -71.16 -30.16
N VAL D 168 14.08 -71.51 -29.17
CA VAL D 168 14.00 -72.81 -28.54
C VAL D 168 13.67 -72.70 -27.06
N LEU D 169 12.60 -73.39 -26.66
CA LEU D 169 12.01 -73.28 -25.34
C LEU D 169 11.77 -74.65 -24.67
N PRO D 170 12.36 -74.86 -23.49
CA PRO D 170 12.08 -76.13 -22.80
C PRO D 170 10.72 -76.14 -22.13
N VAL D 171 10.27 -77.34 -21.75
CA VAL D 171 9.08 -77.58 -20.91
C VAL D 171 8.00 -76.54 -21.00
N ALA D 172 7.56 -76.11 -19.82
CA ALA D 172 6.55 -75.08 -19.69
C ALA D 172 7.24 -73.74 -19.49
N GLY D 173 8.18 -73.43 -20.38
CA GLY D 173 8.74 -72.11 -20.45
C GLY D 173 7.85 -71.28 -21.37
N VAL D 174 6.73 -71.85 -21.75
CA VAL D 174 5.87 -71.24 -22.74
C VAL D 174 5.22 -69.98 -22.16
N ASN D 175 4.82 -69.08 -23.05
CA ASN D 175 4.25 -67.78 -22.68
C ASN D 175 3.75 -67.05 -23.92
N VAL D 176 2.70 -66.25 -23.74
CA VAL D 176 2.03 -65.57 -24.86
C VAL D 176 2.97 -64.70 -25.71
N TYR D 177 3.97 -64.10 -25.06
CA TYR D 177 4.89 -63.24 -25.79
C TYR D 177 5.64 -64.10 -26.79
N ASP D 178 6.59 -64.89 -26.31
CA ASP D 178 7.44 -65.72 -27.18
C ASP D 178 6.66 -66.36 -28.34
N ILE D 179 5.50 -66.93 -28.04
CA ILE D 179 4.63 -67.51 -29.07
C ILE D 179 4.23 -66.48 -30.09
N LEU D 180 3.51 -65.45 -29.65
CA LEU D 180 2.91 -64.50 -30.57
C LEU D 180 3.99 -63.76 -31.34
N ARG D 181 5.21 -63.86 -30.83
CA ARG D 181 6.38 -63.22 -31.41
C ARG D 181 6.69 -63.85 -32.75
N HIS D 182 6.61 -65.18 -32.77
CA HIS D 182 6.94 -66.01 -33.93
C HIS D 182 5.73 -66.32 -34.81
N ASP D 183 6.01 -66.88 -35.99
CA ASP D 183 4.95 -67.28 -36.91
C ASP D 183 4.43 -68.68 -36.62
N ARG D 184 5.33 -69.64 -36.67
CA ARG D 184 4.98 -71.03 -36.50
C ARG D 184 5.25 -71.47 -35.06
N LEU D 185 4.47 -72.44 -34.60
CA LEU D 185 4.70 -73.01 -33.27
C LEU D 185 4.79 -74.54 -33.34
N VAL D 186 5.88 -75.07 -32.78
CA VAL D 186 6.11 -76.52 -32.67
C VAL D 186 5.83 -76.95 -31.24
N ILE D 187 4.67 -77.56 -31.04
CA ILE D 187 3.94 -77.39 -29.79
C ILE D 187 4.53 -78.02 -28.50
N ASP D 188 5.16 -79.19 -28.46
CA ASP D 188 5.26 -80.24 -29.47
C ASP D 188 3.92 -80.93 -29.69
N ALA D 189 3.53 -81.82 -28.76
CA ALA D 189 2.20 -82.43 -28.71
C ALA D 189 2.08 -83.26 -27.44
N ALA D 190 3.20 -83.87 -27.05
CA ALA D 190 3.29 -84.62 -25.79
C ALA D 190 2.81 -83.76 -24.60
N ALA D 191 3.18 -82.49 -24.62
CA ALA D 191 2.78 -81.57 -23.56
C ALA D 191 1.34 -81.11 -23.73
N LEU D 192 0.74 -81.40 -24.87
CA LEU D 192 -0.57 -80.84 -25.19
C LEU D 192 -1.70 -81.65 -24.54
N GLU D 193 -1.55 -82.97 -24.53
CA GLU D 193 -2.57 -83.87 -23.96
C GLU D 193 -2.56 -83.79 -22.44
N ILE D 194 -1.47 -83.27 -21.88
CA ILE D 194 -1.40 -82.96 -20.45
C ILE D 194 -1.86 -81.52 -20.18
N VAL D 195 -1.55 -80.57 -21.08
CA VAL D 195 -2.00 -79.17 -20.87
C VAL D 195 -3.47 -78.98 -21.32
N GLU D 196 -4.17 -80.06 -21.68
CA GLU D 196 -5.64 -80.05 -21.58
C GLU D 196 -6.07 -80.67 -20.23
N GLU D 197 -5.66 -81.93 -20.02
CA GLU D 197 -5.74 -82.61 -18.72
C GLU D 197 -5.05 -83.98 -18.80
N GLN E 1 -84.73 0.42 61.24
CA GLN E 1 -85.81 -0.38 61.81
C GLN E 1 -87.11 0.37 61.78
N LEU E 2 -87.36 1.15 62.83
CA LEU E 2 -88.48 2.08 62.85
C LEU E 2 -88.26 3.06 61.70
N LYS E 3 -87.02 3.49 61.57
CA LYS E 3 -86.60 4.41 60.54
C LYS E 3 -87.06 3.99 59.15
N THR E 4 -87.08 2.67 58.91
CA THR E 4 -87.60 2.12 57.66
C THR E 4 -89.05 2.53 57.44
N LYS E 5 -89.88 2.34 58.47
CA LYS E 5 -91.28 2.75 58.41
C LYS E 5 -91.39 4.24 58.17
N TYR E 6 -90.49 5.01 58.78
CA TYR E 6 -90.53 6.46 58.61
C TYR E 6 -90.20 6.86 57.18
N ASN E 7 -89.29 6.10 56.55
CA ASN E 7 -89.01 6.25 55.12
C ASN E 7 -90.32 6.01 54.37
N ASP E 8 -90.99 4.90 54.70
CA ASP E 8 -92.25 4.50 54.07
C ASP E 8 -93.41 5.47 54.36
N GLN E 9 -93.15 6.45 55.23
CA GLN E 9 -94.11 7.52 55.48
C GLN E 9 -93.60 8.84 54.89
N VAL E 10 -92.35 8.81 54.43
CA VAL E 10 -91.78 9.90 53.65
C VAL E 10 -92.16 9.68 52.19
N ARG E 11 -92.44 8.42 51.86
CA ARG E 11 -92.71 8.01 50.48
C ARG E 11 -94.00 8.59 49.92
N PRO E 12 -95.12 8.50 50.68
CA PRO E 12 -96.24 9.26 50.13
C PRO E 12 -96.11 10.77 50.40
N ALA E 13 -95.17 11.17 51.26
CA ALA E 13 -94.90 12.59 51.50
C ALA E 13 -94.25 13.21 50.27
N LEU E 14 -93.35 12.45 49.64
CA LEU E 14 -92.66 12.88 48.42
C LEU E 14 -93.44 12.52 47.15
N MET E 15 -94.30 11.51 47.25
CA MET E 15 -95.24 11.22 46.18
C MET E 15 -96.19 12.40 46.05
N GLN E 16 -96.72 12.84 47.19
CA GLN E 16 -97.61 14.01 47.25
C GLN E 16 -96.86 15.31 46.96
N GLN E 17 -95.60 15.41 47.39
CA GLN E 17 -94.84 16.62 47.15
C GLN E 17 -94.46 16.74 45.68
N PHE E 18 -94.15 15.62 45.03
CA PHE E 18 -93.55 15.67 43.69
C PHE E 18 -94.47 15.17 42.58
N GLY E 19 -95.57 14.52 42.94
CA GLY E 19 -96.47 13.97 41.93
C GLY E 19 -95.81 12.94 41.02
N TYR E 20 -95.25 11.90 41.64
CA TYR E 20 -94.63 10.82 40.89
C TYR E 20 -95.67 9.83 40.37
N SER E 21 -95.48 9.43 39.11
CA SER E 21 -96.36 8.47 38.49
C SER E 21 -96.11 7.05 39.03
N SER E 22 -95.10 6.91 39.88
CA SER E 22 -94.80 5.63 40.52
C SER E 22 -94.16 5.81 41.90
N VAL E 23 -94.31 4.77 42.72
CA VAL E 23 -93.86 4.80 44.11
C VAL E 23 -92.43 4.28 44.24
N MET E 24 -91.96 3.59 43.20
CA MET E 24 -90.56 3.17 43.16
C MET E 24 -89.73 4.27 42.48
N ALA E 25 -90.40 5.09 41.67
CA ALA E 25 -89.78 6.27 41.06
C ALA E 25 -89.65 7.43 42.05
N VAL E 26 -89.30 7.10 43.29
CA VAL E 26 -89.17 8.07 44.36
C VAL E 26 -87.79 7.87 44.98
N PRO E 27 -87.10 8.98 45.29
CA PRO E 27 -85.81 8.96 45.99
C PRO E 27 -85.74 7.99 47.17
N ARG E 28 -84.77 7.09 47.13
CA ARG E 28 -84.51 6.18 48.24
C ARG E 28 -83.07 6.34 48.71
N ILE E 29 -82.64 5.49 49.63
CA ILE E 29 -81.28 5.60 50.17
C ILE E 29 -80.47 4.33 49.95
N GLU E 30 -79.42 4.44 49.15
CA GLU E 30 -78.49 3.35 48.90
C GLU E 30 -77.20 3.59 49.69
N LYS E 31 -76.88 2.68 50.61
CA LYS E 31 -75.64 2.66 51.43
C LYS E 31 -75.15 3.99 52.05
N ILE E 32 -74.16 3.89 52.95
CA ILE E 32 -73.82 5.02 53.79
C ILE E 32 -72.31 5.34 53.81
N VAL E 33 -71.46 4.35 53.54
CA VAL E 33 -70.01 4.51 53.31
C VAL E 33 -69.23 5.37 54.32
N VAL E 34 -68.45 4.70 55.18
CA VAL E 34 -67.67 5.38 56.21
C VAL E 34 -66.17 5.30 55.92
N ASN E 35 -65.55 6.43 55.55
CA ASN E 35 -64.11 6.44 55.30
C ASN E 35 -63.30 7.07 56.43
N GLU E 36 -62.08 6.54 56.58
CA GLU E 36 -61.19 6.89 57.67
C GLU E 36 -59.79 6.93 57.08
N GLY E 37 -59.49 8.00 56.35
CA GLY E 37 -58.22 8.13 55.64
C GLY E 37 -57.11 8.82 56.39
N LEU E 38 -56.64 8.17 57.45
CA LEU E 38 -55.53 8.69 58.24
C LEU E 38 -54.22 8.65 57.45
N GLY E 39 -53.48 7.55 57.61
CA GLY E 39 -52.29 7.25 56.83
C GLY E 39 -51.34 8.36 56.42
N SER E 40 -50.73 8.18 55.23
CA SER E 40 -49.70 9.07 54.65
C SER E 40 -48.67 9.51 55.69
N SER E 41 -49.08 10.37 56.61
CA SER E 41 -48.25 10.80 57.73
C SER E 41 -48.39 9.87 58.93
N LYS E 42 -49.56 9.23 59.07
CA LYS E 42 -49.80 8.28 60.16
C LYS E 42 -49.55 6.84 59.68
N GLU E 43 -48.28 6.44 59.69
CA GLU E 43 -47.85 5.13 59.20
C GLU E 43 -47.83 4.10 60.34
N ASP E 44 -48.41 4.46 61.48
CA ASP E 44 -48.39 3.61 62.67
C ASP E 44 -49.40 2.45 62.59
N SER E 45 -48.91 1.22 62.78
CA SER E 45 -49.75 0.03 62.88
C SER E 45 -50.74 0.18 64.03
N LYS E 46 -50.24 0.71 65.14
CA LYS E 46 -51.05 0.97 66.33
C LYS E 46 -52.28 1.85 66.02
N ALA E 47 -52.07 2.87 65.17
CA ALA E 47 -53.13 3.83 64.86
C ALA E 47 -54.23 3.21 63.99
N ILE E 48 -53.86 2.40 62.99
CA ILE E 48 -54.87 1.76 62.14
C ILE E 48 -55.60 0.70 62.96
N ASP E 49 -54.91 0.14 63.95
CA ASP E 49 -55.61 -0.68 64.94
C ASP E 49 -56.68 0.13 65.68
N LYS E 50 -56.31 1.31 66.15
CA LYS E 50 -57.25 2.18 66.87
C LYS E 50 -58.46 2.61 66.03
N ALA E 51 -58.22 2.93 64.76
CA ALA E 51 -59.29 3.30 63.83
C ALA E 51 -60.21 2.11 63.56
N ALA E 52 -59.60 0.92 63.46
CA ALA E 52 -60.37 -0.31 63.38
C ALA E 52 -61.31 -0.46 64.58
N LYS E 53 -60.75 -0.32 65.78
CA LYS E 53 -61.53 -0.39 67.01
C LYS E 53 -62.69 0.60 67.01
N GLU E 54 -62.36 1.89 66.86
CA GLU E 54 -63.36 2.96 66.88
C GLU E 54 -64.49 2.71 65.89
N LEU E 55 -64.11 2.41 64.65
CA LEU E 55 -65.09 2.15 63.60
C LEU E 55 -65.99 0.96 63.92
N ALA E 56 -65.37 -0.13 64.40
CA ALA E 56 -66.11 -1.34 64.72
C ALA E 56 -67.06 -1.13 65.90
N LEU E 57 -66.71 -0.20 66.79
CA LEU E 57 -67.53 0.06 67.96
C LEU E 57 -68.66 1.04 67.69
N ILE E 58 -68.53 1.90 66.67
CA ILE E 58 -69.66 2.78 66.34
C ILE E 58 -70.58 2.21 65.27
N THR E 59 -70.00 1.57 64.25
CA THR E 59 -70.77 1.18 63.07
C THR E 59 -71.25 -0.27 63.10
N LEU E 60 -70.77 -1.03 64.08
CA LEU E 60 -71.19 -2.43 64.29
C LEU E 60 -71.01 -3.27 63.02
N GLN E 61 -69.87 -3.07 62.36
CA GLN E 61 -69.53 -3.78 61.13
C GLN E 61 -68.03 -3.65 60.87
N LYS E 62 -67.37 -4.76 60.52
CA LYS E 62 -65.92 -4.76 60.30
C LYS E 62 -65.52 -3.78 59.19
N PRO E 63 -64.37 -3.09 59.36
CA PRO E 63 -63.84 -2.13 58.38
C PRO E 63 -62.69 -2.66 57.50
N ILE E 64 -62.64 -2.22 56.25
CA ILE E 64 -61.63 -2.63 55.28
C ILE E 64 -60.49 -1.61 55.22
N ILE E 65 -59.26 -2.10 55.09
CA ILE E 65 -58.11 -1.21 54.97
C ILE E 65 -57.84 -0.92 53.49
N THR E 66 -58.33 0.22 53.00
CA THR E 66 -58.14 0.61 51.60
C THR E 66 -56.74 1.16 51.37
N LYS E 67 -55.90 0.37 50.71
CA LYS E 67 -54.47 0.64 50.60
C LYS E 67 -54.13 1.83 49.70
N ALA E 68 -52.83 2.08 49.54
CA ALA E 68 -52.34 3.14 48.70
C ALA E 68 -52.40 2.71 47.24
N LYS E 69 -52.97 3.55 46.39
CA LYS E 69 -53.14 3.26 44.96
C LYS E 69 -51.79 3.10 44.24
N LYS E 70 -50.72 3.05 45.03
CA LYS E 70 -49.34 2.85 44.58
C LYS E 70 -48.77 4.08 43.87
N SER E 71 -49.51 5.20 43.93
CA SER E 71 -49.01 6.48 43.46
C SER E 71 -48.00 7.02 44.48
N ILE E 72 -46.79 7.31 44.01
CA ILE E 72 -45.71 7.67 44.90
C ILE E 72 -45.12 9.03 44.49
N SER E 73 -45.83 10.11 44.84
CA SER E 73 -45.38 11.46 44.49
C SER E 73 -44.11 11.82 45.27
N ASN E 74 -43.58 13.01 45.00
CA ASN E 74 -42.34 13.49 45.61
C ASN E 74 -42.33 13.29 47.12
N PHE E 75 -43.41 13.73 47.79
CA PHE E 75 -43.50 13.66 49.24
C PHE E 75 -43.70 12.22 49.71
N LYS E 76 -44.20 12.04 50.93
CA LYS E 76 -44.32 10.69 51.47
C LYS E 76 -45.50 9.92 50.86
N LEU E 77 -45.18 9.00 49.94
CA LEU E 77 -46.13 8.07 49.33
C LEU E 77 -45.41 6.75 49.08
N ARG E 78 -46.12 5.71 48.67
CA ARG E 78 -45.47 4.43 48.36
C ARG E 78 -46.44 3.49 47.64
N GLN E 79 -46.08 2.21 47.54
CA GLN E 79 -46.86 1.23 46.78
C GLN E 79 -48.07 0.71 47.55
N GLY E 80 -47.96 -0.51 48.07
CA GLY E 80 -49.07 -1.18 48.73
C GLY E 80 -49.00 -1.15 50.24
N MET E 81 -49.52 -0.07 50.83
CA MET E 81 -49.52 0.10 52.28
C MET E 81 -50.77 0.86 52.72
N PRO E 82 -51.34 0.47 53.89
CA PRO E 82 -52.48 1.13 54.53
C PRO E 82 -52.43 2.66 54.52
N VAL E 83 -53.52 3.29 54.09
CA VAL E 83 -53.61 4.75 54.04
C VAL E 83 -55.03 5.24 54.35
N GLY E 84 -55.99 4.32 54.21
CA GLY E 84 -57.39 4.63 54.46
C GLY E 84 -58.18 3.44 54.97
N ILE E 85 -59.35 3.70 55.56
CA ILE E 85 -60.15 2.62 56.11
C ILE E 85 -61.63 2.80 55.75
N LYS E 86 -62.19 1.82 55.02
CA LYS E 86 -63.58 1.92 54.56
C LYS E 86 -64.50 0.92 55.27
N VAL E 87 -65.71 1.38 55.58
CA VAL E 87 -66.78 0.54 56.11
C VAL E 87 -68.08 0.87 55.39
N THR E 88 -68.53 0.02 54.47
CA THR E 88 -69.74 0.31 53.71
C THR E 88 -70.99 -0.22 54.40
N LEU E 89 -71.88 0.69 54.76
CA LEU E 89 -73.13 0.34 55.43
C LEU E 89 -74.32 0.57 54.51
N ARG E 90 -75.09 -0.49 54.27
CA ARG E 90 -76.33 -0.37 53.52
C ARG E 90 -77.43 -1.20 54.19
N GLY E 91 -78.69 -0.91 53.84
CA GLY E 91 -79.81 -1.67 54.35
C GLY E 91 -80.14 -1.49 55.83
N GLU E 92 -80.02 -2.57 56.59
CA GLU E 92 -80.41 -2.57 58.00
C GLU E 92 -79.48 -1.70 58.84
N ARG E 93 -78.22 -2.11 58.91
CA ARG E 93 -77.24 -1.45 59.76
C ARG E 93 -76.99 -0.01 59.30
N MET E 94 -77.27 0.27 58.02
CA MET E 94 -77.28 1.64 57.55
C MET E 94 -78.30 2.45 58.31
N TYR E 95 -79.53 1.95 58.33
CA TYR E 95 -80.63 2.63 58.98
C TYR E 95 -80.41 2.74 60.49
N VAL E 96 -79.80 1.70 61.07
CA VAL E 96 -79.48 1.68 62.50
C VAL E 96 -78.44 2.73 62.88
N PHE E 97 -77.34 2.77 62.14
CA PHE E 97 -76.27 3.73 62.38
C PHE E 97 -76.71 5.17 62.04
N LEU E 98 -77.51 5.32 60.99
CA LEU E 98 -78.01 6.62 60.58
C LEU E 98 -78.98 7.18 61.61
N GLU E 99 -79.87 6.33 62.14
CA GLU E 99 -80.74 6.76 63.22
C GLU E 99 -79.89 7.08 64.45
N LYS E 100 -78.86 6.27 64.73
CA LYS E 100 -77.88 6.62 65.79
C LYS E 100 -77.30 8.01 65.61
N LEU E 101 -77.17 8.41 64.35
CA LEU E 101 -76.56 9.68 64.01
C LEU E 101 -77.51 10.87 64.19
N ILE E 102 -78.71 10.82 63.60
CA ILE E 102 -79.62 11.94 63.76
C ILE E 102 -80.01 12.06 65.22
N ASN E 103 -80.04 10.91 65.88
CA ASN E 103 -80.47 10.83 67.29
C ASN E 103 -79.42 11.38 68.24
N ILE E 104 -78.20 10.87 68.15
CA ILE E 104 -77.19 11.15 69.16
C ILE E 104 -75.94 11.85 68.59
N GLY E 105 -75.86 11.94 67.26
CA GLY E 105 -74.66 12.46 66.61
C GLY E 105 -74.53 13.98 66.50
N LEU E 106 -75.11 14.54 65.43
CA LEU E 106 -75.10 16.00 65.20
C LEU E 106 -75.69 16.83 66.37
N PRO E 107 -76.71 16.31 67.07
CA PRO E 107 -77.08 16.97 68.34
C PRO E 107 -75.91 17.15 69.31
N ARG E 108 -75.22 16.05 69.63
CA ARG E 108 -74.09 16.10 70.55
C ARG E 108 -72.83 16.69 69.89
N ILE E 109 -73.02 17.46 68.82
CA ILE E 109 -71.90 18.09 68.15
C ILE E 109 -71.61 19.44 68.76
N ARG E 110 -70.37 19.57 69.22
CA ARG E 110 -69.80 20.81 69.73
C ARG E 110 -69.96 21.96 68.73
N ASP E 111 -70.75 22.98 69.11
CA ASP E 111 -71.03 24.16 68.28
C ASP E 111 -71.77 23.80 66.99
N PHE E 112 -72.95 23.20 67.11
CA PHE E 112 -73.65 22.71 65.92
C PHE E 112 -74.89 23.54 65.54
N ARG E 113 -75.00 23.89 64.27
CA ARG E 113 -76.15 24.67 63.78
C ARG E 113 -76.61 24.25 62.38
N GLY E 114 -76.30 23.02 61.98
CA GLY E 114 -76.70 22.50 60.69
C GLY E 114 -75.50 22.25 59.78
N ILE E 115 -75.74 21.70 58.58
CA ILE E 115 -74.66 21.45 57.62
C ILE E 115 -74.93 22.17 56.30
N ASN E 116 -73.95 22.09 55.40
CA ASN E 116 -73.99 22.85 54.16
C ASN E 116 -75.08 22.39 53.23
N PRO E 117 -76.04 23.29 52.94
CA PRO E 117 -77.16 23.01 52.03
C PRO E 117 -76.86 23.27 50.55
N ASN E 118 -75.72 23.89 50.24
CA ASN E 118 -75.33 24.10 48.85
C ASN E 118 -75.05 22.75 48.18
N ALA E 119 -75.47 22.63 46.92
CA ALA E 119 -75.54 21.36 46.18
C ALA E 119 -74.32 20.45 46.33
N PHE E 120 -74.57 19.14 46.25
CA PHE E 120 -73.49 18.16 46.34
C PHE E 120 -73.28 17.41 45.01
N ASP E 121 -73.58 16.12 45.00
CA ASP E 121 -73.56 15.35 43.75
C ASP E 121 -74.61 15.89 42.80
N GLY E 122 -74.21 16.85 41.97
CA GLY E 122 -75.09 17.45 40.98
C GLY E 122 -75.72 16.44 40.03
N ARG E 123 -75.22 15.20 40.09
CA ARG E 123 -75.86 14.06 39.43
C ARG E 123 -77.20 13.76 40.11
N GLY E 124 -77.25 14.07 41.41
CA GLY E 124 -78.48 13.96 42.17
C GLY E 124 -78.35 13.34 43.55
N ASN E 125 -77.12 13.16 44.01
CA ASN E 125 -76.91 12.52 45.29
C ASN E 125 -76.34 13.50 46.30
N TYR E 126 -75.76 12.97 47.38
CA TYR E 126 -75.33 13.81 48.47
C TYR E 126 -74.42 13.06 49.42
N ASN E 127 -73.29 13.68 49.78
CA ASN E 127 -72.25 13.06 50.59
C ASN E 127 -72.27 13.57 52.04
N LEU E 128 -71.29 14.43 52.35
CA LEU E 128 -71.09 15.13 53.64
C LEU E 128 -70.33 14.29 54.67
N GLY E 129 -69.10 14.71 54.95
CA GLY E 129 -68.13 13.89 55.65
C GLY E 129 -67.95 13.98 57.16
N ILE E 130 -68.12 15.18 57.74
CA ILE E 130 -68.11 15.37 59.20
C ILE E 130 -66.72 15.24 59.84
N LYS E 131 -66.36 16.20 60.68
CA LYS E 131 -65.03 16.27 61.30
C LYS E 131 -64.83 15.38 62.51
N GLU E 132 -64.66 16.06 63.64
CA GLU E 132 -64.38 15.54 64.98
C GLU E 132 -65.04 14.20 65.37
N GLN E 133 -64.43 13.52 66.34
CA GLN E 133 -64.96 12.26 66.90
C GLN E 133 -65.39 12.40 68.37
N LEU E 134 -65.08 13.54 68.98
CA LEU E 134 -65.45 13.81 70.37
C LEU E 134 -66.84 14.46 70.43
N ILE E 135 -67.79 13.86 69.69
CA ILE E 135 -69.16 14.37 69.55
C ILE E 135 -70.13 13.20 69.32
N PHE E 136 -69.94 12.12 70.06
CA PHE E 136 -70.53 10.84 69.67
C PHE E 136 -71.41 10.15 70.71
N PRO E 137 -72.26 9.21 70.24
CA PRO E 137 -73.03 8.27 71.07
C PRO E 137 -72.16 7.14 71.66
N GLU E 138 -71.22 6.63 70.86
CA GLU E 138 -70.46 5.46 71.26
C GLU E 138 -69.00 5.80 71.55
N ILE E 139 -68.43 6.76 70.82
CA ILE E 139 -67.03 7.16 71.01
C ILE E 139 -66.86 7.87 72.35
N THR E 140 -65.81 7.50 73.08
CA THR E 140 -65.45 8.19 74.31
C THR E 140 -63.96 8.53 74.28
N TYR E 141 -63.59 9.61 74.96
CA TYR E 141 -62.19 9.94 75.21
C TYR E 141 -61.70 9.11 76.40
N ASP E 142 -62.67 8.50 77.09
CA ASP E 142 -62.44 7.57 78.19
C ASP E 142 -62.41 6.12 77.68
N MET E 143 -61.94 5.94 76.45
CA MET E 143 -61.75 4.62 75.85
C MET E 143 -60.91 4.72 74.56
N VAL E 144 -60.12 5.79 74.45
CA VAL E 144 -59.21 5.98 73.31
C VAL E 144 -57.84 6.51 73.75
N ASP E 145 -57.11 7.09 72.79
CA ASP E 145 -55.75 7.60 73.01
C ASP E 145 -55.63 9.09 72.63
N LYS E 146 -55.54 9.35 71.32
CA LYS E 146 -55.42 10.69 70.76
C LYS E 146 -56.79 11.30 70.44
N THR E 147 -56.94 11.78 69.20
CA THR E 147 -58.18 12.42 68.73
C THR E 147 -58.20 12.46 67.20
N ARG E 148 -59.26 11.93 66.59
CA ARG E 148 -59.37 11.89 65.13
C ARG E 148 -60.71 12.42 64.55
N GLY E 149 -61.06 11.93 63.38
CA GLY E 149 -62.24 12.36 62.62
C GLY E 149 -62.41 11.54 61.36
N MET E 150 -63.56 11.62 60.70
CA MET E 150 -63.84 10.69 59.61
C MET E 150 -64.59 11.28 58.40
N ASP E 151 -65.11 10.40 57.54
CA ASP E 151 -65.78 10.79 56.30
C ASP E 151 -67.06 9.95 56.07
N ILE E 152 -68.11 10.60 55.56
CA ILE E 152 -69.41 9.93 55.43
C ILE E 152 -70.10 10.25 54.08
N THR E 153 -70.63 9.22 53.42
CA THR E 153 -71.15 9.40 52.06
C THR E 153 -72.43 8.60 51.77
N ILE E 154 -73.57 9.27 51.66
CA ILE E 154 -74.83 8.61 51.34
C ILE E 154 -75.13 8.65 49.85
N VAL E 155 -75.96 7.75 49.37
CA VAL E 155 -76.34 7.77 47.97
C VAL E 155 -77.86 7.84 47.79
N THR E 156 -78.39 9.06 47.72
CA THR E 156 -79.79 9.26 47.38
C THR E 156 -80.01 8.94 45.91
N THR E 157 -80.98 8.08 45.63
CA THR E 157 -81.19 7.70 44.25
C THR E 157 -81.99 8.76 43.49
N ALA E 158 -81.86 10.01 43.92
CA ALA E 158 -82.60 11.10 43.30
C ALA E 158 -82.14 11.36 41.87
N LYS E 159 -82.78 12.33 41.25
CA LYS E 159 -82.48 12.67 39.86
C LYS E 159 -81.87 14.07 39.76
N THR E 160 -82.21 14.93 40.71
CA THR E 160 -81.56 16.23 40.84
C THR E 160 -81.16 16.49 42.30
N ASP E 161 -80.87 17.76 42.60
CA ASP E 161 -80.43 18.15 43.93
C ASP E 161 -81.57 18.65 44.80
N GLU E 162 -82.62 19.19 44.19
CA GLU E 162 -83.78 19.61 44.95
C GLU E 162 -84.46 18.38 45.55
N GLU E 163 -84.50 17.28 44.79
CA GLU E 163 -85.19 16.05 45.18
C GLU E 163 -84.39 15.26 46.23
N ALA E 164 -83.08 15.22 46.02
CA ALA E 164 -82.14 14.73 47.03
C ALA E 164 -82.36 15.50 48.32
N ARG E 165 -82.09 16.81 48.26
CA ARG E 165 -82.33 17.77 49.35
C ARG E 165 -83.61 17.49 50.15
N ALA E 166 -84.74 17.45 49.45
CA ALA E 166 -86.04 17.13 50.04
C ALA E 166 -86.00 15.83 50.83
N LEU E 167 -85.60 14.75 50.16
CA LEU E 167 -85.46 13.45 50.83
C LEU E 167 -84.67 13.56 52.14
N LEU E 168 -83.46 14.09 52.02
CA LEU E 168 -82.57 14.28 53.16
C LEU E 168 -83.31 14.94 54.32
N GLN E 169 -83.78 16.17 54.09
CA GLN E 169 -84.41 16.96 55.15
C GLN E 169 -85.62 16.28 55.78
N SER E 170 -86.59 15.87 54.97
CA SER E 170 -87.81 15.27 55.53
C SER E 170 -87.51 13.91 56.16
N MET E 171 -86.31 13.39 55.93
CA MET E 171 -85.88 12.20 56.65
C MET E 171 -85.43 12.57 58.06
N GLY E 172 -85.38 13.87 58.33
CA GLY E 172 -84.86 14.36 59.60
C GLY E 172 -83.42 14.81 59.47
N LEU E 173 -83.23 16.05 59.03
CA LEU E 173 -81.89 16.56 58.78
C LEU E 173 -81.78 18.09 58.87
N PRO E 174 -80.74 18.59 59.57
CA PRO E 174 -80.41 20.01 59.79
C PRO E 174 -79.73 20.75 58.63
N PHE E 175 -80.41 21.74 58.05
CA PHE E 175 -79.83 22.60 57.01
C PHE E 175 -79.54 23.99 57.54
N ARG E 176 -78.28 24.33 57.76
CA ARG E 176 -77.99 25.63 58.35
C ARG E 176 -78.42 26.78 57.45
N LYS E 177 -79.56 27.38 57.81
CA LYS E 177 -79.97 28.66 57.26
C LYS E 177 -79.51 29.75 58.24
N GLY F 1 -42.89 58.27 -34.85
CA GLY F 1 -42.74 58.14 -36.29
C GLY F 1 -42.83 59.50 -36.96
N LYS F 2 -42.32 59.59 -38.19
CA LYS F 2 -42.20 60.89 -38.86
C LYS F 2 -42.13 60.82 -40.41
N GLN F 3 -42.79 61.79 -41.06
CA GLN F 3 -43.07 61.74 -42.49
C GLN F 3 -42.79 63.02 -43.31
N PRO F 4 -43.47 64.16 -43.01
CA PRO F 4 -43.47 65.27 -43.96
C PRO F 4 -42.07 65.79 -44.29
N ILE F 5 -41.83 66.26 -45.52
CA ILE F 5 -40.51 66.75 -45.90
C ILE F 5 -40.55 68.07 -46.68
N ALA F 6 -40.59 69.19 -45.98
CA ALA F 6 -40.64 70.52 -46.62
C ALA F 6 -39.35 70.86 -47.36
N VAL F 7 -39.31 70.50 -48.64
CA VAL F 7 -38.12 70.68 -49.48
C VAL F 7 -38.24 71.91 -50.38
N PRO F 8 -37.63 73.04 -49.96
CA PRO F 8 -37.71 74.28 -50.74
C PRO F 8 -37.17 74.14 -52.18
N SER F 9 -37.30 75.19 -52.98
CA SER F 9 -37.11 75.10 -54.44
C SER F 9 -35.66 74.90 -54.88
N GLY F 10 -34.70 75.34 -54.06
CA GLY F 10 -33.30 75.25 -54.42
C GLY F 10 -32.69 73.87 -54.30
N VAL F 11 -33.52 72.86 -54.03
CA VAL F 11 -33.04 71.48 -53.85
C VAL F 11 -33.22 70.66 -55.13
N THR F 12 -32.55 69.51 -55.17
CA THR F 12 -32.65 68.60 -56.31
C THR F 12 -32.25 67.20 -55.84
N VAL F 13 -33.16 66.53 -55.13
CA VAL F 13 -32.84 65.26 -54.50
C VAL F 13 -33.00 64.08 -55.48
N ASN F 14 -32.03 63.93 -56.36
CA ASN F 14 -31.98 62.83 -57.32
C ASN F 14 -31.95 61.48 -56.58
N ALA F 15 -33.12 61.01 -56.16
CA ALA F 15 -33.25 59.80 -55.35
C ALA F 15 -32.78 58.50 -56.05
N GLN F 16 -32.07 58.62 -57.18
CA GLN F 16 -31.58 57.46 -57.92
C GLN F 16 -30.77 56.50 -57.05
N ASP F 17 -31.01 55.20 -57.21
CA ASP F 17 -30.37 54.13 -56.43
C ASP F 17 -30.58 54.29 -54.93
N GLY F 18 -29.68 53.69 -54.15
CA GLY F 18 -29.63 53.91 -52.72
C GLY F 18 -28.84 55.15 -52.36
N VAL F 19 -28.35 55.84 -53.39
CA VAL F 19 -27.50 57.02 -53.25
C VAL F 19 -28.31 58.31 -53.32
N PHE F 20 -29.36 58.41 -52.50
CA PHE F 20 -30.35 59.50 -52.62
C PHE F 20 -29.73 60.89 -52.35
N LYS F 21 -28.90 61.32 -53.29
CA LYS F 21 -28.16 62.61 -53.29
C LYS F 21 -29.06 63.85 -53.21
N VAL F 22 -28.47 64.99 -52.83
CA VAL F 22 -29.12 66.30 -52.89
C VAL F 22 -28.09 67.31 -53.40
N LYS F 23 -28.47 68.20 -54.33
CA LYS F 23 -27.57 69.30 -54.74
C LYS F 23 -28.20 70.65 -54.37
N GLY F 24 -27.37 71.60 -53.90
CA GLY F 24 -27.91 72.81 -53.34
C GLY F 24 -27.22 74.13 -53.64
N PRO F 25 -27.79 75.23 -53.11
CA PRO F 25 -27.35 76.63 -53.28
C PRO F 25 -26.18 77.03 -52.37
N LYS F 26 -25.71 76.10 -51.55
CA LYS F 26 -24.54 76.32 -50.71
C LYS F 26 -23.41 75.37 -51.13
N GLY F 27 -23.78 74.34 -51.90
CA GLY F 27 -22.84 73.31 -52.34
C GLY F 27 -23.45 71.91 -52.31
N GLU F 28 -23.18 71.13 -53.36
CA GLU F 28 -23.75 69.79 -53.50
C GLU F 28 -23.32 68.82 -52.39
N LEU F 29 -24.21 67.90 -52.04
CA LEU F 29 -24.00 66.98 -50.92
C LEU F 29 -24.40 65.55 -51.32
N THR F 30 -23.72 64.55 -50.78
CA THR F 30 -24.10 63.16 -51.05
C THR F 30 -24.34 62.42 -49.74
N VAL F 31 -25.32 61.52 -49.75
CA VAL F 31 -25.79 60.86 -48.51
C VAL F 31 -26.35 59.47 -48.76
N PRO F 32 -25.79 58.47 -48.08
CA PRO F 32 -26.19 57.06 -48.20
C PRO F 32 -27.42 56.71 -47.38
N TYR F 33 -28.45 56.20 -48.04
CA TYR F 33 -29.64 55.69 -47.35
C TYR F 33 -29.83 54.23 -47.68
N ASN F 34 -30.52 53.52 -46.80
CA ASN F 34 -30.83 52.13 -47.08
C ASN F 34 -31.58 52.05 -48.40
N THR F 35 -31.28 51.02 -49.18
CA THR F 35 -31.99 50.83 -50.44
C THR F 35 -33.37 50.25 -50.13
N GLU F 36 -33.40 49.28 -49.21
CA GLU F 36 -34.62 48.54 -48.89
C GLU F 36 -35.55 49.31 -47.97
N LEU F 37 -35.58 50.64 -48.15
CA LEU F 37 -36.45 51.50 -47.36
C LEU F 37 -37.31 52.38 -48.26
N THR F 38 -36.78 52.70 -49.45
CA THR F 38 -37.51 53.37 -50.52
C THR F 38 -37.99 54.78 -50.15
N VAL F 39 -37.43 55.77 -50.82
CA VAL F 39 -37.70 57.17 -50.54
C VAL F 39 -37.74 58.00 -51.83
N ARG F 40 -38.73 58.89 -51.96
CA ARG F 40 -38.81 59.74 -53.15
C ARG F 40 -39.74 60.92 -52.94
N GLN F 41 -39.77 61.82 -53.92
CA GLN F 41 -40.68 62.98 -53.92
C GLN F 41 -41.99 62.68 -54.65
N ASP F 42 -43.11 62.92 -53.97
CA ASP F 42 -44.42 62.64 -54.56
C ASP F 42 -45.29 63.90 -54.58
N GLY F 43 -44.74 64.98 -55.12
CA GLY F 43 -45.44 66.25 -55.17
C GLY F 43 -44.50 67.42 -54.97
N ASP F 44 -44.97 68.45 -54.26
CA ASP F 44 -44.11 69.58 -53.89
C ASP F 44 -43.07 69.09 -52.87
N GLN F 45 -43.52 68.20 -51.99
CA GLN F 45 -42.71 67.71 -50.88
C GLN F 45 -42.11 66.32 -51.16
N LEU F 46 -41.51 65.72 -50.14
CA LEU F 46 -40.84 64.43 -50.27
C LEU F 46 -41.31 63.45 -49.18
N LEU F 47 -41.01 62.16 -49.34
CA LEU F 47 -41.47 61.16 -48.38
C LEU F 47 -40.65 59.86 -48.37
N VAL F 48 -40.55 59.28 -47.16
CA VAL F 48 -39.85 58.03 -46.91
C VAL F 48 -40.75 57.08 -46.13
N GLU F 49 -41.40 56.16 -46.83
CA GLU F 49 -42.21 55.13 -46.20
C GLU F 49 -41.31 53.97 -45.80
N ARG F 50 -41.87 52.77 -45.75
CA ARG F 50 -41.10 51.57 -45.43
C ARG F 50 -41.87 50.29 -45.69
N PRO F 51 -41.15 49.17 -45.90
CA PRO F 51 -41.81 47.87 -46.05
C PRO F 51 -42.45 47.39 -44.74
N SER F 52 -41.82 46.41 -44.09
CA SER F 52 -42.34 45.83 -42.85
C SER F 52 -42.54 46.87 -41.76
N ASP F 53 -43.44 46.58 -40.83
CA ASP F 53 -43.62 47.45 -39.68
C ASP F 53 -43.20 46.73 -38.42
N ALA F 54 -42.06 46.05 -38.49
CA ALA F 54 -41.52 45.36 -37.34
C ALA F 54 -40.91 46.35 -36.34
N GLN F 55 -39.66 46.11 -35.96
CA GLN F 55 -38.95 47.04 -35.10
C GLN F 55 -37.83 47.68 -35.90
N LYS F 56 -37.00 46.84 -36.51
CA LYS F 56 -35.80 47.29 -37.21
C LYS F 56 -36.11 48.26 -38.35
N HIS F 57 -37.23 48.00 -39.02
CA HIS F 57 -37.69 48.87 -40.11
C HIS F 57 -38.08 50.24 -39.54
N ARG F 58 -38.75 50.23 -38.38
CA ARG F 58 -39.09 51.45 -37.64
C ARG F 58 -37.85 52.18 -37.11
N ALA F 59 -36.69 51.52 -37.18
CA ALA F 59 -35.44 52.09 -36.69
C ALA F 59 -34.66 52.76 -37.81
N LEU F 60 -34.47 52.07 -38.93
CA LEU F 60 -33.76 52.72 -40.04
C LEU F 60 -34.69 53.74 -40.71
N HIS F 61 -35.98 53.65 -40.41
CA HIS F 61 -36.98 54.66 -40.79
C HIS F 61 -36.55 56.08 -40.37
N GLY F 62 -36.89 56.43 -39.14
CA GLY F 62 -36.66 57.76 -38.58
C GLY F 62 -35.24 58.25 -38.77
N LEU F 63 -34.31 57.33 -38.62
CA LEU F 63 -32.93 57.58 -38.96
C LEU F 63 -32.87 58.19 -40.36
N THR F 64 -33.26 57.39 -41.35
CA THR F 64 -33.10 57.79 -42.75
C THR F 64 -33.77 59.14 -42.99
N ARG F 65 -35.01 59.29 -42.52
CA ARG F 65 -35.73 60.54 -42.75
C ARG F 65 -35.02 61.76 -42.16
N THR F 66 -34.76 61.74 -40.85
CA THR F 66 -34.09 62.87 -40.18
C THR F 66 -32.78 63.19 -40.89
N LEU F 67 -32.16 62.18 -41.50
CA LEU F 67 -30.93 62.43 -42.25
C LEU F 67 -31.16 63.20 -43.55
N VAL F 68 -32.16 62.80 -44.35
CA VAL F 68 -32.45 63.59 -45.56
C VAL F 68 -32.83 65.01 -45.15
N ALA F 69 -33.52 65.13 -44.02
CA ALA F 69 -33.95 66.41 -43.49
C ALA F 69 -32.74 67.29 -43.19
N ASN F 70 -31.74 66.69 -42.55
CA ASN F 70 -30.52 67.39 -42.24
C ASN F 70 -29.84 67.85 -43.51
N ALA F 71 -29.81 66.98 -44.53
CA ALA F 71 -29.25 67.34 -45.83
C ALA F 71 -29.99 68.54 -46.45
N VAL F 72 -31.31 68.54 -46.27
CA VAL F 72 -32.21 69.57 -46.78
C VAL F 72 -31.93 70.94 -46.14
N LYS F 73 -32.06 71.03 -44.82
CA LYS F 73 -31.74 72.28 -44.12
C LYS F 73 -30.28 72.61 -44.37
N GLY F 74 -29.53 71.59 -44.77
CA GLY F 74 -28.10 71.68 -45.02
C GLY F 74 -27.73 72.53 -46.22
N VAL F 75 -28.20 72.13 -47.40
CA VAL F 75 -27.91 72.92 -48.60
C VAL F 75 -28.75 74.20 -48.60
N SER F 76 -29.75 74.23 -47.72
CA SER F 76 -30.66 75.36 -47.59
C SER F 76 -30.10 76.46 -46.68
N ASP F 77 -30.62 76.54 -45.45
CA ASP F 77 -30.27 77.61 -44.52
C ASP F 77 -28.80 77.57 -44.11
N GLY F 78 -28.15 76.43 -44.32
CA GLY F 78 -26.77 76.23 -43.90
C GLY F 78 -26.66 76.02 -42.39
N TYR F 79 -25.60 75.31 -41.98
CA TYR F 79 -25.46 75.02 -40.55
C TYR F 79 -24.33 75.79 -39.88
N THR F 80 -24.52 76.01 -38.58
CA THR F 80 -23.64 76.88 -37.80
C THR F 80 -23.72 76.53 -36.31
N ILE F 81 -22.58 76.52 -35.62
CA ILE F 81 -22.57 76.31 -34.16
C ILE F 81 -21.84 77.44 -33.44
N ASN F 82 -22.39 77.84 -32.29
CA ASN F 82 -21.82 78.90 -31.46
C ASN F 82 -21.14 78.36 -30.19
N LEU F 83 -19.98 78.92 -29.88
CA LEU F 83 -19.15 78.50 -28.74
C LEU F 83 -18.63 79.68 -27.93
N GLU F 84 -18.64 79.53 -26.62
CA GLU F 84 -18.10 80.53 -25.72
C GLU F 84 -16.83 80.02 -25.08
N LEU F 85 -15.78 80.83 -25.14
CA LEU F 85 -14.60 80.65 -24.29
C LEU F 85 -14.89 81.34 -22.95
N ARG F 86 -14.46 80.74 -21.85
CA ARG F 86 -14.67 81.38 -20.56
C ARG F 86 -13.61 80.96 -19.55
N GLY F 87 -13.14 81.91 -18.74
CA GLY F 87 -12.09 81.66 -17.77
C GLY F 87 -10.96 82.68 -17.83
N VAL F 88 -10.23 82.82 -16.72
CA VAL F 88 -9.16 83.81 -16.56
C VAL F 88 -8.32 83.96 -17.82
N GLY F 89 -8.71 84.94 -18.64
CA GLY F 89 -7.96 85.28 -19.84
C GLY F 89 -7.66 84.17 -20.84
N PHE F 90 -8.69 83.48 -21.31
CA PHE F 90 -8.52 82.58 -22.44
C PHE F 90 -8.86 83.37 -23.69
N ARG F 91 -8.49 82.88 -24.87
CA ARG F 91 -8.73 83.62 -26.10
C ARG F 91 -8.34 82.84 -27.36
N ALA F 92 -8.96 83.19 -28.48
CA ALA F 92 -8.64 82.55 -29.76
C ALA F 92 -8.59 83.56 -30.90
N LYS F 93 -7.99 83.14 -32.02
CA LYS F 93 -7.78 84.00 -33.17
C LYS F 93 -7.83 83.18 -34.47
N LEU F 94 -7.16 83.67 -35.52
CA LEU F 94 -7.23 82.99 -36.80
C LEU F 94 -5.88 82.98 -37.53
N THR F 95 -5.48 81.81 -38.01
CA THR F 95 -4.29 81.66 -38.87
C THR F 95 -4.71 81.14 -40.24
N GLY F 96 -4.83 82.05 -41.20
CA GLY F 96 -5.48 81.76 -42.46
C GLY F 96 -6.86 81.16 -42.20
N LYS F 97 -6.87 79.86 -41.97
CA LYS F 97 -8.10 79.17 -41.60
C LYS F 97 -8.01 78.64 -40.18
N ALA F 98 -6.80 78.36 -39.71
CA ALA F 98 -6.59 77.73 -38.41
C ALA F 98 -7.15 78.51 -37.21
N LEU F 99 -7.65 77.77 -36.22
CA LEU F 99 -8.12 78.36 -34.97
C LEU F 99 -6.96 78.45 -33.97
N GLU F 100 -6.88 79.56 -33.24
CA GLU F 100 -5.71 79.81 -32.38
C GLU F 100 -6.04 79.73 -30.87
N MET F 101 -6.29 78.52 -30.38
CA MET F 101 -6.72 78.36 -28.99
C MET F 101 -5.62 78.62 -27.97
N ASN F 102 -5.85 79.57 -27.06
CA ASN F 102 -4.88 79.90 -26.01
C ASN F 102 -5.39 79.57 -24.59
N ILE F 103 -5.89 78.36 -24.43
CA ILE F 103 -6.65 77.93 -23.24
C ILE F 103 -5.83 77.56 -22.01
N GLY F 104 -4.81 78.36 -21.69
CA GLY F 104 -4.06 78.13 -20.47
C GLY F 104 -3.30 76.81 -20.38
N TYR F 105 -2.94 76.25 -21.53
CA TYR F 105 -1.99 75.16 -21.59
C TYR F 105 -0.67 75.77 -21.97
N SER F 106 0.37 75.54 -21.15
CA SER F 106 1.73 76.02 -21.40
C SER F 106 1.98 76.34 -22.86
N HIS F 107 1.63 75.41 -23.74
CA HIS F 107 1.76 75.65 -25.17
C HIS F 107 0.40 75.39 -25.89
N PRO F 108 -0.12 76.45 -26.53
CA PRO F 108 -1.38 76.63 -27.26
C PRO F 108 -1.80 75.49 -28.18
N VAL F 109 -3.07 75.52 -28.60
CA VAL F 109 -3.64 74.50 -29.47
C VAL F 109 -4.21 75.15 -30.71
N ILE F 110 -3.56 74.94 -31.84
CA ILE F 110 -4.14 75.33 -33.10
C ILE F 110 -5.13 74.25 -33.52
N ILE F 111 -6.15 74.59 -34.31
CA ILE F 111 -6.94 73.54 -34.93
C ILE F 111 -7.20 73.84 -36.41
N GLU F 112 -6.85 72.85 -37.24
CA GLU F 112 -7.11 72.89 -38.68
C GLU F 112 -8.54 72.41 -38.96
N PRO F 113 -9.27 73.16 -39.81
CA PRO F 113 -10.62 72.75 -40.19
C PRO F 113 -10.67 71.83 -41.41
N PRO F 114 -11.19 70.61 -41.25
CA PRO F 114 -11.59 69.80 -42.41
C PRO F 114 -12.45 70.58 -43.41
N ALA F 115 -12.38 70.17 -44.68
CA ALA F 115 -13.03 70.88 -45.79
C ALA F 115 -14.57 70.87 -45.69
N GLY F 116 -15.17 72.01 -46.04
CA GLY F 116 -16.61 72.20 -45.95
C GLY F 116 -16.99 72.98 -44.71
N VAL F 117 -15.98 73.27 -43.91
CA VAL F 117 -16.17 73.94 -42.62
C VAL F 117 -15.34 75.22 -42.58
N THR F 118 -15.85 76.19 -41.83
CA THR F 118 -15.18 77.48 -41.64
C THR F 118 -15.29 77.96 -40.19
N PHE F 119 -14.15 78.36 -39.64
CA PHE F 119 -14.04 78.95 -38.31
C PHE F 119 -14.34 80.45 -38.35
N ALA F 120 -14.80 80.99 -37.23
CA ALA F 120 -15.11 82.41 -37.13
C ALA F 120 -14.85 82.92 -35.72
N VAL F 121 -14.21 84.07 -35.61
CA VAL F 121 -14.03 84.67 -34.30
C VAL F 121 -14.41 86.13 -34.35
N PRO F 122 -15.60 86.47 -33.81
CA PRO F 122 -15.99 87.86 -33.60
C PRO F 122 -15.12 88.48 -32.50
N GLU F 123 -15.73 88.73 -31.34
CA GLU F 123 -14.96 89.04 -30.14
C GLU F 123 -14.06 87.84 -29.85
N PRO F 124 -12.85 88.10 -29.34
CA PRO F 124 -11.84 87.05 -29.25
C PRO F 124 -12.17 85.92 -28.28
N THR F 125 -13.34 85.95 -27.65
CA THR F 125 -13.69 84.93 -26.67
C THR F 125 -14.91 84.12 -27.09
N ARG F 126 -15.30 84.28 -28.35
CA ARG F 126 -16.42 83.54 -28.91
C ARG F 126 -16.08 82.98 -30.30
N ILE F 127 -16.44 81.71 -30.55
CA ILE F 127 -16.08 81.03 -31.80
C ILE F 127 -17.28 80.42 -32.52
N ASP F 128 -17.26 80.49 -33.84
CA ASP F 128 -18.34 79.95 -34.65
C ASP F 128 -17.82 78.92 -35.65
N VAL F 129 -18.42 77.73 -35.65
CA VAL F 129 -18.02 76.68 -36.59
C VAL F 129 -19.17 76.44 -37.56
N SER F 130 -18.97 76.84 -38.82
CA SER F 130 -20.09 76.86 -39.76
C SER F 130 -19.78 76.12 -41.06
N GLY F 131 -20.84 75.79 -41.80
CA GLY F 131 -20.67 75.10 -43.07
C GLY F 131 -21.87 74.35 -43.63
N ILE F 132 -21.56 73.46 -44.57
CA ILE F 132 -22.52 72.70 -45.37
C ILE F 132 -23.21 71.63 -44.53
N ASP F 133 -22.54 70.49 -44.35
CA ASP F 133 -23.07 69.36 -43.58
C ASP F 133 -23.20 69.67 -42.08
N LYS F 134 -24.21 69.07 -41.45
CA LYS F 134 -24.48 69.24 -40.02
C LYS F 134 -23.69 68.23 -39.18
N GLN F 135 -23.66 66.99 -39.66
CA GLN F 135 -22.94 65.92 -38.98
C GLN F 135 -21.51 66.32 -38.66
N LEU F 136 -20.76 66.76 -39.68
CA LEU F 136 -19.34 67.14 -39.54
C LEU F 136 -19.11 68.32 -38.60
N VAL F 137 -19.92 69.36 -38.76
CA VAL F 137 -19.80 70.53 -37.90
C VAL F 137 -19.97 70.05 -36.47
N GLY F 138 -20.91 69.14 -36.27
CA GLY F 138 -21.07 68.51 -34.98
C GLY F 138 -19.78 67.84 -34.56
N GLN F 139 -19.27 67.01 -35.47
CA GLN F 139 -18.12 66.12 -35.23
C GLN F 139 -16.78 66.86 -35.03
N VAL F 140 -16.79 68.19 -35.27
CA VAL F 140 -15.59 69.04 -35.21
C VAL F 140 -15.65 70.04 -34.06
N ALA F 141 -16.75 70.75 -33.98
CA ALA F 141 -16.99 71.62 -32.84
C ALA F 141 -16.87 70.76 -31.59
N ALA F 142 -17.22 69.48 -31.74
CA ALA F 142 -16.94 68.49 -30.71
C ALA F 142 -15.50 68.59 -30.24
N ASN F 143 -14.57 68.54 -31.20
CA ASN F 143 -13.14 68.60 -30.90
C ASN F 143 -12.79 69.92 -30.21
N VAL F 144 -13.27 71.02 -30.80
CA VAL F 144 -12.99 72.36 -30.26
C VAL F 144 -13.39 72.48 -28.80
N ARG F 145 -14.53 71.88 -28.46
CA ARG F 145 -15.04 71.89 -27.10
C ARG F 145 -14.16 71.03 -26.21
N LYS F 146 -13.87 69.83 -26.67
CA LYS F 146 -13.16 68.88 -25.84
C LYS F 146 -11.71 69.29 -25.59
N VAL F 147 -11.22 70.30 -26.33
CA VAL F 147 -9.90 70.89 -26.03
C VAL F 147 -9.80 71.28 -24.55
N ARG F 148 -10.92 71.66 -23.97
CA ARG F 148 -11.02 71.85 -22.53
C ARG F 148 -12.49 71.82 -22.10
N LYS F 149 -12.95 70.67 -21.62
CA LYS F 149 -14.27 70.61 -21.05
C LYS F 149 -14.37 71.56 -19.87
N PRO F 150 -15.47 72.34 -19.81
CA PRO F 150 -15.83 73.15 -18.64
C PRO F 150 -15.66 72.32 -17.37
N ASP F 151 -14.81 72.78 -16.46
CA ASP F 151 -14.54 71.97 -15.28
C ASP F 151 -15.68 72.11 -14.31
N ALA F 152 -15.70 71.24 -13.31
CA ALA F 152 -16.87 71.16 -12.43
C ALA F 152 -16.79 72.14 -11.27
N TYR F 153 -15.76 72.97 -11.22
CA TYR F 153 -15.65 73.84 -10.07
C TYR F 153 -15.80 75.32 -10.40
N HIS F 154 -15.55 75.68 -11.67
CA HIS F 154 -15.55 77.08 -12.03
C HIS F 154 -15.94 77.31 -13.48
N GLY F 155 -16.54 76.31 -14.11
CA GLY F 155 -17.08 76.48 -15.45
C GLY F 155 -16.13 76.93 -16.55
N LYS F 156 -14.83 76.98 -16.22
CA LYS F 156 -13.79 77.37 -17.16
C LYS F 156 -13.70 76.39 -18.33
N GLY F 157 -13.72 76.94 -19.54
CA GLY F 157 -13.49 76.13 -20.71
C GLY F 157 -14.21 76.61 -21.97
N VAL F 158 -14.60 75.64 -22.78
CA VAL F 158 -15.38 75.89 -23.98
C VAL F 158 -16.78 75.34 -23.80
N ARG F 159 -17.80 76.17 -24.01
CA ARG F 159 -19.18 75.74 -23.88
C ARG F 159 -20.06 76.24 -25.03
N PHE F 160 -21.32 75.81 -25.04
CA PHE F 160 -22.30 76.30 -26.01
C PHE F 160 -22.93 77.59 -25.52
N VAL F 161 -22.89 78.62 -26.36
CA VAL F 161 -23.28 80.00 -26.01
C VAL F 161 -24.23 80.21 -24.81
N GLY F 162 -25.24 79.35 -24.67
CA GLY F 162 -26.16 79.47 -23.53
C GLY F 162 -26.23 78.25 -22.62
N GLU F 163 -25.09 77.58 -22.47
CA GLU F 163 -25.05 76.32 -21.70
C GLU F 163 -25.08 76.60 -20.21
N GLN F 164 -25.91 75.81 -19.52
CA GLN F 164 -26.04 75.94 -18.08
C GLN F 164 -25.12 74.95 -17.37
N ILE F 165 -23.82 75.18 -17.42
CA ILE F 165 -22.92 74.29 -16.70
C ILE F 165 -23.18 74.43 -15.21
N ALA F 166 -23.42 73.28 -14.56
CA ALA F 166 -23.60 73.22 -13.11
C ALA F 166 -22.26 73.36 -12.39
N LEU F 167 -22.22 74.09 -11.30
CA LEU F 167 -20.96 74.35 -10.58
C LEU F 167 -20.98 73.72 -9.20
N LYS F 168 -20.01 72.87 -8.93
CA LYS F 168 -20.09 71.98 -7.77
C LYS F 168 -19.72 72.65 -6.46
N ALA F 169 -18.93 73.71 -6.54
CA ALA F 169 -18.44 74.43 -5.35
C ALA F 169 -17.56 73.56 -4.46
N GLY F 170 -16.29 73.99 -4.34
CA GLY F 170 -15.26 73.20 -3.69
C GLY F 170 -15.21 73.29 -2.18
N LYS F 171 -14.14 73.89 -1.67
CA LYS F 171 -13.99 74.08 -0.23
C LYS F 171 -15.19 74.82 0.38
N MET G 1 -25.49 98.36 0.24
CA MET G 1 -24.18 98.44 -0.38
C MET G 1 -24.30 98.40 -1.91
N ARG G 2 -25.49 98.08 -2.40
CA ARG G 2 -25.71 97.95 -3.85
C ARG G 2 -27.20 98.05 -4.21
N ARG G 3 -27.52 97.61 -5.43
CA ARG G 3 -28.89 97.58 -5.92
C ARG G 3 -29.23 96.18 -6.49
N VAL G 4 -29.39 95.21 -5.60
CA VAL G 4 -29.86 93.88 -5.96
C VAL G 4 -31.07 93.56 -5.07
N ALA G 5 -32.26 93.98 -5.51
CA ALA G 5 -33.47 93.95 -4.70
C ALA G 5 -33.93 92.54 -4.31
N GLY G 6 -34.88 92.45 -3.37
CA GLY G 6 -35.36 91.16 -2.93
C GLY G 6 -36.62 91.15 -2.06
N ILE G 7 -37.51 90.20 -2.34
CA ILE G 7 -38.76 90.02 -1.59
C ILE G 7 -38.61 88.84 -0.61
N VAL G 8 -38.30 89.14 0.65
CA VAL G 8 -37.99 88.09 1.62
C VAL G 8 -39.12 87.88 2.63
N LYS G 9 -39.53 86.62 2.81
CA LYS G 9 -40.56 86.27 3.79
C LYS G 9 -39.97 85.54 4.99
N LEU G 10 -40.41 85.93 6.18
CA LEU G 10 -39.86 85.41 7.43
C LEU G 10 -40.93 85.36 8.54
N GLN G 11 -40.47 85.34 9.79
CA GLN G 11 -41.36 85.38 10.96
C GLN G 11 -40.55 85.67 12.23
N LEU G 12 -41.00 86.64 13.02
CA LEU G 12 -40.30 87.04 14.25
C LEU G 12 -41.27 87.24 15.42
N PRO G 13 -40.86 86.83 16.64
CA PRO G 13 -41.63 87.13 17.86
C PRO G 13 -41.83 88.64 18.03
N ALA G 14 -43.05 89.02 18.40
CA ALA G 14 -43.45 90.43 18.46
C ALA G 14 -42.64 91.24 19.48
N GLY G 15 -42.90 91.01 20.76
CA GLY G 15 -42.30 91.81 21.82
C GLY G 15 -40.93 91.39 22.32
N LYS G 16 -39.97 91.26 21.42
CA LYS G 16 -38.58 90.98 21.79
C LYS G 16 -37.62 91.74 20.88
N ALA G 17 -36.41 92.00 21.37
CA ALA G 17 -35.33 92.57 20.55
C ALA G 17 -34.39 91.45 20.09
N THR G 18 -34.56 91.01 18.85
CA THR G 18 -33.90 89.80 18.33
C THR G 18 -32.36 89.90 18.30
N PRO G 19 -31.69 88.81 18.68
CA PRO G 19 -30.22 88.68 18.63
C PRO G 19 -29.68 88.10 17.32
N ALA G 20 -28.71 87.20 17.44
CA ALA G 20 -28.06 86.57 16.29
C ALA G 20 -28.88 85.42 15.66
N PRO G 21 -29.58 84.60 16.50
CA PRO G 21 -30.38 83.55 15.84
C PRO G 21 -31.55 84.01 14.93
N PRO G 22 -32.36 85.03 15.32
CA PRO G 22 -33.39 85.42 14.36
C PRO G 22 -32.86 86.24 13.17
N VAL G 23 -32.80 87.57 13.30
CA VAL G 23 -32.34 88.44 12.21
C VAL G 23 -30.82 88.34 12.05
N GLY G 24 -30.09 89.38 12.46
CA GLY G 24 -28.66 89.44 12.24
C GLY G 24 -28.31 89.48 10.76
N PRO G 25 -27.77 88.36 10.24
CA PRO G 25 -27.44 88.14 8.82
C PRO G 25 -28.44 87.28 8.03
N ALA G 26 -29.75 87.48 8.24
CA ALA G 26 -30.77 86.73 7.51
C ALA G 26 -31.45 87.62 6.46
N LEU G 27 -31.61 88.90 6.80
CA LEU G 27 -32.20 89.87 5.88
C LEU G 27 -31.42 91.20 5.91
N GLY G 28 -30.40 91.26 6.77
CA GLY G 28 -29.48 92.39 6.78
C GLY G 28 -28.36 92.17 5.78
N GLN G 29 -28.54 91.16 4.92
CA GLN G 29 -27.58 90.81 3.89
C GLN G 29 -28.10 91.15 2.48
N TYR G 30 -29.24 91.82 2.42
CA TYR G 30 -29.80 92.32 1.15
C TYR G 30 -29.67 93.86 1.10
N GLY G 31 -29.61 94.49 2.27
CA GLY G 31 -29.37 95.93 2.38
C GLY G 31 -30.47 96.74 3.04
N ALA G 32 -30.58 96.66 4.36
CA ALA G 32 -31.63 97.38 5.10
C ALA G 32 -31.21 97.70 6.53
N ASN G 33 -31.81 98.75 7.11
CA ASN G 33 -31.44 99.24 8.45
C ASN G 33 -32.07 98.41 9.57
N ILE G 34 -31.23 98.04 10.55
CA ILE G 34 -31.63 97.21 11.68
C ILE G 34 -31.77 98.07 12.94
N MET G 35 -31.26 99.30 12.87
CA MET G 35 -31.33 100.26 13.99
C MET G 35 -32.71 100.93 14.07
N GLU G 36 -33.41 100.95 12.94
CA GLU G 36 -34.74 101.56 12.83
C GLU G 36 -35.79 100.51 12.49
N PHE G 37 -35.60 99.30 13.02
CA PHE G 37 -36.59 98.22 12.97
C PHE G 37 -36.73 97.65 14.38
N THR G 38 -35.81 98.06 15.25
CA THR G 38 -35.91 97.79 16.69
C THR G 38 -36.62 98.99 17.36
N LYS G 39 -36.92 100.00 16.55
CA LYS G 39 -37.70 101.16 16.97
C LYS G 39 -38.90 101.36 16.05
N ALA G 40 -39.06 100.44 15.09
CA ALA G 40 -40.17 100.47 14.14
C ALA G 40 -41.18 99.35 14.41
N PHE G 41 -40.78 98.10 14.19
CA PHE G 41 -41.69 96.97 14.40
C PHE G 41 -41.95 96.69 15.88
N ASN G 42 -40.93 96.87 16.72
CA ASN G 42 -41.05 96.60 18.16
C ASN G 42 -41.94 97.61 18.88
N ALA G 43 -42.47 98.58 18.13
CA ALA G 43 -43.36 99.60 18.68
C ALA G 43 -44.80 99.37 18.23
N GLN G 44 -44.97 98.45 17.27
CA GLN G 44 -46.29 98.03 16.82
C GLN G 44 -46.64 96.66 17.39
N THR G 45 -45.80 96.18 18.30
CA THR G 45 -46.08 94.98 19.08
C THR G 45 -46.63 95.42 20.44
N ALA G 46 -46.72 96.73 20.61
CA ALA G 46 -47.44 97.32 21.72
C ALA G 46 -48.94 97.37 21.37
N ASP G 47 -49.22 97.21 20.07
CA ASP G 47 -50.59 97.05 19.58
C ASP G 47 -51.15 95.72 20.12
N LYS G 48 -50.95 94.64 19.36
CA LYS G 48 -51.36 93.30 19.80
C LYS G 48 -50.21 92.60 20.52
N GLY G 49 -50.40 92.30 21.81
CA GLY G 49 -49.32 91.83 22.66
C GLY G 49 -49.28 90.35 23.00
N ASP G 50 -48.07 89.79 23.00
CA ASP G 50 -47.76 88.39 23.37
C ASP G 50 -48.14 87.35 22.31
N ALA G 51 -47.42 87.35 21.19
CA ALA G 51 -47.59 86.35 20.13
C ALA G 51 -46.46 86.45 19.10
N ILE G 52 -46.48 85.58 18.09
CA ILE G 52 -45.47 85.61 17.03
C ILE G 52 -46.08 86.11 15.71
N ILE G 53 -46.35 87.42 15.67
CA ILE G 53 -46.96 88.05 14.50
C ILE G 53 -45.99 88.01 13.30
N PRO G 54 -46.39 87.31 12.22
CA PRO G 54 -45.58 87.16 11.00
C PRO G 54 -45.33 88.47 10.24
N VAL G 55 -44.10 88.65 9.76
CA VAL G 55 -43.70 89.86 9.05
C VAL G 55 -43.18 89.50 7.64
N GLU G 56 -43.47 90.34 6.65
CA GLU G 56 -42.87 90.15 5.32
C GLU G 56 -42.03 91.39 4.97
N ILE G 57 -40.78 91.18 4.60
CA ILE G 57 -39.86 92.29 4.39
C ILE G 57 -39.31 92.35 2.96
N THR G 58 -39.61 93.46 2.28
CA THR G 58 -39.12 93.72 0.93
C THR G 58 -38.02 94.77 0.97
N ILE G 59 -36.89 94.46 0.34
CA ILE G 59 -35.72 95.33 0.35
C ILE G 59 -35.41 95.83 -1.05
N TYR G 60 -35.37 97.15 -1.21
CA TYR G 60 -35.08 97.79 -2.50
C TYR G 60 -33.59 97.80 -2.78
N ALA G 61 -32.87 98.58 -1.98
CA ALA G 61 -31.41 98.74 -2.09
C ALA G 61 -30.92 99.65 -0.97
N ASP G 62 -29.68 100.14 -1.13
CA ASP G 62 -29.09 101.19 -0.28
C ASP G 62 -29.35 101.01 1.22
N ARG G 63 -30.24 101.85 1.76
CA ARG G 63 -30.66 101.77 3.16
C ARG G 63 -32.19 101.70 3.25
N SER G 64 -32.81 101.07 2.26
CA SER G 64 -34.28 101.03 2.14
C SER G 64 -34.88 99.67 2.52
N PHE G 65 -36.06 99.71 3.12
CA PHE G 65 -36.80 98.52 3.50
C PHE G 65 -38.29 98.86 3.70
N THR G 66 -39.17 97.94 3.31
CA THR G 66 -40.60 98.10 3.58
C THR G 66 -41.20 96.77 4.05
N PHE G 67 -41.94 96.82 5.16
CA PHE G 67 -42.45 95.60 5.79
C PHE G 67 -43.97 95.59 5.99
N ILE G 68 -44.54 94.38 6.06
CA ILE G 68 -45.96 94.20 6.37
C ILE G 68 -46.09 93.32 7.62
N THR G 69 -46.85 93.81 8.61
CA THR G 69 -47.09 93.08 9.85
C THR G 69 -48.49 92.49 9.88
N LYS G 70 -48.59 91.16 9.92
CA LYS G 70 -49.87 90.46 9.79
C LYS G 70 -50.57 90.20 11.13
N THR G 71 -50.94 88.94 11.38
CA THR G 71 -51.79 88.59 12.52
C THR G 71 -51.15 87.57 13.47
N PRO G 72 -51.30 87.80 14.79
CA PRO G 72 -50.77 86.91 15.82
C PRO G 72 -51.41 85.53 15.78
N PRO G 73 -50.59 84.47 15.67
CA PRO G 73 -51.16 83.11 15.71
C PRO G 73 -51.72 82.83 17.09
N MET G 74 -53.04 82.64 17.17
CA MET G 74 -53.70 82.33 18.44
C MET G 74 -53.42 80.91 18.88
N SER G 75 -52.24 80.41 18.56
CA SER G 75 -51.73 79.16 19.13
C SER G 75 -50.98 79.50 20.42
N TYR G 76 -50.91 80.79 20.72
CA TYR G 76 -50.41 81.26 22.01
C TYR G 76 -51.61 81.57 22.91
N LEU G 77 -52.81 81.61 22.31
CA LEU G 77 -54.07 81.84 23.03
C LEU G 77 -55.06 80.66 22.94
N ILE G 78 -54.57 79.51 22.45
CA ILE G 78 -55.31 78.24 22.49
C ILE G 78 -54.60 77.30 23.46
N ARG G 79 -53.28 77.45 23.53
CA ARG G 79 -52.50 76.82 24.58
C ARG G 79 -52.76 77.56 25.90
N LYS G 80 -53.15 78.83 25.79
CA LYS G 80 -53.58 79.63 26.93
C LYS G 80 -55.04 79.31 27.26
N ALA G 81 -55.80 78.88 26.25
CA ALA G 81 -57.19 78.46 26.42
C ALA G 81 -57.27 76.98 26.78
N ALA G 82 -56.46 76.58 27.77
CA ALA G 82 -56.40 75.19 28.24
C ALA G 82 -55.53 75.11 29.48
N GLY G 83 -54.20 75.12 29.27
CA GLY G 83 -53.26 75.10 30.37
C GLY G 83 -51.88 74.54 30.07
N ILE G 84 -51.57 74.34 28.79
CA ILE G 84 -50.28 73.77 28.40
C ILE G 84 -49.53 74.72 27.48
N GLY G 85 -48.44 75.29 28.00
CA GLY G 85 -47.65 76.27 27.25
C GLY G 85 -46.76 75.70 26.17
N LYS G 86 -46.90 74.41 25.91
CA LYS G 86 -46.22 73.74 24.80
C LYS G 86 -47.17 72.66 24.29
N GLY G 87 -47.35 72.61 22.97
CA GLY G 87 -48.37 71.79 22.34
C GLY G 87 -48.46 70.32 22.73
N SER G 88 -49.55 69.68 22.32
CA SER G 88 -49.76 68.27 22.61
C SER G 88 -48.72 67.39 21.92
N SER G 89 -48.28 66.33 22.61
CA SER G 89 -47.33 65.35 22.07
C SER G 89 -47.81 64.79 20.74
N THR G 90 -49.12 64.52 20.69
CA THR G 90 -49.82 64.08 19.48
C THR G 90 -51.21 64.75 19.48
N PRO G 91 -51.81 64.95 18.29
CA PRO G 91 -53.15 65.56 18.23
C PRO G 91 -54.30 64.55 18.32
N ASN G 92 -54.01 63.26 18.16
CA ASN G 92 -55.03 62.21 18.23
C ASN G 92 -54.66 61.07 19.20
N LYS G 93 -53.80 61.37 20.18
CA LYS G 93 -53.51 60.44 21.27
C LYS G 93 -53.25 61.15 22.61
N ALA G 94 -53.49 62.46 22.64
CA ALA G 94 -53.38 63.28 23.86
C ALA G 94 -53.82 64.73 23.59
N LYS G 95 -55.10 65.02 23.82
CA LYS G 95 -55.65 66.32 23.42
C LYS G 95 -55.20 67.47 24.34
N VAL G 96 -55.79 68.65 24.14
CA VAL G 96 -55.42 69.84 24.90
C VAL G 96 -56.62 70.43 25.67
N GLY G 97 -57.55 71.05 24.96
CA GLY G 97 -58.68 71.71 25.59
C GLY G 97 -59.93 71.82 24.75
N LYS G 98 -60.43 73.05 24.57
CA LYS G 98 -61.67 73.32 23.83
C LYS G 98 -62.03 74.81 23.81
N LEU G 99 -61.77 75.51 22.71
CA LEU G 99 -62.17 76.93 22.61
C LEU G 99 -63.66 77.06 22.23
N ASN G 100 -64.05 78.24 21.79
CA ASN G 100 -65.46 78.50 21.46
C ASN G 100 -65.60 78.98 20.02
N TRP G 101 -66.85 79.05 19.56
CA TRP G 101 -67.14 79.60 18.24
C TRP G 101 -67.11 81.13 18.26
N ASP G 102 -66.89 81.70 19.45
CA ASP G 102 -66.75 83.15 19.62
C ASP G 102 -65.30 83.56 19.86
N GLN G 103 -64.44 82.59 20.15
CA GLN G 103 -62.99 82.81 20.13
C GLN G 103 -62.51 82.44 18.74
N VAL G 104 -63.48 82.25 17.84
CA VAL G 104 -63.25 82.09 16.41
C VAL G 104 -63.57 83.42 15.73
N LEU G 105 -64.42 84.22 16.38
CA LEU G 105 -64.81 85.55 15.88
C LEU G 105 -63.72 86.60 16.10
N GLU G 106 -62.65 86.23 16.81
CA GLU G 106 -61.48 87.11 16.96
C GLU G 106 -60.31 86.54 16.16
N ILE G 107 -60.53 85.37 15.58
CA ILE G 107 -59.60 84.78 14.62
C ILE G 107 -59.91 85.33 13.24
N ALA G 108 -61.16 85.18 12.81
CA ALA G 108 -61.59 85.73 11.53
C ALA G 108 -62.19 87.14 11.70
N LYS G 109 -61.43 88.02 12.34
CA LYS G 109 -61.76 89.44 12.41
C LYS G 109 -60.47 90.23 12.64
N THR G 110 -59.43 89.53 13.09
CA THR G 110 -58.06 90.04 13.05
C THR G 110 -57.43 89.56 11.73
N LYS G 111 -57.83 88.34 11.32
CA LYS G 111 -57.45 87.79 10.01
C LYS G 111 -58.50 88.08 8.95
N MET G 112 -58.79 89.37 8.72
CA MET G 112 -59.66 89.76 7.62
C MET G 112 -58.86 90.23 6.37
N PRO G 113 -57.62 90.74 6.54
CA PRO G 113 -56.81 90.83 5.33
C PRO G 113 -56.01 89.55 5.09
N ASP G 114 -56.47 88.44 5.67
CA ASP G 114 -55.83 87.13 5.53
C ASP G 114 -56.68 86.16 4.70
N LEU G 115 -57.41 85.29 5.38
CA LEU G 115 -58.19 84.23 4.74
C LEU G 115 -59.06 84.78 3.61
N ASN G 116 -58.72 84.41 2.38
CA ASN G 116 -59.43 84.89 1.20
C ASN G 116 -60.84 84.30 1.10
N ALA G 117 -61.26 83.65 2.19
CA ALA G 117 -62.60 83.09 2.29
C ALA G 117 -63.67 84.18 2.29
N GLY G 118 -64.92 83.76 2.12
CA GLY G 118 -66.03 84.68 2.08
C GLY G 118 -66.85 84.70 3.35
N SER G 119 -67.95 83.94 3.34
CA SER G 119 -68.94 83.98 4.42
C SER G 119 -68.35 83.54 5.77
N VAL G 120 -69.15 83.71 6.83
CA VAL G 120 -68.71 83.46 8.20
C VAL G 120 -68.38 81.98 8.43
N GLU G 121 -69.15 81.08 7.81
CA GLU G 121 -68.92 79.64 7.93
C GLU G 121 -67.53 79.27 7.43
N ALA G 122 -67.16 79.79 6.26
CA ALA G 122 -65.85 79.53 5.66
C ALA G 122 -64.71 80.07 6.53
N ALA G 123 -64.82 81.36 6.89
CA ALA G 123 -63.79 82.04 7.68
C ALA G 123 -63.70 81.52 9.12
N ALA G 124 -64.68 80.72 9.55
CA ALA G 124 -64.65 80.10 10.87
C ALA G 124 -64.08 78.68 10.82
N ASN G 125 -64.53 77.91 9.83
CA ASN G 125 -64.09 76.53 9.67
C ASN G 125 -62.62 76.42 9.21
N THR G 126 -62.12 77.44 8.49
CA THR G 126 -60.72 77.48 8.06
C THR G 126 -59.74 77.32 9.22
N VAL G 127 -59.83 78.20 10.23
CA VAL G 127 -58.94 78.14 11.38
C VAL G 127 -59.59 77.30 12.50
N ALA G 128 -60.76 76.75 12.21
CA ALA G 128 -61.22 75.61 12.99
C ALA G 128 -60.38 74.39 12.57
N GLY G 129 -59.80 74.46 11.38
CA GLY G 129 -58.83 73.46 10.93
C GLY G 129 -57.45 73.51 11.58
N THR G 130 -56.93 74.71 11.83
CA THR G 130 -55.65 74.89 12.55
C THR G 130 -55.71 74.24 13.94
N ALA G 131 -56.87 74.35 14.58
CA ALA G 131 -57.10 73.82 15.92
C ALA G 131 -57.56 72.36 15.88
N ARG G 132 -57.29 71.68 14.77
CA ARG G 132 -57.59 70.26 14.65
C ARG G 132 -56.34 69.43 14.95
N SER G 133 -55.28 69.64 14.17
CA SER G 133 -54.04 68.88 14.31
C SER G 133 -53.11 69.49 15.35
N MET G 134 -53.56 70.58 15.99
CA MET G 134 -52.82 71.18 17.10
C MET G 134 -53.06 70.35 18.36
N GLY G 135 -54.17 69.61 18.37
CA GLY G 135 -54.48 68.70 19.46
C GLY G 135 -55.84 68.89 20.12
N VAL G 136 -56.36 70.12 20.10
CA VAL G 136 -57.56 70.49 20.87
C VAL G 136 -58.85 69.96 20.23
N THR G 137 -59.90 69.82 21.05
CA THR G 137 -61.22 69.35 20.59
C THR G 137 -62.24 70.50 20.53
N VAL G 138 -63.07 70.53 19.49
CA VAL G 138 -63.88 71.70 19.18
C VAL G 138 -65.26 71.71 19.86
N GLU G 139 -65.65 72.88 20.35
CA GLU G 139 -66.97 73.09 20.94
C GLU G 139 -67.96 73.55 19.86
N GLY G 140 -68.79 72.62 19.38
CA GLY G 140 -69.85 72.98 18.47
C GLY G 140 -70.06 72.08 17.26
N GLY G 141 -70.47 72.71 16.16
CA GLY G 141 -70.87 72.00 14.97
C GLY G 141 -72.32 72.34 14.65
N PRO G 142 -72.95 71.57 13.75
CA PRO G 142 -74.36 71.72 13.44
C PRO G 142 -75.29 71.29 14.59
N ASN G 143 -76.61 71.34 14.36
CA ASN G 143 -77.61 70.92 15.34
C ASN G 143 -77.45 71.62 16.69
N ALA G 144 -77.92 70.96 17.75
CA ALA G 144 -77.86 71.46 19.14
C ALA G 144 -78.72 72.70 19.37
N LYS H 1 -10.61 -6.68 -58.76
CA LYS H 1 -11.48 -6.59 -59.94
C LYS H 1 -12.02 -5.18 -60.17
N THR H 2 -11.93 -4.30 -59.17
CA THR H 2 -12.44 -2.94 -59.32
C THR H 2 -11.42 -1.95 -59.90
N TYR H 3 -11.96 -0.94 -60.57
CA TYR H 3 -11.17 -0.12 -61.49
C TYR H 3 -10.15 0.77 -60.79
N ILE H 4 -8.88 0.59 -61.15
CA ILE H 4 -7.82 1.55 -60.80
C ILE H 4 -7.31 2.25 -62.06
N PRO H 5 -7.46 3.57 -62.11
CA PRO H 5 -7.08 4.31 -63.32
C PRO H 5 -5.61 4.76 -63.41
N LYS H 6 -5.40 5.78 -64.23
CA LYS H 6 -4.08 6.33 -64.44
C LYS H 6 -4.11 7.86 -64.53
N ASN H 7 -3.34 8.52 -63.65
CA ASN H 7 -3.25 9.97 -63.60
C ASN H 7 -2.75 10.58 -64.91
N ASP H 8 -3.66 10.86 -65.82
CA ASP H 8 -3.29 11.39 -67.13
C ASP H 8 -3.42 12.92 -67.20
N GLU H 9 -4.38 13.44 -66.45
CA GLU H 9 -5.08 14.64 -66.87
C GLU H 9 -4.38 15.95 -66.61
N GLN H 10 -4.09 16.24 -65.34
CA GLN H 10 -3.75 17.60 -64.93
C GLN H 10 -4.87 18.51 -65.43
N ASN H 11 -5.95 18.59 -64.65
CA ASN H 11 -7.07 19.46 -64.98
C ASN H 11 -7.02 20.74 -64.13
N TRP H 12 -7.03 21.89 -64.81
CA TRP H 12 -6.88 23.22 -64.19
C TRP H 12 -8.14 24.05 -64.32
N VAL H 13 -8.59 24.67 -63.22
CA VAL H 13 -9.79 25.49 -63.28
C VAL H 13 -9.70 26.70 -62.36
N VAL H 14 -10.29 27.82 -62.79
CA VAL H 14 -10.25 29.10 -62.08
C VAL H 14 -11.50 29.43 -61.28
N VAL H 15 -11.34 29.66 -59.98
CA VAL H 15 -12.46 30.07 -59.13
C VAL H 15 -12.31 31.52 -58.71
N ASP H 16 -13.38 32.29 -58.86
CA ASP H 16 -13.40 33.68 -58.38
C ASP H 16 -14.12 33.77 -57.04
N ALA H 17 -13.38 34.17 -56.01
CA ALA H 17 -13.87 34.16 -54.64
C ALA H 17 -14.61 35.43 -54.31
N SER H 18 -14.67 36.34 -55.27
CA SER H 18 -15.30 37.63 -55.07
C SER H 18 -16.72 37.46 -54.56
N GLY H 19 -16.97 38.03 -53.38
CA GLY H 19 -18.30 38.05 -52.80
C GLY H 19 -18.79 36.73 -52.25
N VAL H 20 -17.91 35.75 -52.10
CA VAL H 20 -18.33 34.44 -51.63
C VAL H 20 -17.96 34.25 -50.17
N PRO H 21 -18.87 33.65 -49.39
CA PRO H 21 -18.58 33.23 -48.01
C PRO H 21 -17.44 32.22 -47.95
N LEU H 22 -16.55 32.44 -46.99
CA LEU H 22 -15.23 31.82 -47.00
C LEU H 22 -15.27 30.32 -46.87
N GLY H 23 -15.94 29.84 -45.83
CA GLY H 23 -16.06 28.41 -45.61
C GLY H 23 -16.59 27.66 -46.81
N ARG H 24 -17.65 28.19 -47.42
CA ARG H 24 -18.30 27.51 -48.55
C ARG H 24 -17.36 27.42 -49.75
N LEU H 25 -16.76 28.54 -50.11
CA LEU H 25 -15.77 28.51 -51.18
C LEU H 25 -14.68 27.52 -50.82
N ALA H 26 -14.35 27.48 -49.55
CA ALA H 26 -13.33 26.55 -49.06
C ALA H 26 -13.75 25.12 -49.30
N THR H 27 -15.05 24.84 -49.22
CA THR H 27 -15.52 23.48 -49.48
C THR H 27 -15.45 23.12 -50.95
N LEU H 28 -15.93 24.02 -51.81
CA LEU H 28 -15.84 23.79 -53.25
C LEU H 28 -14.40 23.51 -53.67
N ILE H 29 -13.51 24.35 -53.18
CA ILE H 29 -12.12 24.25 -53.57
C ILE H 29 -11.52 22.99 -53.01
N ALA H 30 -11.64 22.81 -51.70
CA ALA H 30 -11.05 21.64 -51.03
C ALA H 30 -11.44 20.36 -51.74
N SER H 31 -12.73 20.24 -52.01
CA SER H 31 -13.28 19.05 -52.64
C SER H 31 -12.78 18.84 -54.06
N ARG H 32 -12.82 19.89 -54.89
CA ARG H 32 -12.26 19.77 -56.25
C ARG H 32 -10.83 19.28 -56.17
N ILE H 33 -10.11 19.73 -55.15
CA ILE H 33 -8.72 19.34 -54.92
C ILE H 33 -8.55 17.87 -54.47
N ARG H 34 -9.40 17.39 -53.57
CA ARG H 34 -9.25 16.05 -53.01
C ARG H 34 -9.55 14.98 -54.05
N GLY H 35 -10.45 15.31 -54.98
CA GLY H 35 -10.78 14.38 -56.04
C GLY H 35 -12.25 14.01 -56.17
N LYS H 36 -12.98 13.91 -55.06
CA LYS H 36 -14.41 13.61 -55.12
C LYS H 36 -15.07 14.61 -56.05
N HIS H 37 -15.92 14.09 -56.95
CA HIS H 37 -16.56 14.77 -58.11
C HIS H 37 -16.03 14.07 -59.35
N ARG H 38 -15.18 13.08 -59.11
CA ARG H 38 -14.55 12.33 -60.18
C ARG H 38 -14.98 10.89 -60.05
N PRO H 39 -15.89 10.45 -60.95
CA PRO H 39 -16.52 9.11 -60.96
C PRO H 39 -15.52 7.99 -60.75
N ASP H 40 -14.28 8.16 -61.20
CA ASP H 40 -13.30 7.12 -61.03
C ASP H 40 -12.70 7.15 -59.63
N PHE H 41 -12.61 8.34 -59.04
CA PHE H 41 -11.97 8.58 -57.73
C PHE H 41 -11.14 7.46 -57.08
N THR H 42 -9.84 7.63 -56.94
CA THR H 42 -9.09 6.63 -56.19
C THR H 42 -8.24 7.26 -55.09
N PRO H 43 -8.49 6.84 -53.84
CA PRO H 43 -8.00 7.52 -52.65
C PRO H 43 -6.47 7.57 -52.54
N ASN H 44 -5.76 6.46 -52.70
CA ASN H 44 -4.33 6.49 -52.40
C ASN H 44 -3.49 7.19 -53.47
N MET H 45 -4.15 7.82 -54.43
CA MET H 45 -3.49 8.64 -55.45
C MET H 45 -4.10 10.03 -55.37
N ILE H 46 -3.39 11.03 -55.88
CA ILE H 46 -3.98 12.36 -55.84
C ILE H 46 -4.49 12.64 -57.25
N GLN H 47 -5.79 12.87 -57.37
CA GLN H 47 -6.39 13.01 -58.69
C GLN H 47 -7.08 14.34 -58.84
N GLY H 48 -6.94 15.15 -57.81
CA GLY H 48 -7.63 16.43 -57.77
C GLY H 48 -7.27 17.35 -58.88
N ASP H 49 -8.07 18.40 -59.04
CA ASP H 49 -7.84 19.36 -60.09
C ASP H 49 -7.00 20.50 -59.53
N PHE H 50 -6.24 21.18 -60.39
CA PHE H 50 -5.55 22.38 -59.95
C PHE H 50 -6.54 23.52 -59.83
N VAL H 51 -6.39 24.28 -58.76
CA VAL H 51 -7.32 25.36 -58.49
C VAL H 51 -6.63 26.67 -58.30
N VAL H 52 -6.81 27.55 -59.27
CA VAL H 52 -6.46 28.96 -59.16
C VAL H 52 -7.56 29.71 -58.46
N VAL H 53 -7.21 30.55 -57.49
CA VAL H 53 -8.20 31.41 -56.86
C VAL H 53 -7.90 32.84 -57.22
N ILE H 54 -8.92 33.60 -57.62
CA ILE H 54 -8.72 35.04 -57.78
C ILE H 54 -9.61 35.83 -56.84
N ASN H 55 -9.27 37.11 -56.70
CA ASN H 55 -9.98 38.10 -55.90
C ASN H 55 -10.19 37.69 -54.44
N ALA H 56 -9.22 36.96 -53.90
CA ALA H 56 -9.26 36.55 -52.50
C ALA H 56 -9.58 37.74 -51.61
N ALA H 57 -8.98 38.89 -51.93
CA ALA H 57 -9.15 40.11 -51.15
C ALA H 57 -10.61 40.55 -50.99
N GLN H 58 -11.50 40.06 -51.85
CA GLN H 58 -12.89 40.47 -51.79
C GLN H 58 -13.79 39.37 -51.25
N VAL H 59 -13.16 38.35 -50.66
CA VAL H 59 -13.89 37.25 -50.03
C VAL H 59 -14.88 37.81 -49.05
N ALA H 60 -16.06 37.21 -49.05
CA ALA H 60 -17.10 37.58 -48.10
C ALA H 60 -16.89 36.91 -46.75
N LEU H 61 -17.30 37.58 -45.68
CA LEU H 61 -17.21 37.00 -44.35
C LEU H 61 -18.42 37.43 -43.53
N THR H 62 -19.20 36.46 -43.07
CA THR H 62 -20.44 36.75 -42.35
C THR H 62 -20.26 37.51 -41.03
N GLY H 63 -20.64 38.80 -41.00
CA GLY H 63 -20.42 39.67 -39.86
C GLY H 63 -20.75 39.03 -38.53
N LYS H 64 -20.17 39.51 -37.43
CA LYS H 64 -19.17 40.55 -37.44
C LYS H 64 -17.83 39.85 -37.47
N LYS H 65 -17.65 39.06 -38.52
CA LYS H 65 -16.62 38.03 -38.55
C LYS H 65 -15.22 38.58 -38.66
N LEU H 66 -15.04 39.72 -39.34
CA LEU H 66 -13.72 40.31 -39.40
C LEU H 66 -13.21 40.55 -38.00
N ASP H 67 -13.72 41.61 -37.37
CA ASP H 67 -13.20 42.09 -36.11
C ASP H 67 -13.21 41.06 -34.98
N ASP H 68 -13.80 39.89 -35.25
CA ASP H 68 -13.99 38.88 -34.22
C ASP H 68 -13.28 37.54 -34.51
N LYS H 69 -13.06 37.22 -35.79
CA LYS H 69 -12.40 35.98 -36.19
C LYS H 69 -10.90 36.05 -35.98
N VAL H 70 -10.36 35.16 -35.16
CA VAL H 70 -8.95 35.24 -34.79
C VAL H 70 -8.14 34.06 -35.30
N TYR H 71 -7.01 34.33 -35.93
CA TYR H 71 -6.05 33.29 -36.29
C TYR H 71 -4.88 33.26 -35.31
N THR H 72 -4.39 32.07 -34.98
CA THR H 72 -3.35 31.91 -33.95
C THR H 72 -2.12 31.09 -34.37
N ARG H 73 -0.93 31.68 -34.31
CA ARG H 73 0.35 30.99 -34.59
C ARG H 73 1.16 30.77 -33.31
N TYR H 74 1.97 29.72 -33.25
CA TYR H 74 2.82 29.53 -32.08
C TYR H 74 4.27 29.23 -32.40
N THR H 75 5.21 29.91 -31.74
CA THR H 75 6.59 29.99 -32.20
C THR H 75 7.62 29.07 -31.54
N GLY H 76 7.31 28.56 -30.35
CA GLY H 76 8.21 27.60 -29.75
C GLY H 76 8.87 28.21 -28.54
N TYR H 77 9.04 29.52 -28.63
CA TYR H 77 9.52 30.30 -27.50
C TYR H 77 8.35 30.76 -26.66
N GLN H 78 8.64 31.03 -25.39
CA GLN H 78 7.66 31.49 -24.45
C GLN H 78 7.03 32.77 -24.92
N GLY H 79 5.72 32.89 -24.72
CA GLY H 79 4.99 34.07 -25.13
C GLY H 79 4.86 34.13 -26.61
N GLY H 80 4.93 32.95 -27.23
CA GLY H 80 4.96 32.81 -28.67
C GLY H 80 3.61 32.91 -29.37
N LEU H 81 2.53 32.86 -28.60
CA LEU H 81 1.20 32.86 -29.16
C LEU H 81 0.93 34.18 -29.87
N LYS H 82 1.05 34.20 -31.19
CA LYS H 82 0.82 35.43 -31.94
C LYS H 82 -0.53 35.35 -32.62
N THR H 83 -1.38 36.35 -32.41
CA THR H 83 -2.73 36.32 -32.99
C THR H 83 -3.03 37.49 -33.92
N GLU H 84 -3.91 37.29 -34.89
CA GLU H 84 -4.23 38.34 -35.84
C GLU H 84 -5.65 38.19 -36.36
N THR H 85 -6.36 39.32 -36.47
CA THR H 85 -7.77 39.31 -36.85
C THR H 85 -7.97 39.17 -38.35
N ALA H 86 -9.13 38.65 -38.71
CA ALA H 86 -9.46 38.40 -40.10
C ALA H 86 -9.19 39.59 -40.99
N ARG H 87 -9.55 40.77 -40.51
CA ARG H 87 -9.36 42.01 -41.25
C ARG H 87 -7.87 42.29 -41.46
N GLU H 88 -7.12 42.03 -40.40
CA GLU H 88 -5.68 42.20 -40.40
C GLU H 88 -5.04 41.25 -41.41
N ALA H 89 -5.33 39.97 -41.26
CA ALA H 89 -4.82 38.95 -42.16
C ALA H 89 -5.18 39.29 -43.59
N LEU H 90 -6.38 39.83 -43.77
CA LEU H 90 -6.92 40.07 -45.10
C LEU H 90 -6.25 41.27 -45.77
N SER H 91 -5.78 42.21 -44.97
CA SER H 91 -5.05 43.37 -45.53
C SER H 91 -3.55 43.08 -45.72
N LYS H 92 -2.96 42.42 -44.73
CA LYS H 92 -1.54 42.08 -44.78
C LYS H 92 -1.28 41.08 -45.90
N HIS H 93 -2.03 39.98 -45.89
CA HIS H 93 -1.77 38.85 -46.78
C HIS H 93 -3.00 37.93 -46.96
N PRO H 94 -3.96 38.35 -47.80
CA PRO H 94 -5.25 37.65 -47.88
C PRO H 94 -5.12 36.18 -48.29
N GLU H 95 -4.25 35.91 -49.27
CA GLU H 95 -4.02 34.56 -49.79
C GLU H 95 -3.88 33.52 -48.69
N ARG H 96 -3.38 33.96 -47.53
CA ARG H 96 -3.13 33.06 -46.41
C ARG H 96 -4.41 32.75 -45.64
N VAL H 97 -5.44 33.57 -45.78
CA VAL H 97 -6.74 33.22 -45.19
C VAL H 97 -7.31 32.01 -45.96
N ILE H 98 -7.37 32.15 -47.29
CA ILE H 98 -7.88 31.09 -48.15
C ILE H 98 -7.07 29.81 -48.00
N GLU H 99 -5.76 29.93 -48.19
CA GLU H 99 -4.87 28.81 -47.96
C GLU H 99 -5.18 28.18 -46.61
N HIS H 100 -5.38 28.98 -45.58
CA HIS H 100 -5.53 28.40 -44.24
C HIS H 100 -6.80 27.58 -44.12
N ALA H 101 -7.92 28.10 -44.62
CA ALA H 101 -9.16 27.33 -44.56
C ALA H 101 -9.09 26.05 -45.41
N VAL H 102 -8.75 26.20 -46.68
CA VAL H 102 -8.68 25.06 -47.56
C VAL H 102 -7.74 24.00 -47.00
N PHE H 103 -6.60 24.44 -46.48
CA PHE H 103 -5.64 23.49 -45.96
C PHE H 103 -6.25 22.81 -44.74
N GLY H 104 -7.14 23.49 -44.05
CA GLY H 104 -7.79 22.82 -42.95
C GLY H 104 -8.64 21.69 -43.49
N MET H 105 -9.21 21.91 -44.67
CA MET H 105 -10.15 20.94 -45.23
C MET H 105 -9.51 19.91 -46.18
N LEU H 106 -8.20 19.72 -46.08
CA LEU H 106 -7.57 18.61 -46.76
C LEU H 106 -7.08 17.64 -45.68
N PRO H 107 -6.63 16.44 -46.06
CA PRO H 107 -6.11 15.58 -44.98
C PRO H 107 -4.79 16.11 -44.47
N LYS H 108 -4.15 15.43 -43.53
CA LYS H 108 -3.00 16.04 -42.90
C LYS H 108 -1.71 15.21 -43.00
N GLY H 109 -1.80 14.04 -43.61
CA GLY H 109 -0.62 13.22 -43.81
C GLY H 109 0.13 13.57 -45.09
N ARG H 110 1.24 12.89 -45.34
CA ARG H 110 2.02 13.05 -46.58
C ARG H 110 1.24 13.53 -47.79
N GLN H 111 0.23 12.75 -48.17
CA GLN H 111 -0.57 13.04 -49.34
C GLN H 111 -1.24 14.40 -49.31
N GLY H 112 -1.90 14.73 -48.21
CA GLY H 112 -2.53 16.04 -48.11
C GLY H 112 -1.57 17.23 -48.26
N ARG H 113 -0.47 17.18 -47.51
CA ARG H 113 0.51 18.24 -47.60
C ARG H 113 0.88 18.36 -49.07
N ALA H 114 1.09 17.21 -49.69
CA ALA H 114 1.37 17.19 -51.11
C ALA H 114 0.25 17.86 -51.91
N MET H 115 -0.99 17.76 -51.45
CA MET H 115 -2.13 18.39 -52.12
C MET H 115 -2.13 19.92 -52.04
N HIS H 116 -1.54 20.46 -50.98
CA HIS H 116 -1.51 21.91 -50.85
C HIS H 116 -1.02 22.54 -52.15
N THR H 117 0.11 22.03 -52.65
CA THR H 117 0.67 22.35 -53.98
C THR H 117 -0.31 22.82 -55.05
N ARG H 118 -1.28 21.97 -55.34
CA ARG H 118 -2.28 22.23 -56.39
C ARG H 118 -3.28 23.35 -56.04
N LEU H 119 -2.98 24.11 -54.99
CA LEU H 119 -3.70 25.35 -54.73
C LEU H 119 -2.83 26.52 -55.19
N LYS H 120 -3.45 27.55 -55.78
CA LYS H 120 -2.72 28.71 -56.25
C LYS H 120 -3.58 29.96 -56.07
N VAL H 121 -3.49 30.57 -54.89
CA VAL H 121 -4.28 31.76 -54.56
C VAL H 121 -3.62 32.99 -55.15
N TYR H 122 -4.43 33.95 -55.59
CA TYR H 122 -3.96 35.28 -55.91
C TYR H 122 -5.05 36.20 -55.45
N ALA H 123 -4.71 37.37 -54.94
CA ALA H 123 -5.77 38.33 -54.62
C ALA H 123 -6.09 39.08 -55.89
N GLY H 124 -7.18 39.82 -55.87
CA GLY H 124 -7.55 40.65 -57.01
C GLY H 124 -7.83 39.93 -58.32
N GLU H 125 -7.73 40.69 -59.42
CA GLU H 125 -8.42 40.33 -60.65
C GLU H 125 -7.66 39.38 -61.56
N THR H 126 -6.33 39.37 -61.47
CA THR H 126 -5.53 38.57 -62.40
C THR H 126 -4.64 37.52 -61.75
N HIS H 127 -4.13 36.62 -62.59
CA HIS H 127 -3.21 35.55 -62.20
C HIS H 127 -2.14 35.37 -63.29
N PRO H 128 -1.09 34.58 -63.02
CA PRO H 128 -0.04 34.37 -64.03
C PRO H 128 -0.11 33.03 -64.78
N HIS H 129 -1.26 32.38 -64.75
CA HIS H 129 -1.34 30.98 -65.13
C HIS H 129 -2.00 30.70 -66.46
N SER H 130 -2.21 31.75 -67.25
CA SER H 130 -2.92 31.65 -68.53
C SER H 130 -2.35 30.60 -69.47
N ALA H 131 -1.17 30.09 -69.17
CA ALA H 131 -0.58 29.06 -70.01
C ALA H 131 -1.21 27.71 -69.69
N GLN H 132 -1.93 27.62 -68.58
CA GLN H 132 -2.58 26.35 -68.24
C GLN H 132 -4.03 26.38 -68.67
N LYS H 133 -4.41 27.50 -69.31
CA LYS H 133 -5.77 27.80 -69.82
C LYS H 133 -6.94 27.23 -68.99
N PRO H 134 -6.97 27.56 -67.68
CA PRO H 134 -7.85 26.89 -66.73
C PRO H 134 -9.30 27.31 -66.96
N GLN H 135 -10.27 26.48 -66.57
CA GLN H 135 -11.54 26.47 -67.29
C GLN H 135 -12.70 27.21 -66.68
N VAL H 136 -12.50 27.81 -65.51
CA VAL H 136 -13.58 28.52 -64.80
C VAL H 136 -14.60 27.57 -64.19
N LEU H 137 -14.90 27.80 -62.91
CA LEU H 137 -15.90 27.03 -62.18
C LEU H 137 -16.73 27.97 -61.32
N LYS H 138 -18.04 27.87 -61.45
CA LYS H 138 -18.91 28.79 -60.75
C LYS H 138 -19.16 28.35 -59.31
N THR H 139 -19.20 29.32 -58.41
CA THR H 139 -19.65 29.04 -57.06
C THR H 139 -21.13 28.68 -57.05
N GLN H 140 -21.40 27.43 -56.71
CA GLN H 140 -22.77 26.93 -56.70
C GLN H 140 -22.94 25.75 -55.73
N PRO H 141 -24.14 25.62 -55.14
CA PRO H 141 -24.62 24.46 -54.39
C PRO H 141 -24.91 23.24 -55.27
N LEU H 142 -25.45 23.48 -56.47
CA LEU H 142 -25.65 22.44 -57.49
C LEU H 142 -26.55 21.27 -57.06
N MET I 1 34.54 55.24 -4.90
CA MET I 1 33.66 54.10 -4.68
C MET I 1 33.51 53.68 -3.20
N ILE I 2 32.41 54.12 -2.58
CA ILE I 2 32.00 53.70 -1.25
C ILE I 2 30.74 52.86 -1.31
N MET I 3 30.62 51.92 -0.38
CA MET I 3 29.40 51.07 -0.32
C MET I 3 29.12 50.71 1.13
N PRO I 4 27.90 50.24 1.44
CA PRO I 4 27.59 49.83 2.81
C PRO I 4 28.68 48.99 3.41
N GLN I 5 29.06 49.23 4.65
CA GLN I 5 30.20 48.64 5.35
C GLN I 5 31.51 49.35 5.21
N SER I 6 31.57 50.24 4.24
CA SER I 6 32.80 50.91 3.88
C SER I 6 33.12 52.09 4.79
N ARG I 7 33.92 51.92 5.85
CA ARG I 7 34.34 53.05 6.74
C ARG I 7 35.08 54.21 6.10
N LEU I 8 34.72 55.45 6.43
CA LEU I 8 35.59 56.58 6.07
C LEU I 8 35.90 57.48 7.27
N ASP I 9 37.02 58.21 7.19
CA ASP I 9 37.30 59.27 8.17
C ASP I 9 36.58 60.54 7.78
N VAL I 10 36.44 61.36 8.80
CA VAL I 10 35.57 62.50 8.78
C VAL I 10 36.38 63.75 8.69
N ALA I 11 35.93 64.66 7.84
CA ALA I 11 36.71 65.85 7.53
C ALA I 11 36.12 67.12 8.14
N ASP I 12 35.76 67.07 9.42
CA ASP I 12 35.16 68.24 10.08
C ASP I 12 35.27 68.15 11.63
N ASN I 13 34.89 69.24 12.31
CA ASN I 13 35.03 69.33 13.76
C ASN I 13 33.72 68.89 14.44
N SER I 14 32.70 68.62 13.63
CA SER I 14 31.48 67.93 14.05
C SER I 14 31.67 66.96 15.22
N GLY I 15 32.73 66.17 15.21
CA GLY I 15 33.03 65.38 16.38
C GLY I 15 33.03 63.89 16.15
N ALA I 16 32.58 63.46 14.98
CA ALA I 16 32.78 62.07 14.54
C ALA I 16 34.19 61.92 14.03
N ARG I 17 34.92 60.97 14.59
CA ARG I 17 36.23 60.62 14.03
C ARG I 17 36.07 59.69 12.81
N GLU I 18 35.17 58.71 12.92
CA GLU I 18 35.06 57.64 11.94
C GLU I 18 33.62 57.25 11.73
N ILE I 19 33.18 57.22 10.47
CA ILE I 19 31.82 56.78 10.20
C ILE I 19 31.84 55.53 9.32
N MET I 20 30.88 54.61 9.49
CA MET I 20 30.73 53.51 8.51
C MET I 20 29.52 53.69 7.61
N CYS I 21 29.71 53.51 6.32
CA CYS I 21 28.63 53.70 5.37
C CYS I 21 27.46 52.78 5.70
N ILE I 22 26.33 52.98 5.02
CA ILE I 22 25.10 52.30 5.40
C ILE I 22 24.12 52.27 4.25
N ARG I 23 24.12 53.30 3.42
CA ARG I 23 23.22 53.35 2.27
C ARG I 23 23.89 54.31 1.37
N VAL I 24 23.35 54.58 0.19
CA VAL I 24 24.17 55.33 -0.72
C VAL I 24 23.41 56.48 -1.33
N LEU I 25 22.21 56.29 -1.80
CA LEU I 25 21.40 57.45 -2.25
C LEU I 25 21.96 58.07 -3.49
N ASN I 26 21.07 58.65 -4.25
CA ASN I 26 21.47 59.33 -5.43
C ASN I 26 20.71 60.64 -5.39
N SER I 27 20.54 61.12 -4.15
CA SER I 27 19.93 62.43 -3.95
C SER I 27 20.97 63.53 -4.23
N GLY I 28 20.44 64.65 -4.72
CA GLY I 28 21.23 65.82 -5.00
C GLY I 28 21.04 66.88 -3.93
N ILE I 29 20.64 68.07 -4.36
CA ILE I 29 20.59 69.26 -3.53
C ILE I 29 19.97 70.29 -4.45
N GLY I 30 18.70 70.60 -4.22
CA GLY I 30 17.94 71.34 -5.20
C GLY I 30 16.70 72.13 -4.76
N GLY I 31 16.84 73.45 -4.82
CA GLY I 31 15.73 74.37 -4.60
C GLY I 31 15.33 74.55 -3.14
N LYS I 32 14.56 73.59 -2.62
CA LYS I 32 14.25 73.61 -1.20
C LYS I 32 15.39 72.92 -0.46
N GLY I 33 15.20 71.80 0.21
CA GLY I 33 16.33 71.16 0.88
C GLY I 33 17.35 70.44 -0.02
N LEU I 34 17.89 69.36 0.50
CA LEU I 34 18.40 68.27 -0.33
C LEU I 34 17.26 67.72 -1.16
N THR I 35 17.56 66.86 -2.11
CA THR I 35 16.50 66.14 -2.81
C THR I 35 16.29 64.77 -2.22
N THR I 36 15.26 64.11 -2.75
CA THR I 36 14.96 62.72 -2.43
C THR I 36 15.30 61.77 -3.59
N GLY I 37 15.74 60.56 -3.21
CA GLY I 37 16.56 59.66 -4.04
C GLY I 37 16.47 59.60 -5.55
N GLY I 38 17.56 59.19 -6.16
CA GLY I 38 17.61 59.13 -7.63
C GLY I 38 17.15 57.80 -8.19
N GLY I 39 16.41 57.07 -7.37
CA GLY I 39 16.12 55.68 -7.60
C GLY I 39 16.53 54.88 -6.38
N GLY I 40 16.26 53.58 -6.42
CA GLY I 40 16.37 52.73 -5.25
C GLY I 40 17.73 52.13 -4.98
N ASN I 41 18.45 51.85 -6.05
CA ASN I 41 19.61 50.97 -6.01
C ASN I 41 20.89 51.82 -5.85
N LYS I 42 21.76 51.81 -6.86
CA LYS I 42 22.96 52.63 -6.84
C LYS I 42 23.90 52.13 -5.75
N ARG I 43 25.06 51.63 -6.18
CA ARG I 43 25.84 50.78 -5.32
C ARG I 43 27.12 51.38 -4.88
N TYR I 44 27.51 52.45 -5.55
CA TYR I 44 28.79 53.07 -5.28
C TYR I 44 28.69 54.57 -5.14
N ALA I 45 29.28 55.06 -4.04
CA ALA I 45 29.36 56.48 -3.75
C ALA I 45 30.72 56.98 -4.09
N HIS I 46 30.77 58.02 -4.92
CA HIS I 46 32.03 58.73 -5.07
C HIS I 46 31.82 60.23 -5.07
N VAL I 47 32.51 60.89 -4.14
CA VAL I 47 32.84 62.31 -4.18
C VAL I 47 31.71 63.19 -4.71
N GLY I 48 31.04 63.86 -3.77
CA GLY I 48 29.93 64.72 -4.12
C GLY I 48 28.63 63.96 -4.18
N ASP I 49 28.70 62.75 -3.64
CA ASP I 49 27.55 61.88 -3.49
C ASP I 49 27.21 61.96 -2.03
N ILE I 50 25.92 62.17 -1.70
CA ILE I 50 25.52 62.03 -0.29
C ILE I 50 25.50 60.56 -0.02
N ILE I 51 25.95 60.16 1.16
CA ILE I 51 25.63 58.82 1.65
C ILE I 51 24.96 58.92 3.00
N VAL I 52 24.55 57.77 3.52
CA VAL I 52 24.01 57.69 4.87
C VAL I 52 24.93 56.80 5.70
N ALA I 53 25.09 57.08 6.99
CA ALA I 53 26.22 56.48 7.70
C ALA I 53 25.99 56.45 9.16
N SER I 54 26.66 55.54 9.85
CA SER I 54 26.50 55.45 11.28
C SER I 54 27.81 55.73 11.95
N VAL I 55 27.78 56.54 12.99
CA VAL I 55 28.99 56.97 13.67
C VAL I 55 29.65 55.79 14.38
N LYS I 56 30.97 55.70 14.32
CA LYS I 56 31.62 54.54 14.86
C LYS I 56 32.68 54.91 15.88
N ASP I 57 33.46 55.96 15.61
CA ASP I 57 34.29 56.52 16.67
C ASP I 57 34.12 58.04 16.75
N ALA I 58 33.94 58.58 17.95
CA ALA I 58 33.81 60.04 18.03
C ALA I 58 34.62 60.68 19.14
N ALA I 59 34.76 61.99 19.03
CA ALA I 59 35.43 62.80 20.04
C ALA I 59 34.63 62.82 21.33
N PRO I 60 35.31 62.59 22.47
CA PRO I 60 34.69 62.82 23.76
C PRO I 60 34.56 64.33 23.90
N ARG I 61 33.33 64.82 24.09
CA ARG I 61 33.00 66.23 23.84
C ARG I 61 32.91 66.55 22.34
N GLY I 62 31.69 66.76 21.87
CA GLY I 62 31.46 67.25 20.52
C GLY I 62 30.01 67.06 20.12
N ALA I 63 29.58 67.72 19.05
CA ALA I 63 28.17 67.66 18.65
C ALA I 63 27.68 66.23 18.43
N VAL I 64 28.44 65.43 17.71
CA VAL I 64 27.99 64.14 17.21
C VAL I 64 28.65 62.97 17.93
N LYS I 65 27.85 61.97 18.27
CA LYS I 65 28.26 60.97 19.25
C LYS I 65 28.30 59.55 18.67
N ALA I 66 29.04 58.64 19.33
CA ALA I 66 29.16 57.24 18.83
C ALA I 66 27.84 56.51 18.60
N GLY I 67 27.42 56.38 17.35
CA GLY I 67 26.30 55.52 17.00
C GLY I 67 25.21 56.27 16.27
N ASP I 68 25.51 57.50 15.94
CA ASP I 68 24.50 58.50 15.64
C ASP I 68 23.76 58.42 14.32
N VAL I 69 24.11 57.51 13.43
CA VAL I 69 23.55 57.65 12.09
C VAL I 69 24.01 58.98 11.42
N VAL I 70 23.09 59.77 10.87
CA VAL I 70 23.41 60.98 10.09
C VAL I 70 24.04 60.80 8.74
N LYS I 71 23.33 61.24 7.70
CA LYS I 71 23.92 61.71 6.44
C LYS I 71 25.31 62.38 6.56
N ALA I 72 26.11 62.24 5.48
CA ALA I 72 27.50 62.75 5.29
C ALA I 72 27.66 62.96 3.80
N VAL I 73 28.57 63.85 3.38
CA VAL I 73 28.84 63.97 1.93
C VAL I 73 30.32 63.71 1.68
N VAL I 74 30.62 62.99 0.60
CA VAL I 74 31.91 62.33 0.40
C VAL I 74 32.91 63.27 -0.27
N VAL I 75 34.06 63.52 0.36
CA VAL I 75 34.93 64.61 -0.13
C VAL I 75 36.33 64.12 -0.57
N ARG I 76 36.79 62.99 -0.03
CA ARG I 76 38.00 62.34 -0.55
C ARG I 76 37.83 60.81 -0.77
N THR I 77 37.71 60.39 -2.04
CA THR I 77 37.84 58.95 -2.45
C THR I 77 39.30 58.55 -2.59
N SER I 78 39.65 57.31 -2.23
CA SER I 78 40.85 56.66 -2.83
C SER I 78 40.64 56.34 -4.29
N HIS I 79 39.40 56.09 -4.70
CA HIS I 79 39.07 55.83 -6.11
C HIS I 79 39.51 56.95 -7.01
N ALA I 80 39.49 56.78 -8.32
CA ALA I 80 40.01 57.87 -9.13
C ALA I 80 38.89 58.75 -9.68
N ILE I 81 39.18 60.01 -9.92
CA ILE I 81 38.18 60.93 -10.39
C ILE I 81 38.63 61.49 -11.72
N LYS I 82 37.80 61.35 -12.74
CA LYS I 82 38.24 61.80 -14.07
C LYS I 82 37.52 63.07 -14.49
N ARG I 83 38.26 64.16 -14.57
CA ARG I 83 37.65 65.43 -14.95
C ARG I 83 37.73 65.48 -16.47
N ALA I 84 36.91 66.31 -17.12
CA ALA I 84 36.81 66.32 -18.58
C ALA I 84 37.94 67.03 -19.25
N ASP I 85 39.15 66.54 -19.05
CA ASP I 85 40.29 67.06 -19.76
C ASP I 85 41.22 65.89 -19.85
N GLY I 86 40.99 64.94 -18.95
CA GLY I 86 41.83 63.77 -18.82
C GLY I 86 42.53 63.73 -17.48
N SER I 87 42.61 64.89 -16.81
CA SER I 87 43.23 64.98 -15.49
C SER I 87 42.59 63.90 -14.60
N THR I 88 43.34 63.34 -13.66
CA THR I 88 42.79 62.40 -12.67
C THR I 88 43.22 62.78 -11.24
N ILE I 89 42.31 62.79 -10.26
CA ILE I 89 42.74 63.07 -8.89
C ILE I 89 42.54 61.79 -8.11
N ARG I 90 43.28 61.62 -7.01
CA ARG I 90 43.07 60.43 -6.17
C ARG I 90 43.76 60.60 -4.82
N PHE I 91 43.05 60.42 -3.72
CA PHE I 91 43.65 60.73 -2.42
C PHE I 91 43.96 59.47 -1.67
N ASP I 92 45.08 59.47 -0.97
CA ASP I 92 45.45 58.35 -0.09
C ASP I 92 44.38 57.77 0.81
N ARG I 93 43.41 58.58 1.27
CA ARG I 93 42.43 58.06 2.26
C ARG I 93 41.01 58.48 1.91
N ASN I 94 40.05 57.76 2.48
CA ASN I 94 38.65 58.02 2.13
C ASN I 94 38.05 58.89 3.19
N ALA I 95 37.34 59.94 2.80
CA ALA I 95 36.85 60.84 3.83
C ALA I 95 35.61 61.57 3.44
N ALA I 96 34.79 61.91 4.46
CA ALA I 96 33.57 62.69 4.24
C ALA I 96 33.39 63.77 5.29
N VAL I 97 32.40 64.64 4.99
CA VAL I 97 31.87 65.70 5.87
C VAL I 97 30.38 65.53 6.27
N ILE I 98 30.12 65.12 7.52
CA ILE I 98 28.74 65.00 8.05
C ILE I 98 27.87 66.22 7.80
N ILE I 99 26.67 66.07 7.28
CA ILE I 99 25.85 67.26 7.05
C ILE I 99 24.43 67.16 7.58
N ASN I 100 23.70 68.27 7.46
CA ASN I 100 22.26 68.25 7.78
C ASN I 100 21.47 68.16 6.50
N ASN I 101 20.15 68.20 6.61
CA ASN I 101 19.30 67.88 5.47
C ASN I 101 19.05 69.07 4.55
N GLN I 102 19.89 70.09 4.70
CA GLN I 102 19.96 71.20 3.76
C GLN I 102 21.29 71.12 3.03
N GLY I 103 22.09 70.17 3.50
CA GLY I 103 23.40 69.96 2.91
C GLY I 103 24.47 70.67 3.68
N GLU I 104 24.12 71.71 4.40
CA GLU I 104 25.12 72.55 5.06
C GLU I 104 25.83 71.74 6.12
N PRO I 105 27.14 71.94 6.28
CA PRO I 105 27.90 71.04 7.15
C PRO I 105 27.57 71.23 8.61
N ARG I 106 27.67 70.17 9.37
CA ARG I 106 27.33 70.22 10.79
C ARG I 106 28.51 70.82 11.54
N GLY I 107 29.71 70.66 10.99
CA GLY I 107 30.90 71.20 11.60
C GLY I 107 31.16 72.70 11.39
N THR I 108 32.15 73.22 12.12
CA THR I 108 32.64 74.60 11.97
C THR I 108 33.58 74.78 10.76
N ARG I 109 34.50 73.84 10.51
CA ARG I 109 35.26 73.87 9.25
C ARG I 109 35.58 72.49 8.64
N VAL I 110 35.89 72.47 7.36
CA VAL I 110 36.40 71.23 6.74
C VAL I 110 37.93 71.12 6.88
N PHE I 111 38.41 69.92 7.20
CA PHE I 111 39.84 69.62 7.26
C PHE I 111 40.34 68.85 6.01
N GLY I 112 41.56 69.12 5.54
CA GLY I 112 42.08 68.42 4.36
C GLY I 112 41.45 68.93 3.07
N PRO I 113 42.01 68.53 1.90
CA PRO I 113 41.48 69.08 0.66
C PRO I 113 40.13 68.53 0.33
N VAL I 114 39.40 69.17 -0.58
CA VAL I 114 38.22 68.50 -1.10
C VAL I 114 38.18 68.52 -2.61
N ALA I 115 37.47 67.56 -3.18
CA ALA I 115 37.40 67.46 -4.62
C ALA I 115 36.55 68.55 -5.23
N ARG I 116 37.11 69.31 -6.14
CA ARG I 116 36.41 70.39 -6.81
C ARG I 116 35.04 69.99 -7.36
N GLU I 117 34.83 68.70 -7.40
CA GLU I 117 33.59 68.19 -7.91
C GLU I 117 32.45 68.62 -6.95
N LEU I 118 32.81 68.93 -5.70
CA LEU I 118 31.79 69.40 -4.76
C LEU I 118 31.20 70.72 -5.23
N ARG I 119 32.02 71.55 -5.87
CA ARG I 119 31.51 72.76 -6.46
C ARG I 119 30.46 72.44 -7.52
N ASP I 120 30.71 71.41 -8.32
CA ASP I 120 29.79 71.09 -9.41
C ASP I 120 28.43 70.80 -8.82
N ARG I 121 28.44 70.06 -7.71
CA ARG I 121 27.20 69.61 -7.04
C ARG I 121 26.68 70.65 -6.06
N ARG I 122 27.15 71.88 -6.22
CA ARG I 122 26.56 73.02 -5.55
C ARG I 122 26.68 72.93 -4.03
N PHE I 123 27.65 72.18 -3.54
CA PHE I 123 27.91 72.17 -2.10
C PHE I 123 28.77 73.34 -1.66
N MET I 124 28.24 74.55 -1.87
CA MET I 124 28.93 75.82 -1.59
C MET I 124 29.56 75.92 -0.22
N LYS I 125 28.75 75.74 0.82
CA LYS I 125 29.23 75.92 2.17
C LYS I 125 30.39 74.95 2.50
N ILE I 126 30.25 73.68 2.16
CA ILE I 126 31.36 72.75 2.30
C ILE I 126 32.56 73.27 1.53
N VAL I 127 32.32 73.69 0.29
CA VAL I 127 33.42 74.05 -0.59
C VAL I 127 34.17 75.23 -0.04
N SER I 128 33.51 75.94 0.86
CA SER I 128 34.06 77.18 1.37
C SER I 128 34.80 76.97 2.66
N LEU I 129 34.33 76.09 3.53
CA LEU I 129 35.12 75.77 4.71
C LEU I 129 36.50 75.16 4.40
N ALA I 130 36.74 74.84 3.12
CA ALA I 130 37.80 73.92 2.74
C ALA I 130 39.14 74.55 2.53
N PRO I 131 40.19 73.95 3.13
CA PRO I 131 41.58 74.42 3.07
C PRO I 131 42.07 74.52 1.65
N GLU I 132 41.52 73.70 0.76
CA GLU I 132 41.97 73.57 -0.64
C GLU I 132 40.97 72.89 -1.54
N VAL I 133 40.70 73.49 -2.70
CA VAL I 133 39.80 72.88 -3.68
C VAL I 133 40.57 72.35 -4.89
N LEU I 134 41.18 71.18 -4.67
CA LEU I 134 42.01 70.48 -5.63
C LEU I 134 41.31 70.08 -6.94
N HIS J 1 2.69 -57.92 -32.13
CA HIS J 1 2.50 -56.51 -32.47
C HIS J 1 1.11 -56.20 -33.00
N ASP J 2 0.42 -57.24 -33.45
CA ASP J 2 -0.90 -57.06 -34.07
C ASP J 2 -1.90 -56.43 -33.11
N LEU J 3 -1.66 -56.61 -31.81
CA LEU J 3 -2.69 -56.43 -30.81
C LEU J 3 -2.85 -54.99 -30.31
N LYS J 4 -4.05 -54.70 -29.78
CA LYS J 4 -4.38 -53.38 -29.25
C LYS J 4 -5.23 -53.54 -28.01
N PRO J 5 -5.03 -52.68 -27.00
CA PRO J 5 -5.84 -52.73 -25.78
C PRO J 5 -7.24 -52.18 -25.99
N THR J 6 -8.11 -52.41 -25.02
CA THR J 6 -9.51 -52.12 -25.21
C THR J 6 -9.72 -50.64 -25.21
N PRO J 7 -10.48 -50.11 -26.20
CA PRO J 7 -10.96 -48.72 -26.15
C PRO J 7 -11.49 -48.32 -24.77
N GLY J 8 -10.86 -47.33 -24.15
CA GLY J 8 -11.24 -46.95 -22.80
C GLY J 8 -10.55 -47.73 -21.69
N SER J 9 -9.56 -48.54 -22.04
CA SER J 9 -8.78 -49.19 -20.99
C SER J 9 -7.78 -48.26 -20.36
N ARG J 10 -7.13 -47.44 -21.20
CA ARG J 10 -6.02 -46.60 -20.77
C ARG J 10 -6.14 -45.16 -21.22
N LYS J 11 -6.58 -44.28 -20.32
CA LYS J 11 -6.58 -42.84 -20.56
C LYS J 11 -5.18 -42.32 -20.31
N ASP J 12 -4.66 -41.48 -21.22
CA ASP J 12 -3.38 -40.76 -21.03
C ASP J 12 -3.52 -39.72 -19.91
N ARG J 13 -2.49 -39.56 -19.10
CA ARG J 13 -2.58 -38.73 -17.88
C ARG J 13 -2.71 -37.24 -18.14
N LYS J 14 -2.86 -36.50 -17.03
CA LYS J 14 -2.86 -35.06 -17.07
C LYS J 14 -1.40 -34.55 -17.02
N ARG J 15 -1.04 -33.76 -18.03
CA ARG J 15 0.23 -33.06 -18.02
C ARG J 15 -0.09 -31.59 -17.96
N VAL J 16 -0.21 -31.14 -16.71
CA VAL J 16 -0.55 -29.78 -16.35
C VAL J 16 0.67 -28.90 -16.62
N GLY J 17 0.44 -27.66 -17.04
CA GLY J 17 1.52 -26.81 -17.48
C GLY J 17 1.48 -26.77 -18.99
N ARG J 18 2.61 -27.03 -19.63
CA ARG J 18 2.66 -27.31 -21.06
C ARG J 18 1.73 -26.54 -22.01
N GLY J 19 1.48 -25.27 -21.69
CA GLY J 19 1.00 -24.33 -22.69
C GLY J 19 -0.45 -24.01 -22.64
N PRO J 20 -0.87 -22.99 -23.40
CA PRO J 20 -2.24 -22.45 -23.36
C PRO J 20 -3.28 -23.35 -24.03
N GLY J 21 -2.91 -24.59 -24.34
CA GLY J 21 -3.77 -25.59 -24.94
C GLY J 21 -5.16 -25.73 -24.37
N GLY J 22 -5.28 -26.28 -23.15
CA GLY J 22 -4.17 -26.73 -22.33
C GLY J 22 -4.42 -26.02 -21.04
N THR J 23 -3.98 -26.53 -19.90
CA THR J 23 -4.05 -25.67 -18.71
C THR J 23 -2.79 -24.80 -18.61
N ASP J 24 -2.94 -23.55 -19.06
CA ASP J 24 -1.92 -22.51 -19.08
C ASP J 24 -1.28 -22.31 -17.70
N LYS J 25 -0.30 -21.40 -17.62
CA LYS J 25 0.19 -20.77 -16.37
C LYS J 25 -0.04 -21.57 -15.06
N THR J 26 -1.16 -21.30 -14.41
CA THR J 26 -1.46 -21.96 -13.16
C THR J 26 -2.08 -23.26 -13.56
N ALA J 27 -1.58 -24.36 -13.00
CA ALA J 27 -1.90 -25.66 -13.56
C ALA J 27 -3.15 -26.31 -12.94
N GLY J 28 -4.26 -25.58 -12.96
CA GLY J 28 -5.39 -25.94 -12.14
C GLY J 28 -5.42 -25.14 -10.85
N ARG J 29 -4.26 -24.86 -10.28
CA ARG J 29 -4.14 -24.45 -8.87
C ARG J 29 -4.89 -23.16 -8.48
N GLY J 30 -5.29 -22.35 -9.47
CA GLY J 30 -5.94 -21.07 -9.17
C GLY J 30 -4.93 -19.95 -8.90
N HIS J 31 -5.40 -18.80 -8.43
CA HIS J 31 -4.47 -17.69 -8.19
C HIS J 31 -4.17 -17.49 -6.72
N LYS J 32 -2.93 -17.76 -6.37
CA LYS J 32 -2.42 -17.48 -5.03
C LYS J 32 -3.07 -18.38 -4.02
N GLY J 33 -2.74 -18.14 -2.76
CA GLY J 33 -3.38 -18.83 -1.66
C GLY J 33 -2.56 -19.99 -1.17
N GLN J 34 -2.92 -20.47 0.02
CA GLN J 34 -2.24 -21.58 0.65
C GLN J 34 -2.39 -22.85 -0.18
N LYS J 35 -3.53 -22.93 -0.87
CA LYS J 35 -3.86 -24.05 -1.73
C LYS J 35 -2.94 -24.03 -2.95
N SER J 36 -2.58 -22.82 -3.37
CA SER J 36 -1.72 -22.64 -4.52
C SER J 36 -0.36 -23.22 -4.23
N ARG J 37 0.10 -23.02 -3.00
CA ARG J 37 1.51 -23.21 -2.69
C ARG J 37 1.91 -24.66 -2.85
N SER J 38 3.20 -24.88 -2.89
CA SER J 38 3.74 -26.21 -3.02
C SER J 38 4.37 -26.69 -1.73
N GLY J 39 3.60 -27.39 -0.95
CA GLY J 39 4.15 -28.03 0.21
C GLY J 39 3.27 -29.20 0.58
N ALA J 40 3.82 -30.15 1.32
CA ALA J 40 2.97 -31.26 1.72
C ALA J 40 2.19 -30.83 2.92
N GLY J 41 0.93 -30.44 2.77
CA GLY J 41 0.21 -30.19 4.00
C GLY J 41 -1.06 -29.38 4.09
N LYS J 42 -1.86 -29.77 5.07
CA LYS J 42 -3.02 -29.02 5.53
C LYS J 42 -3.60 -29.62 6.84
N GLY J 43 -4.06 -30.89 6.89
CA GLY J 43 -4.20 -31.84 5.78
C GLY J 43 -5.64 -31.97 5.30
N ALA J 44 -6.45 -32.79 5.97
CA ALA J 44 -7.82 -33.12 5.50
C ALA J 44 -8.96 -32.84 6.51
N PHE J 45 -8.60 -32.81 7.78
CA PHE J 45 -9.57 -32.67 8.84
C PHE J 45 -9.39 -31.30 9.44
N PHE J 46 -8.60 -30.49 8.75
CA PHE J 46 -8.36 -29.13 9.20
C PHE J 46 -9.42 -28.22 8.61
N GLU J 47 -10.32 -27.76 9.46
CA GLU J 47 -11.28 -26.74 9.09
C GLU J 47 -10.84 -25.43 9.73
N GLY J 48 -11.11 -24.32 9.02
CA GLY J 48 -10.59 -23.00 9.33
C GLY J 48 -9.21 -23.07 9.93
N GLY J 49 -9.06 -22.42 11.08
CA GLY J 49 -8.10 -22.85 12.07
C GLY J 49 -9.00 -23.25 13.21
N ARG J 50 -10.26 -22.80 13.07
CA ARG J 50 -11.38 -22.89 14.01
C ARG J 50 -11.25 -23.82 15.23
N SER J 51 -12.10 -24.84 15.25
CA SER J 51 -12.41 -25.68 16.41
C SER J 51 -13.28 -26.75 15.80
N ARG J 52 -12.75 -27.96 15.72
CA ARG J 52 -13.29 -28.89 14.74
C ARG J 52 -14.59 -29.59 15.18
N LEU J 53 -15.41 -29.94 14.19
CA LEU J 53 -16.69 -30.61 14.43
C LEU J 53 -16.44 -31.79 15.33
N ILE J 54 -15.54 -32.66 14.90
CA ILE J 54 -15.20 -33.86 15.66
C ILE J 54 -14.75 -33.52 17.06
N ALA J 55 -14.18 -32.34 17.23
CA ALA J 55 -13.69 -31.95 18.54
C ALA J 55 -14.83 -31.43 19.38
N ARG J 56 -15.92 -31.01 18.74
CA ARG J 56 -17.03 -30.43 19.49
C ARG J 56 -18.06 -31.46 19.95
N LEU J 57 -17.92 -32.68 19.45
CA LEU J 57 -18.91 -33.74 19.62
C LEU J 57 -18.62 -34.62 20.82
N PRO J 58 -19.67 -35.07 21.51
CA PRO J 58 -19.49 -35.90 22.71
C PRO J 58 -19.01 -37.31 22.40
N LYS J 59 -18.05 -37.76 23.18
CA LYS J 59 -17.60 -39.15 23.13
C LYS J 59 -18.57 -40.00 23.93
N ARG J 60 -18.83 -41.21 23.46
CA ARG J 60 -19.76 -42.09 24.13
C ARG J 60 -19.16 -43.47 24.26
N GLY J 61 -19.14 -43.95 25.49
CA GLY J 61 -18.83 -45.34 25.74
C GLY J 61 -17.40 -45.69 25.48
N PHE J 62 -16.95 -46.75 26.11
CA PHE J 62 -15.61 -47.25 25.85
C PHE J 62 -15.54 -48.00 24.51
N ASN J 63 -14.55 -48.86 24.39
CA ASN J 63 -14.37 -49.66 23.18
C ASN J 63 -14.14 -51.09 23.63
N ASN J 64 -14.75 -52.04 22.94
CA ASN J 64 -14.50 -53.45 23.24
C ASN J 64 -14.69 -54.30 22.00
N VAL J 65 -13.78 -55.25 21.84
CA VAL J 65 -13.77 -56.12 20.68
C VAL J 65 -14.70 -57.30 20.92
N GLY J 66 -14.60 -57.91 22.11
CA GLY J 66 -15.47 -59.01 22.50
C GLY J 66 -15.35 -60.19 21.57
N THR J 67 -16.46 -60.90 21.36
CA THR J 67 -16.49 -61.98 20.38
C THR J 67 -17.47 -61.63 19.26
N THR J 68 -17.12 -62.00 18.04
CA THR J 68 -18.03 -61.77 16.93
C THR J 68 -18.38 -63.11 16.32
N TYR J 69 -19.66 -63.29 15.99
CA TYR J 69 -20.12 -64.57 15.45
C TYR J 69 -20.21 -64.54 13.93
N GLU J 70 -19.58 -65.53 13.33
CA GLU J 70 -19.65 -65.72 11.90
C GLU J 70 -21.05 -66.18 11.50
N VAL J 71 -21.69 -65.44 10.60
CA VAL J 71 -23.08 -65.71 10.24
C VAL J 71 -23.24 -66.84 9.21
N VAL J 72 -24.07 -67.83 9.55
CA VAL J 72 -24.58 -68.77 8.56
C VAL J 72 -26.10 -68.65 8.50
N LYS J 73 -26.61 -68.57 7.28
CA LYS J 73 -28.04 -68.42 7.04
C LYS J 73 -28.71 -69.78 6.92
N LEU J 74 -30.02 -69.81 7.07
CA LEU J 74 -30.79 -71.00 6.71
C LEU J 74 -30.77 -71.13 5.22
N SER J 75 -31.46 -70.18 4.58
CA SER J 75 -31.59 -70.07 3.13
C SER J 75 -30.40 -70.56 2.33
N GLN J 76 -29.21 -70.38 2.88
CA GLN J 76 -28.02 -70.99 2.30
C GLN J 76 -28.10 -72.51 2.42
N LEU J 77 -28.16 -73.01 3.66
CA LEU J 77 -28.14 -74.46 3.91
C LEU J 77 -29.31 -75.16 3.21
N GLN J 78 -30.47 -74.51 3.30
CA GLN J 78 -31.71 -74.99 2.72
C GLN J 78 -31.59 -75.26 1.24
N ASP J 79 -32.29 -74.42 0.51
CA ASP J 79 -32.83 -74.72 -0.79
C ASP J 79 -31.99 -75.68 -1.61
N LEU J 80 -30.80 -75.25 -2.00
CA LEU J 80 -30.11 -76.01 -3.00
C LEU J 80 -28.72 -76.48 -2.56
N GLU J 81 -28.60 -76.95 -1.32
CA GLU J 81 -27.36 -77.66 -0.97
C GLU J 81 -27.59 -79.17 -1.03
N ASP J 82 -28.85 -79.59 -0.91
CA ASP J 82 -29.22 -81.02 -0.90
C ASP J 82 -28.52 -81.76 0.24
N THR J 83 -28.39 -81.05 1.38
CA THR J 83 -27.75 -81.56 2.59
C THR J 83 -26.52 -82.45 2.39
N THR J 84 -25.35 -81.83 2.23
CA THR J 84 -24.08 -82.57 2.27
C THR J 84 -23.60 -82.59 3.73
N PHE J 85 -24.45 -82.01 4.59
CA PHE J 85 -24.31 -81.93 6.06
C PHE J 85 -23.14 -81.07 6.56
N ASP J 86 -23.18 -80.77 7.86
CA ASP J 86 -22.49 -79.62 8.41
C ASP J 86 -21.17 -79.94 9.14
N ARG J 87 -21.24 -80.76 10.20
CA ARG J 87 -20.05 -81.36 10.83
C ARG J 87 -19.12 -80.37 11.48
N ASP J 88 -18.11 -79.96 10.71
CA ASP J 88 -17.10 -78.99 11.13
C ASP J 88 -16.20 -78.64 9.93
N THR J 89 -15.58 -79.65 9.32
CA THR J 89 -14.69 -79.43 8.18
C THR J 89 -15.48 -79.49 6.87
N LEU J 90 -16.79 -79.63 6.97
CA LEU J 90 -17.61 -79.71 5.77
C LEU J 90 -18.08 -78.34 5.35
N GLU J 91 -18.40 -77.51 6.34
CA GLU J 91 -18.89 -76.16 6.07
C GLU J 91 -17.90 -75.35 5.27
N ALA J 92 -16.65 -75.44 5.69
CA ALA J 92 -15.53 -74.79 5.04
C ALA J 92 -15.56 -75.11 3.56
N TYR J 93 -15.43 -76.39 3.25
CA TYR J 93 -15.34 -76.83 1.86
C TYR J 93 -16.57 -76.43 1.03
N ARG J 94 -17.64 -76.01 1.67
CA ARG J 94 -18.81 -75.56 0.93
C ARG J 94 -18.77 -74.03 0.74
N LEU J 95 -18.97 -73.27 1.82
CA LEU J 95 -18.75 -71.80 1.85
C LEU J 95 -19.17 -71.11 3.17
N VAL J 96 -18.23 -71.07 4.13
CA VAL J 96 -18.28 -70.14 5.27
C VAL J 96 -16.90 -70.12 5.93
N ARG J 97 -15.92 -69.63 5.16
CA ARG J 97 -14.51 -69.61 5.54
C ARG J 97 -14.13 -68.39 6.37
N ARG J 98 -13.65 -68.64 7.59
CA ARG J 98 -13.20 -67.57 8.49
C ARG J 98 -12.02 -67.94 9.38
N LYS J 99 -12.25 -68.86 10.32
CA LYS J 99 -11.33 -69.24 11.41
C LYS J 99 -11.46 -68.24 12.56
N ASN J 100 -10.73 -68.50 13.64
CA ASN J 100 -10.61 -67.58 14.77
C ASN J 100 -11.91 -67.06 15.40
N ARG J 101 -13.06 -67.32 14.79
CA ARG J 101 -14.34 -66.92 15.36
C ARG J 101 -15.33 -68.10 15.52
N PRO J 102 -16.20 -68.02 16.54
CA PRO J 102 -17.26 -69.02 16.68
C PRO J 102 -18.41 -68.77 15.71
N VAL J 103 -19.08 -69.85 15.31
CA VAL J 103 -20.12 -69.82 14.28
C VAL J 103 -21.51 -69.69 14.87
N LYS J 104 -22.35 -68.89 14.21
CA LYS J 104 -23.72 -68.73 14.63
C LYS J 104 -24.63 -69.02 13.45
N LEU J 105 -25.81 -69.55 13.75
CA LEU J 105 -26.84 -69.77 12.74
C LEU J 105 -28.02 -68.83 12.97
N LEU J 106 -28.48 -68.18 11.91
CA LEU J 106 -29.56 -67.22 12.05
C LEU J 106 -30.69 -67.48 11.03
N ALA J 107 -31.85 -66.87 11.28
CA ALA J 107 -33.08 -67.29 10.61
C ALA J 107 -33.10 -67.17 9.10
N SER J 108 -32.59 -66.08 8.57
CA SER J 108 -32.67 -65.81 7.12
C SER J 108 -34.13 -65.83 6.61
N GLY J 109 -34.43 -66.74 5.68
CA GLY J 109 -35.71 -66.76 5.01
C GLY J 109 -36.70 -67.90 5.25
N GLU J 110 -36.27 -69.14 5.06
CA GLU J 110 -37.22 -70.26 5.01
C GLU J 110 -36.58 -71.59 5.42
N ILE J 111 -37.41 -72.49 5.96
CA ILE J 111 -36.99 -73.85 6.32
C ILE J 111 -38.05 -74.86 5.80
N SER J 112 -37.58 -76.06 5.46
CA SER J 112 -38.45 -77.13 4.99
C SER J 112 -37.84 -78.49 5.34
N ARG J 113 -36.99 -78.99 4.47
CA ARG J 113 -36.32 -80.28 4.69
C ARG J 113 -35.45 -80.24 5.96
N ALA J 114 -35.35 -81.39 6.63
CA ALA J 114 -34.65 -81.47 7.91
C ALA J 114 -33.17 -81.75 7.75
N VAL J 115 -32.33 -81.08 8.55
CA VAL J 115 -30.88 -81.28 8.50
C VAL J 115 -30.26 -81.24 9.91
N THR J 116 -29.11 -81.89 10.07
CA THR J 116 -28.34 -81.83 11.31
C THR J 116 -27.17 -80.82 11.26
N VAL J 117 -27.20 -79.80 12.12
CA VAL J 117 -26.25 -78.67 12.08
C VAL J 117 -25.26 -78.66 13.25
N HIS J 118 -24.05 -78.20 12.95
CA HIS J 118 -22.99 -78.13 13.96
C HIS J 118 -22.40 -76.71 14.10
N VAL J 119 -22.99 -75.88 14.96
CA VAL J 119 -22.51 -74.52 15.13
C VAL J 119 -22.00 -74.31 16.56
N ASP J 120 -21.77 -73.06 16.94
CA ASP J 120 -21.32 -72.74 18.29
C ASP J 120 -22.40 -72.01 19.05
N ALA J 121 -23.39 -71.53 18.31
CA ALA J 121 -24.59 -70.92 18.85
C ALA J 121 -25.56 -70.66 17.70
N ALA J 122 -26.80 -70.32 18.04
CA ALA J 122 -27.76 -69.93 17.03
C ALA J 122 -28.94 -69.21 17.66
N SER J 123 -29.74 -68.57 16.84
CA SER J 123 -30.84 -67.77 17.35
C SER J 123 -32.00 -68.65 17.77
N ALA J 124 -32.85 -68.11 18.64
CA ALA J 124 -34.02 -68.83 19.13
C ALA J 124 -34.85 -69.36 17.96
N ALA J 125 -35.31 -68.44 17.10
CA ALA J 125 -36.21 -68.80 16.01
C ALA J 125 -35.53 -69.70 14.99
N ALA J 126 -34.21 -69.82 15.08
CA ALA J 126 -33.46 -70.68 14.18
C ALA J 126 -33.47 -72.12 14.68
N ILE J 127 -33.23 -72.31 15.97
CA ILE J 127 -33.31 -73.67 16.53
C ILE J 127 -34.76 -74.13 16.44
N LYS J 128 -35.67 -73.23 16.77
CA LYS J 128 -37.10 -73.52 16.71
C LYS J 128 -37.54 -73.90 15.30
N ALA J 129 -37.15 -73.12 14.30
CA ALA J 129 -37.56 -73.46 12.94
C ALA J 129 -36.79 -74.64 12.35
N VAL J 130 -35.58 -74.92 12.83
CA VAL J 130 -34.85 -76.07 12.30
C VAL J 130 -35.43 -77.38 12.90
N GLU J 131 -35.93 -77.33 14.14
CA GLU J 131 -36.54 -78.52 14.74
C GLU J 131 -37.93 -78.76 14.16
N ALA J 132 -38.72 -77.70 14.03
CA ALA J 132 -40.07 -77.75 13.46
C ALA J 132 -40.08 -78.19 11.98
N ALA J 133 -38.92 -78.55 11.47
CA ALA J 133 -38.80 -79.08 10.11
C ALA J 133 -38.12 -80.42 10.21
N GLY J 134 -37.82 -80.81 11.43
CA GLY J 134 -37.29 -82.13 11.70
C GLY J 134 -35.80 -82.25 11.96
N GLY J 135 -35.08 -81.14 11.80
CA GLY J 135 -33.64 -81.11 11.97
C GLY J 135 -33.17 -80.70 13.36
N ARG J 136 -32.02 -81.22 13.79
CA ARG J 136 -31.52 -80.88 15.11
C ARG J 136 -30.34 -79.91 15.03
N VAL J 137 -30.15 -79.12 16.10
CA VAL J 137 -29.07 -78.14 16.17
C VAL J 137 -28.09 -78.51 17.30
N VAL J 138 -26.80 -78.52 17.00
CA VAL J 138 -25.80 -78.97 17.97
C VAL J 138 -24.92 -77.86 18.54
N LEU J 139 -25.11 -77.52 19.81
CA LEU J 139 -24.18 -76.63 20.51
C LEU J 139 -23.21 -77.50 21.31
N PRO J 140 -21.94 -77.06 21.40
CA PRO J 140 -20.91 -77.82 22.13
C PRO J 140 -21.09 -77.82 23.66
N GLU J 141 -20.29 -78.66 24.32
CA GLU J 141 -20.46 -78.94 25.75
C GLU J 141 -19.86 -77.86 26.66
N LYS K 1 -36.90 29.61 15.75
CA LYS K 1 -35.53 29.15 15.95
C LYS K 1 -35.55 27.68 16.35
N ARG K 2 -34.98 27.32 17.50
CA ARG K 2 -34.97 25.91 17.91
C ARG K 2 -36.29 25.32 18.47
N THR K 3 -36.38 24.00 18.35
CA THR K 3 -37.30 23.19 19.11
C THR K 3 -36.75 22.94 20.52
N LYS K 4 -37.59 22.54 21.47
CA LYS K 4 -37.25 22.65 22.89
C LYS K 4 -36.78 21.37 23.61
N PHE K 5 -36.98 20.21 22.97
CA PHE K 5 -36.76 18.85 23.54
C PHE K 5 -37.18 17.94 22.38
N ARG K 6 -36.59 16.74 22.21
CA ARG K 6 -36.83 15.97 20.98
C ARG K 6 -36.38 14.47 20.90
N LYS K 7 -35.55 14.14 19.90
CA LYS K 7 -34.81 12.86 19.83
C LYS K 7 -33.29 12.96 19.52
N GLN K 8 -32.88 13.77 18.52
CA GLN K 8 -31.49 14.30 18.31
C GLN K 8 -31.01 14.46 16.84
N PHE K 9 -30.89 13.34 16.11
CA PHE K 9 -30.37 13.28 14.73
C PHE K 9 -31.46 12.92 13.68
N ARG K 10 -31.14 12.88 12.37
CA ARG K 10 -32.17 12.72 11.31
C ARG K 10 -31.72 12.14 9.93
N GLY K 11 -32.17 12.77 8.83
CA GLY K 11 -31.86 12.33 7.47
C GLY K 11 -32.27 13.32 6.37
N ARG K 12 -32.43 12.83 5.14
CA ARG K 12 -32.71 13.74 4.01
C ARG K 12 -33.43 13.02 2.79
N MET K 13 -34.39 13.68 2.11
CA MET K 13 -35.18 13.16 0.94
C MET K 13 -36.12 14.30 0.39
N THR K 14 -36.67 14.19 -0.85
CA THR K 14 -37.71 15.18 -1.35
C THR K 14 -38.79 14.87 -2.53
N GLY K 15 -39.98 15.46 -2.36
CA GLY K 15 -40.97 15.73 -3.39
C GLY K 15 -41.88 16.88 -2.95
N ASP K 16 -42.69 17.43 -3.87
CA ASP K 16 -43.58 18.61 -3.67
C ASP K 16 -44.37 18.76 -2.31
N ALA K 17 -44.83 19.99 -2.02
CA ALA K 17 -45.25 20.42 -0.65
C ALA K 17 -46.62 20.00 -0.17
N LYS K 18 -46.65 19.37 0.99
CA LYS K 18 -47.87 18.73 1.50
C LYS K 18 -48.93 19.76 1.79
N GLY K 19 -48.89 20.31 3.00
CA GLY K 19 -49.70 21.45 3.33
C GLY K 19 -48.82 22.48 3.97
N GLY K 20 -49.08 23.76 3.71
CA GLY K 20 -50.20 24.12 2.89
C GLY K 20 -49.97 25.28 1.98
N ASP K 21 -50.38 25.06 0.74
CA ASP K 21 -50.25 26.02 -0.34
C ASP K 21 -51.19 27.20 -0.24
N TYR K 22 -51.94 27.34 0.84
CA TYR K 22 -52.96 28.38 0.85
C TYR K 22 -52.77 29.46 1.92
N VAL K 23 -53.41 30.60 1.66
CA VAL K 23 -53.16 31.83 2.39
C VAL K 23 -54.17 32.09 3.52
N ALA K 24 -53.87 31.54 4.70
CA ALA K 24 -54.60 31.85 5.93
C ALA K 24 -53.91 32.98 6.76
N PHE K 25 -54.53 33.35 7.88
CA PHE K 25 -54.01 34.39 8.78
C PHE K 25 -53.62 35.74 8.17
N GLY K 26 -53.89 35.97 6.90
CA GLY K 26 -53.40 37.20 6.32
C GLY K 26 -53.87 37.54 4.94
N ASP K 27 -53.52 38.73 4.48
CA ASP K 27 -53.96 39.21 3.18
C ASP K 27 -52.90 39.00 2.09
N TYR K 28 -51.61 39.11 2.44
CA TYR K 28 -50.55 38.87 1.45
C TYR K 28 -49.59 37.76 1.92
N GLY K 29 -49.09 36.97 0.97
CA GLY K 29 -48.29 35.82 1.34
C GLY K 29 -47.12 35.47 0.44
N LEU K 30 -46.05 34.97 1.05
CA LEU K 30 -44.85 34.64 0.32
C LEU K 30 -44.59 33.14 0.30
N ILE K 31 -44.31 32.67 -0.91
CA ILE K 31 -44.29 31.27 -1.26
C ILE K 31 -42.94 30.85 -1.85
N ALA K 32 -42.37 29.75 -1.32
CA ALA K 32 -41.21 29.06 -1.90
C ALA K 32 -41.40 28.77 -3.39
N MET K 33 -40.34 28.39 -4.08
CA MET K 33 -40.45 27.94 -5.47
C MET K 33 -39.46 26.79 -5.71
N GLU K 34 -38.65 26.55 -4.68
CA GLU K 34 -37.53 25.62 -4.76
C GLU K 34 -37.46 24.77 -3.48
N PRO K 35 -37.02 23.52 -3.62
CA PRO K 35 -36.95 22.44 -2.62
C PRO K 35 -35.88 22.55 -1.53
N ALA K 36 -35.66 23.75 -1.00
CA ALA K 36 -34.55 24.04 -0.09
C ALA K 36 -34.54 23.33 1.26
N TRP K 37 -33.53 23.70 2.05
CA TRP K 37 -33.54 23.53 3.49
C TRP K 37 -33.48 24.95 4.01
N ILE K 38 -34.14 25.26 5.11
CA ILE K 38 -34.10 26.63 5.61
C ILE K 38 -33.67 26.70 7.09
N LYS K 39 -32.58 27.40 7.34
CA LYS K 39 -32.00 27.47 8.68
C LYS K 39 -32.72 28.51 9.52
N SER K 40 -32.69 28.35 10.84
CA SER K 40 -33.28 29.33 11.75
C SER K 40 -32.94 30.75 11.31
N ASN K 41 -31.70 31.11 11.60
CA ASN K 41 -31.08 32.38 11.24
C ASN K 41 -31.48 32.99 9.89
N GLN K 42 -31.83 32.15 8.92
CA GLN K 42 -32.29 32.65 7.63
C GLN K 42 -33.68 33.24 7.81
N ILE K 43 -34.52 32.51 8.54
CA ILE K 43 -35.84 33.01 8.86
C ILE K 43 -35.67 34.22 9.75
N GLU K 44 -35.00 34.03 10.89
CA GLU K 44 -34.63 35.11 11.80
C GLU K 44 -34.28 36.37 11.04
N ALA K 45 -33.47 36.21 10.01
CA ALA K 45 -33.12 37.29 9.10
C ALA K 45 -34.35 37.88 8.41
N CYS K 46 -35.23 37.03 7.88
CA CYS K 46 -36.40 37.54 7.16
C CYS K 46 -37.38 38.24 8.11
N ARG K 47 -37.49 37.66 9.30
CA ARG K 47 -38.33 38.18 10.37
C ARG K 47 -37.86 39.58 10.72
N ILE K 48 -36.54 39.75 10.92
CA ILE K 48 -36.02 41.04 11.34
C ILE K 48 -36.10 42.06 10.21
N VAL K 49 -35.82 41.63 9.00
CA VAL K 49 -36.01 42.51 7.85
C VAL K 49 -37.43 43.07 7.84
N MET K 50 -38.40 42.17 7.69
CA MET K 50 -39.79 42.57 7.53
C MET K 50 -40.30 43.36 8.75
N SER K 51 -39.96 42.90 9.95
CA SER K 51 -40.32 43.57 11.21
C SER K 51 -39.82 45.00 11.21
N ARG K 52 -38.57 45.22 10.84
CA ARG K 52 -38.12 46.60 10.69
C ARG K 52 -38.96 47.34 9.63
N HIS K 53 -39.07 46.80 8.41
CA HIS K 53 -39.70 47.59 7.35
C HIS K 53 -41.14 47.99 7.66
N PHE K 54 -41.84 47.12 8.38
CA PHE K 54 -43.22 47.41 8.78
C PHE K 54 -43.28 48.42 9.92
N ARG K 55 -42.12 48.65 10.54
CA ARG K 55 -42.01 49.38 11.80
C ARG K 55 -42.94 48.75 12.81
N ARG K 56 -43.52 49.58 13.67
CA ARG K 56 -44.74 49.21 14.38
C ARG K 56 -45.89 49.46 13.39
N GLY K 57 -46.78 48.48 13.22
CA GLY K 57 -46.66 47.19 13.84
C GLY K 57 -46.91 46.07 12.84
N GLY K 58 -47.84 46.31 11.92
CA GLY K 58 -48.30 45.30 10.95
C GLY K 58 -48.66 43.97 11.59
N LYS K 59 -48.71 42.90 10.81
CA LYS K 59 -48.86 41.57 11.41
C LYS K 59 -48.18 40.48 10.58
N ILE K 60 -47.28 39.77 11.26
CA ILE K 60 -46.31 38.86 10.64
C ILE K 60 -46.49 37.41 11.11
N TYR K 61 -46.79 36.55 10.15
CA TYR K 61 -47.00 35.13 10.37
C TYR K 61 -45.86 34.35 9.72
N ILE K 62 -45.00 33.81 10.56
CA ILE K 62 -43.89 33.00 10.10
C ILE K 62 -44.33 31.57 10.16
N ARG K 63 -44.85 31.09 9.04
CA ARG K 63 -45.49 29.77 8.96
C ARG K 63 -44.48 28.66 9.18
N ILE K 64 -43.36 28.74 8.46
CA ILE K 64 -42.36 27.67 8.45
C ILE K 64 -41.61 27.59 9.78
N PHE K 65 -41.18 26.39 10.13
CA PHE K 65 -40.48 26.23 11.39
C PHE K 65 -39.50 25.03 11.39
N PRO K 66 -38.22 25.31 11.73
CA PRO K 66 -37.07 24.39 11.80
C PRO K 66 -37.10 23.37 12.94
N ASP K 67 -37.57 22.18 12.59
CA ASP K 67 -37.60 21.05 13.50
C ASP K 67 -36.51 20.05 13.19
N LYS K 68 -35.81 20.25 12.05
CA LYS K 68 -34.86 19.25 11.54
C LYS K 68 -33.42 19.54 11.92
N PRO K 69 -32.82 18.66 12.74
CA PRO K 69 -31.42 18.77 13.14
C PRO K 69 -30.43 18.35 12.03
N VAL K 70 -29.52 19.27 11.67
CA VAL K 70 -28.44 18.96 10.73
C VAL K 70 -27.14 18.99 11.48
N THR K 71 -26.30 18.02 11.17
CA THR K 71 -25.05 17.86 11.87
C THR K 71 -23.88 18.01 10.90
N LYS K 72 -22.71 18.19 11.48
CA LYS K 72 -21.48 18.47 10.75
C LYS K 72 -20.40 17.85 11.59
N LYS K 73 -19.53 17.07 10.99
CA LYS K 73 -18.47 16.47 11.78
C LYS K 73 -17.52 17.58 12.25
N PRO K 74 -16.72 17.30 13.31
CA PRO K 74 -15.65 18.23 13.77
C PRO K 74 -14.67 18.64 12.66
N ALA K 75 -13.81 19.59 12.96
CA ALA K 75 -12.86 20.04 11.94
C ALA K 75 -11.74 19.03 11.80
N GLU K 76 -11.44 18.66 10.56
CA GLU K 76 -10.35 17.73 10.22
C GLU K 76 -10.41 16.36 10.88
N THR K 77 -11.52 15.65 10.72
CA THR K 77 -11.53 14.27 11.20
C THR K 77 -11.74 13.32 10.04
N ARG K 78 -11.05 12.17 10.13
CA ARG K 78 -11.29 11.11 9.17
C ARG K 78 -12.68 10.56 9.45
N MET K 79 -13.43 10.31 8.37
CA MET K 79 -14.78 9.74 8.39
C MET K 79 -14.94 8.59 9.39
N GLY K 80 -16.17 8.38 9.85
CA GLY K 80 -16.46 7.44 10.93
C GLY K 80 -16.21 7.98 12.33
N LYS K 81 -15.97 7.08 13.28
CA LYS K 81 -15.91 7.36 14.71
C LYS K 81 -17.28 7.85 15.28
N GLY K 82 -18.20 8.24 14.40
CA GLY K 82 -19.52 8.63 14.84
C GLY K 82 -20.36 9.41 13.84
N LYS K 83 -21.48 9.93 14.31
CA LYS K 83 -22.23 10.86 13.51
C LYS K 83 -21.97 12.25 14.07
N GLY K 84 -22.00 13.24 13.17
CA GLY K 84 -21.66 14.60 13.52
C GLY K 84 -22.65 15.13 14.51
N ALA K 85 -22.27 16.11 15.31
CA ALA K 85 -23.12 16.52 16.41
C ALA K 85 -23.81 17.85 16.12
N VAL K 86 -25.08 17.78 15.78
CA VAL K 86 -25.99 18.92 15.64
C VAL K 86 -25.36 20.30 15.48
N GLU K 87 -25.02 20.61 14.25
CA GLU K 87 -24.51 21.92 13.90
C GLU K 87 -25.62 22.96 13.99
N TYR K 88 -26.74 22.72 13.33
CA TYR K 88 -27.78 23.73 13.32
C TYR K 88 -29.16 23.11 12.97
N TRP K 89 -30.19 23.96 12.77
CA TRP K 89 -31.55 23.49 12.48
C TRP K 89 -32.15 24.05 11.19
N VAL K 90 -32.72 23.15 10.41
CA VAL K 90 -33.35 23.48 9.16
C VAL K 90 -34.85 23.10 9.16
N SER K 91 -35.59 23.74 8.25
CA SER K 91 -37.02 23.48 8.04
C SER K 91 -37.28 23.17 6.57
N VAL K 92 -37.72 21.97 6.28
CA VAL K 92 -37.56 21.41 4.95
C VAL K 92 -38.47 21.96 3.84
N VAL K 93 -38.84 23.24 3.92
CA VAL K 93 -39.64 23.95 2.91
C VAL K 93 -39.61 23.39 1.47
N LYS K 94 -40.67 22.69 1.06
CA LYS K 94 -40.84 22.15 -0.32
C LYS K 94 -41.55 23.17 -1.22
N PRO K 95 -41.53 22.98 -2.56
CA PRO K 95 -42.02 24.10 -3.38
C PRO K 95 -43.49 24.38 -3.21
N GLY K 96 -43.93 25.62 -3.42
CA GLY K 96 -45.34 25.92 -3.28
C GLY K 96 -45.77 26.21 -1.86
N ARG K 97 -45.08 25.63 -0.88
CA ARG K 97 -45.35 25.89 0.53
C ARG K 97 -45.31 27.38 0.80
N VAL K 98 -46.23 27.88 1.61
CA VAL K 98 -46.23 29.29 1.97
C VAL K 98 -45.37 29.52 3.20
N MET K 99 -44.30 30.30 3.04
CA MET K 99 -43.41 30.58 4.14
C MET K 99 -43.90 31.73 4.98
N PHE K 100 -44.48 32.75 4.33
CA PHE K 100 -44.79 33.98 5.05
C PHE K 100 -46.17 34.55 4.83
N GLU K 101 -46.73 35.12 5.88
CA GLU K 101 -48.00 35.81 5.77
C GLU K 101 -47.87 37.17 6.40
N VAL K 102 -48.22 38.22 5.68
CA VAL K 102 -48.27 39.51 6.33
C VAL K 102 -49.55 40.18 5.97
N ALA K 103 -50.06 40.95 6.92
CA ALA K 103 -51.32 41.65 6.75
C ALA K 103 -51.40 42.80 7.71
N GLY K 104 -52.18 43.81 7.32
CA GLY K 104 -52.30 45.01 8.12
C GLY K 104 -51.36 46.04 7.56
N VAL K 105 -51.06 45.86 6.28
CA VAL K 105 -50.11 46.68 5.54
C VAL K 105 -50.62 46.78 4.10
N THR K 106 -50.24 47.85 3.40
CA THR K 106 -50.74 48.06 2.05
C THR K 106 -50.15 47.01 1.10
N GLU K 107 -50.57 47.03 -0.16
CA GLU K 107 -49.95 46.15 -1.16
C GLU K 107 -48.48 46.51 -1.33
N GLU K 108 -48.22 47.80 -1.48
CA GLU K 108 -46.86 48.31 -1.63
C GLU K 108 -45.91 47.82 -0.53
N GLN K 109 -46.25 48.17 0.70
CA GLN K 109 -45.55 47.69 1.89
C GLN K 109 -45.30 46.17 1.82
N ALA K 110 -46.33 45.42 1.47
CA ALA K 110 -46.20 43.96 1.42
C ALA K 110 -45.17 43.52 0.38
N LYS K 111 -45.29 44.06 -0.84
CA LYS K 111 -44.32 43.85 -1.92
C LYS K 111 -42.91 44.05 -1.40
N GLU K 112 -42.64 45.26 -0.92
CA GLU K 112 -41.30 45.60 -0.48
C GLU K 112 -40.79 44.66 0.61
N ALA K 113 -41.51 44.57 1.72
CA ALA K 113 -41.09 43.76 2.89
C ALA K 113 -40.78 42.35 2.45
N PHE K 114 -41.59 41.88 1.50
CA PHE K 114 -41.34 40.61 0.83
C PHE K 114 -40.01 40.57 0.10
N ARG K 115 -39.80 41.51 -0.83
CA ARG K 115 -38.61 41.53 -1.69
C ARG K 115 -37.34 41.55 -0.84
N LEU K 116 -37.34 42.46 0.10
CA LEU K 116 -36.30 42.51 1.10
C LEU K 116 -36.11 41.14 1.77
N ALA K 117 -37.17 40.45 2.17
CA ALA K 117 -36.97 39.12 2.78
C ALA K 117 -36.40 38.12 1.77
N GLY K 118 -36.77 38.29 0.50
CA GLY K 118 -36.44 37.37 -0.57
C GLY K 118 -34.96 37.37 -0.81
N HIS K 119 -34.38 38.56 -0.97
CA HIS K 119 -32.93 38.67 -1.13
C HIS K 119 -32.14 38.01 0.01
N LYS K 120 -32.75 37.81 1.17
CA LYS K 120 -32.08 37.11 2.27
C LYS K 120 -32.24 35.59 2.17
N LEU K 121 -32.98 35.13 1.16
CA LEU K 121 -33.36 33.72 1.08
C LEU K 121 -32.63 32.85 0.05
N PRO K 122 -32.31 31.60 0.46
CA PRO K 122 -31.63 30.58 -0.35
C PRO K 122 -32.31 30.22 -1.65
N ILE K 123 -33.52 30.70 -1.89
CA ILE K 123 -34.31 30.20 -3.00
C ILE K 123 -35.23 31.26 -3.59
N GLN K 124 -35.57 31.08 -4.86
CA GLN K 124 -36.53 31.97 -5.50
C GLN K 124 -37.87 31.93 -4.78
N THR K 125 -38.63 33.01 -4.85
CA THR K 125 -39.97 33.04 -4.24
C THR K 125 -40.97 33.77 -5.10
N LYS K 126 -42.23 33.73 -4.67
CA LYS K 126 -43.28 34.54 -5.28
C LYS K 126 -44.28 35.01 -4.22
N MET K 127 -44.72 36.27 -4.29
CA MET K 127 -45.82 36.74 -3.43
C MET K 127 -47.17 36.53 -4.14
N VAL K 128 -48.23 36.37 -3.34
CA VAL K 128 -49.59 36.23 -3.83
C VAL K 128 -50.60 36.73 -2.78
N LYS K 129 -51.90 36.58 -3.07
CA LYS K 129 -52.98 37.22 -2.28
C LYS K 129 -54.36 36.50 -2.23
N ARG K 130 -54.53 35.62 -1.24
CA ARG K 130 -55.83 34.98 -0.93
C ARG K 130 -56.51 34.23 -2.10
N GLU K 131 -57.83 34.03 -1.98
CA GLU K 131 -58.72 33.20 -2.86
C GLU K 131 -58.60 31.67 -2.64
N VAL K 132 -57.53 31.26 -1.96
CA VAL K 132 -57.27 29.85 -1.76
C VAL K 132 -58.12 29.34 -0.58
N TYR K 133 -59.44 29.31 -0.78
CA TYR K 133 -60.34 28.72 0.21
C TYR K 133 -60.58 27.25 -0.12
N ASP K 134 -59.54 26.46 0.14
CA ASP K 134 -59.65 25.02 0.14
C ASP K 134 -60.33 24.70 1.45
N GLU K 135 -59.93 25.42 2.50
CA GLU K 135 -60.71 25.57 3.72
C GLU K 135 -60.29 26.82 4.50
N ALA K 136 -61.00 27.04 5.60
CA ALA K 136 -60.77 28.19 6.47
C ALA K 136 -61.47 27.94 7.81
N HIS L 1 43.21 37.97 -30.27
CA HIS L 1 44.07 37.23 -29.31
C HIS L 1 45.58 37.32 -29.52
N GLY L 2 46.07 38.31 -30.28
CA GLY L 2 47.46 38.34 -30.72
C GLY L 2 48.62 37.92 -29.81
N LYS L 3 48.49 36.82 -29.10
CA LYS L 3 49.61 36.33 -28.28
C LYS L 3 50.56 35.44 -29.14
N ALA L 4 51.73 35.11 -28.61
CA ALA L 4 52.76 34.53 -29.46
C ALA L 4 53.64 33.55 -28.69
N GLY L 5 54.11 32.51 -29.39
CA GLY L 5 54.80 31.43 -28.72
C GLY L 5 53.90 30.24 -28.46
N ARG L 6 54.52 29.16 -28.01
CA ARG L 6 53.86 27.85 -27.90
C ARG L 6 53.96 27.32 -26.48
N LYS L 7 52.90 26.71 -26.01
CA LYS L 7 52.91 26.28 -24.64
C LYS L 7 53.71 24.97 -24.62
N LEU L 8 53.54 24.21 -25.71
CA LEU L 8 54.15 22.89 -25.93
C LEU L 8 53.99 21.95 -24.78
N ASN L 9 52.79 21.91 -24.21
CA ASN L 9 52.47 21.17 -22.99
C ASN L 9 53.69 21.05 -22.06
N ARG L 10 54.18 22.22 -21.63
CA ARG L 10 55.27 22.36 -20.67
C ARG L 10 55.18 23.62 -19.74
N ASN L 11 55.88 23.56 -18.60
CA ASN L 11 56.05 24.66 -17.63
C ASN L 11 57.08 25.64 -18.18
N SER L 12 57.12 26.87 -17.68
CA SER L 12 58.03 27.86 -18.24
C SER L 12 59.50 27.44 -18.25
N SER L 13 59.92 26.67 -17.26
CA SER L 13 61.32 26.31 -17.20
C SER L 13 61.58 25.28 -18.24
N ALA L 14 60.69 24.32 -18.36
CA ALA L 14 60.87 23.29 -19.34
C ALA L 14 61.00 23.98 -20.67
N ARG L 15 60.01 24.81 -21.03
CA ARG L 15 59.97 25.46 -22.33
C ARG L 15 61.29 26.07 -22.68
N VAL L 16 61.85 26.73 -21.68
CA VAL L 16 63.16 27.26 -21.90
C VAL L 16 64.24 26.16 -22.12
N ALA L 17 64.33 25.14 -21.26
CA ALA L 17 65.40 24.14 -21.38
C ALA L 17 65.35 23.43 -22.73
N LEU L 18 64.13 23.22 -23.23
CA LEU L 18 63.87 22.85 -24.61
C LEU L 18 64.65 23.76 -25.52
N ALA L 19 64.12 24.94 -25.81
CA ALA L 19 64.77 25.81 -26.83
C ALA L 19 66.25 25.92 -26.64
N ARG L 20 66.72 25.76 -25.42
CA ARG L 20 68.16 25.87 -25.28
C ARG L 20 68.86 24.61 -25.75
N ALA L 21 68.42 23.46 -25.26
CA ALA L 21 68.96 22.18 -25.73
C ALA L 21 68.89 22.06 -27.26
N GLN L 22 67.75 22.40 -27.85
CA GLN L 22 67.62 22.15 -29.27
C GLN L 22 68.40 23.19 -30.05
N ALA L 23 68.59 24.37 -29.49
CA ALA L 23 69.50 25.33 -30.11
C ALA L 23 70.91 24.77 -30.07
N THR L 24 71.41 24.46 -28.88
CA THR L 24 72.73 23.85 -28.71
C THR L 24 72.95 22.72 -29.70
N ALA L 25 71.92 21.91 -29.92
CA ALA L 25 72.04 20.77 -30.82
C ALA L 25 72.10 21.18 -32.28
N LEU L 26 71.16 22.02 -32.72
CA LEU L 26 71.19 22.44 -34.10
C LEU L 26 72.55 23.07 -34.41
N LEU L 27 73.05 23.96 -33.53
CA LEU L 27 74.35 24.58 -33.78
C LEU L 27 75.49 23.57 -33.72
N ARG L 28 75.38 22.54 -32.88
CA ARG L 28 76.44 21.54 -32.80
C ARG L 28 76.53 20.76 -34.08
N GLU L 29 75.42 20.55 -34.76
CA GLU L 29 75.47 19.79 -35.99
C GLU L 29 74.52 20.23 -37.10
N GLY L 30 74.79 21.37 -37.71
CA GLY L 30 74.11 21.88 -38.90
C GLY L 30 72.68 21.56 -39.31
N ARG L 31 72.18 20.41 -38.89
CA ARG L 31 70.84 20.01 -39.19
C ARG L 31 70.39 18.99 -38.14
N ILE L 32 69.12 19.07 -37.71
CA ILE L 32 68.52 18.08 -36.83
C ILE L 32 67.10 17.70 -37.16
N GLN L 33 66.75 16.53 -36.63
CA GLN L 33 65.49 15.91 -36.93
C GLN L 33 64.68 16.04 -35.69
N THR L 34 63.46 16.55 -35.83
CA THR L 34 62.67 16.85 -34.66
C THR L 34 61.20 17.02 -35.04
N THR L 35 60.32 17.09 -34.04
CA THR L 35 58.89 17.26 -34.33
C THR L 35 58.71 18.47 -35.21
N LEU L 36 57.75 18.45 -36.13
CA LEU L 36 57.63 19.58 -37.04
C LEU L 36 57.43 20.84 -36.24
N THR L 37 56.64 20.74 -35.16
CA THR L 37 56.28 21.86 -34.30
C THR L 37 57.50 22.38 -33.63
N LYS L 38 58.13 21.56 -32.77
CA LYS L 38 59.37 21.99 -32.07
C LYS L 38 60.36 22.70 -32.99
N ALA L 39 60.43 22.26 -34.25
CA ALA L 39 61.11 22.99 -35.31
C ALA L 39 60.56 24.39 -35.55
N LYS L 40 59.26 24.47 -35.82
CA LYS L 40 58.61 25.74 -36.07
C LYS L 40 59.01 26.65 -34.92
N GLU L 41 58.93 26.13 -33.70
CA GLU L 41 59.19 26.90 -32.48
C GLU L 41 60.65 27.21 -32.27
N LEU L 42 61.54 26.45 -32.93
CA LEU L 42 63.01 26.64 -32.75
C LEU L 42 63.58 27.65 -33.68
N ARG L 43 63.06 27.70 -34.90
CA ARG L 43 63.65 28.56 -35.92
C ARG L 43 64.00 29.97 -35.41
N PRO L 44 63.04 30.73 -34.83
CA PRO L 44 63.33 32.14 -34.51
C PRO L 44 64.19 32.37 -33.26
N PHE L 45 64.11 31.49 -32.29
CA PHE L 45 65.06 31.53 -31.18
C PHE L 45 66.52 31.35 -31.67
N VAL L 46 66.79 30.32 -32.48
CA VAL L 46 68.16 30.13 -32.95
C VAL L 46 68.53 31.26 -33.89
N GLU L 47 67.65 31.63 -34.81
CA GLU L 47 68.02 32.65 -35.76
C GLU L 47 68.48 33.89 -34.98
N GLN L 48 67.67 34.36 -34.02
CA GLN L 48 68.07 35.47 -33.15
C GLN L 48 69.43 35.26 -32.47
N LEU L 49 69.57 34.16 -31.72
CA LEU L 49 70.85 33.84 -31.09
C LEU L 49 72.05 33.99 -32.06
N ILE L 50 71.87 33.55 -33.29
CA ILE L 50 72.85 33.81 -34.35
C ILE L 50 73.05 35.29 -34.45
N THR L 51 71.99 36.06 -34.76
CA THR L 51 72.17 37.53 -34.82
C THR L 51 72.88 38.14 -33.61
N THR L 52 72.70 37.60 -32.41
CA THR L 52 73.47 38.07 -31.26
C THR L 52 74.95 37.78 -31.43
N ALA L 53 75.26 36.52 -31.77
CA ALA L 53 76.65 36.08 -31.91
C ALA L 53 77.37 36.82 -33.02
N LYS L 54 76.59 37.26 -34.02
CA LYS L 54 77.06 38.11 -35.12
C LYS L 54 77.63 39.50 -34.68
N GLY L 55 77.69 39.74 -33.38
CA GLY L 55 78.28 40.98 -32.90
C GLY L 55 79.79 40.88 -32.68
N GLY L 56 80.27 39.69 -32.33
CA GLY L 56 81.69 39.45 -32.15
C GLY L 56 82.39 39.98 -30.91
N ASP L 57 81.80 41.00 -30.28
CA ASP L 57 82.39 41.59 -29.09
C ASP L 57 82.26 40.62 -27.95
N LEU L 58 82.85 40.92 -26.80
CA LEU L 58 82.76 39.97 -25.70
C LEU L 58 81.35 39.97 -25.15
N HIS L 59 80.65 41.09 -25.26
CA HIS L 59 79.31 41.18 -24.68
C HIS L 59 78.45 40.11 -25.35
N SER L 60 78.52 40.09 -26.67
CA SER L 60 77.70 39.17 -27.42
C SER L 60 78.10 37.71 -27.17
N ARG L 61 79.38 37.43 -26.89
CA ARG L 61 79.71 36.10 -26.43
C ARG L 61 78.97 35.81 -25.10
N ARG L 62 79.21 36.59 -24.06
CA ARG L 62 78.58 36.34 -22.74
C ARG L 62 77.04 36.19 -22.77
N LEU L 63 76.45 37.00 -23.64
CA LEU L 63 75.06 36.92 -24.03
C LEU L 63 74.67 35.56 -24.54
N VAL L 64 75.43 35.09 -25.53
CA VAL L 64 75.12 33.80 -26.11
C VAL L 64 75.34 32.76 -25.05
N ALA L 65 76.37 32.93 -24.25
CA ALA L 65 76.71 31.95 -23.25
C ALA L 65 75.63 31.72 -22.23
N GLN L 66 74.76 32.71 -22.00
CA GLN L 66 73.67 32.42 -21.05
C GLN L 66 72.70 31.38 -21.63
N ASP L 67 72.30 31.58 -22.87
CA ASP L 67 71.44 30.60 -23.52
C ASP L 67 72.17 29.28 -23.92
N ILE L 68 73.47 29.29 -24.16
CA ILE L 68 74.14 28.10 -24.69
C ILE L 68 75.29 27.65 -23.79
N HIS L 69 75.00 26.65 -22.97
CA HIS L 69 75.85 26.36 -21.82
C HIS L 69 77.03 25.50 -22.06
N ASP L 70 77.28 25.15 -23.33
CA ASP L 70 78.46 24.33 -23.71
C ASP L 70 79.49 25.13 -24.48
N LYS L 71 80.64 25.26 -23.84
CA LYS L 71 81.70 26.15 -24.27
C LYS L 71 81.93 25.99 -25.74
N ASP L 72 82.21 24.74 -26.11
CA ASP L 72 82.62 24.39 -27.44
C ASP L 72 81.62 24.88 -28.48
N VAL L 73 80.34 24.63 -28.25
CA VAL L 73 79.32 25.17 -29.13
C VAL L 73 79.30 26.72 -29.18
N VAL L 74 79.39 27.41 -28.03
CA VAL L 74 79.50 28.88 -28.02
C VAL L 74 80.62 29.30 -28.97
N ARG L 75 81.80 28.79 -28.67
CA ARG L 75 82.99 29.12 -29.41
C ARG L 75 82.74 28.89 -30.91
N LYS L 76 82.17 27.75 -31.28
CA LYS L 76 81.76 27.51 -32.64
C LYS L 76 80.86 28.62 -33.20
N VAL L 77 79.81 29.01 -32.47
CA VAL L 77 78.83 29.91 -33.08
C VAL L 77 79.36 31.34 -33.13
N MET L 78 80.29 31.66 -32.24
CA MET L 78 80.89 32.98 -32.19
C MET L 78 81.97 33.19 -33.27
N ASP L 79 83.00 32.36 -33.14
CA ASP L 79 84.12 32.31 -34.06
C ASP L 79 83.87 31.67 -35.46
N GLU L 80 83.11 30.57 -35.59
CA GLU L 80 82.91 30.00 -36.93
C GLU L 80 81.65 30.44 -37.71
N VAL L 81 80.45 30.38 -37.14
CA VAL L 81 79.28 30.50 -38.02
C VAL L 81 78.68 31.88 -38.18
N ALA L 82 78.55 32.60 -37.08
CA ALA L 82 78.10 33.98 -37.14
C ALA L 82 78.96 34.75 -38.17
N PRO L 83 80.31 34.69 -38.05
CA PRO L 83 81.10 35.36 -39.08
C PRO L 83 80.78 34.92 -40.48
N LYS L 84 80.34 33.66 -40.69
CA LYS L 84 80.02 33.26 -42.05
C LYS L 84 78.77 33.97 -42.49
N TYR L 85 77.77 34.01 -41.62
CA TYR L 85 76.49 34.65 -41.95
C TYR L 85 76.55 36.19 -42.07
N ALA L 86 77.70 36.73 -41.68
CA ALA L 86 78.20 38.01 -42.20
C ALA L 86 77.31 38.78 -43.16
N GLU L 87 77.00 38.22 -44.32
CA GLU L 87 76.33 39.03 -45.30
C GLU L 87 74.84 38.71 -45.45
N ARG L 88 74.30 37.76 -44.69
CA ARG L 88 72.90 37.49 -44.91
C ARG L 88 71.99 38.11 -43.86
N PRO L 89 71.04 38.91 -44.35
CA PRO L 89 70.11 39.59 -43.46
C PRO L 89 69.19 38.56 -42.78
N GLY L 90 69.69 37.86 -41.78
CA GLY L 90 68.89 36.81 -41.20
C GLY L 90 68.57 35.58 -42.04
N GLY L 91 67.34 35.11 -41.97
CA GLY L 91 67.02 33.80 -42.47
C GLY L 91 68.12 32.75 -42.40
N TYR L 92 68.76 32.60 -41.24
CA TYR L 92 69.86 31.67 -41.12
C TYR L 92 69.44 30.21 -41.14
N THR L 93 68.13 29.93 -41.12
CA THR L 93 67.73 28.54 -41.22
C THR L 93 66.50 28.23 -42.10
N ARG L 94 66.24 26.93 -42.23
CA ARG L 94 65.16 26.40 -43.02
C ARG L 94 64.69 25.06 -42.48
N ILE L 95 63.46 24.74 -42.88
CA ILE L 95 62.75 23.58 -42.35
C ILE L 95 62.19 22.64 -43.44
N LEU L 96 62.43 21.35 -43.25
CA LEU L 96 61.92 20.42 -44.23
C LEU L 96 60.98 19.46 -43.56
N ARG L 97 59.88 19.14 -44.23
CA ARG L 97 58.96 18.12 -43.70
C ARG L 97 59.32 16.72 -44.25
N VAL L 98 59.88 15.89 -43.38
CA VAL L 98 60.07 14.50 -43.67
C VAL L 98 58.72 13.75 -43.68
N GLY L 99 58.02 13.73 -42.54
CA GLY L 99 56.74 13.02 -42.47
C GLY L 99 56.53 12.02 -41.34
N THR L 100 55.35 11.44 -41.36
CA THR L 100 54.80 10.59 -40.33
C THR L 100 55.62 9.48 -39.70
N ARG L 101 55.73 9.52 -38.39
CA ARG L 101 56.36 8.44 -37.62
C ARG L 101 55.41 7.31 -37.16
N ARG L 102 56.00 6.18 -36.79
CA ARG L 102 55.23 4.95 -36.55
C ARG L 102 54.62 4.90 -35.17
N GLY L 103 55.45 5.07 -34.15
CA GLY L 103 55.00 5.00 -32.76
C GLY L 103 53.80 5.84 -32.34
N ASP L 104 53.77 7.08 -32.80
CA ASP L 104 52.79 8.08 -32.37
C ASP L 104 52.24 8.95 -33.49
N GLY L 105 52.37 8.49 -34.71
CA GLY L 105 51.71 9.18 -35.82
C GLY L 105 52.16 10.55 -36.26
N VAL L 106 53.33 11.03 -35.79
CA VAL L 106 53.64 12.45 -35.93
C VAL L 106 54.59 12.82 -37.06
N THR L 107 54.11 13.65 -38.00
CA THR L 107 54.98 14.32 -38.98
C THR L 107 56.30 14.84 -38.43
N MET L 108 57.42 14.14 -38.60
CA MET L 108 58.66 14.76 -38.21
C MET L 108 59.13 15.70 -39.28
N ALA L 109 60.32 16.25 -39.04
CA ALA L 109 60.86 17.31 -39.87
C ALA L 109 62.32 17.60 -39.58
N LEU L 110 62.86 18.40 -40.49
CA LEU L 110 64.27 18.61 -40.57
C LEU L 110 64.48 20.07 -40.56
N ILE L 111 65.48 20.51 -39.79
CA ILE L 111 65.72 21.94 -39.66
C ILE L 111 67.20 22.11 -39.76
N GLU L 112 67.69 23.12 -40.50
CA GLU L 112 69.14 23.27 -40.87
C GLU L 112 69.47 24.68 -41.37
N LEU L 113 70.75 24.94 -41.68
CA LEU L 113 71.32 26.28 -41.85
C LEU L 113 71.58 26.90 -43.29
N ARG M 1 -70.00 -6.59 33.99
CA ARG M 1 -70.84 -7.57 34.64
C ARG M 1 -71.26 -8.69 33.68
N ARG M 2 -71.40 -8.36 32.41
CA ARG M 2 -71.64 -9.36 31.35
C ARG M 2 -70.42 -10.21 31.14
N LYS M 3 -69.39 -9.97 31.94
CA LYS M 3 -68.08 -10.60 31.76
C LYS M 3 -68.11 -12.08 32.11
N LEU M 4 -68.78 -12.47 33.20
CA LEU M 4 -68.91 -13.88 33.60
C LEU M 4 -69.51 -14.77 32.49
N ARG M 5 -70.53 -14.25 31.83
CA ARG M 5 -71.28 -15.07 30.90
C ARG M 5 -70.50 -15.21 29.60
N THR M 6 -70.06 -14.10 29.00
CA THR M 6 -69.28 -14.19 27.77
C THR M 6 -67.95 -14.91 28.03
N ARG M 7 -67.47 -14.82 29.27
CA ARG M 7 -66.29 -15.59 29.73
C ARG M 7 -66.51 -17.09 29.57
N ARG M 8 -67.40 -17.65 30.38
CA ARG M 8 -67.63 -19.08 30.30
C ARG M 8 -68.15 -19.51 28.93
N LYS M 9 -68.86 -18.60 28.28
CA LYS M 9 -69.39 -18.81 26.95
C LYS M 9 -68.27 -19.06 25.94
N VAL M 10 -67.29 -18.17 25.83
CA VAL M 10 -66.18 -18.44 24.92
C VAL M 10 -65.35 -19.61 25.46
N ARG M 11 -65.33 -19.75 26.78
CA ARG M 11 -64.52 -20.79 27.39
C ARG M 11 -65.11 -22.16 27.04
N THR M 12 -66.41 -22.22 26.78
CA THR M 12 -66.96 -23.37 26.09
C THR M 12 -66.56 -23.22 24.65
N THR M 13 -65.57 -23.99 24.27
CA THR M 13 -65.17 -24.00 22.90
C THR M 13 -66.40 -24.52 22.14
N THR M 14 -67.02 -23.56 21.46
CA THR M 14 -68.22 -23.74 20.62
C THR M 14 -68.15 -25.03 19.77
N ALA M 15 -67.71 -24.91 18.52
CA ALA M 15 -67.73 -26.04 17.59
C ALA M 15 -66.68 -27.09 17.97
N ALA M 16 -65.40 -26.82 17.67
CA ALA M 16 -64.28 -27.78 17.75
C ALA M 16 -64.33 -28.82 18.90
N SER M 17 -65.12 -28.52 19.93
CA SER M 17 -65.40 -29.48 21.01
C SER M 17 -66.10 -30.79 20.54
N GLY M 18 -67.01 -30.68 19.59
CA GLY M 18 -67.85 -31.80 19.16
C GLY M 18 -69.16 -31.87 19.95
N LYS M 19 -69.04 -32.02 21.26
CA LYS M 19 -70.18 -32.14 22.17
C LYS M 19 -71.19 -31.00 22.00
N LEU M 20 -72.37 -31.18 22.58
CA LEU M 20 -73.40 -30.15 22.48
C LEU M 20 -73.42 -29.36 23.75
N ARG M 21 -73.69 -28.07 23.63
CA ARG M 21 -73.71 -27.26 24.83
C ARG M 21 -75.14 -27.09 25.25
N LEU M 22 -75.27 -26.76 26.53
CA LEU M 22 -76.53 -26.81 27.25
C LEU M 22 -76.68 -25.53 28.04
N SER M 23 -77.58 -24.65 27.58
CA SER M 23 -77.83 -23.37 28.25
C SER M 23 -78.57 -23.52 29.60
N VAL M 24 -78.72 -22.43 30.33
CA VAL M 24 -79.63 -22.35 31.48
C VAL M 24 -80.28 -20.94 31.41
N TYR M 25 -80.82 -20.44 32.53
CA TYR M 25 -81.27 -19.04 32.67
C TYR M 25 -81.90 -18.71 34.05
N ARG M 26 -81.50 -19.41 35.11
CA ARG M 26 -82.15 -19.18 36.41
C ARG M 26 -81.77 -17.86 37.03
N SER M 27 -82.36 -16.78 36.52
CA SER M 27 -82.27 -15.50 37.20
C SER M 27 -83.66 -15.16 37.72
N SER M 28 -84.63 -15.12 36.81
CA SER M 28 -86.01 -15.02 37.22
C SER M 28 -86.38 -16.30 37.94
N LYS M 29 -87.64 -16.39 38.36
CA LYS M 29 -88.16 -17.63 38.92
C LYS M 29 -88.82 -18.44 37.78
N HIS M 30 -88.12 -18.43 36.65
CA HIS M 30 -88.40 -19.26 35.49
C HIS M 30 -87.06 -19.43 34.78
N ILE M 31 -86.80 -20.61 34.20
CA ILE M 31 -85.52 -20.88 33.56
C ILE M 31 -85.75 -21.21 32.08
N TYR M 32 -84.83 -21.88 31.40
CA TYR M 32 -85.07 -22.24 30.00
C TYR M 32 -84.22 -23.39 29.42
N ALA M 33 -83.22 -23.84 30.19
CA ALA M 33 -82.23 -24.87 29.80
C ALA M 33 -82.32 -25.43 28.37
N GLN M 34 -81.66 -24.78 27.41
CA GLN M 34 -81.64 -25.25 26.02
C GLN M 34 -80.46 -26.18 25.74
N ILE M 35 -80.63 -27.05 24.74
CA ILE M 35 -79.53 -27.89 24.27
C ILE M 35 -79.27 -27.48 22.83
N ILE M 36 -78.01 -27.13 22.55
CA ILE M 36 -77.65 -26.57 21.26
C ILE M 36 -76.50 -27.31 20.62
N ASP M 37 -76.67 -27.59 19.32
CA ASP M 37 -75.54 -27.87 18.47
C ASP M 37 -75.02 -26.54 17.98
N ASP M 38 -74.38 -25.81 18.91
CA ASP M 38 -73.43 -24.73 18.67
C ASP M 38 -73.20 -24.29 17.20
N SER M 39 -72.48 -25.12 16.43
CA SER M 39 -72.09 -24.84 15.05
C SER M 39 -73.26 -24.43 14.16
N ARG M 40 -74.09 -25.42 13.80
CA ARG M 40 -75.38 -25.12 13.18
C ARG M 40 -76.17 -24.15 14.08
N GLY M 41 -76.73 -23.09 13.48
CA GLY M 41 -77.43 -22.09 14.26
C GLY M 41 -78.73 -22.58 14.90
N GLN M 42 -78.83 -23.90 15.09
CA GLN M 42 -80.05 -24.60 15.54
C GLN M 42 -80.01 -25.12 16.98
N THR M 43 -81.16 -25.03 17.65
CA THR M 43 -81.35 -25.50 19.03
C THR M 43 -82.20 -26.79 19.08
N LEU M 44 -81.56 -27.85 19.56
CA LEU M 44 -82.06 -29.22 19.42
C LEU M 44 -83.25 -29.57 20.33
N ALA M 45 -82.94 -29.93 21.57
CA ALA M 45 -83.94 -30.32 22.55
C ALA M 45 -84.63 -29.11 23.24
N ALA M 46 -84.34 -28.94 24.54
CA ALA M 46 -84.86 -27.91 25.46
C ALA M 46 -86.05 -28.40 26.32
N ALA M 47 -86.20 -27.78 27.48
CA ALA M 47 -87.24 -28.11 28.46
C ALA M 47 -87.43 -26.94 29.43
N SER M 48 -88.40 -26.07 29.15
CA SER M 48 -88.65 -24.84 29.92
C SER M 48 -89.18 -25.09 31.36
N SER M 49 -90.05 -24.20 31.85
CA SER M 49 -90.69 -24.35 33.18
C SER M 49 -91.75 -23.28 33.45
N ALA M 50 -92.29 -22.66 32.39
CA ALA M 50 -93.31 -21.62 32.53
C ALA M 50 -94.64 -22.07 31.95
N ALA M 51 -94.66 -23.29 31.41
CA ALA M 51 -95.90 -23.98 31.05
C ALA M 51 -96.25 -24.97 32.16
N LEU M 52 -96.77 -24.43 33.26
CA LEU M 52 -97.06 -25.16 34.51
C LEU M 52 -95.76 -25.64 35.19
N LYS M 53 -95.69 -25.46 36.50
CA LYS M 53 -94.44 -25.65 37.24
C LYS M 53 -94.56 -26.57 38.47
N SER M 54 -95.77 -27.09 38.69
CA SER M 54 -96.18 -27.83 39.91
C SER M 54 -96.45 -26.85 41.05
N GLY M 55 -95.47 -25.98 41.31
CA GLY M 55 -95.53 -24.98 42.35
C GLY M 55 -94.16 -24.54 42.84
N ASN M 56 -93.22 -25.49 42.89
CA ASN M 56 -91.86 -25.24 43.40
C ASN M 56 -91.16 -24.18 42.56
N LYS M 57 -90.43 -23.29 43.23
CA LYS M 57 -89.84 -22.13 42.55
C LYS M 57 -88.34 -22.30 42.20
N THR M 58 -87.66 -23.10 43.01
CA THR M 58 -86.23 -23.38 42.84
C THR M 58 -85.98 -24.85 43.21
N ASP M 59 -87.01 -25.45 43.82
CA ASP M 59 -87.02 -26.84 44.27
C ASP M 59 -87.25 -27.73 43.06
N THR M 60 -87.78 -27.10 42.01
CA THR M 60 -88.14 -27.75 40.75
C THR M 60 -87.01 -27.86 39.76
N ALA M 61 -85.82 -27.50 40.19
CA ALA M 61 -84.66 -27.55 39.31
C ALA M 61 -84.43 -28.98 38.84
N ALA M 62 -84.27 -29.88 39.81
CA ALA M 62 -84.07 -31.29 39.52
C ALA M 62 -85.10 -31.81 38.52
N ALA M 63 -86.31 -31.27 38.63
CA ALA M 63 -87.42 -31.68 37.78
C ALA M 63 -87.15 -31.42 36.31
N VAL M 64 -86.74 -30.20 35.99
CA VAL M 64 -86.55 -29.79 34.59
C VAL M 64 -85.20 -30.30 34.08
N GLY M 65 -84.31 -30.66 35.00
CA GLY M 65 -83.10 -31.39 34.64
C GLY M 65 -83.46 -32.76 34.10
N LYS M 66 -84.30 -33.46 34.87
CA LYS M 66 -84.85 -34.78 34.53
C LYS M 66 -85.74 -34.78 33.27
N ALA M 67 -86.49 -33.68 33.10
CA ALA M 67 -87.38 -33.46 31.96
C ALA M 67 -86.60 -33.23 30.68
N LEU M 68 -85.63 -32.32 30.76
CA LEU M 68 -84.70 -32.07 29.66
C LEU M 68 -83.99 -33.36 29.25
N ALA M 69 -83.22 -33.94 30.18
CA ALA M 69 -82.51 -35.19 29.94
C ALA M 69 -83.43 -36.26 29.35
N ALA M 70 -84.70 -36.23 29.79
CA ALA M 70 -85.72 -37.05 29.18
C ALA M 70 -85.89 -36.73 27.68
N ALA M 71 -85.96 -35.45 27.31
CA ALA M 71 -86.04 -35.10 25.87
C ALA M 71 -84.79 -35.57 25.12
N ALA M 72 -83.68 -35.57 25.85
CA ALA M 72 -82.39 -35.94 25.30
C ALA M 72 -82.30 -37.42 24.99
N ALA M 73 -82.96 -38.23 25.80
CA ALA M 73 -83.04 -39.66 25.50
C ALA M 73 -83.58 -39.88 24.08
N GLU M 74 -84.75 -39.29 23.81
CA GLU M 74 -85.46 -39.48 22.55
C GLU M 74 -84.71 -38.93 21.36
N LYS M 75 -84.28 -37.68 21.47
CA LYS M 75 -83.61 -37.07 20.33
C LYS M 75 -82.31 -37.80 20.04
N GLY M 76 -81.72 -38.41 21.06
CA GLY M 76 -80.57 -39.26 20.90
C GLY M 76 -79.25 -38.64 21.36
N ILE M 77 -79.35 -37.76 22.34
CA ILE M 77 -78.22 -36.97 22.81
C ILE M 77 -77.59 -37.59 24.06
N LYS M 78 -76.37 -38.10 23.91
CA LYS M 78 -75.66 -38.73 25.03
C LYS M 78 -74.45 -37.87 25.50
N GLN M 79 -73.97 -36.97 24.63
CA GLN M 79 -72.85 -36.11 25.01
C GLN M 79 -73.29 -34.66 25.23
N VAL M 80 -72.56 -33.97 26.10
CA VAL M 80 -73.04 -32.72 26.62
C VAL M 80 -71.88 -31.77 26.94
N VAL M 81 -72.18 -30.47 27.02
CA VAL M 81 -71.30 -29.48 27.66
C VAL M 81 -72.17 -28.46 28.40
N PHE M 82 -71.79 -28.18 29.65
CA PHE M 82 -72.60 -27.38 30.57
C PHE M 82 -72.40 -25.86 30.45
N ASP M 83 -73.07 -25.21 29.49
CA ASP M 83 -73.01 -23.74 29.38
C ASP M 83 -73.76 -23.06 30.53
N ARG M 84 -73.10 -22.85 31.68
CA ARG M 84 -73.76 -22.10 32.73
C ARG M 84 -73.93 -20.65 32.28
N GLY M 85 -74.25 -19.75 33.18
CA GLY M 85 -74.34 -18.34 32.82
C GLY M 85 -73.50 -17.55 33.78
N SER M 86 -74.03 -16.42 34.20
CA SER M 86 -73.47 -15.77 35.39
C SER M 86 -73.81 -16.59 36.65
N TYR M 87 -74.03 -17.90 36.49
CA TYR M 87 -74.59 -18.74 37.55
C TYR M 87 -73.55 -19.68 38.10
N LYS M 88 -73.25 -19.50 39.38
CA LYS M 88 -72.03 -20.01 39.98
C LYS M 88 -72.12 -21.45 40.46
N TYR M 89 -72.82 -22.29 39.68
CA TYR M 89 -72.90 -23.73 39.91
C TYR M 89 -72.89 -24.14 41.39
N HIS M 90 -74.04 -24.05 42.05
CA HIS M 90 -74.15 -24.26 43.49
C HIS M 90 -75.36 -25.08 43.91
N GLY M 91 -76.54 -24.48 43.80
CA GLY M 91 -77.73 -25.13 44.30
C GLY M 91 -78.63 -25.48 43.16
N ARG M 92 -79.43 -24.51 42.76
CA ARG M 92 -80.46 -24.68 41.75
C ARG M 92 -79.93 -25.29 40.46
N VAL M 93 -78.91 -24.66 39.91
CA VAL M 93 -78.42 -25.06 38.63
C VAL M 93 -77.59 -26.33 38.85
N LYS M 94 -77.10 -26.53 40.08
CA LYS M 94 -76.49 -27.81 40.43
C LYS M 94 -77.55 -28.92 40.46
N ALA M 95 -78.75 -28.57 40.91
CA ALA M 95 -79.83 -29.54 40.90
C ALA M 95 -80.13 -29.93 39.46
N LEU M 96 -80.39 -28.93 38.61
CA LEU M 96 -80.65 -29.17 37.20
C LEU M 96 -79.58 -30.10 36.64
N ALA M 97 -78.34 -29.83 37.08
CA ALA M 97 -77.20 -30.66 36.74
C ALA M 97 -77.43 -32.10 37.18
N ASP M 98 -77.08 -32.42 38.44
CA ASP M 98 -77.20 -33.77 39.01
C ASP M 98 -78.39 -34.56 38.44
N ALA M 99 -79.54 -33.88 38.37
CA ALA M 99 -80.73 -34.38 37.69
C ALA M 99 -80.44 -34.89 36.28
N ALA M 100 -79.91 -34.02 35.42
CA ALA M 100 -79.60 -34.46 34.05
C ALA M 100 -78.42 -35.42 34.03
N ARG M 101 -77.62 -35.37 35.09
CA ARG M 101 -76.32 -36.03 35.19
C ARG M 101 -76.53 -37.50 35.53
N GLU M 102 -77.75 -37.81 36.01
CA GLU M 102 -78.15 -39.22 36.13
C GLU M 102 -79.26 -39.58 35.15
N GLY M 103 -80.27 -38.70 35.04
CA GLY M 103 -81.44 -38.97 34.23
C GLY M 103 -81.34 -38.79 32.72
N GLY M 104 -80.18 -39.06 32.15
CA GLY M 104 -79.94 -38.84 30.73
C GLY M 104 -80.72 -39.69 29.71
N GLN N 1 40.50 42.45 -41.75
CA GLN N 1 39.31 41.80 -42.33
C GLN N 1 38.93 42.58 -43.58
N THR N 2 39.47 43.79 -43.70
CA THR N 2 39.55 44.47 -44.99
C THR N 2 41.02 44.64 -45.12
N HIS N 3 41.61 43.96 -46.10
CA HIS N 3 43.05 43.93 -46.10
C HIS N 3 43.64 45.05 -46.98
N ILE N 4 43.77 46.25 -46.42
CA ILE N 4 44.22 47.39 -47.21
C ILE N 4 45.64 47.75 -46.86
N LYS N 5 46.44 48.05 -47.88
CA LYS N 5 47.79 48.56 -47.64
C LYS N 5 47.64 49.90 -46.98
N ILE N 6 48.32 50.06 -45.86
CA ILE N 6 48.01 51.11 -44.92
C ILE N 6 49.03 51.10 -43.80
N ASN N 7 49.69 52.22 -43.54
CA ASN N 7 50.44 52.31 -42.30
C ASN N 7 49.46 52.78 -41.24
N ARG N 8 49.10 51.89 -40.31
CA ARG N 8 48.13 52.22 -39.28
C ARG N 8 48.77 53.28 -38.46
N GLY N 9 50.00 53.02 -38.05
CA GLY N 9 50.82 53.98 -37.32
C GLY N 9 50.66 55.36 -37.87
N GLU N 10 51.35 55.66 -38.96
CA GLU N 10 51.37 56.99 -39.54
C GLU N 10 49.99 57.64 -39.70
N LEU N 11 48.95 56.85 -39.95
CA LEU N 11 47.60 57.44 -40.01
C LEU N 11 47.15 57.97 -38.62
N LEU N 12 47.15 57.07 -37.64
CA LEU N 12 47.03 57.45 -36.25
C LEU N 12 47.87 58.63 -35.90
N ARG N 13 49.19 58.49 -36.02
CA ARG N 13 50.15 59.52 -35.58
C ARG N 13 49.84 60.87 -36.21
N GLY N 14 49.29 60.84 -37.43
CA GLY N 14 48.87 62.07 -38.09
C GLY N 14 48.00 62.91 -37.18
N ILE N 15 46.72 62.56 -37.17
CA ILE N 15 45.78 63.01 -36.15
C ILE N 15 46.43 63.25 -34.81
N GLU N 16 46.99 62.19 -34.23
CA GLU N 16 47.47 62.18 -32.85
C GLU N 16 48.49 63.28 -32.56
N GLN N 17 49.06 63.87 -33.60
CA GLN N 17 50.09 64.87 -33.33
C GLN N 17 49.57 66.30 -33.29
N ASP N 18 48.36 66.56 -33.77
CA ASP N 18 47.75 67.90 -33.64
C ASP N 18 47.26 68.13 -32.21
N HIS N 19 47.80 67.35 -31.28
CA HIS N 19 47.20 67.15 -29.99
C HIS N 19 48.30 66.59 -29.16
N THR N 20 49.51 66.88 -29.58
CA THR N 20 50.69 66.40 -28.91
C THR N 20 51.52 67.63 -28.51
N ARG N 21 52.03 67.61 -27.30
CA ARG N 21 52.83 68.73 -26.83
C ARG N 21 53.95 68.18 -25.96
N GLN N 22 55.15 68.71 -26.11
CA GLN N 22 56.26 68.23 -25.31
C GLN N 22 56.61 69.21 -24.21
N LEU N 23 56.90 68.67 -23.04
CA LEU N 23 57.18 69.51 -21.88
C LEU N 23 58.61 69.19 -21.53
N PRO N 24 59.24 70.02 -20.73
CA PRO N 24 60.59 69.77 -20.23
C PRO N 24 60.97 68.33 -19.88
N ASP N 25 62.27 68.04 -20.00
CA ASP N 25 62.85 66.76 -19.68
C ASP N 25 62.79 66.40 -18.21
N PHE N 26 61.63 66.37 -17.61
CA PHE N 26 61.62 65.88 -16.25
C PHE N 26 61.55 64.36 -16.26
N ARG N 27 62.07 63.76 -15.20
CA ARG N 27 62.13 62.33 -15.05
C ARG N 27 61.47 61.85 -13.76
N PRO N 28 61.06 60.58 -13.73
CA PRO N 28 60.64 60.04 -12.43
C PRO N 28 61.62 60.28 -11.29
N GLY N 29 61.16 60.97 -10.26
CA GLY N 29 61.97 61.31 -9.09
C GLY N 29 62.16 62.81 -8.87
N ASP N 30 62.26 63.50 -10.01
CA ASP N 30 62.26 64.94 -10.14
C ASP N 30 61.06 65.58 -9.50
N THR N 31 61.26 66.65 -8.75
CA THR N 31 60.16 67.47 -8.24
C THR N 31 59.76 68.52 -9.26
N VAL N 32 58.47 68.79 -9.36
CA VAL N 32 57.94 69.54 -10.50
C VAL N 32 56.78 70.43 -10.06
N ARG N 33 56.55 71.52 -10.79
CA ARG N 33 55.42 72.37 -10.47
C ARG N 33 54.58 72.64 -11.69
N VAL N 34 53.33 72.23 -11.58
CA VAL N 34 52.37 72.26 -12.66
C VAL N 34 51.46 73.43 -12.44
N ASP N 35 51.57 74.40 -13.31
CA ASP N 35 50.69 75.54 -13.25
C ASP N 35 49.57 75.33 -14.19
N THR N 36 48.43 75.01 -13.57
CA THR N 36 47.16 74.67 -14.21
C THR N 36 46.20 75.83 -14.15
N LYS N 37 45.39 75.98 -15.20
CA LYS N 37 44.28 76.93 -15.14
C LYS N 37 43.01 76.14 -14.86
N VAL N 38 42.15 76.70 -14.02
CA VAL N 38 40.90 76.06 -13.61
C VAL N 38 39.74 76.97 -14.01
N ARG N 39 38.60 76.41 -14.42
CA ARG N 39 37.45 77.25 -14.71
C ARG N 39 36.36 77.13 -13.63
N GLU N 40 36.07 78.26 -12.96
CA GLU N 40 35.16 78.32 -11.82
C GLU N 40 33.78 78.92 -12.17
N GLY N 41 33.16 78.43 -13.24
CA GLY N 41 32.10 79.20 -13.85
C GLY N 41 32.84 80.21 -14.71
N ASN N 42 32.24 81.37 -14.99
CA ASN N 42 32.80 82.29 -15.99
C ASN N 42 34.28 82.51 -15.81
N ARG N 43 34.71 82.46 -14.55
CA ARG N 43 36.06 82.80 -14.13
C ARG N 43 37.15 81.76 -14.51
N THR N 44 38.36 82.24 -14.78
CA THR N 44 39.52 81.36 -14.97
C THR N 44 40.60 81.59 -13.91
N ARG N 45 40.59 80.75 -12.87
CA ARG N 45 41.59 80.79 -11.78
C ARG N 45 42.87 80.06 -12.21
N SER N 46 43.93 80.23 -11.44
CA SER N 46 45.21 79.62 -11.72
C SER N 46 45.60 78.87 -10.44
N GLN N 47 45.64 77.56 -10.50
CA GLN N 47 46.04 76.77 -9.33
C GLN N 47 47.25 75.91 -9.70
N ALA N 48 48.02 75.52 -8.70
CA ALA N 48 49.39 75.13 -8.95
C ALA N 48 49.83 73.95 -8.10
N PHE N 49 49.91 72.81 -8.76
CA PHE N 49 50.14 71.55 -8.10
C PHE N 49 51.63 71.27 -8.16
N GLU N 50 52.27 70.99 -7.03
CA GLU N 50 53.71 70.77 -7.07
C GLU N 50 54.16 69.64 -6.19
N GLY N 51 54.85 68.68 -6.80
CA GLY N 51 55.21 67.49 -6.06
C GLY N 51 56.22 66.63 -6.76
N VAL N 52 56.28 65.36 -6.37
CA VAL N 52 57.25 64.44 -6.96
C VAL N 52 56.65 63.76 -8.18
N VAL N 53 57.46 63.56 -9.23
CA VAL N 53 56.97 62.85 -10.40
C VAL N 53 57.25 61.35 -10.18
N ILE N 54 56.19 60.54 -10.08
CA ILE N 54 56.37 59.11 -9.78
C ILE N 54 56.16 58.22 -11.01
N ALA N 55 55.54 58.71 -12.06
CA ALA N 55 55.49 57.91 -13.26
C ALA N 55 55.18 58.73 -14.49
N ILE N 56 55.90 58.45 -15.56
CA ILE N 56 55.49 58.95 -16.86
C ILE N 56 55.01 57.73 -17.58
N ASN N 57 54.12 57.93 -18.55
CA ASN N 57 53.27 56.88 -19.12
C ASN N 57 52.68 57.33 -20.45
N GLY N 58 52.58 56.35 -21.36
CA GLY N 58 52.06 56.55 -22.69
C GLY N 58 53.04 57.28 -23.58
N SER N 59 52.53 57.72 -24.73
CA SER N 59 53.20 58.69 -25.59
C SER N 59 52.22 59.16 -26.64
N GLY N 60 52.61 60.11 -27.46
CA GLY N 60 51.71 60.64 -28.45
C GLY N 60 50.75 61.47 -27.68
N SER N 61 49.56 61.72 -28.23
CA SER N 61 48.59 62.51 -27.48
C SER N 61 48.28 61.90 -26.10
N ARG N 62 48.49 60.61 -25.95
CA ARG N 62 48.12 59.91 -24.71
C ARG N 62 49.13 60.08 -23.54
N LYS N 63 50.29 60.66 -23.82
CA LYS N 63 51.29 60.73 -22.77
C LYS N 63 50.79 61.59 -21.55
N SER N 64 51.33 61.21 -20.40
CA SER N 64 50.79 61.50 -19.10
C SER N 64 51.87 61.40 -18.03
N PHE N 65 51.83 62.26 -17.03
CA PHE N 65 52.71 62.05 -15.91
C PHE N 65 51.92 62.19 -14.62
N THR N 66 52.51 61.68 -13.56
CA THR N 66 51.82 61.55 -12.31
C THR N 66 52.57 62.20 -11.19
N VAL N 67 51.99 63.28 -10.67
CA VAL N 67 52.57 64.03 -9.56
C VAL N 67 51.96 63.54 -8.30
N ARG N 68 52.77 63.32 -7.26
CA ARG N 68 52.24 63.04 -5.93
C ARG N 68 52.65 64.16 -4.99
N LYS N 69 51.65 64.70 -4.28
CA LYS N 69 51.75 65.83 -3.31
C LYS N 69 51.19 65.47 -1.93
N ILE N 70 51.72 66.02 -0.86
CA ILE N 70 50.98 65.90 0.38
C ILE N 70 50.29 67.23 0.66
N SER N 71 48.98 67.24 0.82
CA SER N 71 48.31 68.51 1.05
C SER N 71 47.40 68.45 2.28
N PHE N 72 47.76 69.29 3.24
CA PHE N 72 46.95 69.52 4.40
C PHE N 72 46.81 68.21 5.11
N GLY N 73 47.95 67.57 5.32
CA GLY N 73 47.96 66.29 5.98
C GLY N 73 47.42 65.10 5.19
N GLU N 74 46.89 65.33 4.00
CA GLU N 74 46.38 64.19 3.23
C GLU N 74 47.12 63.91 1.87
N GLY N 75 47.53 62.64 1.66
CA GLY N 75 48.16 62.22 0.41
C GLY N 75 47.28 62.49 -0.80
N VAL N 76 47.84 63.06 -1.86
CA VAL N 76 47.08 63.19 -3.08
C VAL N 76 48.00 62.97 -4.27
N GLU N 77 47.51 62.32 -5.33
CA GLU N 77 48.22 62.21 -6.60
C GLU N 77 47.34 62.69 -7.72
N ARG N 78 47.94 63.22 -8.75
CA ARG N 78 47.19 63.66 -9.89
C ARG N 78 47.89 63.24 -11.20
N VAL N 79 47.12 63.19 -12.26
CA VAL N 79 47.54 62.60 -13.51
C VAL N 79 47.25 63.60 -14.59
N PHE N 80 48.28 64.01 -15.32
CA PHE N 80 48.07 65.00 -16.36
C PHE N 80 48.49 64.46 -17.71
N PRO N 81 47.61 64.64 -18.70
CA PRO N 81 47.89 64.70 -20.13
C PRO N 81 48.85 65.84 -20.48
N PHE N 82 50.07 65.53 -20.91
CA PHE N 82 50.98 66.53 -21.47
C PHE N 82 50.25 67.57 -22.30
N ALA N 83 49.15 67.18 -22.97
CA ALA N 83 48.46 68.12 -23.85
C ALA N 83 47.09 68.56 -23.32
N SER N 84 46.87 68.44 -22.02
CA SER N 84 45.68 69.02 -21.42
C SER N 84 45.69 70.53 -21.58
N PRO N 85 44.63 71.07 -22.22
CA PRO N 85 44.43 72.52 -22.34
C PRO N 85 44.49 73.18 -20.98
N LEU N 86 44.08 72.44 -19.97
CA LEU N 86 44.06 72.95 -18.62
C LEU N 86 45.42 72.79 -17.93
N VAL N 87 46.44 72.37 -18.65
CA VAL N 87 47.80 72.49 -18.09
C VAL N 87 48.59 73.52 -18.89
N ASN N 88 48.79 74.65 -18.24
CA ASN N 88 49.49 75.77 -18.80
C ASN N 88 50.98 75.48 -18.92
N GLN N 89 51.58 75.00 -17.83
CA GLN N 89 53.02 75.00 -17.82
C GLN N 89 53.63 74.13 -16.73
N VAL N 90 54.83 73.62 -16.99
CA VAL N 90 55.49 72.63 -16.13
C VAL N 90 56.92 73.08 -15.83
N THR N 91 57.32 73.03 -14.58
CA THR N 91 58.63 73.56 -14.26
C THR N 91 59.44 72.65 -13.34
N ILE N 92 60.67 72.32 -13.73
CA ILE N 92 61.43 71.43 -12.87
C ILE N 92 61.87 72.24 -11.70
N VAL N 93 61.75 71.67 -10.51
CA VAL N 93 62.14 72.38 -9.31
C VAL N 93 63.36 71.77 -8.70
N GLU N 94 63.49 70.46 -8.83
CA GLU N 94 64.64 69.79 -8.26
C GLU N 94 64.87 68.50 -9.05
N ARG N 95 66.10 67.99 -9.07
CA ARG N 95 66.35 66.74 -9.80
C ARG N 95 66.46 65.62 -8.78
N GLY N 96 65.87 64.48 -9.13
CA GLY N 96 65.90 63.35 -8.21
C GLY N 96 66.98 62.38 -8.61
N LYS N 97 67.46 61.62 -7.63
CA LYS N 97 68.34 60.49 -7.88
C LYS N 97 67.57 59.21 -7.67
N VAL N 98 66.93 58.74 -8.73
CA VAL N 98 66.01 57.61 -8.64
C VAL N 98 66.56 56.33 -9.33
N ARG N 99 66.37 55.16 -8.73
CA ARG N 99 66.79 53.89 -9.35
C ARG N 99 65.73 53.19 -10.23
N ARG N 100 64.45 53.37 -9.92
CA ARG N 100 63.32 52.87 -10.72
C ARG N 100 62.78 53.83 -11.76
N ALA N 101 61.60 53.53 -12.27
CA ALA N 101 60.98 54.41 -13.23
C ALA N 101 59.54 54.62 -12.84
N LYS N 102 59.18 54.04 -11.69
CA LYS N 102 57.83 54.12 -11.22
C LYS N 102 57.56 54.65 -9.79
N LEU N 103 58.42 54.42 -8.81
CA LEU N 103 58.32 55.18 -7.53
C LEU N 103 57.11 54.90 -6.61
N TYR N 104 56.24 53.97 -6.96
CA TYR N 104 55.11 53.64 -6.10
C TYR N 104 55.51 53.48 -4.64
N TYR N 105 56.75 53.14 -4.40
CA TYR N 105 57.16 52.73 -3.06
C TYR N 105 57.08 53.87 -2.09
N GLY N 106 57.05 55.08 -2.64
CA GLY N 106 57.01 56.34 -1.91
C GLY N 106 55.63 56.53 -1.29
N LYS N 107 54.66 55.75 -1.77
CA LYS N 107 53.30 55.87 -1.27
C LYS N 107 53.19 55.43 0.21
N ALA N 108 54.25 54.94 0.85
CA ALA N 108 54.37 54.99 2.31
C ALA N 108 55.58 55.90 2.73
N ALA N 109 55.34 56.82 3.69
CA ALA N 109 56.30 57.90 3.95
C ALA N 109 55.95 58.81 5.14
N PRO O 1 14.23 -43.22 -19.21
CA PRO O 1 14.91 -42.52 -20.30
C PRO O 1 14.75 -41.00 -20.22
N ARG O 2 15.69 -40.25 -20.77
CA ARG O 2 15.51 -38.79 -20.85
C ARG O 2 15.24 -38.34 -22.27
N ALA O 3 14.53 -37.24 -22.41
CA ALA O 3 14.20 -36.71 -23.71
C ALA O 3 14.51 -35.23 -23.78
N LYS O 4 15.76 -34.88 -24.06
CA LYS O 4 16.16 -33.54 -24.53
C LYS O 4 15.19 -32.86 -25.47
N THR O 5 15.56 -31.66 -25.86
CA THR O 5 14.72 -30.85 -26.71
C THR O 5 15.05 -31.22 -28.13
N GLY O 6 16.29 -31.64 -28.28
CA GLY O 6 16.84 -31.96 -29.58
C GLY O 6 16.62 -30.95 -30.69
N ILE O 7 15.40 -30.80 -31.14
CA ILE O 7 15.26 -30.39 -32.52
C ILE O 7 14.03 -29.59 -32.69
N VAL O 8 13.14 -29.71 -31.71
CA VAL O 8 11.79 -29.17 -31.83
C VAL O 8 11.78 -27.67 -31.71
N ARG O 9 12.54 -27.18 -30.73
CA ARG O 9 12.50 -25.77 -30.41
C ARG O 9 13.00 -24.98 -31.59
N ARG O 10 14.09 -25.44 -32.17
CA ARG O 10 14.61 -24.71 -33.30
C ARG O 10 13.65 -24.74 -34.50
N ARG O 11 12.84 -25.79 -34.62
CA ARG O 11 11.94 -25.87 -35.77
C ARG O 11 10.78 -24.91 -35.59
N ARG O 12 10.21 -24.92 -34.39
CA ARG O 12 9.20 -23.92 -34.02
C ARG O 12 9.71 -22.53 -34.36
N HIS O 13 10.92 -22.27 -33.87
CA HIS O 13 11.47 -20.95 -33.91
C HIS O 13 11.61 -20.51 -35.33
N LYS O 14 12.16 -21.39 -36.15
CA LYS O 14 12.40 -21.01 -37.53
C LYS O 14 11.07 -20.79 -38.20
N LYS O 15 10.03 -21.43 -37.67
CA LYS O 15 8.72 -21.29 -38.30
C LYS O 15 8.27 -19.86 -38.13
N VAL O 16 8.28 -19.42 -36.88
CA VAL O 16 7.90 -18.03 -36.57
C VAL O 16 8.71 -17.07 -37.40
N LEU O 17 10.03 -17.25 -37.30
CA LEU O 17 10.99 -16.34 -37.91
C LEU O 17 10.78 -16.21 -39.40
N LYS O 18 10.36 -17.32 -40.02
CA LYS O 18 10.18 -17.37 -41.47
C LYS O 18 8.85 -16.78 -41.85
N ARG O 19 7.92 -16.71 -40.88
CA ARG O 19 6.67 -15.97 -41.13
C ARG O 19 7.01 -14.50 -41.18
N ALA O 20 8.04 -14.17 -40.41
CA ALA O 20 8.37 -12.80 -40.07
C ALA O 20 9.35 -12.08 -41.00
N LYS O 21 9.63 -12.59 -42.19
CA LYS O 21 10.57 -11.87 -43.02
C LYS O 21 10.00 -10.49 -43.44
N GLY O 22 10.90 -9.54 -43.66
CA GLY O 22 10.55 -8.19 -44.10
C GLY O 22 10.09 -7.27 -42.98
N PHE O 23 10.13 -7.83 -41.77
CA PHE O 23 9.82 -7.09 -40.55
C PHE O 23 11.07 -6.32 -40.24
N TRP O 24 10.90 -5.12 -39.66
CA TRP O 24 12.00 -4.17 -39.44
C TRP O 24 12.90 -4.58 -38.25
N GLY O 25 14.20 -4.54 -38.45
CA GLY O 25 15.11 -4.71 -37.34
C GLY O 25 15.01 -6.02 -36.63
N SER O 26 14.78 -6.00 -35.32
CA SER O 26 14.91 -7.23 -34.54
C SER O 26 13.64 -8.06 -34.71
N ARG O 27 12.59 -7.36 -35.15
CA ARG O 27 11.25 -7.90 -35.37
C ARG O 27 11.24 -9.05 -36.38
N SER O 28 12.33 -9.14 -37.16
CA SER O 28 12.47 -10.14 -38.18
C SER O 28 13.71 -11.01 -37.93
N LYS O 29 14.38 -10.82 -36.81
CA LYS O 29 15.59 -11.58 -36.63
C LYS O 29 15.66 -12.20 -35.24
N GLN O 30 15.01 -11.57 -34.25
CA GLN O 30 14.96 -12.17 -32.92
C GLN O 30 13.65 -12.93 -32.78
N TYR O 31 13.72 -14.15 -32.24
CA TYR O 31 12.52 -14.98 -32.16
C TYR O 31 11.46 -14.24 -31.40
N ARG O 32 11.72 -13.95 -30.13
CA ARG O 32 10.67 -13.41 -29.28
C ARG O 32 10.02 -12.18 -29.84
N ASN O 33 10.79 -11.33 -30.48
CA ASN O 33 10.14 -10.09 -30.80
C ASN O 33 9.36 -10.40 -32.07
N ALA O 34 9.86 -11.34 -32.86
CA ALA O 34 9.07 -11.87 -33.99
C ALA O 34 7.71 -12.41 -33.55
N PHE O 35 7.76 -13.39 -32.65
CA PHE O 35 6.59 -14.09 -32.18
C PHE O 35 5.56 -13.07 -31.68
N GLN O 36 6.08 -12.09 -30.95
CA GLN O 36 5.28 -11.01 -30.37
C GLN O 36 4.59 -10.15 -31.42
N THR O 37 5.43 -9.69 -32.35
CA THR O 37 4.98 -8.79 -33.41
C THR O 37 3.82 -9.43 -34.06
N LEU O 38 3.96 -10.77 -34.15
CA LEU O 38 3.03 -11.67 -34.80
C LEU O 38 1.71 -11.75 -34.06
N LEU O 39 1.69 -11.94 -32.74
CA LEU O 39 0.43 -11.75 -31.98
C LEU O 39 -0.33 -10.48 -32.42
N ASN O 40 0.39 -9.37 -32.42
CA ASN O 40 -0.34 -8.15 -32.80
C ASN O 40 -0.81 -8.24 -34.26
N ALA O 41 0.03 -8.85 -35.09
CA ALA O 41 -0.32 -9.10 -36.47
C ALA O 41 -1.65 -9.89 -36.54
N ALA O 42 -1.81 -10.87 -35.66
CA ALA O 42 -3.03 -11.66 -35.59
C ALA O 42 -4.22 -10.72 -35.53
N THR O 43 -4.25 -9.94 -34.44
CA THR O 43 -5.30 -8.93 -34.33
C THR O 43 -5.57 -8.25 -35.67
N TYR O 44 -4.50 -7.77 -36.29
CA TYR O 44 -4.67 -6.90 -37.47
C TYR O 44 -5.24 -7.62 -38.69
N GLU O 45 -4.76 -8.83 -38.93
CA GLU O 45 -5.32 -9.70 -39.97
C GLU O 45 -6.86 -9.91 -39.82
N TYR O 46 -7.27 -10.57 -38.73
CA TYR O 46 -8.72 -10.85 -38.51
C TYR O 46 -9.60 -9.59 -38.70
N ARG O 47 -9.22 -8.57 -37.93
CA ARG O 47 -9.90 -7.30 -38.01
C ARG O 47 -10.03 -6.93 -39.48
N ASP O 48 -8.91 -6.86 -40.16
CA ASP O 48 -8.95 -6.18 -41.44
C ASP O 48 -9.66 -7.02 -42.52
N ARG O 49 -9.81 -8.33 -42.35
CA ARG O 49 -10.72 -9.06 -43.27
C ARG O 49 -12.11 -8.41 -43.17
N ARG O 50 -12.67 -8.39 -41.95
CA ARG O 50 -13.95 -7.67 -41.87
C ARG O 50 -13.85 -6.25 -42.46
N ASN O 51 -12.77 -5.58 -42.11
CA ASN O 51 -12.72 -4.15 -42.31
C ASN O 51 -12.56 -3.79 -43.77
N LYS O 52 -11.92 -4.65 -44.56
CA LYS O 52 -11.71 -4.36 -45.97
C LYS O 52 -13.05 -4.51 -46.65
N LYS O 53 -13.83 -5.46 -46.14
CA LYS O 53 -15.21 -5.51 -46.61
C LYS O 53 -15.91 -4.16 -46.32
N ARG O 54 -15.62 -3.57 -45.16
CA ARG O 54 -16.12 -2.21 -44.87
C ARG O 54 -15.60 -1.11 -45.83
N ASP O 55 -14.34 -1.24 -46.21
CA ASP O 55 -13.61 -0.21 -46.96
C ASP O 55 -14.01 -0.13 -48.44
N PHE O 56 -14.15 -1.29 -49.05
CA PHE O 56 -14.46 -1.30 -50.46
C PHE O 56 -15.87 -0.77 -50.76
N ARG O 57 -16.82 -1.13 -49.90
CA ARG O 57 -18.15 -0.58 -50.01
C ARG O 57 -18.05 0.94 -50.11
N ARG O 58 -17.36 1.52 -49.11
CA ARG O 58 -17.05 2.95 -49.07
C ARG O 58 -16.60 3.45 -50.44
N LEU O 59 -15.53 2.86 -50.97
CA LEU O 59 -14.99 3.31 -52.27
C LEU O 59 -16.02 3.37 -53.40
N TRP O 60 -16.79 2.29 -53.50
CA TRP O 60 -17.80 2.17 -54.54
C TRP O 60 -18.71 3.36 -54.37
N ILE O 61 -19.15 3.57 -53.14
CA ILE O 61 -20.10 4.63 -52.84
C ILE O 61 -19.59 5.98 -53.28
N GLN O 62 -18.32 6.24 -53.01
CA GLN O 62 -17.71 7.51 -53.42
C GLN O 62 -17.85 7.73 -54.91
N ARG O 63 -17.36 6.75 -55.66
CA ARG O 63 -17.40 6.87 -57.10
C ARG O 63 -18.83 7.09 -57.59
N ILE O 64 -19.77 6.33 -57.02
CA ILE O 64 -21.16 6.40 -57.45
C ILE O 64 -21.68 7.81 -57.27
N ASN O 65 -21.47 8.36 -56.08
CA ASN O 65 -21.91 9.72 -55.78
C ASN O 65 -21.36 10.65 -56.84
N ALA O 66 -20.07 10.49 -57.15
CA ALA O 66 -19.43 11.32 -58.17
C ALA O 66 -20.22 11.29 -59.49
N GLY O 67 -20.32 10.11 -60.08
CA GLY O 67 -21.06 9.97 -61.32
C GLY O 67 -22.47 10.54 -61.23
N ALA O 68 -23.15 10.25 -60.13
CA ALA O 68 -24.48 10.75 -59.87
C ALA O 68 -24.52 12.24 -60.10
N ARG O 69 -23.53 12.93 -59.52
CA ARG O 69 -23.56 14.39 -59.46
C ARG O 69 -23.08 15.01 -60.77
N LEU O 70 -22.29 14.27 -61.56
CA LEU O 70 -21.91 14.73 -62.89
C LEU O 70 -23.15 15.13 -63.70
N HIS O 71 -24.17 14.28 -63.62
CA HIS O 71 -25.43 14.49 -64.35
C HIS O 71 -26.50 15.18 -63.50
N GLY O 72 -26.08 16.00 -62.54
CA GLY O 72 -27.01 16.76 -61.74
C GLY O 72 -27.89 15.99 -60.77
N MET O 73 -27.40 14.90 -60.21
CA MET O 73 -28.17 14.16 -59.20
C MET O 73 -27.31 13.85 -57.98
N ASN O 74 -27.87 14.03 -56.79
CA ASN O 74 -27.25 13.51 -55.58
C ASN O 74 -27.19 11.98 -55.63
N TYR O 75 -26.33 11.33 -54.85
CA TYR O 75 -26.32 9.85 -54.80
C TYR O 75 -27.57 9.27 -54.16
N SER O 76 -27.95 9.77 -52.99
CA SER O 76 -29.05 9.15 -52.25
C SER O 76 -30.28 9.13 -53.14
N THR O 77 -30.61 10.28 -53.72
CA THR O 77 -31.77 10.41 -54.62
C THR O 77 -31.61 9.48 -55.82
N PHE O 78 -30.36 9.25 -56.23
CA PHE O 78 -30.10 8.35 -57.34
C PHE O 78 -30.41 6.90 -56.96
N ILE O 79 -30.07 6.52 -55.74
CA ILE O 79 -30.29 5.16 -55.28
C ILE O 79 -31.77 4.87 -54.93
N ASN O 80 -32.50 5.83 -54.36
CA ASN O 80 -33.94 5.58 -54.19
C ASN O 80 -34.52 5.50 -55.59
N GLY O 81 -34.03 6.35 -56.49
CA GLY O 81 -34.42 6.29 -57.89
C GLY O 81 -34.27 4.90 -58.49
N LEU O 82 -33.13 4.26 -58.25
CA LEU O 82 -32.92 2.91 -58.74
C LEU O 82 -33.83 1.90 -58.06
N LYS O 83 -34.02 2.01 -56.75
CA LYS O 83 -34.85 1.02 -56.07
C LYS O 83 -36.32 1.12 -56.51
N ARG O 84 -36.78 2.36 -56.70
CA ARG O 84 -38.09 2.66 -57.22
C ARG O 84 -38.34 1.95 -58.56
N ALA O 85 -37.41 2.10 -59.50
CA ALA O 85 -37.57 1.47 -60.81
C ALA O 85 -37.10 0.03 -60.74
N ASN O 86 -36.93 -0.46 -59.52
CA ASN O 86 -36.59 -1.86 -59.25
C ASN O 86 -35.39 -2.39 -60.04
N ILE O 87 -34.55 -1.47 -60.50
CA ILE O 87 -33.24 -1.86 -60.97
C ILE O 87 -32.53 -2.34 -59.72
N ASP O 88 -31.85 -3.48 -59.81
CA ASP O 88 -31.30 -4.08 -58.61
C ASP O 88 -29.82 -4.31 -58.79
N LEU O 89 -29.03 -3.24 -58.74
CA LEU O 89 -27.63 -3.39 -59.01
C LEU O 89 -26.72 -3.27 -57.76
N ASN O 90 -25.72 -4.15 -57.71
CA ASN O 90 -24.61 -4.02 -56.80
C ASN O 90 -24.01 -2.63 -56.94
N ARG O 91 -23.50 -2.10 -55.83
CA ARG O 91 -22.86 -0.79 -55.89
C ARG O 91 -21.41 -0.97 -56.34
N LYS O 92 -20.86 -2.17 -56.13
CA LYS O 92 -19.62 -2.54 -56.78
C LYS O 92 -19.81 -2.32 -58.29
N VAL O 93 -20.88 -2.94 -58.78
CA VAL O 93 -21.23 -2.92 -60.18
C VAL O 93 -21.64 -1.52 -60.61
N LEU O 94 -22.39 -0.84 -59.76
CA LEU O 94 -22.82 0.52 -60.06
C LEU O 94 -21.63 1.46 -60.21
N ALA O 95 -20.62 1.21 -59.38
CA ALA O 95 -19.41 1.99 -59.40
C ALA O 95 -18.77 1.75 -60.74
N ASP O 96 -18.63 0.47 -61.10
CA ASP O 96 -17.89 0.12 -62.32
C ASP O 96 -18.60 0.65 -63.58
N ILE O 97 -19.93 0.62 -63.58
CA ILE O 97 -20.68 1.23 -64.66
C ILE O 97 -20.30 2.70 -64.71
N ALA O 98 -20.42 3.36 -63.55
CA ALA O 98 -20.19 4.81 -63.37
C ALA O 98 -18.83 5.31 -63.84
N ALA O 99 -17.83 4.48 -63.61
CA ALA O 99 -16.43 4.80 -63.89
C ALA O 99 -16.06 4.44 -65.31
N ARG O 100 -16.50 3.26 -65.75
CA ARG O 100 -16.08 2.66 -67.03
C ARG O 100 -16.95 3.07 -68.23
N GLU O 101 -18.27 3.01 -68.05
CA GLU O 101 -19.17 3.23 -69.17
C GLU O 101 -20.12 4.43 -68.94
N PRO O 102 -19.72 5.61 -69.45
CA PRO O 102 -20.42 6.90 -69.34
C PRO O 102 -21.91 6.89 -69.75
N GLU O 103 -22.16 6.66 -71.03
CA GLU O 103 -23.53 6.66 -71.57
C GLU O 103 -24.44 5.74 -70.77
N ALA O 104 -23.93 4.57 -70.40
CA ALA O 104 -24.77 3.58 -69.72
C ALA O 104 -25.16 4.09 -68.34
N PHE O 105 -24.18 4.61 -67.62
CA PHE O 105 -24.47 5.19 -66.30
C PHE O 105 -25.51 6.30 -66.49
N LYS O 106 -25.31 7.10 -67.53
CA LYS O 106 -26.25 8.14 -67.91
C LYS O 106 -27.67 7.58 -68.00
N ALA O 107 -27.83 6.52 -68.78
CA ALA O 107 -29.12 5.88 -68.96
C ALA O 107 -29.76 5.48 -67.63
N LEU O 108 -28.97 4.86 -66.76
CA LEU O 108 -29.46 4.52 -65.42
C LEU O 108 -29.90 5.78 -64.65
N VAL O 109 -29.17 6.88 -64.83
CA VAL O 109 -29.55 8.14 -64.21
C VAL O 109 -30.94 8.57 -64.68
N ASP O 110 -31.16 8.55 -65.98
CA ASP O 110 -32.43 9.04 -66.53
C ASP O 110 -33.59 8.16 -66.06
N ALA O 111 -33.33 6.86 -66.03
CA ALA O 111 -34.31 5.89 -65.54
C ALA O 111 -34.69 6.17 -64.10
N SER O 112 -33.68 6.46 -63.29
CA SER O 112 -33.88 6.72 -61.87
C SER O 112 -34.62 8.05 -61.58
N ARG O 113 -34.26 9.12 -62.30
CA ARG O 113 -34.95 10.38 -62.07
C ARG O 113 -36.38 10.28 -62.62
N ASN O 114 -36.59 9.39 -63.59
CA ASN O 114 -37.96 9.05 -64.01
C ASN O 114 -38.72 8.39 -62.89
N ALA O 115 -38.10 7.36 -62.30
CA ALA O 115 -38.69 6.66 -61.16
C ALA O 115 -38.98 7.61 -60.00
N ARG O 116 -38.30 8.75 -60.01
CA ARG O 116 -38.48 9.76 -58.98
C ARG O 116 -39.66 10.69 -59.23
N GLN O 117 -40.07 10.84 -60.49
CA GLN O 117 -41.01 11.90 -60.90
C GLN O 117 -42.42 11.76 -60.32
N ILE P 1 -25.86 -9.87 -63.33
CA ILE P 1 -25.39 -11.15 -63.81
C ILE P 1 -24.76 -11.98 -62.69
N GLN P 2 -25.60 -12.57 -61.84
CA GLN P 2 -25.21 -12.87 -60.46
C GLN P 2 -25.40 -14.29 -59.95
N THR P 3 -24.58 -14.66 -58.96
CA THR P 3 -24.64 -15.95 -58.29
C THR P 3 -24.48 -15.73 -56.79
N GLY P 4 -23.77 -16.64 -56.13
CA GLY P 4 -23.69 -16.75 -54.67
C GLY P 4 -23.97 -15.56 -53.75
N GLY P 5 -25.03 -14.80 -54.03
CA GLY P 5 -25.31 -13.56 -53.30
C GLY P 5 -24.78 -12.26 -53.95
N LYS P 6 -23.93 -12.40 -54.97
CA LYS P 6 -23.22 -11.25 -55.52
C LYS P 6 -23.18 -11.15 -57.04
N GLN P 7 -23.47 -9.95 -57.58
CA GLN P 7 -23.35 -9.67 -59.01
C GLN P 7 -21.95 -9.91 -59.52
N TYR P 8 -21.82 -10.20 -60.81
CA TYR P 8 -20.52 -10.17 -61.47
C TYR P 8 -20.71 -9.48 -62.82
N ARG P 9 -19.61 -9.13 -63.47
CA ARG P 9 -19.71 -8.46 -64.77
C ARG P 9 -19.17 -9.37 -65.85
N VAL P 10 -20.04 -9.71 -66.80
CA VAL P 10 -19.60 -10.55 -67.90
C VAL P 10 -19.96 -9.97 -69.26
N SER P 11 -19.10 -10.32 -70.22
CA SER P 11 -19.17 -9.85 -71.60
C SER P 11 -19.31 -10.99 -72.62
N GLU P 12 -18.37 -11.94 -72.59
CA GLU P 12 -18.40 -13.19 -73.38
C GLU P 12 -17.02 -13.84 -73.41
N GLY P 13 -16.97 -15.15 -73.18
CA GLY P 13 -15.75 -15.93 -73.28
C GLY P 13 -14.77 -15.71 -72.14
N ASP P 14 -15.28 -15.65 -70.93
CA ASP P 14 -14.47 -15.32 -69.76
C ASP P 14 -14.75 -16.30 -68.62
N VAL P 15 -13.69 -16.76 -67.96
CA VAL P 15 -13.84 -17.60 -66.79
C VAL P 15 -14.07 -16.73 -65.56
N ILE P 16 -14.77 -17.30 -64.59
CA ILE P 16 -15.27 -16.61 -63.40
C ILE P 16 -15.43 -17.67 -62.34
N ARG P 17 -14.83 -17.52 -61.16
CA ARG P 17 -15.05 -18.51 -60.12
C ARG P 17 -16.12 -17.99 -59.19
N VAL P 18 -17.05 -18.83 -58.79
CA VAL P 18 -18.09 -18.41 -57.86
C VAL P 18 -18.13 -19.49 -56.79
N GLU P 19 -18.90 -19.32 -55.72
CA GLU P 19 -18.94 -20.34 -54.67
C GLU P 19 -19.43 -21.64 -55.27
N SER P 20 -19.17 -22.75 -54.57
CA SER P 20 -19.41 -24.10 -55.12
C SER P 20 -20.86 -24.25 -55.59
N LEU P 21 -20.99 -24.65 -56.85
CA LEU P 21 -22.28 -24.86 -57.47
C LEU P 21 -22.55 -26.35 -57.63
N GLN P 22 -23.82 -26.76 -57.55
CA GLN P 22 -24.17 -28.14 -57.82
C GLN P 22 -23.91 -28.45 -59.29
N GLY P 23 -23.34 -29.61 -59.56
CA GLY P 23 -23.08 -29.96 -60.94
C GLY P 23 -21.74 -30.60 -61.11
N GLU P 24 -21.28 -30.72 -62.37
CA GLU P 24 -20.01 -31.36 -62.66
C GLU P 24 -19.36 -30.82 -63.92
N ALA P 25 -18.16 -31.30 -64.20
CA ALA P 25 -17.38 -30.88 -65.35
C ALA P 25 -18.14 -30.95 -66.67
N GLY P 26 -18.64 -29.82 -67.14
CA GLY P 26 -19.25 -29.78 -68.46
C GLY P 26 -20.74 -29.47 -68.42
N ASP P 27 -21.28 -29.53 -67.20
CA ASP P 27 -22.63 -29.09 -66.91
C ASP P 27 -23.02 -27.78 -67.59
N LYS P 28 -24.30 -27.43 -67.56
CA LYS P 28 -24.69 -26.16 -68.15
C LYS P 28 -25.51 -25.35 -67.17
N VAL P 29 -25.20 -24.05 -67.06
CA VAL P 29 -25.95 -23.16 -66.18
C VAL P 29 -26.39 -21.90 -66.91
N GLU P 30 -27.69 -21.64 -66.76
CA GLU P 30 -28.34 -20.48 -67.32
C GLU P 30 -28.55 -19.47 -66.20
N LEU P 31 -28.48 -18.19 -66.52
CA LEU P 31 -28.70 -17.15 -65.52
C LEU P 31 -29.44 -15.95 -66.06
N LYS P 32 -30.27 -15.35 -65.20
CA LYS P 32 -31.04 -14.20 -65.64
C LYS P 32 -30.18 -12.95 -65.56
N ALA P 33 -30.20 -12.18 -66.65
CA ALA P 33 -29.39 -10.98 -66.72
C ALA P 33 -29.92 -9.91 -65.78
N LEU P 34 -29.01 -9.03 -65.34
CA LEU P 34 -29.37 -7.87 -64.56
C LEU P 34 -29.08 -6.63 -65.37
N PHE P 35 -28.17 -6.78 -66.33
CA PHE P 35 -27.78 -5.66 -67.15
C PHE P 35 -27.04 -6.09 -68.41
N VAL P 36 -27.37 -5.42 -69.51
CA VAL P 36 -26.84 -5.77 -70.83
C VAL P 36 -25.47 -5.16 -71.10
N GLY P 37 -24.43 -6.01 -71.02
CA GLY P 37 -23.06 -5.61 -71.25
C GLY P 37 -22.74 -5.22 -72.68
N GLY P 38 -23.42 -4.18 -73.21
CA GLY P 38 -23.21 -3.71 -74.57
C GLY P 38 -23.98 -2.53 -75.17
N GLU P 39 -24.77 -2.82 -76.21
CA GLU P 39 -25.41 -1.82 -77.07
C GLU P 39 -26.80 -1.35 -76.62
N GLN P 40 -27.03 -0.04 -76.73
CA GLN P 40 -28.26 0.66 -76.28
C GLN P 40 -28.48 0.51 -74.76
N THR P 41 -27.92 -0.55 -74.17
CA THR P 41 -28.01 -0.87 -72.75
C THR P 41 -29.42 -1.27 -72.35
N VAL P 42 -29.54 -2.30 -71.50
CA VAL P 42 -30.81 -2.58 -70.88
C VAL P 42 -30.55 -3.10 -69.45
N PHE P 43 -31.53 -2.84 -68.58
CA PHE P 43 -31.39 -3.00 -67.14
C PHE P 43 -32.77 -3.23 -66.55
N GLY P 44 -32.83 -3.94 -65.42
CA GLY P 44 -34.10 -4.26 -64.80
C GLY P 44 -34.86 -5.41 -65.44
N GLU P 45 -36.10 -5.16 -65.88
CA GLU P 45 -36.96 -6.21 -66.41
C GLU P 45 -36.52 -6.67 -67.79
N ASP P 46 -36.26 -5.69 -68.66
CA ASP P 46 -35.70 -5.95 -69.98
C ASP P 46 -34.46 -6.86 -69.90
N ALA P 47 -33.63 -6.64 -68.88
CA ALA P 47 -32.44 -7.47 -68.69
C ALA P 47 -32.79 -8.89 -68.27
N GLY P 48 -33.66 -9.03 -67.26
CA GLY P 48 -34.12 -10.32 -66.79
C GLY P 48 -34.70 -11.18 -67.90
N LYS P 49 -35.35 -10.53 -68.87
CA LYS P 49 -35.85 -11.26 -70.03
C LYS P 49 -34.65 -11.87 -70.81
N TYR P 50 -33.64 -11.07 -71.14
CA TYR P 50 -32.45 -11.63 -71.76
C TYR P 50 -31.78 -12.64 -70.81
N THR P 51 -31.08 -13.60 -71.38
CA THR P 51 -30.51 -14.67 -70.58
C THR P 51 -29.01 -14.89 -70.85
N VAL P 52 -28.34 -15.54 -69.90
CA VAL P 52 -26.91 -15.78 -69.99
C VAL P 52 -26.63 -17.26 -69.89
N GLN P 53 -25.62 -17.71 -70.62
CA GLN P 53 -25.33 -19.14 -70.73
C GLN P 53 -23.87 -19.47 -70.43
N ALA P 54 -23.66 -20.45 -69.56
CA ALA P 54 -22.34 -20.67 -69.04
C ALA P 54 -22.03 -22.10 -68.68
N GLU P 55 -20.88 -22.56 -69.13
CA GLU P 55 -20.40 -23.91 -68.86
C GLU P 55 -19.55 -24.01 -67.59
N VAL P 56 -19.97 -24.90 -66.70
CA VAL P 56 -19.20 -25.28 -65.53
C VAL P 56 -17.85 -25.88 -65.90
N VAL P 57 -16.78 -25.14 -65.63
CA VAL P 57 -15.45 -25.58 -66.04
C VAL P 57 -14.79 -26.49 -65.01
N GLU P 58 -14.82 -26.09 -63.75
CA GLU P 58 -14.10 -26.90 -62.76
C GLU P 58 -14.54 -26.69 -61.31
N HIS P 59 -14.25 -27.65 -60.45
CA HIS P 59 -14.42 -27.47 -59.03
C HIS P 59 -13.06 -27.26 -58.39
N GLY P 60 -12.99 -26.31 -57.48
CA GLY P 60 -11.72 -25.98 -56.86
C GLY P 60 -11.76 -25.63 -55.39
N ARG P 61 -10.60 -25.78 -54.74
CA ARG P 61 -10.43 -25.38 -53.37
C ARG P 61 -9.55 -24.12 -53.30
N GLY P 62 -10.14 -23.03 -52.83
CA GLY P 62 -9.50 -21.71 -52.79
C GLY P 62 -8.15 -21.65 -52.09
N LYS P 63 -7.47 -20.50 -52.15
CA LYS P 63 -6.10 -20.43 -51.61
C LYS P 63 -6.18 -20.60 -50.11
N LYS P 64 -5.14 -21.16 -49.51
CA LYS P 64 -5.17 -21.47 -48.09
C LYS P 64 -5.08 -20.14 -47.33
N ILE P 65 -5.40 -20.16 -46.05
CA ILE P 65 -5.58 -18.95 -45.26
C ILE P 65 -5.47 -19.49 -43.86
N TYR P 66 -4.67 -18.91 -43.00
CA TYR P 66 -4.83 -19.32 -41.64
C TYR P 66 -5.70 -18.31 -40.92
N ILE P 67 -6.25 -18.73 -39.81
CA ILE P 67 -7.18 -17.93 -39.08
C ILE P 67 -6.56 -17.72 -37.74
N ARG P 68 -6.15 -16.49 -37.48
CA ARG P 68 -5.51 -16.22 -36.22
C ARG P 68 -6.33 -15.20 -35.46
N LYS P 69 -6.62 -15.55 -34.22
CA LYS P 69 -7.28 -14.67 -33.27
C LYS P 69 -6.35 -14.51 -32.08
N TYR P 70 -6.40 -13.34 -31.45
CA TYR P 70 -5.56 -13.05 -30.30
C TYR P 70 -6.20 -12.08 -29.33
N LYS P 71 -6.03 -12.34 -28.05
CA LYS P 71 -6.38 -11.31 -27.08
C LYS P 71 -5.34 -11.21 -25.94
N SER P 72 -4.96 -9.96 -25.70
CA SER P 72 -3.89 -9.59 -24.77
C SER P 72 -4.15 -9.96 -23.33
N GLY P 73 -3.06 -10.33 -22.66
CA GLY P 73 -3.09 -10.67 -21.25
C GLY P 73 -4.27 -11.55 -20.84
N VAL P 74 -4.56 -12.54 -21.67
CA VAL P 74 -5.63 -13.48 -21.42
C VAL P 74 -5.08 -14.88 -21.77
N GLN P 75 -3.99 -14.89 -22.53
CA GLN P 75 -3.38 -16.11 -23.03
C GLN P 75 -4.30 -16.76 -24.08
N TYR P 76 -5.12 -15.93 -24.71
CA TYR P 76 -5.98 -16.33 -25.80
C TYR P 76 -5.32 -16.24 -27.16
N ARG P 77 -4.82 -17.39 -27.63
CA ARG P 77 -4.32 -17.60 -29.00
C ARG P 77 -5.16 -18.63 -29.80
N ARG P 78 -5.50 -18.32 -31.04
CA ARG P 78 -6.28 -19.25 -31.83
C ARG P 78 -5.75 -19.34 -33.23
N ARG P 79 -5.35 -20.55 -33.62
CA ARG P 79 -4.88 -20.79 -34.97
C ARG P 79 -5.71 -21.90 -35.68
N THR P 80 -6.15 -21.60 -36.90
CA THR P 80 -7.17 -22.41 -37.56
C THR P 80 -6.91 -22.45 -39.07
N GLY P 81 -7.21 -23.56 -39.77
CA GLY P 81 -7.04 -23.57 -41.21
C GLY P 81 -8.24 -23.02 -41.97
N HIS P 82 -8.05 -22.59 -43.22
CA HIS P 82 -9.21 -22.36 -44.09
C HIS P 82 -8.94 -22.24 -45.58
N ARG P 83 -9.92 -22.78 -46.32
CA ARG P 83 -9.97 -23.01 -47.76
C ARG P 83 -11.40 -22.75 -48.25
N GLN P 84 -11.60 -21.92 -49.28
CA GLN P 84 -12.96 -21.62 -49.72
C GLN P 84 -13.32 -22.20 -51.08
N ASN P 85 -14.18 -23.23 -51.07
CA ASN P 85 -14.54 -23.97 -52.28
C ASN P 85 -15.31 -23.13 -53.30
N PHE P 86 -14.86 -23.23 -54.55
CA PHE P 86 -15.43 -22.51 -55.69
C PHE P 86 -15.69 -23.42 -56.93
N THR P 87 -16.33 -22.84 -57.95
CA THR P 87 -16.61 -23.47 -59.23
C THR P 87 -16.31 -22.48 -60.35
N ALA P 88 -15.44 -22.90 -61.28
CA ALA P 88 -15.01 -22.07 -62.40
C ALA P 88 -15.95 -22.28 -63.58
N ILE P 89 -16.26 -21.19 -64.27
CA ILE P 89 -17.43 -21.07 -65.12
C ILE P 89 -17.21 -20.21 -66.38
N LYS P 90 -17.09 -20.84 -67.55
CA LYS P 90 -16.92 -20.06 -68.80
C LYS P 90 -18.28 -19.50 -69.20
N ILE P 91 -18.30 -18.37 -69.89
CA ILE P 91 -19.54 -17.70 -70.22
C ILE P 91 -19.77 -17.59 -71.73
N LEU P 92 -21.01 -17.86 -72.18
CA LEU P 92 -21.45 -17.53 -73.54
C LEU P 92 -22.95 -17.23 -73.64
N GLY P 93 -23.44 -16.20 -72.94
CA GLY P 93 -24.86 -15.85 -72.94
C GLY P 93 -25.32 -15.15 -74.20
N ILE P 94 -26.63 -14.95 -74.34
CA ILE P 94 -27.19 -14.37 -75.57
C ILE P 94 -26.62 -12.97 -75.80
N PHE Q 1 28.33 -34.05 -64.74
CA PHE Q 1 28.75 -34.75 -63.52
C PHE Q 1 27.63 -35.53 -62.88
N ARG Q 2 27.94 -36.67 -62.26
CA ARG Q 2 26.87 -37.54 -61.77
C ARG Q 2 26.75 -37.59 -60.25
N ASN Q 3 27.90 -37.51 -59.59
CA ASN Q 3 27.97 -37.65 -58.15
C ASN Q 3 28.67 -36.45 -57.60
N LYS Q 4 28.27 -36.02 -56.40
CA LYS Q 4 29.06 -35.01 -55.72
C LYS Q 4 30.50 -35.51 -55.59
N LYS Q 5 30.66 -36.73 -55.09
CA LYS Q 5 32.01 -37.31 -54.93
C LYS Q 5 32.76 -37.24 -56.26
N GLN Q 6 32.05 -37.42 -57.37
CA GLN Q 6 32.68 -37.40 -58.68
C GLN Q 6 33.30 -36.03 -58.92
N ARG Q 7 32.51 -34.99 -58.67
CA ARG Q 7 33.03 -33.63 -58.79
C ARG Q 7 34.18 -33.38 -57.84
N LYS Q 8 34.05 -33.82 -56.60
CA LYS Q 8 35.12 -33.61 -55.62
C LYS Q 8 36.40 -34.26 -56.05
N GLN Q 9 36.33 -35.24 -56.93
CA GLN Q 9 37.54 -35.84 -57.51
C GLN Q 9 38.02 -35.05 -58.70
N GLN Q 10 37.10 -34.76 -59.61
CA GLN Q 10 37.46 -34.18 -60.90
C GLN Q 10 37.90 -32.73 -60.88
N VAL Q 11 37.26 -31.87 -60.07
CA VAL Q 11 37.55 -30.43 -60.21
C VAL Q 11 38.67 -29.91 -59.29
N LYS Q 12 38.49 -29.92 -57.96
CA LYS Q 12 39.39 -29.16 -57.05
C LYS Q 12 39.17 -27.65 -57.19
N LEU Q 13 38.86 -26.99 -56.08
CA LEU Q 13 38.53 -25.57 -56.09
C LEU Q 13 39.78 -24.67 -56.09
N ARG Q 14 39.73 -23.60 -56.88
CA ARG Q 14 40.84 -22.67 -56.90
C ARG Q 14 40.43 -21.27 -56.40
N LYS Q 15 41.41 -20.57 -55.83
CA LYS Q 15 41.16 -19.28 -55.18
C LYS Q 15 41.95 -18.17 -55.89
N PRO Q 16 41.51 -17.82 -57.12
CA PRO Q 16 42.26 -17.05 -58.11
C PRO Q 16 42.50 -15.61 -57.69
N GLY Q 17 43.73 -15.33 -57.28
CA GLY Q 17 44.08 -14.00 -56.80
C GLY Q 17 43.45 -13.71 -55.44
N PHE Q 18 43.94 -14.39 -54.42
CA PHE Q 18 43.30 -14.35 -53.14
C PHE Q 18 44.34 -14.67 -52.12
N ALA Q 19 44.44 -13.81 -51.12
CA ALA Q 19 45.26 -14.11 -49.96
C ALA Q 19 44.49 -13.76 -48.72
N VAL Q 20 44.84 -14.44 -47.62
CA VAL Q 20 44.25 -14.15 -46.33
C VAL Q 20 45.17 -14.21 -45.13
N ALA Q 21 45.28 -13.06 -44.46
CA ALA Q 21 45.89 -12.95 -43.13
C ALA Q 21 44.89 -13.29 -42.07
N LYS Q 22 45.18 -14.38 -41.36
CA LYS Q 22 44.28 -14.87 -40.35
C LYS Q 22 44.93 -14.61 -39.02
N TYR Q 23 44.09 -14.20 -38.07
CA TYR Q 23 44.46 -14.02 -36.67
C TYR Q 23 45.38 -12.84 -36.47
N VAL Q 24 45.09 -11.76 -37.18
CA VAL Q 24 45.88 -10.55 -37.03
C VAL Q 24 45.41 -9.91 -35.75
N ARG Q 25 46.33 -9.63 -34.83
CA ARG Q 25 45.90 -9.13 -33.51
C ARG Q 25 45.54 -7.66 -33.58
N MET Q 26 44.41 -7.37 -34.21
CA MET Q 26 43.91 -6.03 -34.38
C MET Q 26 42.39 -6.04 -34.24
N SER Q 27 41.78 -4.88 -34.33
CA SER Q 27 40.34 -4.85 -34.32
C SER Q 27 39.81 -4.63 -35.71
N PRO Q 28 38.82 -5.43 -36.07
CA PRO Q 28 38.17 -5.28 -37.36
C PRO Q 28 37.82 -3.84 -37.69
N ARG Q 29 37.06 -3.11 -36.90
CA ARG Q 29 36.53 -1.83 -37.42
C ARG Q 29 37.66 -0.86 -37.77
N LYS Q 30 38.71 -0.89 -36.95
CA LYS Q 30 39.96 -0.23 -37.26
C LYS Q 30 40.45 -0.65 -38.66
N VAL Q 31 40.71 -1.94 -38.80
CA VAL Q 31 41.41 -2.43 -39.97
C VAL Q 31 40.62 -2.07 -41.21
N ARG Q 32 39.31 -2.24 -41.12
CA ARG Q 32 38.39 -1.80 -42.15
C ARG Q 32 38.62 -0.38 -42.54
N LEU Q 33 38.88 0.50 -41.57
CA LEU Q 33 38.94 1.93 -41.88
C LEU Q 33 39.96 2.14 -42.98
N VAL Q 34 41.10 1.48 -42.81
CA VAL Q 34 42.16 1.37 -43.82
C VAL Q 34 41.68 0.72 -45.10
N VAL Q 35 41.16 -0.50 -44.99
CA VAL Q 35 40.79 -1.28 -46.17
C VAL Q 35 39.87 -0.54 -47.13
N ASP Q 36 38.95 0.24 -46.59
CA ASP Q 36 37.94 0.86 -47.43
C ASP Q 36 38.56 1.83 -48.45
N VAL Q 37 39.80 2.19 -48.23
CA VAL Q 37 40.51 3.06 -49.16
C VAL Q 37 41.11 2.24 -50.30
N ILE Q 38 41.68 1.10 -49.92
CA ILE Q 38 42.27 0.15 -50.84
C ILE Q 38 41.27 -0.33 -51.91
N ARG Q 39 40.00 -0.50 -51.53
CA ARG Q 39 39.06 -1.31 -52.32
C ARG Q 39 38.52 -0.68 -53.61
N GLY Q 40 38.58 -1.47 -54.68
CA GLY Q 40 38.16 -1.08 -56.01
C GLY Q 40 39.33 -0.53 -56.80
N LYS Q 41 40.41 -0.27 -56.08
CA LYS Q 41 41.50 0.52 -56.60
C LYS Q 41 42.56 -0.38 -57.23
N SER Q 42 43.29 0.19 -58.17
CA SER Q 42 44.19 -0.57 -59.00
C SER Q 42 45.53 -0.83 -58.32
N VAL Q 43 45.56 -1.93 -57.58
CA VAL Q 43 46.76 -2.59 -56.99
C VAL Q 43 48.00 -1.74 -56.81
N GLN Q 44 48.43 -1.03 -57.84
CA GLN Q 44 49.57 -0.12 -57.67
C GLN Q 44 49.19 0.90 -56.61
N ASP Q 45 48.12 1.62 -56.92
CA ASP Q 45 47.54 2.63 -56.05
C ASP Q 45 47.46 2.13 -54.62
N ALA Q 46 46.70 1.08 -54.43
CA ALA Q 46 46.69 0.39 -53.16
C ALA Q 46 48.09 0.26 -52.53
N GLU Q 47 49.09 -0.13 -53.32
CA GLU Q 47 50.43 -0.33 -52.76
C GLU Q 47 50.98 0.95 -52.17
N ASP Q 48 50.62 2.08 -52.79
CA ASP Q 48 51.08 3.42 -52.39
C ASP Q 48 50.31 4.01 -51.20
N LEU Q 49 49.01 4.17 -51.43
CA LEU Q 49 48.12 4.60 -50.39
C LEU Q 49 48.49 3.84 -49.13
N LEU Q 50 48.77 2.55 -49.19
CA LEU Q 50 49.08 1.87 -47.92
C LEU Q 50 50.37 2.40 -47.29
N ARG Q 51 51.27 2.93 -48.11
CA ARG Q 51 52.50 3.49 -47.55
C ARG Q 51 52.27 4.90 -46.99
N PHE Q 52 51.16 5.54 -47.32
CA PHE Q 52 50.97 6.86 -46.74
C PHE Q 52 49.68 7.03 -45.92
N ILE Q 53 49.25 6.00 -45.23
CA ILE Q 53 48.00 6.01 -44.47
C ILE Q 53 48.46 5.81 -43.05
N PRO Q 54 48.01 6.66 -42.11
CA PRO Q 54 48.99 6.57 -41.03
C PRO Q 54 48.45 5.77 -39.88
N ARG Q 55 47.58 4.82 -40.21
CA ARG Q 55 47.13 3.82 -39.26
C ARG Q 55 48.15 2.73 -39.07
N SER Q 56 48.07 2.00 -37.96
CA SER Q 56 48.89 0.82 -37.78
C SER Q 56 48.50 -0.19 -38.84
N ALA Q 57 47.27 -0.74 -38.73
CA ALA Q 57 46.65 -1.68 -39.68
C ALA Q 57 47.15 -1.62 -41.12
N SER Q 58 47.34 -0.40 -41.63
CA SER Q 58 48.06 -0.18 -42.89
C SER Q 58 49.16 -1.22 -43.28
N GLU Q 59 49.81 -1.82 -42.29
CA GLU Q 59 50.99 -2.64 -42.53
C GLU Q 59 50.58 -4.09 -42.75
N PRO Q 60 49.88 -4.71 -41.78
CA PRO Q 60 49.38 -6.03 -42.16
C PRO Q 60 48.65 -6.01 -43.50
N VAL Q 61 47.87 -4.95 -43.74
CA VAL Q 61 47.09 -4.91 -44.97
C VAL Q 61 48.00 -4.78 -46.17
N ALA Q 62 49.02 -3.94 -46.07
CA ALA Q 62 50.03 -3.94 -47.12
C ALA Q 62 50.47 -5.37 -47.45
N LYS Q 63 50.81 -6.11 -46.40
CA LYS Q 63 51.37 -7.44 -46.57
C LYS Q 63 50.41 -8.41 -47.30
N VAL Q 64 49.14 -8.47 -46.88
CA VAL Q 64 48.18 -9.29 -47.63
C VAL Q 64 48.07 -8.81 -49.06
N LEU Q 65 48.07 -7.51 -49.29
CA LEU Q 65 47.98 -7.04 -50.65
C LEU Q 65 49.09 -7.67 -51.48
N ASN Q 66 50.30 -7.67 -50.93
CA ASN Q 66 51.37 -8.24 -51.71
C ASN Q 66 51.23 -9.74 -51.92
N SER Q 67 50.63 -10.42 -50.94
CA SER Q 67 50.53 -11.85 -51.01
C SER Q 67 49.58 -12.22 -52.15
N ALA Q 68 48.44 -11.53 -52.20
CA ALA Q 68 47.51 -11.69 -53.32
C ALA Q 68 48.14 -11.35 -54.68
N LYS Q 69 48.95 -10.30 -54.75
CA LYS Q 69 49.72 -10.00 -55.96
C LYS Q 69 50.58 -11.21 -56.38
N ALA Q 70 51.29 -11.78 -55.42
CA ALA Q 70 52.22 -12.87 -55.72
C ALA Q 70 51.46 -14.18 -55.91
N ASN Q 71 50.16 -14.11 -55.76
CA ASN Q 71 49.39 -15.28 -56.02
C ASN Q 71 48.71 -15.14 -57.36
N ALA Q 72 48.66 -13.92 -57.87
CA ALA Q 72 47.97 -13.72 -59.13
C ALA Q 72 49.02 -13.73 -60.20
N LEU Q 73 50.23 -13.40 -59.81
CA LEU Q 73 51.30 -13.42 -60.79
C LEU Q 73 51.85 -14.84 -60.93
N HIS Q 74 52.43 -15.39 -59.86
CA HIS Q 74 52.98 -16.74 -59.78
C HIS Q 74 51.87 -17.79 -59.98
N ASN Q 75 51.30 -18.29 -58.89
CA ASN Q 75 50.26 -19.33 -58.92
C ASN Q 75 49.06 -19.09 -59.84
N ASP Q 76 49.10 -18.16 -60.78
CA ASP Q 76 47.90 -17.91 -61.59
C ASP Q 76 48.20 -17.21 -62.90
N GLU Q 77 49.47 -16.87 -63.11
CA GLU Q 77 49.91 -16.22 -64.35
C GLU Q 77 48.93 -15.15 -64.84
N MET Q 78 48.77 -14.08 -64.06
CA MET Q 78 47.91 -12.98 -64.47
C MET Q 78 48.78 -11.78 -64.86
N LEU Q 79 48.13 -10.71 -65.30
CA LEU Q 79 48.85 -9.58 -65.88
C LEU Q 79 48.95 -8.31 -65.00
N GLU Q 80 50.07 -8.18 -64.25
CA GLU Q 80 50.33 -7.02 -63.35
C GLU Q 80 49.67 -5.74 -63.78
N ASP Q 81 50.20 -5.12 -64.81
CA ASP Q 81 49.63 -3.89 -65.36
C ASP Q 81 48.15 -3.99 -65.78
N ARG Q 82 47.33 -4.64 -64.96
CA ARG Q 82 45.91 -4.84 -65.25
C ARG Q 82 45.16 -5.35 -63.99
N LEU Q 83 45.95 -5.65 -62.97
CA LEU Q 83 45.47 -6.05 -61.66
C LEU Q 83 44.74 -4.91 -60.90
N PHE Q 84 43.66 -5.26 -60.21
CA PHE Q 84 43.01 -4.31 -59.32
C PHE Q 84 42.37 -5.04 -58.14
N VAL Q 85 42.12 -4.33 -57.05
CA VAL Q 85 41.56 -4.96 -55.87
C VAL Q 85 40.07 -5.20 -56.10
N LYS Q 86 39.77 -6.36 -56.67
CA LYS Q 86 38.41 -6.76 -56.95
C LYS Q 86 37.59 -6.85 -55.68
N GLU Q 87 38.14 -7.46 -54.64
CA GLU Q 87 37.45 -7.33 -53.34
C GLU Q 87 38.37 -7.48 -52.13
N ALA Q 88 37.92 -6.93 -51.00
CA ALA Q 88 38.70 -6.92 -49.78
C ALA Q 88 37.78 -6.75 -48.57
N TYR Q 89 38.06 -7.49 -47.50
CA TYR Q 89 37.24 -7.36 -46.31
C TYR Q 89 37.91 -7.88 -45.04
N VAL Q 90 37.27 -7.58 -43.90
CA VAL Q 90 37.80 -7.96 -42.60
C VAL Q 90 36.71 -8.62 -41.87
N ASP Q 91 37.03 -9.73 -41.21
CA ASP Q 91 36.07 -10.40 -40.32
C ASP Q 91 36.81 -10.71 -39.01
N ALA Q 92 36.06 -11.18 -38.02
CA ALA Q 92 36.57 -11.22 -36.66
C ALA Q 92 37.23 -12.52 -36.28
N GLY Q 93 38.46 -12.47 -35.83
CA GLY Q 93 39.08 -13.68 -35.32
C GLY Q 93 38.58 -14.05 -33.95
N PRO Q 94 39.13 -15.13 -33.37
CA PRO Q 94 38.84 -15.42 -31.97
C PRO Q 94 39.44 -14.33 -31.10
N THR Q 95 38.61 -13.60 -30.39
CA THR Q 95 39.09 -12.47 -29.62
C THR Q 95 39.70 -12.88 -28.27
N LEU Q 96 41.00 -12.58 -28.09
CA LEU Q 96 41.67 -12.66 -26.78
C LEU Q 96 40.89 -11.94 -25.68
N LYS Q 97 40.92 -12.52 -24.48
CA LYS Q 97 40.20 -11.98 -23.36
C LYS Q 97 41.12 -11.95 -22.17
N ARG Q 98 41.12 -10.81 -21.46
CA ARG Q 98 41.94 -10.70 -20.26
C ARG Q 98 41.22 -9.91 -19.20
N LEU Q 99 41.36 -10.34 -17.94
CA LEU Q 99 40.82 -9.60 -16.79
C LEU Q 99 41.61 -8.33 -16.53
N ILE Q 100 40.94 -7.24 -16.17
CA ILE Q 100 41.65 -6.04 -15.70
C ILE Q 100 40.98 -5.47 -14.49
N PRO Q 101 41.78 -5.06 -13.49
CA PRO Q 101 41.22 -4.66 -12.22
C PRO Q 101 40.57 -3.32 -12.32
N ARG Q 102 39.58 -3.05 -11.47
CA ARG Q 102 39.02 -1.73 -11.42
C ARG Q 102 38.85 -1.29 -9.98
N ALA Q 103 38.20 -0.15 -9.83
CA ALA Q 103 38.29 0.51 -8.54
C ALA Q 103 37.42 -0.27 -7.58
N ARG Q 104 37.85 -0.26 -6.32
CA ARG Q 104 37.23 -1.10 -5.30
C ARG Q 104 37.44 -2.51 -5.81
N GLY Q 105 36.53 -3.43 -5.56
CA GLY Q 105 36.85 -4.80 -5.89
C GLY Q 105 36.59 -5.22 -7.34
N SER Q 106 35.68 -4.49 -7.99
CA SER Q 106 35.22 -4.79 -9.33
C SER Q 106 36.36 -5.23 -10.25
N ALA Q 107 36.06 -6.18 -11.14
CA ALA Q 107 36.99 -6.51 -12.21
C ALA Q 107 36.31 -6.37 -13.56
N ASN Q 108 37.07 -6.42 -14.62
CA ASN Q 108 36.51 -6.26 -15.95
C ASN Q 108 37.17 -7.20 -16.93
N ILE Q 109 36.66 -7.20 -18.16
CA ILE Q 109 37.26 -8.04 -19.20
C ILE Q 109 37.56 -7.27 -20.47
N ILE Q 110 38.83 -6.98 -20.72
CA ILE Q 110 39.21 -6.44 -22.01
C ILE Q 110 39.22 -7.53 -23.10
N LYS Q 111 38.60 -7.12 -24.21
CA LYS Q 111 38.54 -7.88 -25.40
C LYS Q 111 39.63 -7.41 -26.36
N LYS Q 112 40.82 -7.99 -26.28
CA LYS Q 112 41.73 -7.76 -27.37
C LYS Q 112 41.22 -8.62 -28.55
N ARG Q 113 40.40 -8.03 -29.41
CA ARG Q 113 39.90 -8.66 -30.62
C ARG Q 113 41.03 -9.10 -31.56
N THR Q 114 40.72 -9.88 -32.60
CA THR Q 114 41.68 -10.31 -33.63
C THR Q 114 41.06 -10.15 -35.01
N SER Q 115 41.85 -10.33 -36.05
CA SER Q 115 41.31 -10.03 -37.38
C SER Q 115 41.74 -10.94 -38.56
N HIS Q 116 40.77 -11.13 -39.47
CA HIS Q 116 40.96 -11.87 -40.71
C HIS Q 116 40.82 -10.89 -41.86
N ILE Q 117 41.97 -10.53 -42.43
CA ILE Q 117 42.02 -9.65 -43.59
C ILE Q 117 42.15 -10.52 -44.83
N THR Q 118 41.42 -10.11 -45.85
CA THR Q 118 41.27 -10.90 -47.01
C THR Q 118 41.29 -9.96 -48.15
N ILE Q 119 42.22 -10.20 -49.07
CA ILE Q 119 42.20 -9.45 -50.31
C ILE Q 119 42.15 -10.43 -51.50
N ILE Q 120 41.48 -9.96 -52.54
CA ILE Q 120 41.22 -10.70 -53.74
C ILE Q 120 41.46 -9.79 -54.95
N VAL Q 121 42.65 -10.00 -55.56
CA VAL Q 121 43.07 -9.38 -56.83
C VAL Q 121 42.52 -10.07 -58.09
N ALA Q 122 42.47 -9.31 -59.17
CA ALA Q 122 41.77 -9.76 -60.35
C ALA Q 122 41.99 -8.78 -61.50
N GLU Q 123 42.14 -9.29 -62.71
CA GLU Q 123 42.49 -8.44 -63.84
C GLU Q 123 41.33 -7.59 -64.30
N LYS Q 124 41.65 -6.42 -64.82
CA LYS Q 124 40.64 -5.51 -65.28
C LYS Q 124 40.96 -5.02 -66.67
N GLY Q 125 40.13 -5.45 -67.62
CA GLY Q 125 40.05 -4.76 -68.90
C GLY Q 125 38.70 -4.07 -68.82
N ASN Q 126 38.48 -3.04 -69.62
CA ASN Q 126 37.16 -2.44 -69.72
C ASN Q 126 36.30 -3.29 -70.65
N LYS Q 127 36.95 -3.88 -71.66
CA LYS Q 127 36.31 -4.86 -72.55
C LYS Q 127 37.17 -6.13 -72.67
N SER R 1 78.09 -47.77 -2.20
CA SER R 1 79.35 -47.69 -1.47
C SER R 1 80.06 -46.38 -1.80
N HIS R 2 81.39 -46.39 -1.67
CA HIS R 2 82.24 -45.26 -2.05
C HIS R 2 81.79 -44.62 -3.36
N TYR R 3 81.99 -45.33 -4.47
CA TYR R 3 81.66 -44.82 -5.80
C TYR R 3 80.21 -44.30 -5.95
N ASP R 4 79.30 -44.79 -5.12
CA ASP R 4 77.90 -44.37 -5.19
C ASP R 4 77.76 -42.88 -4.88
N ILE R 5 78.55 -42.43 -3.91
CA ILE R 5 78.50 -41.09 -3.37
C ILE R 5 78.80 -40.01 -4.41
N LEU R 6 79.71 -40.27 -5.34
CA LEU R 6 80.11 -39.28 -6.34
C LEU R 6 79.28 -39.33 -7.62
N GLN R 7 78.22 -38.53 -7.68
CA GLN R 7 77.25 -38.60 -8.79
C GLN R 7 77.86 -38.25 -10.13
N ALA R 8 78.75 -37.26 -10.16
CA ALA R 8 79.19 -36.65 -11.41
C ALA R 8 80.16 -35.51 -11.18
N PRO R 9 80.93 -35.15 -12.21
CA PRO R 9 81.76 -33.95 -12.09
C PRO R 9 81.00 -32.71 -12.54
N VAL R 10 81.44 -31.57 -12.07
CA VAL R 10 80.78 -30.33 -12.40
C VAL R 10 81.39 -29.79 -13.67
N ILE R 11 80.57 -29.56 -14.69
CA ILE R 11 81.14 -29.09 -15.94
C ILE R 11 80.72 -27.66 -16.25
N SER R 12 81.71 -26.75 -16.20
CA SER R 12 81.48 -25.32 -16.41
C SER R 12 82.74 -24.47 -16.25
N GLU R 13 82.81 -23.40 -17.05
CA GLU R 13 83.95 -22.49 -17.12
C GLU R 13 84.67 -22.40 -15.76
N LYS R 14 83.87 -22.16 -14.73
CA LYS R 14 84.34 -22.07 -13.36
C LYS R 14 85.16 -23.28 -12.97
N ALA R 15 84.54 -24.45 -13.04
CA ALA R 15 85.15 -25.67 -12.54
C ALA R 15 86.49 -26.00 -13.21
N TYR R 16 86.54 -25.87 -14.54
CA TYR R 16 87.79 -26.09 -15.29
C TYR R 16 88.84 -25.17 -14.74
N SER R 17 88.53 -23.88 -14.68
CA SER R 17 89.54 -22.96 -14.19
C SER R 17 90.06 -23.40 -12.82
N ALA R 18 89.14 -23.93 -12.02
CA ALA R 18 89.49 -24.41 -10.69
C ALA R 18 90.50 -25.56 -10.77
N MET R 19 90.22 -26.56 -11.60
CA MET R 19 91.15 -27.68 -11.69
C MET R 19 92.50 -27.20 -12.23
N GLU R 20 92.48 -26.18 -13.09
CA GLU R 20 93.73 -25.58 -13.57
C GLU R 20 94.50 -24.99 -12.40
N ARG R 21 93.82 -24.57 -11.34
CA ARG R 21 94.60 -24.29 -10.13
C ARG R 21 94.58 -25.51 -9.19
N GLY R 22 94.31 -26.69 -9.72
CA GLY R 22 94.36 -27.91 -8.93
C GLY R 22 93.25 -28.09 -7.91
N VAL R 23 92.06 -27.62 -8.25
CA VAL R 23 90.90 -27.63 -7.35
C VAL R 23 89.68 -28.21 -8.06
N TYR R 24 89.16 -29.31 -7.56
CA TYR R 24 88.17 -30.09 -8.33
C TYR R 24 86.77 -30.00 -7.72
N SER R 25 85.74 -30.26 -8.55
CA SER R 25 84.35 -29.97 -8.16
C SER R 25 83.32 -31.04 -8.58
N PHE R 26 82.72 -31.69 -7.59
CA PHE R 26 81.87 -32.86 -7.81
C PHE R 26 80.40 -32.70 -7.37
N TRP R 27 79.47 -33.17 -8.20
CA TRP R 27 78.07 -33.32 -7.78
C TRP R 27 77.86 -34.54 -6.88
N VAL R 28 77.49 -34.30 -5.63
CA VAL R 28 77.48 -35.34 -4.62
C VAL R 28 76.04 -35.71 -4.24
N SER R 29 75.88 -36.82 -3.52
CA SER R 29 74.61 -37.22 -2.96
C SER R 29 74.24 -36.26 -1.83
N PRO R 30 73.04 -35.67 -1.91
CA PRO R 30 72.55 -34.63 -0.99
C PRO R 30 72.73 -34.94 0.49
N LYS R 31 72.69 -36.20 0.87
CA LYS R 31 72.80 -36.53 2.29
C LYS R 31 74.24 -36.62 2.78
N ALA R 32 75.20 -36.57 1.86
CA ALA R 32 76.60 -36.85 2.20
C ALA R 32 77.18 -35.85 3.20
N THR R 33 77.80 -36.38 4.25
CA THR R 33 78.62 -35.61 5.17
C THR R 33 79.89 -35.17 4.45
N LYS R 34 80.52 -34.09 4.90
CA LYS R 34 81.73 -33.65 4.26
C LYS R 34 82.84 -34.66 4.48
N THR R 35 82.87 -35.28 5.65
CA THR R 35 83.90 -36.29 5.92
C THR R 35 83.72 -37.47 4.99
N GLU R 36 82.47 -37.89 4.84
CA GLU R 36 82.12 -38.97 3.94
C GLU R 36 82.62 -38.65 2.52
N ILE R 37 82.44 -37.41 2.08
CA ILE R 37 82.88 -36.97 0.75
C ILE R 37 84.39 -36.98 0.64
N LYS R 38 85.05 -36.46 1.67
CA LYS R 38 86.50 -36.41 1.75
C LYS R 38 87.09 -37.79 1.57
N ASP R 39 86.70 -38.68 2.48
CA ASP R 39 87.10 -40.08 2.41
C ASP R 39 86.82 -40.69 1.03
N ALA R 40 85.59 -40.52 0.53
CA ALA R 40 85.20 -41.07 -0.77
C ALA R 40 86.12 -40.63 -1.90
N ILE R 41 86.40 -39.34 -1.96
CA ILE R 41 87.26 -38.84 -3.02
C ILE R 41 88.66 -39.43 -2.88
N GLN R 42 89.15 -39.50 -1.64
CA GLN R 42 90.45 -40.11 -1.40
C GLN R 42 90.52 -41.54 -1.93
N GLN R 43 89.61 -42.41 -1.49
CA GLN R 43 89.61 -43.80 -1.96
C GLN R 43 89.50 -43.88 -3.47
N ALA R 44 88.64 -43.06 -4.06
CA ALA R 44 88.38 -43.18 -5.47
C ALA R 44 89.52 -42.62 -6.30
N PHE R 45 90.42 -41.86 -5.68
CA PHE R 45 91.47 -41.23 -6.46
C PHE R 45 92.86 -41.33 -5.84
N GLY R 46 92.94 -41.94 -4.67
CA GLY R 46 94.21 -42.11 -3.96
C GLY R 46 94.88 -40.76 -3.79
N VAL R 47 94.09 -39.77 -3.39
CA VAL R 47 94.57 -38.40 -3.26
C VAL R 47 94.28 -37.88 -1.87
N ARG R 48 95.27 -37.26 -1.24
CA ARG R 48 95.10 -36.64 0.08
C ARG R 48 94.48 -35.24 -0.05
N VAL R 49 93.37 -35.02 0.66
CA VAL R 49 92.68 -33.74 0.62
C VAL R 49 93.03 -32.90 1.84
N ILE R 50 93.30 -31.61 1.64
CA ILE R 50 93.58 -30.68 2.73
C ILE R 50 92.41 -29.75 2.98
N GLY R 51 91.50 -29.66 2.02
CA GLY R 51 90.37 -28.78 2.22
C GLY R 51 89.14 -29.08 1.40
N ILE R 52 87.99 -29.05 2.07
CA ILE R 52 86.71 -29.19 1.37
C ILE R 52 85.74 -28.09 1.76
N SER R 53 84.82 -27.82 0.84
CA SER R 53 83.66 -26.99 1.11
C SER R 53 82.51 -27.58 0.29
N THR R 54 81.29 -27.53 0.83
CA THR R 54 80.11 -28.05 0.12
C THR R 54 78.96 -27.05 0.09
N MET R 55 77.90 -27.38 -0.65
CA MET R 55 76.73 -26.51 -0.73
C MET R 55 75.49 -27.22 -1.27
N ASN R 56 74.39 -27.22 -0.53
CA ASN R 56 73.16 -27.82 -1.06
C ASN R 56 72.58 -26.91 -2.12
N VAL R 57 72.10 -27.46 -3.22
CA VAL R 57 71.61 -26.64 -4.31
C VAL R 57 70.23 -27.03 -4.77
N PRO R 58 69.24 -26.20 -4.46
CA PRO R 58 67.85 -26.38 -4.86
C PRO R 58 67.72 -26.57 -6.37
N GLY R 59 67.03 -27.59 -6.81
CA GLY R 59 66.98 -27.79 -8.23
C GLY R 59 66.05 -26.82 -8.91
N LYS R 60 66.43 -26.37 -10.10
CA LYS R 60 65.59 -25.48 -10.89
C LYS R 60 64.20 -26.05 -11.09
N ARG R 61 63.19 -25.22 -10.90
CA ARG R 61 61.83 -25.62 -11.17
C ARG R 61 61.46 -25.29 -12.61
N LYS R 62 61.24 -26.32 -13.42
CA LYS R 62 60.88 -26.06 -14.82
C LYS R 62 59.55 -26.68 -15.25
N ARG R 63 59.12 -26.32 -16.45
CA ARG R 63 57.82 -26.72 -16.92
C ARG R 63 57.88 -27.33 -18.31
N VAL R 64 57.10 -28.38 -18.47
CA VAL R 64 56.97 -29.08 -19.74
C VAL R 64 55.50 -29.13 -20.09
N GLY R 65 55.08 -28.42 -21.14
CA GLY R 65 53.66 -28.27 -21.39
C GLY R 65 52.95 -27.62 -20.21
N ARG R 66 51.89 -28.25 -19.70
CA ARG R 66 51.14 -27.73 -18.56
C ARG R 66 51.71 -28.24 -17.24
N PHE R 67 52.85 -28.93 -17.32
CA PHE R 67 53.31 -29.65 -16.15
C PHE R 67 54.46 -28.94 -15.46
N ILE R 68 54.20 -28.50 -14.24
CA ILE R 68 55.16 -27.72 -13.48
C ILE R 68 55.84 -28.65 -12.49
N GLY R 69 57.16 -28.72 -12.54
CA GLY R 69 57.87 -29.59 -11.62
C GLY R 69 59.27 -29.16 -11.24
N GLN R 70 59.83 -29.83 -10.24
CA GLN R 70 61.16 -29.51 -9.77
C GLN R 70 62.16 -30.59 -10.18
N ARG R 71 63.36 -30.19 -10.55
CA ARG R 71 64.48 -31.13 -10.71
C ARG R 71 65.06 -31.53 -9.35
N ASN R 72 65.85 -32.59 -9.35
CA ASN R 72 66.40 -33.11 -8.12
C ASN R 72 67.26 -32.08 -7.44
N ASP R 73 67.09 -31.95 -6.12
CA ASP R 73 67.98 -31.11 -5.35
C ASP R 73 69.34 -31.78 -5.40
N ARG R 74 70.39 -30.99 -5.46
CA ARG R 74 71.72 -31.58 -5.55
C ARG R 74 72.62 -31.05 -4.44
N LYS R 75 73.92 -31.36 -4.53
CA LYS R 75 74.91 -30.84 -3.60
C LYS R 75 76.24 -30.69 -4.34
N LYS R 76 76.88 -29.54 -4.24
CA LYS R 76 78.16 -29.37 -4.93
C LYS R 76 79.29 -29.38 -3.92
N ALA R 77 80.33 -30.13 -4.24
CA ALA R 77 81.48 -30.20 -3.36
C ALA R 77 82.74 -29.76 -4.08
N ILE R 78 83.46 -28.85 -3.43
CA ILE R 78 84.71 -28.37 -3.98
C ILE R 78 85.82 -28.85 -3.06
N VAL R 79 86.84 -29.44 -3.66
CA VAL R 79 87.98 -29.96 -2.91
C VAL R 79 89.29 -29.42 -3.45
N ARG R 80 90.20 -29.23 -2.51
CA ARG R 80 91.56 -28.82 -2.83
C ARG R 80 92.49 -29.73 -2.05
N LEU R 81 93.52 -30.22 -2.76
CA LEU R 81 94.44 -31.24 -2.28
C LEU R 81 95.77 -30.61 -1.88
N ALA R 82 96.72 -31.44 -1.43
CA ALA R 82 98.07 -30.95 -1.17
C ALA R 82 98.96 -31.29 -2.35
N GLU R 83 100.25 -30.93 -2.26
CA GLU R 83 101.28 -31.45 -3.17
C GLU R 83 101.03 -31.20 -4.66
N GLY R 84 100.13 -30.27 -4.99
CA GLY R 84 99.67 -30.16 -6.37
C GLY R 84 99.31 -31.51 -6.98
N GLN R 85 98.59 -32.33 -6.22
CA GLN R 85 98.12 -33.63 -6.71
C GLN R 85 96.99 -33.45 -7.69
N SER R 86 97.02 -34.17 -8.80
CA SER R 86 96.00 -34.02 -9.81
C SER R 86 95.25 -35.33 -10.00
N ILE R 87 94.11 -35.26 -10.69
CA ILE R 87 93.36 -36.46 -10.99
C ILE R 87 93.17 -36.58 -12.52
N GLU R 88 93.76 -37.63 -13.09
CA GLU R 88 93.94 -37.77 -14.53
C GLU R 88 92.65 -37.81 -15.34
N ALA R 89 91.71 -38.63 -14.91
CA ALA R 89 90.48 -38.86 -15.68
C ALA R 89 89.66 -37.59 -15.85
N LEU R 90 90.05 -36.53 -15.14
CA LEU R 90 89.30 -35.29 -15.14
C LEU R 90 90.20 -34.07 -15.33
N ALA R 91 91.50 -34.30 -15.46
CA ALA R 91 92.44 -33.18 -15.60
C ALA R 91 92.57 -32.74 -17.06
N GLY R 92 92.89 -33.69 -17.95
CA GLY R 92 92.96 -33.42 -19.37
C GLY R 92 91.73 -32.68 -19.85
N GLN R 93 90.57 -33.26 -19.50
CA GLN R 93 89.22 -32.68 -19.67
C GLN R 93 89.09 -31.48 -20.62
N PRO S 1 41.87 -47.02 -26.30
CA PRO S 1 41.09 -48.23 -26.64
C PRO S 1 41.79 -49.07 -27.74
N SER S 2 42.90 -49.72 -27.41
CA SER S 2 43.89 -50.13 -28.43
C SER S 2 43.40 -51.18 -29.44
N ALA S 3 44.01 -51.16 -30.64
CA ALA S 3 43.59 -52.03 -31.75
C ALA S 3 43.73 -53.51 -31.43
N GLY S 4 44.71 -53.85 -30.61
CA GLY S 4 44.95 -55.23 -30.24
C GLY S 4 43.93 -55.80 -29.28
N SER S 5 43.28 -54.93 -28.54
CA SER S 5 42.28 -55.34 -27.56
C SER S 5 41.23 -56.29 -28.15
N HIS S 6 40.81 -56.01 -29.38
CA HIS S 6 39.76 -56.78 -30.01
C HIS S 6 40.27 -58.17 -30.44
N HIS S 7 41.56 -58.22 -30.70
CA HIS S 7 42.20 -59.40 -31.19
C HIS S 7 43.18 -59.92 -30.16
N ASN S 8 42.83 -59.72 -28.89
CA ASN S 8 43.58 -60.28 -27.77
C ASN S 8 45.10 -60.13 -27.87
N ASP S 9 45.56 -59.01 -28.44
CA ASP S 9 46.98 -58.74 -28.68
C ASP S 9 47.64 -59.87 -29.43
N LYS S 10 46.85 -60.65 -30.18
CA LYS S 10 47.41 -61.86 -30.82
C LYS S 10 47.56 -61.73 -32.33
N LEU S 11 48.75 -62.08 -32.79
CA LEU S 11 49.00 -62.13 -34.21
C LEU S 11 48.68 -63.51 -34.81
N HIS S 12 47.93 -63.49 -35.91
CA HIS S 12 47.54 -64.72 -36.57
C HIS S 12 48.60 -65.13 -37.59
N PHE S 13 49.79 -64.57 -37.45
CA PHE S 13 50.88 -64.86 -38.35
C PHE S 13 52.18 -64.34 -37.76
N LYS S 14 53.30 -64.89 -38.19
CA LYS S 14 54.57 -64.61 -37.57
C LYS S 14 55.34 -63.63 -38.46
N LYS S 15 56.48 -63.15 -37.98
CA LYS S 15 57.32 -62.30 -38.81
C LYS S 15 58.22 -63.16 -39.68
N GLY S 16 58.22 -62.88 -40.98
CA GLY S 16 58.99 -63.65 -41.94
C GLY S 16 58.10 -64.54 -42.79
N ASP S 17 56.90 -64.81 -42.30
CA ASP S 17 55.89 -65.53 -43.07
C ASP S 17 55.58 -64.75 -44.32
N THR S 18 55.07 -65.44 -45.33
CA THR S 18 54.63 -64.76 -46.51
C THR S 18 53.16 -64.49 -46.26
N VAL S 19 52.63 -63.46 -46.89
CA VAL S 19 51.23 -63.11 -46.69
C VAL S 19 50.58 -62.58 -47.98
N ILE S 20 49.33 -62.97 -48.14
CA ILE S 20 48.45 -62.43 -49.16
C ILE S 20 47.56 -61.32 -48.55
N VAL S 21 47.45 -60.22 -49.27
CA VAL S 21 46.62 -59.12 -48.85
C VAL S 21 45.15 -59.35 -49.23
N LEU S 22 44.33 -59.65 -48.23
CA LEU S 22 42.92 -59.96 -48.45
C LEU S 22 42.13 -58.78 -48.99
N SER S 23 42.04 -57.72 -48.19
CA SER S 23 41.11 -56.59 -48.42
C SER S 23 41.80 -55.30 -48.89
N GLY S 24 41.04 -54.47 -49.60
CA GLY S 24 41.53 -53.15 -49.93
C GLY S 24 42.06 -52.92 -51.34
N LYS S 25 43.09 -52.10 -51.45
CA LYS S 25 43.53 -51.56 -52.74
C LYS S 25 44.56 -52.47 -53.32
N HIS S 26 45.30 -53.08 -52.41
CA HIS S 26 46.31 -54.07 -52.75
C HIS S 26 45.76 -55.49 -52.60
N LYS S 27 44.58 -55.77 -53.15
CA LYS S 27 44.01 -57.12 -53.07
C LYS S 27 44.99 -58.14 -53.65
N GLY S 28 45.33 -59.14 -52.84
CA GLY S 28 46.03 -60.29 -53.37
C GLY S 28 47.53 -60.22 -53.60
N GLN S 29 48.08 -59.02 -53.73
CA GLN S 29 49.53 -58.93 -53.78
C GLN S 29 50.14 -59.70 -52.59
N THR S 30 51.42 -60.02 -52.70
CA THR S 30 52.00 -61.00 -51.80
C THR S 30 53.31 -60.52 -51.28
N GLY S 31 53.64 -60.84 -50.03
CA GLY S 31 54.94 -60.45 -49.56
C GLY S 31 55.40 -61.01 -48.23
N LYS S 32 56.69 -60.79 -47.94
CA LYS S 32 57.32 -61.25 -46.71
C LYS S 32 57.00 -60.30 -45.55
N VAL S 33 56.77 -60.86 -44.35
CA VAL S 33 56.46 -60.02 -43.18
C VAL S 33 57.73 -59.35 -42.67
N LEU S 34 57.87 -58.04 -42.91
CA LEU S 34 59.11 -57.36 -42.54
C LEU S 34 59.05 -56.86 -41.11
N LEU S 35 57.82 -56.61 -40.65
CA LEU S 35 57.58 -56.09 -39.32
C LEU S 35 56.15 -56.32 -38.88
N ALA S 36 55.99 -56.87 -37.69
CA ALA S 36 54.67 -57.18 -37.18
C ALA S 36 54.56 -56.77 -35.73
N LEU S 37 53.58 -55.91 -35.45
CA LEU S 37 53.35 -55.39 -34.09
C LEU S 37 52.01 -55.85 -33.58
N PRO S 38 52.06 -56.73 -32.57
CA PRO S 38 50.92 -57.47 -32.04
C PRO S 38 49.87 -56.59 -31.41
N ARG S 39 50.31 -55.74 -30.47
CA ARG S 39 49.43 -54.88 -29.69
C ARG S 39 48.69 -53.87 -30.56
N ASP S 40 49.38 -53.37 -31.58
CA ASP S 40 48.77 -52.40 -32.47
C ASP S 40 48.08 -53.08 -33.63
N GLN S 41 48.43 -54.35 -33.86
CA GLN S 41 47.92 -55.14 -34.99
C GLN S 41 48.29 -54.47 -36.32
N LYS S 42 49.58 -54.25 -36.51
CA LYS S 42 50.02 -53.59 -37.73
C LYS S 42 51.17 -54.39 -38.30
N VAL S 43 51.23 -54.49 -39.63
CA VAL S 43 52.18 -55.40 -40.26
C VAL S 43 52.72 -54.86 -41.57
N VAL S 44 54.02 -55.01 -41.80
CA VAL S 44 54.64 -54.52 -43.04
C VAL S 44 54.90 -55.60 -44.12
N VAL S 45 54.46 -55.27 -45.33
CA VAL S 45 54.47 -56.17 -46.46
C VAL S 45 55.00 -55.43 -47.67
N GLU S 46 56.14 -55.87 -48.22
CA GLU S 46 56.85 -55.18 -49.32
C GLU S 46 56.00 -54.70 -50.54
N GLY S 47 54.67 -54.69 -50.39
CA GLY S 47 53.78 -54.29 -51.46
C GLY S 47 52.95 -53.01 -51.30
N VAL S 48 52.57 -52.63 -50.07
CA VAL S 48 51.72 -51.44 -49.86
C VAL S 48 52.34 -50.16 -50.45
N ASN S 49 53.35 -49.63 -49.77
CA ASN S 49 54.30 -48.68 -50.35
C ASN S 49 53.77 -47.26 -50.63
N VAL S 50 54.37 -46.28 -49.95
CA VAL S 50 54.04 -44.86 -50.11
C VAL S 50 55.25 -43.97 -50.31
N ILE S 51 54.95 -42.75 -50.70
CA ILE S 51 55.93 -41.71 -50.89
C ILE S 51 55.85 -40.70 -49.70
N THR S 52 56.83 -40.79 -48.79
CA THR S 52 56.89 -39.91 -47.62
C THR S 52 57.87 -38.76 -47.84
N LYS S 53 57.66 -37.67 -47.08
CA LYS S 53 58.45 -36.46 -47.26
C LYS S 53 59.24 -36.15 -45.97
N ASN S 54 60.51 -35.78 -46.14
CA ASN S 54 61.44 -35.61 -45.01
C ASN S 54 61.52 -34.18 -44.48
N VAL S 55 60.72 -33.29 -45.06
CA VAL S 55 60.60 -31.86 -44.71
C VAL S 55 61.99 -31.17 -44.44
N LYS S 56 61.98 -30.01 -43.77
CA LYS S 56 63.18 -29.22 -43.49
C LYS S 56 64.44 -30.05 -43.14
N PRO S 57 64.50 -30.67 -41.91
CA PRO S 57 65.72 -31.19 -41.26
C PRO S 57 67.00 -31.31 -42.09
N SER S 58 68.07 -30.68 -41.58
CA SER S 58 69.37 -30.64 -42.23
C SER S 58 70.11 -31.97 -42.03
N MET S 59 69.43 -32.87 -41.32
CA MET S 59 69.76 -34.28 -41.29
C MET S 59 68.44 -35.04 -41.44
N THR S 60 68.27 -35.80 -42.51
CA THR S 60 69.32 -36.01 -43.52
C THR S 60 69.31 -34.92 -44.61
N ASN S 61 70.43 -34.21 -44.72
CA ASN S 61 70.67 -33.20 -45.75
C ASN S 61 69.79 -31.94 -45.57
N PRO S 62 70.42 -30.74 -45.67
CA PRO S 62 69.77 -29.43 -45.57
C PRO S 62 68.41 -29.37 -46.28
N GLN S 63 68.40 -29.59 -47.60
CA GLN S 63 67.16 -29.58 -48.38
C GLN S 63 66.21 -30.64 -47.86
N GLY S 64 65.02 -30.68 -48.43
CA GLY S 64 64.04 -31.67 -48.02
C GLY S 64 64.36 -33.10 -48.43
N GLY S 65 63.89 -33.47 -49.61
CA GLY S 65 64.04 -34.81 -50.13
C GLY S 65 62.86 -35.72 -49.85
N GLN S 66 62.33 -36.33 -50.90
CA GLN S 66 61.26 -37.29 -50.74
C GLN S 66 61.80 -38.71 -50.72
N GLU S 67 60.90 -39.67 -50.49
CA GLU S 67 61.32 -41.03 -50.13
C GLU S 67 60.25 -42.07 -50.44
N GLN S 68 60.67 -43.26 -50.82
CA GLN S 68 59.72 -44.34 -51.06
C GLN S 68 59.87 -45.47 -50.06
N ARG S 69 58.87 -45.60 -49.18
CA ARG S 69 58.88 -46.63 -48.14
C ARG S 69 57.46 -47.15 -47.89
N GLU S 70 57.34 -48.43 -47.52
CA GLU S 70 56.04 -49.07 -47.35
C GLU S 70 55.39 -48.68 -46.05
N LEU S 71 54.07 -48.57 -46.07
CA LEU S 71 53.34 -48.19 -44.86
C LEU S 71 52.51 -49.34 -44.35
N ALA S 72 52.85 -49.76 -43.12
CA ALA S 72 52.22 -50.84 -42.40
C ALA S 72 50.68 -50.92 -42.51
N LEU S 73 50.15 -52.12 -42.25
CA LEU S 73 48.75 -52.39 -42.47
C LEU S 73 48.10 -53.10 -41.31
N HIS S 74 46.78 -53.10 -41.30
CA HIS S 74 46.07 -53.71 -40.19
C HIS S 74 45.98 -55.21 -40.38
N ALA S 75 46.49 -55.94 -39.38
CA ALA S 75 46.47 -57.40 -39.29
C ALA S 75 45.34 -58.06 -40.08
N SER S 76 44.11 -57.57 -39.93
CA SER S 76 42.98 -58.15 -40.63
C SER S 76 42.95 -57.97 -42.16
N LYS S 77 44.06 -57.58 -42.78
CA LYS S 77 44.12 -57.57 -44.25
C LYS S 77 45.33 -58.41 -44.69
N VAL S 78 45.59 -59.42 -43.88
CA VAL S 78 46.77 -60.25 -43.99
C VAL S 78 46.34 -61.67 -43.76
N ALA S 79 46.96 -62.61 -44.48
CA ALA S 79 46.74 -64.04 -44.26
C ALA S 79 47.97 -64.87 -44.62
N LEU S 80 48.13 -66.00 -43.93
CA LEU S 80 49.09 -67.00 -44.36
C LEU S 80 48.59 -67.60 -45.69
N VAL S 81 49.52 -67.95 -46.58
CA VAL S 81 49.15 -68.50 -47.88
C VAL S 81 49.36 -70.02 -47.86
N ASP S 82 48.77 -70.74 -48.83
CA ASP S 82 48.99 -72.19 -48.93
C ASP S 82 49.65 -72.59 -50.25
N PRO S 83 50.89 -73.11 -50.17
CA PRO S 83 51.69 -73.40 -51.37
C PRO S 83 50.88 -74.10 -52.47
N GLU S 84 49.97 -74.99 -52.09
CA GLU S 84 49.14 -75.64 -53.10
C GLU S 84 48.13 -74.64 -53.66
N THR S 85 47.06 -74.38 -52.92
CA THR S 85 46.02 -73.44 -53.32
C THR S 85 46.63 -72.13 -53.86
N GLY S 86 47.64 -71.62 -53.15
CA GLY S 86 48.29 -70.36 -53.51
C GLY S 86 47.51 -69.13 -53.06
N LYS S 87 46.41 -69.37 -52.37
CA LYS S 87 45.43 -68.32 -52.10
C LYS S 87 45.28 -68.05 -50.61
N ALA S 88 44.32 -67.17 -50.32
CA ALA S 88 43.92 -66.84 -48.96
C ALA S 88 43.45 -68.07 -48.23
N THR S 89 44.05 -68.34 -47.08
CA THR S 89 43.83 -69.62 -46.44
C THR S 89 43.77 -69.56 -44.93
N ARG S 90 42.87 -70.34 -44.33
CA ARG S 90 42.79 -70.41 -42.88
C ARG S 90 43.90 -71.27 -42.32
N VAL S 91 43.87 -71.52 -41.02
CA VAL S 91 44.94 -72.25 -40.36
C VAL S 91 44.40 -73.18 -39.28
N ARG S 92 44.96 -74.39 -39.26
CA ARG S 92 44.71 -75.37 -38.22
C ARG S 92 46.00 -75.57 -37.42
N LYS S 93 45.88 -75.79 -36.12
CA LYS S 93 47.05 -76.09 -35.33
C LYS S 93 47.15 -77.60 -35.16
N GLN S 94 48.22 -78.20 -35.70
CA GLN S 94 48.49 -79.62 -35.49
C GLN S 94 49.90 -79.79 -34.95
N ILE S 95 50.38 -81.03 -34.87
CA ILE S 95 51.58 -81.31 -34.08
C ILE S 95 52.69 -81.94 -34.91
N VAL S 96 53.92 -81.76 -34.47
CA VAL S 96 55.07 -82.39 -35.10
C VAL S 96 56.15 -82.59 -34.05
N ASP S 97 56.93 -83.66 -34.22
CA ASP S 97 58.09 -83.96 -33.37
C ASP S 97 57.54 -84.23 -31.92
N GLY S 98 58.28 -84.10 -30.81
CA GLY S 98 59.54 -83.40 -30.60
C GLY S 98 59.13 -81.99 -30.21
N LYS S 99 57.88 -81.89 -29.78
CA LYS S 99 57.26 -80.67 -29.25
C LYS S 99 57.44 -79.45 -30.16
N LYS S 100 56.78 -79.52 -31.32
CA LYS S 100 56.56 -78.34 -32.15
C LYS S 100 55.10 -78.29 -32.59
N VAL S 101 54.51 -77.11 -32.50
CA VAL S 101 53.15 -76.87 -32.97
C VAL S 101 53.25 -76.32 -34.37
N ARG S 102 52.35 -76.71 -35.25
CA ARG S 102 52.46 -76.25 -36.62
C ARG S 102 51.11 -75.88 -37.20
N VAL S 103 51.17 -75.38 -38.42
CA VAL S 103 50.07 -74.68 -39.03
C VAL S 103 49.71 -75.31 -40.39
N ALA S 104 48.50 -75.82 -40.49
CA ALA S 104 48.02 -76.49 -41.70
C ALA S 104 46.87 -75.70 -42.30
N VAL S 105 46.28 -76.18 -43.39
CA VAL S 105 45.15 -75.49 -44.04
C VAL S 105 43.91 -76.37 -44.11
N ALA S 106 43.65 -76.85 -45.32
CA ALA S 106 42.78 -77.97 -45.61
C ALA S 106 43.70 -78.99 -46.30
N SER S 107 45.00 -78.85 -46.04
CA SER S 107 46.07 -79.60 -46.69
C SER S 107 47.46 -79.18 -46.24
N GLY S 108 47.83 -79.47 -44.98
CA GLY S 108 49.03 -78.92 -44.35
C GLY S 108 50.29 -78.94 -45.18
N LYS S 109 51.27 -78.02 -44.99
CA LYS S 109 51.38 -77.04 -43.90
C LYS S 109 52.44 -75.92 -44.19
N THR S 110 52.26 -74.74 -43.59
CA THR S 110 53.18 -73.58 -43.81
C THR S 110 54.14 -73.28 -42.65
N MET T 1 -71.22 30.34 -18.98
CA MET T 1 -70.23 29.26 -19.08
C MET T 1 -70.75 28.12 -19.96
N GLU T 2 -69.89 27.61 -20.85
CA GLU T 2 -70.34 26.57 -21.79
C GLU T 2 -69.31 25.49 -22.08
N LEU T 3 -69.10 24.57 -21.13
CA LEU T 3 -68.23 23.42 -21.37
C LEU T 3 -68.71 22.58 -22.56
N THR T 4 -67.97 21.53 -22.90
CA THR T 4 -68.46 20.62 -23.92
C THR T 4 -68.35 19.14 -23.50
N ALA T 5 -67.21 18.53 -23.74
CA ALA T 5 -67.06 17.10 -23.51
C ALA T 5 -66.97 16.76 -22.03
N LYS T 6 -66.67 15.49 -21.79
CA LYS T 6 -66.53 14.95 -20.44
C LYS T 6 -65.95 13.54 -20.34
N PRO T 7 -65.10 13.13 -21.29
CA PRO T 7 -64.72 11.72 -21.14
C PRO T 7 -63.74 11.58 -19.99
N ARG T 8 -63.38 10.35 -19.59
CA ARG T 8 -62.39 10.17 -18.54
C ARG T 8 -60.97 10.56 -19.02
N THR T 9 -60.87 10.90 -20.31
CA THR T 9 -59.62 11.20 -21.00
C THR T 9 -59.44 12.70 -21.23
N PRO T 10 -58.31 13.25 -20.76
CA PRO T 10 -58.00 14.69 -20.67
C PRO T 10 -57.23 15.31 -21.84
N LYS T 11 -56.55 14.50 -22.66
CA LYS T 11 -55.69 14.99 -23.74
C LYS T 11 -56.42 15.90 -24.75
N GLN T 12 -57.74 15.78 -24.78
CA GLN T 12 -58.61 16.56 -25.67
C GLN T 12 -58.60 18.08 -25.37
N LYS T 13 -58.13 18.45 -24.18
CA LYS T 13 -58.31 19.82 -23.69
C LYS T 13 -57.11 20.38 -22.93
N LEU T 14 -56.36 19.49 -22.28
CA LEU T 14 -55.27 19.85 -21.35
C LEU T 14 -54.61 21.22 -21.58
N ASP T 15 -53.79 21.29 -22.62
CA ASP T 15 -53.07 22.51 -22.98
C ASP T 15 -54.07 23.59 -23.34
N GLU T 16 -55.11 23.22 -24.09
CA GLU T 16 -56.06 24.17 -24.67
C GLU T 16 -56.69 25.12 -23.65
N SER T 17 -56.23 25.05 -22.41
CA SER T 17 -56.71 25.88 -21.32
C SER T 17 -58.15 25.58 -20.95
N MET T 18 -58.36 24.39 -20.39
CA MET T 18 -59.65 23.97 -19.86
C MET T 18 -59.43 23.30 -18.50
N ILE T 19 -60.41 23.40 -17.62
CA ILE T 19 -60.34 22.73 -16.33
C ILE T 19 -61.25 21.51 -16.30
N ALA T 20 -60.72 20.42 -15.75
CA ALA T 20 -61.52 19.25 -15.44
C ALA T 20 -62.51 19.60 -14.35
N ALA T 21 -63.75 19.14 -14.51
CA ALA T 21 -64.74 19.44 -13.47
C ALA T 21 -65.79 18.36 -13.34
N VAL T 22 -66.55 18.45 -12.25
CA VAL T 22 -67.70 17.60 -12.01
C VAL T 22 -68.80 18.40 -11.35
N ALA T 23 -70.02 18.27 -11.86
CA ALA T 23 -71.18 18.88 -11.22
C ALA T 23 -72.16 17.78 -10.84
N TYR T 24 -72.51 17.71 -9.57
CA TYR T 24 -73.46 16.67 -9.18
C TYR T 24 -74.77 17.24 -8.60
N ASN T 25 -75.86 16.63 -9.05
CA ASN T 25 -77.24 16.99 -8.72
C ASN T 25 -77.62 16.45 -7.35
N LYS T 26 -76.97 15.33 -7.00
CA LYS T 26 -77.19 14.47 -5.81
C LYS T 26 -78.08 13.30 -6.24
N GLU T 27 -78.58 13.40 -7.46
CA GLU T 27 -79.39 12.36 -8.07
C GLU T 27 -78.79 12.13 -9.45
N ASN T 28 -78.46 13.24 -10.09
CA ASN T 28 -77.82 13.30 -11.41
C ASN T 28 -76.32 13.65 -11.19
N ASN T 29 -75.39 12.97 -11.86
CA ASN T 29 -73.95 13.31 -11.72
C ASN T 29 -73.20 13.40 -13.07
N VAL T 30 -72.50 14.50 -13.30
CA VAL T 30 -71.94 14.75 -14.63
C VAL T 30 -70.52 15.32 -14.60
N SER T 31 -69.58 14.60 -15.23
CA SER T 31 -68.21 15.07 -15.42
C SER T 31 -68.19 15.99 -16.63
N PHE T 32 -67.13 16.79 -16.79
CA PHE T 32 -66.99 17.71 -17.93
C PHE T 32 -65.71 18.53 -17.89
N ALA T 33 -65.67 19.59 -18.71
CA ALA T 33 -64.48 20.44 -18.85
C ALA T 33 -64.75 21.86 -19.37
N LEU T 34 -64.44 22.86 -18.55
CA LEU T 34 -64.76 24.26 -18.86
C LEU T 34 -63.56 25.06 -19.39
N ASP T 35 -63.78 26.06 -20.25
CA ASP T 35 -62.69 26.98 -20.61
C ASP T 35 -62.12 27.59 -19.33
N ARG T 36 -60.79 27.61 -19.19
CA ARG T 36 -60.19 28.18 -17.99
C ARG T 36 -60.57 29.65 -17.90
N LYS T 37 -60.03 30.46 -18.81
CA LYS T 37 -60.36 31.89 -18.95
C LYS T 37 -61.74 32.31 -18.41
N ALA T 38 -62.77 31.66 -18.95
CA ALA T 38 -64.13 31.79 -18.46
C ALA T 38 -64.19 31.62 -16.95
N PHE T 39 -64.07 30.38 -16.47
CA PHE T 39 -64.19 30.06 -15.05
C PHE T 39 -63.30 30.93 -14.15
N ASP T 40 -62.29 31.53 -14.74
CA ASP T 40 -61.42 32.43 -14.00
C ASP T 40 -62.16 33.73 -13.77
N ARG T 41 -62.57 34.36 -14.87
CA ARG T 41 -63.41 35.56 -14.78
C ARG T 41 -64.56 35.32 -13.79
N ALA T 42 -65.20 34.18 -13.99
CA ALA T 42 -66.35 33.75 -13.22
C ALA T 42 -66.04 33.63 -11.73
N PHE T 43 -65.30 32.59 -11.35
CA PHE T 43 -64.99 32.29 -9.96
C PHE T 43 -64.38 33.48 -9.25
N ARG T 44 -63.70 34.34 -10.00
CA ARG T 44 -63.25 35.58 -9.39
C ARG T 44 -64.47 36.42 -9.04
N GLN T 45 -65.39 36.60 -9.99
CA GLN T 45 -66.60 37.37 -9.74
C GLN T 45 -67.44 36.82 -8.57
N GLN T 46 -67.87 35.56 -8.71
CA GLN T 46 -68.94 35.00 -7.87
C GLN T 46 -68.47 34.18 -6.66
N SER T 47 -67.20 33.77 -6.64
CA SER T 47 -66.62 32.94 -5.57
C SER T 47 -67.43 31.68 -5.21
N THR T 48 -67.28 31.22 -3.97
CA THR T 48 -67.86 29.96 -3.49
C THR T 48 -69.39 30.01 -3.36
N THR T 49 -69.89 31.20 -3.05
CA THR T 49 -71.33 31.47 -2.95
C THR T 49 -71.92 31.79 -4.33
N GLY T 50 -71.15 31.45 -5.36
CA GLY T 50 -71.39 31.88 -6.73
C GLY T 50 -72.78 31.95 -7.31
N LEU T 51 -73.19 30.82 -7.90
CA LEU T 51 -74.46 30.63 -8.62
C LEU T 51 -74.36 31.13 -10.06
N PHE T 52 -74.05 30.23 -10.99
CA PHE T 52 -74.11 30.58 -12.40
C PHE T 52 -74.62 29.41 -13.26
N ASP T 53 -74.93 29.74 -14.52
CA ASP T 53 -75.67 28.85 -15.41
C ASP T 53 -74.76 28.06 -16.35
N ILE T 54 -75.02 26.76 -16.42
CA ILE T 54 -74.12 25.80 -17.05
C ILE T 54 -74.80 25.00 -18.17
N THR T 55 -74.51 25.33 -19.41
CA THR T 55 -75.15 24.70 -20.57
C THR T 55 -74.22 23.74 -21.32
N VAL T 56 -74.32 22.45 -20.98
CA VAL T 56 -73.55 21.38 -21.61
C VAL T 56 -73.81 21.32 -23.13
N GLU T 57 -72.74 21.10 -23.89
CA GLU T 57 -72.84 20.98 -25.36
C GLU T 57 -73.80 19.87 -25.82
N GLY T 58 -75.06 20.00 -25.41
CA GLY T 58 -76.12 19.08 -25.76
C GLY T 58 -77.48 19.72 -25.67
N GLY T 59 -77.51 20.96 -25.15
CA GLY T 59 -78.73 21.74 -25.06
C GLY T 59 -79.22 22.06 -23.65
N GLU T 60 -78.95 21.18 -22.70
CA GLU T 60 -79.56 21.22 -21.36
C GLU T 60 -78.77 22.12 -20.37
N THR T 61 -79.39 23.21 -19.94
CA THR T 61 -78.67 24.21 -19.12
C THR T 61 -79.16 24.27 -17.68
N PHE T 62 -78.27 24.00 -16.73
CA PHE T 62 -78.63 23.93 -15.32
C PHE T 62 -77.83 24.91 -14.45
N PRO T 63 -78.47 25.50 -13.43
CA PRO T 63 -77.80 26.40 -12.49
C PRO T 63 -76.99 25.66 -11.43
N ALA T 64 -75.89 26.26 -10.97
CA ALA T 64 -74.99 25.62 -10.00
C ALA T 64 -74.15 26.56 -9.13
N LEU T 65 -73.56 25.96 -8.10
CA LEU T 65 -72.72 26.65 -7.12
C LEU T 65 -71.37 25.93 -7.01
N VAL T 66 -70.34 26.63 -6.48
CA VAL T 66 -68.97 26.07 -6.40
C VAL T 66 -68.66 25.47 -5.02
N LYS T 67 -68.36 24.17 -5.00
CA LYS T 67 -68.26 23.39 -3.75
C LYS T 67 -66.81 23.17 -3.33
N ALA T 68 -65.91 22.99 -4.29
CA ALA T 68 -64.48 22.90 -3.99
C ALA T 68 -63.62 23.20 -5.21
N VAL T 69 -62.38 23.63 -4.98
CA VAL T 69 -61.46 23.87 -6.09
C VAL T 69 -60.10 23.26 -5.79
N GLN T 70 -59.52 22.63 -6.79
CA GLN T 70 -58.27 21.89 -6.64
C GLN T 70 -57.16 22.42 -7.55
N MET T 71 -56.07 22.81 -6.88
CA MET T 71 -54.99 23.62 -7.41
C MET T 71 -53.71 22.85 -7.73
N ASP T 72 -52.93 23.41 -8.65
CA ASP T 72 -51.53 23.03 -8.79
C ASP T 72 -50.78 23.81 -7.73
N LYS T 73 -50.10 23.08 -6.84
CA LYS T 73 -49.41 23.68 -5.72
C LYS T 73 -48.23 24.57 -6.16
N ARG T 74 -47.59 24.16 -7.26
CA ARG T 74 -46.37 24.75 -7.75
C ARG T 74 -46.64 25.83 -8.81
N LYS T 75 -47.75 25.70 -9.53
CA LYS T 75 -48.10 26.68 -10.56
C LYS T 75 -49.14 27.65 -10.02
N ARG T 76 -49.77 27.24 -8.91
CA ARG T 76 -50.81 28.04 -8.26
C ARG T 76 -51.90 28.44 -9.23
N ALA T 77 -52.61 27.43 -9.69
CA ALA T 77 -53.61 27.58 -10.72
C ALA T 77 -54.57 26.40 -10.66
N PRO T 78 -55.82 26.61 -11.08
CA PRO T 78 -56.85 25.55 -11.11
C PRO T 78 -56.55 24.40 -12.09
N ILE T 79 -56.62 23.17 -11.58
CA ILE T 79 -56.59 21.99 -12.44
C ILE T 79 -57.92 21.23 -12.39
N HIS T 80 -58.62 21.27 -11.24
CA HIS T 80 -59.93 20.59 -11.16
C HIS T 80 -60.99 21.30 -10.29
N VAL T 81 -62.28 21.06 -10.55
CA VAL T 81 -63.34 21.73 -9.78
C VAL T 81 -64.56 20.86 -9.39
N ASP T 82 -64.87 20.88 -8.09
CA ASP T 82 -66.08 20.29 -7.53
C ASP T 82 -67.23 21.30 -7.55
N PHE T 83 -68.29 20.92 -8.25
CA PHE T 83 -69.45 21.77 -8.55
C PHE T 83 -70.75 21.18 -7.99
N TYR T 84 -71.44 21.96 -7.15
CA TYR T 84 -72.75 21.61 -6.58
C TYR T 84 -73.89 22.07 -7.51
N MET T 85 -74.67 21.10 -8.02
CA MET T 85 -75.87 21.45 -8.80
C MET T 85 -76.96 21.89 -7.82
N VAL T 86 -77.25 23.19 -7.82
CA VAL T 86 -78.16 23.80 -6.86
C VAL T 86 -79.53 23.15 -6.89
N THR T 87 -80.29 23.30 -5.81
CA THR T 87 -81.66 22.80 -5.73
C THR T 87 -82.69 23.90 -6.03
N TYR T 88 -83.18 24.56 -4.99
CA TYR T 88 -84.33 25.46 -5.15
C TYR T 88 -84.65 26.23 -3.86
N GLY T 89 -85.07 25.49 -2.84
CA GLY T 89 -85.65 26.09 -1.64
C GLY T 89 -84.80 25.92 -0.39
N GLU T 90 -84.08 24.80 -0.31
CA GLU T 90 -83.00 24.64 0.66
C GLU T 90 -81.79 24.03 -0.05
N PRO T 91 -80.59 24.61 0.15
CA PRO T 91 -79.33 24.24 -0.51
C PRO T 91 -78.41 23.39 0.36
N VAL T 92 -77.20 23.91 0.58
CA VAL T 92 -76.33 23.48 1.66
C VAL T 92 -75.80 24.71 2.41
N GLU T 93 -74.73 24.50 3.16
CA GLU T 93 -74.16 25.55 4.01
C GLU T 93 -73.11 26.38 3.26
N VAL T 94 -73.23 27.69 3.42
CA VAL T 94 -72.50 28.62 2.56
C VAL T 94 -71.39 29.32 3.34
N SER T 95 -70.14 29.20 2.87
CA SER T 95 -69.03 29.93 3.45
C SER T 95 -68.92 31.31 2.80
N VAL T 96 -68.91 32.36 3.63
CA VAL T 96 -68.98 33.74 3.15
C VAL T 96 -68.00 34.65 3.88
N PRO T 97 -67.45 35.64 3.16
CA PRO T 97 -66.34 36.44 3.68
C PRO T 97 -66.76 37.55 4.64
N VAL T 98 -66.24 37.52 5.86
CA VAL T 98 -66.39 38.63 6.78
C VAL T 98 -65.64 39.81 6.20
N HIS T 99 -66.28 40.98 6.18
CA HIS T 99 -65.58 42.18 5.79
C HIS T 99 -65.48 43.13 6.97
N THR T 100 -65.18 44.38 6.70
CA THR T 100 -65.09 45.38 7.75
C THR T 100 -65.39 46.72 7.11
N THR T 101 -66.02 47.61 7.87
CA THR T 101 -66.46 48.89 7.34
C THR T 101 -66.25 50.06 8.29
N GLY T 102 -65.81 51.17 7.73
CA GLY T 102 -65.62 52.41 8.46
C GLY T 102 -64.33 52.43 9.24
N ARG T 103 -63.77 53.63 9.41
CA ARG T 103 -62.55 53.76 10.21
C ARG T 103 -62.86 53.38 11.66
N SER T 104 -62.32 52.24 12.09
CA SER T 104 -62.51 51.77 13.44
C SER T 104 -61.80 52.71 14.41
N GLN T 105 -62.36 52.86 15.60
CA GLN T 105 -61.66 53.59 16.64
C GLN T 105 -60.77 52.60 17.38
N GLY T 106 -60.03 51.83 16.60
CA GLY T 106 -58.94 51.00 17.12
C GLY T 106 -57.68 51.48 16.44
N GLU T 107 -57.78 51.71 15.14
CA GLU T 107 -56.63 52.13 14.33
C GLU T 107 -56.26 53.59 14.56
N VAL T 108 -56.90 54.22 15.53
CA VAL T 108 -56.70 55.64 15.75
C VAL T 108 -56.06 55.90 17.12
N GLN T 109 -55.93 54.88 17.95
CA GLN T 109 -55.21 55.07 19.21
C GLN T 109 -54.03 54.12 19.36
N GLY T 110 -54.00 53.03 18.60
CA GLY T 110 -52.85 52.15 18.68
C GLY T 110 -52.79 50.94 17.76
N GLY T 111 -53.92 50.26 17.61
CA GLY T 111 -53.91 48.96 16.98
C GLY T 111 -54.47 48.87 15.58
N LEU T 112 -54.89 47.66 15.21
CA LEU T 112 -55.41 47.43 13.87
C LEU T 112 -56.47 46.33 13.76
N VAL T 113 -57.37 46.52 12.80
CA VAL T 113 -58.39 45.55 12.43
C VAL T 113 -57.77 44.24 11.95
N ASP T 114 -58.13 43.15 12.62
CA ASP T 114 -57.62 41.80 12.29
C ASP T 114 -58.77 40.80 12.15
N ILE T 115 -59.08 40.41 10.91
CA ILE T 115 -60.19 39.47 10.65
C ILE T 115 -59.79 38.03 11.02
N VAL T 116 -59.81 37.74 12.31
CA VAL T 116 -59.30 36.50 12.91
C VAL T 116 -59.86 35.24 12.24
N VAL T 117 -61.02 35.33 11.57
CA VAL T 117 -61.49 34.23 10.71
C VAL T 117 -62.13 34.79 9.45
N HIS T 118 -61.34 34.79 8.37
CA HIS T 118 -61.70 35.37 7.08
C HIS T 118 -63.05 34.86 6.57
N ASN T 119 -63.30 33.57 6.72
CA ASN T 119 -64.45 32.96 6.07
C ASN T 119 -65.39 32.22 7.02
N LEU T 120 -66.62 32.72 7.09
CA LEU T 120 -67.65 32.26 8.02
C LEU T 120 -68.65 31.35 7.34
N GLN T 121 -68.78 30.13 7.81
CA GLN T 121 -69.71 29.21 7.16
C GLN T 121 -71.04 29.15 7.91
N ILE T 122 -72.08 29.63 7.22
CA ILE T 122 -73.42 29.68 7.78
C ILE T 122 -74.19 28.48 7.29
N VAL T 123 -75.31 28.21 7.96
CA VAL T 123 -76.30 27.24 7.48
C VAL T 123 -77.43 27.98 6.78
N ALA T 124 -77.59 27.68 5.49
CA ALA T 124 -78.78 28.03 4.71
C ALA T 124 -79.12 29.51 4.59
N PRO T 125 -79.73 29.88 3.45
CA PRO T 125 -80.52 31.08 3.24
C PRO T 125 -81.92 30.83 2.64
N GLY T 126 -82.05 29.77 1.84
CA GLY T 126 -83.03 29.72 0.77
C GLY T 126 -82.27 30.15 -0.47
N PRO T 127 -81.81 29.18 -1.30
CA PRO T 127 -80.89 29.36 -2.42
C PRO T 127 -81.52 29.89 -3.71
N ARG T 128 -81.05 31.08 -4.09
CA ARG T 128 -81.67 31.96 -5.09
C ARG T 128 -81.19 33.30 -4.58
N ARG T 129 -81.10 33.36 -3.26
CA ARG T 129 -80.75 34.53 -2.47
C ARG T 129 -79.74 34.09 -1.43
N ILE T 130 -78.47 34.14 -1.82
CA ILE T 130 -77.35 33.80 -0.93
C ILE T 130 -76.63 35.08 -0.56
N PRO T 131 -76.28 35.24 0.73
CA PRO T 131 -75.44 36.40 1.03
C PRO T 131 -74.06 36.18 0.39
N GLN T 132 -73.55 37.16 -0.34
CA GLN T 132 -72.27 36.96 -1.03
C GLN T 132 -71.11 37.57 -0.23
N GLU T 133 -71.40 38.65 0.51
CA GLU T 133 -70.47 39.18 1.49
C GLU T 133 -71.13 39.17 2.87
N LEU T 134 -70.61 39.98 3.79
CA LEU T 134 -71.10 40.02 5.18
C LEU T 134 -70.48 41.16 5.99
N VAL T 135 -70.97 42.39 5.81
CA VAL T 135 -70.40 43.56 6.49
C VAL T 135 -70.56 43.51 8.01
N VAL T 136 -69.46 43.77 8.73
CA VAL T 136 -69.49 43.94 10.18
C VAL T 136 -69.03 45.35 10.53
N ASP T 137 -69.76 46.06 11.38
CA ASP T 137 -69.28 47.38 11.81
C ASP T 137 -68.20 47.18 12.84
N VAL T 138 -67.29 48.15 12.90
CA VAL T 138 -66.09 48.06 13.72
C VAL T 138 -65.79 49.39 14.39
N THR T 139 -66.52 50.42 13.98
CA THR T 139 -66.28 51.79 14.45
C THR T 139 -66.42 51.93 15.97
N LYS T 140 -67.24 51.07 16.58
CA LYS T 140 -67.42 51.08 18.03
C LYS T 140 -66.22 50.45 18.73
N MET T 141 -65.49 49.63 17.97
CA MET T 141 -64.50 48.72 18.52
C MET T 141 -63.19 49.38 18.91
N ASN T 142 -62.78 49.12 20.15
CA ASN T 142 -61.54 49.65 20.70
C ASN T 142 -60.45 48.58 20.62
N ILE T 143 -59.34 48.83 21.29
CA ILE T 143 -58.23 47.88 21.26
C ILE T 143 -58.31 46.93 22.46
N GLY T 144 -58.51 45.65 22.15
CA GLY T 144 -58.77 44.62 23.15
C GLY T 144 -60.19 44.09 23.02
N ASP T 145 -60.85 44.49 21.94
CA ASP T 145 -62.27 44.19 21.72
C ASP T 145 -62.51 43.07 20.70
N HIS T 146 -62.97 41.91 21.18
CA HIS T 146 -63.29 40.77 20.31
C HIS T 146 -64.74 40.79 19.85
N ILE T 147 -64.98 40.43 18.58
CA ILE T 147 -66.35 40.24 18.06
C ILE T 147 -66.68 38.74 17.94
N THR T 148 -67.54 38.22 18.82
CA THR T 148 -67.92 36.78 18.74
C THR T 148 -68.74 36.53 17.48
N ALA T 149 -69.00 35.26 17.16
CA ALA T 149 -69.74 34.93 15.95
C ALA T 149 -71.26 35.18 16.09
N GLY T 150 -71.71 35.33 17.33
CA GLY T 150 -73.09 35.68 17.59
C GLY T 150 -73.46 36.99 16.93
N ASP T 151 -72.77 38.05 17.34
CA ASP T 151 -73.16 39.43 17.06
C ASP T 151 -73.28 39.82 15.58
N ILE T 152 -73.07 38.86 14.69
CA ILE T 152 -73.18 39.11 13.24
C ILE T 152 -74.64 39.16 12.79
N LYS T 153 -74.99 40.23 12.09
CA LYS T 153 -76.35 40.42 11.54
C LYS T 153 -76.61 39.54 10.31
N LEU T 154 -77.35 38.47 10.51
CA LEU T 154 -77.69 37.58 9.40
C LEU T 154 -78.93 38.15 8.67
N PRO T 155 -79.01 37.96 7.34
CA PRO T 155 -80.11 38.54 6.55
C PRO T 155 -81.41 37.68 6.44
N GLU T 156 -81.97 37.27 7.57
CA GLU T 156 -83.28 36.60 7.67
C GLU T 156 -83.41 35.26 6.91
N GLY T 157 -83.70 34.19 7.66
CA GLY T 157 -83.71 32.86 7.10
C GLY T 157 -82.32 32.22 7.07
N CYS T 158 -81.39 32.86 7.79
CA CYS T 158 -80.00 32.41 7.90
C CYS T 158 -79.66 32.06 9.34
N THR T 159 -78.98 30.93 9.55
CA THR T 159 -78.47 30.59 10.87
C THR T 159 -76.95 30.43 10.86
N LEU T 160 -76.39 29.98 11.99
CA LEU T 160 -74.94 29.99 12.16
C LEU T 160 -74.36 28.62 12.50
N ALA T 161 -73.64 28.04 11.53
CA ALA T 161 -72.91 26.79 11.72
C ALA T 161 -71.78 26.99 12.72
N ALA T 162 -71.29 28.23 12.78
CA ALA T 162 -70.28 28.63 13.75
C ALA T 162 -70.72 28.44 15.19
N ASP T 163 -69.78 28.09 16.06
CA ASP T 163 -69.95 28.26 17.51
C ASP T 163 -69.96 29.77 17.78
N PRO T 164 -71.12 30.32 18.14
CA PRO T 164 -71.24 31.78 18.08
C PRO T 164 -70.71 32.53 19.32
N GLU T 165 -69.71 31.96 19.98
CA GLU T 165 -68.87 32.72 20.92
C GLU T 165 -67.41 32.66 20.47
N LEU T 166 -67.20 32.19 19.24
CA LEU T 166 -65.86 32.10 18.64
C LEU T 166 -65.42 33.46 18.14
N THR T 167 -64.15 33.78 18.39
CA THR T 167 -63.60 35.08 18.03
C THR T 167 -63.50 35.25 16.52
N VAL T 168 -64.12 36.31 16.01
CA VAL T 168 -63.98 36.74 14.63
C VAL T 168 -63.50 38.18 14.74
N VAL T 169 -63.51 38.91 13.61
CA VAL T 169 -62.94 40.26 13.46
C VAL T 169 -62.61 40.96 14.79
N SER T 170 -61.36 40.85 15.20
CA SER T 170 -60.87 41.39 16.47
C SER T 170 -59.79 42.43 16.20
N VAL T 171 -59.74 43.47 17.01
CA VAL T 171 -58.75 44.53 16.83
C VAL T 171 -57.59 44.35 17.82
N LEU T 172 -56.38 44.32 17.26
CA LEU T 172 -55.16 43.97 18.00
C LEU T 172 -54.33 45.20 18.40
N PRO T 173 -53.63 45.13 19.54
CA PRO T 173 -52.74 46.19 20.03
C PRO T 173 -51.55 46.39 19.09
N PRO T 174 -50.70 47.40 19.34
CA PRO T 174 -49.55 47.60 18.44
C PRO T 174 -48.35 46.69 18.79
N ARG T 175 -47.18 46.97 18.19
CA ARG T 175 -45.93 46.25 18.47
C ARG T 175 -46.07 44.79 18.11
N ALA U 1 -2.43 20.90 13.81
CA ALA U 1 -1.89 20.19 12.64
C ALA U 1 -2.77 18.99 12.27
N HIS U 2 -2.75 17.97 13.14
CA HIS U 2 -3.60 16.78 13.03
C HIS U 2 -4.60 16.79 14.19
N LYS U 3 -5.47 15.76 14.27
CA LYS U 3 -6.38 15.57 15.42
C LYS U 3 -6.14 14.22 16.12
N LYS U 4 -6.67 14.11 17.34
CA LYS U 4 -6.40 12.96 18.20
C LYS U 4 -7.66 12.24 18.73
N GLY U 5 -8.73 12.20 17.92
CA GLY U 5 -9.91 11.42 18.26
C GLY U 5 -11.09 12.28 18.72
N VAL U 6 -11.59 12.04 19.94
CA VAL U 6 -11.27 10.85 20.72
C VAL U 6 -12.57 10.02 20.75
N GLY U 7 -13.64 10.69 20.30
CA GLY U 7 -14.98 10.15 20.33
C GLY U 7 -15.16 8.81 19.65
N SER U 8 -16.27 8.16 20.00
CA SER U 8 -16.64 6.84 19.48
C SER U 8 -18.15 6.77 19.25
N SER U 9 -18.68 5.55 19.15
CA SER U 9 -20.12 5.37 19.23
C SER U 9 -20.46 4.58 20.52
N LYS U 10 -21.64 4.82 21.07
CA LYS U 10 -22.18 3.92 22.09
C LYS U 10 -23.13 2.94 21.42
N ASN U 11 -23.37 3.14 20.11
CA ASN U 11 -24.38 2.39 19.40
C ASN U 11 -23.83 1.13 18.78
N GLY U 12 -24.23 0.94 17.51
CA GLY U 12 -23.84 -0.19 16.69
C GLY U 12 -24.88 -1.29 16.81
N ARG U 13 -24.89 -1.87 18.01
CA ARG U 13 -25.72 -3.00 18.39
C ARG U 13 -27.09 -3.12 17.73
N ASP U 14 -27.47 -4.38 17.58
CA ASP U 14 -28.77 -4.82 17.12
C ASP U 14 -28.76 -6.30 17.42
N SER U 15 -29.86 -6.99 17.08
CA SER U 15 -30.03 -8.40 17.44
C SER U 15 -30.30 -9.28 16.22
N ASN U 16 -29.82 -10.52 16.29
CA ASN U 16 -29.90 -11.44 15.16
C ASN U 16 -31.35 -11.61 14.67
N PRO U 17 -31.54 -11.79 13.36
CA PRO U 17 -32.87 -11.58 12.79
C PRO U 17 -33.87 -12.59 13.31
N LYS U 18 -35.13 -12.18 13.46
CA LYS U 18 -36.16 -13.09 13.96
C LYS U 18 -37.12 -13.36 12.83
N TYR U 19 -36.87 -14.47 12.13
CA TYR U 19 -37.56 -14.75 10.89
C TYR U 19 -39.02 -14.98 11.22
N LEU U 20 -39.80 -13.90 11.18
CA LEU U 20 -41.17 -14.00 11.62
C LEU U 20 -42.11 -13.91 10.43
N GLY U 21 -43.39 -13.71 10.75
CA GLY U 21 -44.46 -13.68 9.77
C GLY U 21 -45.08 -15.03 9.49
N VAL U 22 -46.04 -15.02 8.57
CA VAL U 22 -46.72 -16.25 8.19
C VAL U 22 -45.84 -17.10 7.26
N LYS U 23 -45.81 -18.40 7.52
CA LYS U 23 -45.11 -19.35 6.67
C LYS U 23 -46.09 -20.10 5.73
N LYS U 24 -47.38 -20.12 6.08
CA LYS U 24 -48.39 -20.85 5.32
C LYS U 24 -49.58 -19.96 4.95
N PHE U 25 -49.80 -19.79 3.65
CA PHE U 25 -50.65 -18.68 3.20
C PHE U 25 -52.01 -19.15 2.73
N GLY U 26 -52.86 -18.21 2.31
CA GLY U 26 -54.23 -18.53 1.93
C GLY U 26 -54.45 -19.45 0.75
N GLY U 27 -54.82 -20.70 1.04
CA GLY U 27 -55.19 -21.65 0.02
C GLY U 27 -54.12 -22.69 -0.11
N GLU U 28 -53.43 -22.95 1.00
CA GLU U 28 -52.31 -23.87 0.95
C GLU U 28 -52.58 -25.14 1.72
N VAL U 29 -52.39 -26.26 1.03
CA VAL U 29 -52.38 -27.59 1.65
C VAL U 29 -51.53 -27.61 2.90
N VAL U 30 -51.73 -28.58 3.78
CA VAL U 30 -51.04 -28.56 5.06
C VAL U 30 -50.95 -29.97 5.63
N LYS U 31 -49.75 -30.38 6.00
CA LYS U 31 -49.59 -31.64 6.71
C LYS U 31 -49.94 -31.39 8.17
N ALA U 32 -50.14 -32.46 8.95
CA ALA U 32 -50.39 -32.32 10.37
C ALA U 32 -49.17 -31.74 11.10
N GLY U 33 -49.35 -30.65 11.84
CA GLY U 33 -48.23 -30.03 12.56
C GLY U 33 -47.33 -29.09 11.76
N ASN U 34 -47.72 -28.83 10.51
CA ASN U 34 -47.12 -27.78 9.73
C ASN U 34 -47.43 -26.41 10.35
N ILE U 35 -46.40 -25.57 10.47
CA ILE U 35 -46.52 -24.23 11.06
C ILE U 35 -46.97 -23.21 10.03
N LEU U 36 -47.79 -22.25 10.46
CA LEU U 36 -48.48 -21.35 9.56
C LEU U 36 -48.25 -19.87 9.85
N VAL U 37 -47.96 -19.54 11.12
CA VAL U 37 -47.50 -18.19 11.51
C VAL U 37 -46.56 -18.19 12.70
N ARG U 38 -45.50 -17.41 12.55
CA ARG U 38 -44.64 -16.99 13.65
C ARG U 38 -45.00 -15.53 13.90
N GLN U 39 -45.21 -15.16 15.15
CA GLN U 39 -45.71 -13.83 15.42
C GLN U 39 -45.33 -13.40 16.82
N ARG U 40 -45.34 -12.11 17.06
CA ARG U 40 -44.99 -11.65 18.40
C ARG U 40 -46.16 -11.84 19.33
N GLY U 41 -47.34 -11.39 18.92
CA GLY U 41 -48.56 -11.54 19.74
C GLY U 41 -49.77 -12.38 19.29
N THR U 42 -50.94 -11.75 19.35
CA THR U 42 -52.21 -12.40 19.06
C THR U 42 -52.64 -11.90 17.65
N LYS U 43 -51.66 -11.37 16.91
CA LYS U 43 -51.87 -10.83 15.56
C LYS U 43 -52.85 -11.70 14.79
N PHE U 44 -52.53 -12.99 14.76
CA PHE U 44 -53.41 -13.95 14.13
C PHE U 44 -53.92 -15.01 15.12
N LYS U 45 -55.23 -14.98 15.38
CA LYS U 45 -55.84 -15.91 16.34
C LYS U 45 -56.17 -17.25 15.67
N ALA U 46 -55.96 -18.34 16.42
CA ALA U 46 -56.29 -19.68 15.95
C ALA U 46 -57.80 -19.82 15.75
N GLY U 47 -58.18 -20.47 14.65
CA GLY U 47 -59.56 -20.79 14.37
C GLY U 47 -59.79 -22.28 14.60
N GLN U 48 -60.53 -22.91 13.69
CA GLN U 48 -60.76 -24.35 13.80
C GLN U 48 -59.62 -25.17 13.18
N GLY U 49 -59.01 -26.01 14.00
CA GLY U 49 -58.06 -26.99 13.50
C GLY U 49 -56.61 -26.60 13.72
N VAL U 50 -56.44 -25.39 14.23
CA VAL U 50 -55.14 -24.79 14.45
C VAL U 50 -54.96 -24.52 15.93
N GLY U 51 -53.84 -24.98 16.47
CA GLY U 51 -53.44 -24.65 17.83
C GLY U 51 -52.33 -23.63 17.86
N MET U 52 -51.88 -23.31 19.06
CA MET U 52 -51.00 -22.17 19.25
C MET U 52 -49.99 -22.42 20.37
N GLY U 53 -48.71 -22.58 20.01
CA GLY U 53 -47.65 -22.74 20.97
C GLY U 53 -47.44 -21.46 21.77
N ARG U 54 -46.53 -21.50 22.74
CA ARG U 54 -46.25 -20.34 23.59
C ARG U 54 -45.64 -19.16 22.83
N ASP U 55 -44.94 -19.44 21.73
CA ASP U 55 -44.39 -18.42 20.84
C ASP U 55 -45.47 -17.65 20.10
N HIS U 56 -46.72 -17.99 20.42
CA HIS U 56 -47.93 -17.58 19.69
C HIS U 56 -47.84 -18.07 18.25
N THR U 57 -46.98 -19.07 18.07
CA THR U 57 -46.86 -19.83 16.83
C THR U 57 -48.18 -20.53 16.53
N LEU U 58 -48.72 -20.35 15.33
CA LEU U 58 -49.88 -21.15 14.92
C LEU U 58 -49.46 -22.39 14.11
N PHE U 59 -49.85 -23.56 14.59
CA PHE U 59 -49.55 -24.83 13.91
C PHE U 59 -50.84 -25.61 13.72
N ALA U 60 -51.03 -26.18 12.54
CA ALA U 60 -52.29 -26.87 12.21
C ALA U 60 -52.33 -28.28 12.80
N LEU U 61 -53.55 -28.69 13.21
CA LEU U 61 -53.76 -29.89 14.02
C LEU U 61 -54.18 -31.12 13.22
N SER U 62 -54.82 -30.94 12.08
CA SER U 62 -55.33 -32.14 11.43
C SER U 62 -55.35 -32.15 9.89
N ASP U 63 -54.26 -31.75 9.24
CA ASP U 63 -54.20 -31.68 7.78
C ASP U 63 -55.24 -30.70 7.22
N GLY U 64 -55.52 -30.80 5.92
CA GLY U 64 -56.49 -29.91 5.29
C GLY U 64 -56.03 -28.73 4.43
N LYS U 65 -56.88 -27.71 4.31
CA LYS U 65 -56.59 -26.58 3.44
C LYS U 65 -56.74 -25.27 4.20
N VAL U 66 -55.71 -24.43 4.13
CA VAL U 66 -55.59 -23.19 4.92
C VAL U 66 -56.52 -22.09 4.44
N VAL U 67 -57.19 -21.43 5.38
CA VAL U 67 -58.09 -20.34 5.04
C VAL U 67 -57.96 -19.17 6.00
N PHE U 68 -57.84 -18.00 5.39
CA PHE U 68 -57.65 -16.78 6.14
C PHE U 68 -58.96 -16.04 6.34
N ILE U 69 -59.21 -15.75 7.62
CA ILE U 69 -60.32 -14.92 8.03
C ILE U 69 -59.80 -13.60 8.55
N ASN U 70 -60.13 -12.53 7.84
CA ASN U 70 -59.87 -11.20 8.36
C ASN U 70 -61.18 -10.65 8.88
N LYS U 71 -61.36 -10.64 10.20
CA LYS U 71 -62.63 -10.12 10.74
C LYS U 71 -62.44 -8.66 11.10
N GLY U 72 -62.64 -7.81 10.09
CA GLY U 72 -62.47 -6.37 10.22
C GLY U 72 -61.40 -5.86 11.18
N LYS U 73 -60.12 -6.16 10.90
CA LYS U 73 -58.96 -5.46 11.52
C LYS U 73 -58.70 -5.67 13.03
N GLY U 74 -57.56 -6.27 13.37
CA GLY U 74 -57.16 -6.42 14.75
C GLY U 74 -57.72 -7.67 15.40
N ALA U 75 -58.57 -8.36 14.64
CA ALA U 75 -59.24 -9.59 15.06
C ALA U 75 -59.31 -10.50 13.86
N ARG U 76 -58.33 -11.39 13.75
CA ARG U 76 -58.16 -12.15 12.53
C ARG U 76 -57.86 -13.60 12.90
N PHE U 77 -58.28 -14.53 12.06
CA PHE U 77 -58.20 -15.94 12.40
C PHE U 77 -57.70 -16.75 11.22
N ILE U 78 -56.91 -17.78 11.51
CA ILE U 78 -56.48 -18.69 10.43
C ILE U 78 -57.04 -20.06 10.75
N SER U 79 -57.53 -20.77 9.73
CA SER U 79 -58.12 -22.09 9.96
C SER U 79 -57.79 -23.14 8.89
N ILE U 80 -58.18 -24.39 9.15
CA ILE U 80 -58.11 -25.44 8.13
C ILE U 80 -59.50 -25.99 7.85
N GLU U 81 -59.81 -26.14 6.57
CA GLU U 81 -61.02 -26.80 6.06
C GLU U 81 -60.54 -27.87 5.11
N ALA U 82 -60.83 -29.14 5.39
CA ALA U 82 -60.32 -30.20 4.52
C ALA U 82 -61.06 -30.23 3.18
N ALA U 83 -60.37 -30.64 2.11
CA ALA U 83 -60.96 -30.74 0.77
C ALA U 83 -62.03 -31.88 0.68
N GLN U 84 -63.23 -31.50 0.21
CA GLN U 84 -64.48 -32.31 0.19
C GLN U 84 -65.30 -32.15 1.50
N THR V 1 33.61 -43.12 38.67
CA THR V 1 33.71 -44.56 38.41
C THR V 1 33.71 -45.40 39.71
N GLY V 2 33.01 -46.55 39.69
CA GLY V 2 32.80 -47.35 40.89
C GLY V 2 33.85 -48.42 41.10
N LYS V 3 33.83 -49.06 42.25
CA LYS V 3 34.77 -50.16 42.53
C LYS V 3 34.39 -51.36 41.67
N LYS V 4 33.45 -52.16 42.17
CA LYS V 4 32.77 -53.14 41.36
C LYS V 4 31.75 -52.32 40.58
N ASN V 5 31.70 -52.57 39.27
CA ASN V 5 30.81 -51.88 38.32
C ASN V 5 31.12 -50.39 38.13
N LEU V 6 31.08 -49.96 36.87
CA LEU V 6 31.01 -48.54 36.54
C LEU V 6 29.72 -47.99 37.14
N VAL V 7 29.58 -46.68 37.23
CA VAL V 7 28.39 -46.16 37.86
C VAL V 7 27.84 -44.92 37.13
N VAL V 8 28.11 -43.74 37.66
CA VAL V 8 27.70 -42.44 37.11
C VAL V 8 26.31 -42.33 36.44
N ASN V 9 26.04 -43.11 35.41
CA ASN V 9 25.00 -42.78 34.42
C ASN V 9 23.56 -42.50 34.94
N SER V 10 22.82 -41.75 34.12
CA SER V 10 21.55 -41.14 34.49
C SER V 10 20.84 -40.80 33.18
N VAL V 11 19.51 -40.65 33.05
CA VAL V 11 18.39 -40.28 33.97
C VAL V 11 18.13 -38.78 33.79
N ILE V 12 16.91 -38.49 33.36
CA ILE V 12 16.44 -37.13 33.21
C ILE V 12 15.70 -36.90 34.51
N ARG V 13 15.16 -35.71 34.77
CA ARG V 13 14.26 -35.58 35.91
C ARG V 13 13.20 -34.49 35.78
N ARG V 14 11.97 -34.90 36.12
CA ARG V 14 10.73 -34.21 35.76
C ARG V 14 10.06 -33.61 36.99
N GLY V 15 9.11 -32.72 36.78
CA GLY V 15 8.35 -32.23 37.90
C GLY V 15 7.08 -31.61 37.42
N LYS V 16 6.08 -31.61 38.29
CA LYS V 16 4.71 -31.48 37.87
C LYS V 16 3.90 -30.55 38.78
N ALA V 17 3.32 -29.53 38.17
CA ALA V 17 2.45 -28.60 38.88
C ALA V 17 1.06 -29.21 39.00
N ARG V 18 0.13 -28.45 39.60
CA ARG V 18 -1.23 -28.90 39.90
C ARG V 18 -1.18 -30.28 40.54
N ALA V 19 -0.07 -30.50 41.26
CA ALA V 19 0.23 -31.73 41.99
C ALA V 19 -1.00 -32.17 42.83
N ASP V 20 -1.62 -33.25 42.39
CA ASP V 20 -2.72 -33.92 43.08
C ASP V 20 -4.02 -33.12 43.10
N GLY V 21 -4.95 -33.66 43.89
CA GLY V 21 -6.36 -33.27 43.91
C GLY V 21 -7.13 -34.49 44.42
N GLY V 22 -8.46 -34.49 44.26
CA GLY V 22 -9.23 -35.62 44.74
C GLY V 22 -8.79 -36.90 44.07
N VAL V 23 -7.58 -37.40 44.38
CA VAL V 23 -6.97 -38.63 43.77
C VAL V 23 -6.90 -38.52 42.25
N GLY V 24 -7.93 -37.88 41.71
CA GLY V 24 -7.92 -37.18 40.45
C GLY V 24 -8.29 -35.72 40.74
N ARG V 25 -7.36 -34.85 40.40
CA ARG V 25 -7.61 -33.43 40.33
C ARG V 25 -8.41 -33.24 39.05
N LYS V 26 -7.88 -32.46 38.12
CA LYS V 26 -8.35 -32.51 36.75
C LYS V 26 -7.38 -33.50 36.11
N THR V 27 -6.10 -33.27 36.36
CA THR V 27 -5.02 -34.21 36.03
C THR V 27 -3.71 -33.54 36.46
N THR V 28 -2.60 -34.27 36.36
CA THR V 28 -1.30 -33.69 36.67
C THR V 28 -0.60 -33.20 35.39
N GLY V 29 -0.38 -31.89 35.32
CA GLY V 29 0.38 -31.28 34.24
C GLY V 29 1.83 -31.34 34.65
N ILE V 30 2.75 -31.45 33.68
CA ILE V 30 4.18 -31.52 33.99
C ILE V 30 4.97 -30.46 33.21
N THR V 31 5.65 -29.60 33.97
CA THR V 31 6.24 -28.40 33.43
C THR V 31 7.74 -28.52 33.17
N LYS V 32 8.33 -29.62 33.64
CA LYS V 32 9.79 -29.75 33.68
C LYS V 32 10.35 -30.62 32.56
N ARG V 33 10.88 -31.79 32.94
CA ARG V 33 11.57 -32.69 32.01
C ARG V 33 12.86 -32.02 31.49
N VAL V 34 13.99 -32.33 32.13
CA VAL V 34 15.31 -31.82 31.74
C VAL V 34 16.33 -32.96 31.64
N GLN V 35 17.39 -32.94 32.43
CA GLN V 35 18.41 -33.99 32.38
C GLN V 35 19.45 -33.84 33.47
N ARG V 36 19.59 -34.83 34.33
CA ARG V 36 20.51 -34.74 35.48
C ARG V 36 21.55 -35.88 35.48
N ALA V 37 22.31 -36.03 36.56
CA ALA V 37 23.20 -37.20 36.72
C ALA V 37 23.41 -37.62 38.19
N ASN V 38 23.63 -38.92 38.44
CA ASN V 38 23.73 -39.49 39.79
C ASN V 38 25.18 -39.94 40.16
N LEU V 39 25.58 -39.93 41.45
CA LEU V 39 26.96 -40.39 41.84
C LEU V 39 27.08 -41.17 43.21
N HIS V 40 28.22 -41.09 43.92
CA HIS V 40 28.60 -42.06 45.00
C HIS V 40 29.57 -41.58 46.13
N LYS V 41 30.84 -42.06 46.12
CA LYS V 41 31.96 -41.50 46.96
C LYS V 41 33.34 -42.21 46.85
N LYS V 42 34.15 -42.11 47.92
CA LYS V 42 35.61 -42.37 47.92
C LYS V 42 36.22 -42.80 49.27
N ALA V 43 37.16 -43.75 49.21
CA ALA V 43 38.07 -44.14 50.31
C ALA V 43 39.11 -45.17 49.81
N ILE V 44 40.08 -45.49 50.66
CA ILE V 44 41.29 -46.21 50.24
C ILE V 44 41.54 -47.61 50.86
N ARG V 45 41.49 -48.66 50.04
CA ARG V 45 41.90 -50.02 50.47
C ARG V 45 42.50 -50.83 49.30
N GLU V 46 42.85 -52.09 49.56
CA GLU V 46 43.88 -52.80 48.78
C GLU V 46 43.48 -53.98 47.89
N ASN V 47 44.51 -54.62 47.31
CA ASN V 47 44.41 -55.70 46.32
C ASN V 47 45.83 -56.10 45.88
N GLY V 48 46.11 -57.40 45.76
CA GLY V 48 47.41 -57.89 45.28
C GLY V 48 48.66 -57.34 45.97
N GLN V 49 48.56 -56.08 46.40
CA GLN V 49 49.50 -55.37 47.26
C GLN V 49 48.86 -54.00 47.61
N VAL V 50 49.53 -52.90 47.24
CA VAL V 50 49.10 -51.55 47.63
C VAL V 50 48.41 -50.74 46.51
N LYS V 51 47.11 -50.48 46.68
CA LYS V 51 46.36 -49.52 45.83
C LYS V 51 45.66 -48.48 46.73
N THR V 52 44.69 -47.74 46.18
CA THR V 52 43.87 -46.80 46.98
C THR V 52 42.44 -46.75 46.44
N VAL V 53 42.31 -46.28 45.20
CA VAL V 53 41.08 -46.30 44.38
C VAL V 53 39.78 -45.73 45.01
N TRP V 54 38.77 -45.54 44.16
CA TRP V 54 37.46 -45.09 44.61
C TRP V 54 36.63 -46.28 45.02
N LEU V 55 35.72 -46.06 45.98
CA LEU V 55 34.78 -47.10 46.41
C LEU V 55 33.33 -46.61 46.42
N SER V 56 32.44 -47.41 45.84
CA SER V 56 31.01 -47.14 45.90
C SER V 56 30.58 -47.18 47.37
N ALA V 57 29.34 -46.82 47.68
CA ALA V 57 28.88 -46.99 49.05
C ALA V 57 28.51 -48.44 49.26
N ASN V 58 27.74 -48.97 48.30
CA ASN V 58 27.35 -50.38 48.30
C ASN V 58 28.61 -51.22 48.34
N ALA V 59 29.68 -50.69 47.76
CA ALA V 59 30.97 -51.34 47.80
C ALA V 59 31.54 -51.30 49.20
N ILE V 60 31.34 -50.21 49.95
CA ILE V 60 32.01 -50.14 51.24
C ILE V 60 31.28 -51.06 52.20
N ARG V 61 29.97 -51.19 52.04
CA ARG V 61 29.23 -52.13 52.88
C ARG V 61 29.60 -53.57 52.53
N THR V 62 29.46 -53.90 51.24
CA THR V 62 29.76 -55.24 50.72
C THR V 62 31.17 -55.68 51.10
N LEU V 63 32.09 -54.73 51.12
CA LEU V 63 33.47 -55.06 51.44
C LEU V 63 33.72 -55.06 52.96
N SER V 64 32.93 -54.30 53.71
CA SER V 64 33.08 -54.29 55.16
C SER V 64 32.57 -55.61 55.74
N LYS V 65 31.65 -56.27 55.03
CA LYS V 65 31.24 -57.63 55.41
C LYS V 65 32.39 -58.61 55.15
N GLY V 66 32.71 -58.80 53.87
CA GLY V 66 33.84 -59.60 53.45
C GLY V 66 34.31 -59.24 52.04
N PRO V 67 35.58 -59.55 51.72
CA PRO V 67 36.19 -59.27 50.41
C PRO V 67 35.58 -60.03 49.22
N TYR V 68 34.75 -59.35 48.41
CA TYR V 68 34.24 -59.90 47.15
C TYR V 68 35.33 -59.82 46.05
N LYS V 69 36.57 -60.17 46.43
CA LYS V 69 37.80 -60.39 45.61
C LYS V 69 38.96 -59.43 45.94
N GLY V 70 38.65 -58.22 46.44
CA GLY V 70 39.66 -57.26 46.88
C GLY V 70 39.63 -57.06 48.40
N ILE V 71 40.72 -56.57 48.98
CA ILE V 71 40.87 -56.55 50.45
C ILE V 71 40.75 -55.14 51.08
N GLU V 72 40.94 -55.06 52.40
CA GLU V 72 40.71 -53.84 53.19
C GLU V 72 41.96 -53.07 53.60
N MET W 1 77.10 -63.83 -15.68
CA MET W 1 75.81 -64.43 -16.04
C MET W 1 74.93 -64.70 -14.82
N LYS W 2 73.62 -64.56 -15.03
CA LYS W 2 72.62 -64.59 -13.96
C LYS W 2 72.70 -65.81 -13.02
N PRO W 3 72.58 -67.04 -13.55
CA PRO W 3 72.50 -68.13 -12.58
C PRO W 3 73.87 -68.71 -12.25
N SER W 4 74.29 -69.66 -13.08
CA SER W 4 75.56 -70.36 -12.99
C SER W 4 76.69 -69.58 -12.32
N GLU W 5 77.32 -68.72 -13.13
CA GLU W 5 78.57 -68.02 -12.78
C GLU W 5 78.68 -67.46 -11.35
N MET W 6 77.54 -67.17 -10.73
CA MET W 6 77.54 -66.48 -9.45
C MET W 6 77.72 -67.45 -8.28
N ARG W 7 76.79 -68.40 -8.16
CA ARG W 7 76.70 -69.33 -7.02
C ARG W 7 77.98 -70.13 -6.78
N ASN W 8 78.73 -70.38 -7.85
CA ASN W 8 79.94 -71.18 -7.80
C ASN W 8 81.06 -70.54 -6.98
N LEU W 9 80.95 -69.24 -6.73
CA LEU W 9 82.03 -68.52 -6.09
C LEU W 9 81.70 -68.10 -4.65
N GLN W 10 82.75 -67.65 -3.95
CA GLN W 10 82.69 -67.36 -2.51
C GLN W 10 82.09 -65.98 -2.24
N ALA W 11 81.49 -65.83 -1.05
CA ALA W 11 80.82 -64.59 -0.65
C ALA W 11 81.82 -63.44 -0.46
N THR W 12 83.10 -63.79 -0.39
CA THR W 12 84.18 -62.81 -0.27
C THR W 12 84.60 -62.33 -1.67
N ASP W 13 84.26 -63.13 -2.69
CA ASP W 13 84.46 -62.77 -4.10
C ASP W 13 83.33 -61.85 -4.58
N PHE W 14 82.15 -62.05 -4.01
CA PHE W 14 81.00 -61.19 -4.32
C PHE W 14 81.31 -59.73 -4.00
N ALA W 15 81.73 -59.45 -2.77
CA ALA W 15 82.10 -58.09 -2.34
C ALA W 15 82.97 -57.40 -3.39
N LYS W 16 83.95 -58.14 -3.89
CA LYS W 16 84.86 -57.66 -4.93
C LYS W 16 84.13 -57.37 -6.26
N GLU W 17 83.30 -58.31 -6.72
CA GLU W 17 82.63 -58.14 -8.01
C GLU W 17 81.68 -56.95 -7.98
N ILE W 18 80.94 -56.86 -6.88
CA ILE W 18 80.15 -55.68 -6.53
C ILE W 18 80.97 -54.41 -6.68
N ASP W 19 81.97 -54.24 -5.80
CA ASP W 19 82.84 -53.06 -5.82
C ASP W 19 83.27 -52.64 -7.22
N ALA W 20 83.88 -53.56 -7.96
CA ALA W 20 84.31 -53.26 -9.33
C ALA W 20 83.15 -52.76 -10.21
N ARG W 21 82.00 -53.41 -10.11
CA ARG W 21 80.83 -52.97 -10.86
C ARG W 21 80.42 -51.52 -10.49
N LYS W 22 80.35 -51.24 -9.18
CA LYS W 22 80.08 -49.89 -8.69
C LYS W 22 80.97 -48.90 -9.42
N LYS W 23 82.28 -49.16 -9.35
CA LYS W 23 83.29 -48.30 -9.95
C LYS W 23 83.06 -48.05 -11.43
N GLU W 24 82.72 -49.10 -12.17
CA GLU W 24 82.50 -48.90 -13.60
C GLU W 24 81.29 -48.01 -13.83
N LEU W 25 80.26 -48.22 -13.02
CA LEU W 25 79.07 -47.40 -13.14
C LEU W 25 79.38 -45.92 -12.93
N MET W 26 80.17 -45.62 -11.91
CA MET W 26 80.61 -44.25 -11.71
C MET W 26 81.41 -43.68 -12.91
N GLU W 27 82.36 -44.45 -13.44
CA GLU W 27 83.11 -44.01 -14.64
C GLU W 27 82.15 -43.61 -15.76
N LEU W 28 81.14 -44.45 -15.95
CA LEU W 28 80.13 -44.20 -16.97
C LEU W 28 79.30 -42.94 -16.67
N ARG W 29 79.13 -42.62 -15.38
CA ARG W 29 78.43 -41.40 -14.99
C ARG W 29 79.23 -40.13 -15.34
N PHE W 30 80.53 -40.19 -15.07
CA PHE W 30 81.39 -39.08 -15.43
C PHE W 30 81.38 -38.90 -16.95
N GLN W 31 81.58 -40.00 -17.66
CA GLN W 31 81.59 -39.94 -19.11
C GLN W 31 80.30 -39.33 -19.62
N ALA W 32 79.18 -39.92 -19.22
CA ALA W 32 77.86 -39.51 -19.69
C ALA W 32 77.63 -38.03 -19.44
N ALA W 33 77.96 -37.58 -18.22
CA ALA W 33 77.76 -36.17 -17.86
C ALA W 33 78.67 -35.25 -18.68
N ALA W 34 79.81 -35.77 -19.13
CA ALA W 34 80.70 -35.01 -20.00
C ALA W 34 80.40 -35.26 -21.48
N GLY W 35 79.72 -36.36 -21.78
CA GLY W 35 79.48 -36.76 -23.16
C GLY W 35 80.62 -37.60 -23.73
N GLN W 36 80.31 -38.47 -24.69
CA GLN W 36 78.95 -38.63 -25.19
C GLN W 36 78.19 -39.72 -24.39
N LEU W 37 78.92 -40.78 -24.03
CA LEU W 37 78.40 -42.08 -23.58
C LEU W 37 77.85 -42.83 -24.79
N ALA W 38 78.78 -43.40 -25.56
CA ALA W 38 78.46 -44.10 -26.81
C ALA W 38 77.56 -45.29 -26.60
N GLN W 39 77.77 -46.00 -25.49
CA GLN W 39 76.95 -47.16 -25.16
C GLN W 39 76.24 -46.99 -23.81
N PRO W 40 75.04 -46.37 -23.83
CA PRO W 40 74.14 -46.23 -22.70
C PRO W 40 73.82 -47.58 -22.04
N HIS W 41 73.43 -48.54 -22.87
CA HIS W 41 72.93 -49.83 -22.41
C HIS W 41 73.79 -50.43 -21.30
N ARG W 42 75.10 -50.32 -21.47
CA ARG W 42 76.06 -50.94 -20.56
C ARG W 42 75.72 -50.59 -19.13
N VAL W 43 75.43 -49.31 -18.91
CA VAL W 43 74.97 -48.80 -17.62
C VAL W 43 73.94 -49.73 -16.99
N ARG W 44 72.76 -49.78 -17.63
CA ARG W 44 71.66 -50.60 -17.16
C ARG W 44 72.11 -52.04 -16.93
N GLN W 45 72.92 -52.54 -17.87
CA GLN W 45 73.38 -53.91 -17.81
C GLN W 45 74.16 -54.12 -16.53
N LEU W 46 75.12 -53.22 -16.27
CA LEU W 46 75.91 -53.32 -15.07
C LEU W 46 75.02 -53.31 -13.85
N ARG W 47 74.00 -52.44 -13.88
CA ARG W 47 73.05 -52.33 -12.81
C ARG W 47 72.51 -53.71 -12.50
N ARG W 48 71.98 -54.36 -13.52
CA ARG W 48 71.40 -55.69 -13.38
C ARG W 48 72.39 -56.60 -12.67
N GLU W 49 73.64 -56.61 -13.14
CA GLU W 49 74.65 -57.51 -12.61
C GLU W 49 74.76 -57.33 -11.10
N VAL W 50 74.80 -56.08 -10.67
CA VAL W 50 74.89 -55.75 -9.24
C VAL W 50 73.77 -56.46 -8.51
N ALA W 51 72.56 -56.21 -9.00
CA ALA W 51 71.37 -56.82 -8.44
C ALA W 51 71.61 -58.30 -8.26
N GLN W 52 71.94 -58.97 -9.38
CA GLN W 52 72.12 -60.41 -9.40
C GLN W 52 73.02 -60.81 -8.27
N LEU W 53 74.18 -60.14 -8.20
CA LEU W 53 75.17 -60.45 -7.19
C LEU W 53 74.51 -60.46 -5.81
N ASN W 54 73.92 -59.33 -5.44
CA ASN W 54 73.36 -59.19 -4.12
C ASN W 54 72.22 -60.18 -3.88
N THR W 55 71.51 -60.55 -4.95
CA THR W 55 70.44 -61.52 -4.81
C THR W 55 71.06 -62.85 -4.42
N VAL W 56 72.07 -63.24 -5.20
CA VAL W 56 72.71 -64.54 -5.06
C VAL W 56 73.25 -64.67 -3.65
N LYS W 57 74.23 -63.84 -3.30
CA LYS W 57 74.85 -63.89 -1.98
C LYS W 57 73.79 -63.84 -0.86
N ALA W 58 72.62 -63.27 -1.15
CA ALA W 58 71.54 -63.30 -0.17
C ALA W 58 70.98 -64.72 -0.10
N GLU W 59 70.37 -65.15 -1.22
CA GLU W 59 69.88 -66.51 -1.40
C GLU W 59 70.80 -67.56 -0.77
N LEU W 60 72.02 -67.68 -1.32
CA LEU W 60 73.03 -68.62 -0.79
C LEU W 60 73.22 -68.53 0.72
N ALA W 61 73.38 -67.33 1.27
CA ALA W 61 73.68 -67.19 2.70
C ALA W 61 72.54 -67.73 3.56
N ARG W 62 71.35 -67.81 2.96
CA ARG W 62 70.17 -68.27 3.66
C ARG W 62 69.86 -69.74 3.33
N LYS W 63 70.47 -70.25 2.26
CA LYS W 63 70.32 -71.67 1.88
C LYS W 63 71.40 -72.52 2.56
N GLY W 64 72.53 -71.91 2.88
CA GLY W 64 73.56 -72.55 3.68
C GLY W 64 73.21 -72.55 5.18
N GLU W 65 72.17 -71.81 5.53
CA GLU W 65 71.60 -71.83 6.88
C GLU W 65 70.19 -72.43 6.86
N GLN W 66 69.92 -73.28 5.86
CA GLN W 66 68.62 -73.95 5.77
C GLN W 66 68.52 -75.04 6.85
N MET X 1 -51.81 -12.22 -32.78
CA MET X 1 -50.92 -11.17 -33.29
C MET X 1 -49.74 -11.78 -34.06
N LYS X 2 -49.09 -10.96 -34.87
CA LYS X 2 -47.75 -11.30 -35.35
C LYS X 2 -46.74 -10.43 -34.58
N ILE X 3 -45.48 -10.83 -34.70
CA ILE X 3 -44.45 -10.39 -33.78
C ILE X 3 -43.11 -10.37 -34.51
N LYS X 4 -42.28 -9.37 -34.21
CA LYS X 4 -40.87 -9.33 -34.65
C LYS X 4 -39.99 -8.87 -33.50
N LEU X 5 -38.84 -9.51 -33.32
CA LEU X 5 -37.83 -8.99 -32.38
C LEU X 5 -36.95 -7.99 -33.12
N VAL X 6 -37.14 -6.71 -32.83
CA VAL X 6 -36.39 -5.64 -33.52
C VAL X 6 -35.51 -4.81 -32.58
N ARG X 7 -35.48 -5.18 -31.29
CA ARG X 7 -34.51 -4.61 -30.35
C ARG X 7 -33.72 -5.77 -29.75
N SER X 8 -32.98 -5.54 -28.67
CA SER X 8 -32.06 -6.57 -28.24
C SER X 8 -32.19 -6.82 -26.75
N VAL X 9 -31.59 -7.93 -26.33
CA VAL X 9 -31.81 -8.42 -24.98
C VAL X 9 -30.68 -8.03 -24.02
N ILE X 10 -29.58 -7.58 -24.59
CA ILE X 10 -28.39 -7.30 -23.78
C ILE X 10 -28.59 -5.98 -23.05
N GLY X 11 -28.24 -5.96 -21.78
CA GLY X 11 -28.48 -4.79 -20.98
C GLY X 11 -29.94 -4.58 -20.64
N ARG X 12 -30.76 -5.56 -21.02
CA ARG X 12 -32.17 -5.68 -20.64
C ARG X 12 -32.34 -6.66 -19.45
N PRO X 13 -33.28 -6.35 -18.56
CA PRO X 13 -33.53 -7.02 -17.26
C PRO X 13 -33.86 -8.52 -17.38
N GLY X 14 -33.43 -9.33 -16.41
CA GLY X 14 -33.61 -10.78 -16.47
C GLY X 14 -34.92 -11.39 -16.98
N ASN X 15 -36.03 -11.05 -16.32
CA ASN X 15 -37.34 -11.44 -16.76
C ASN X 15 -37.64 -11.09 -18.22
N GLN X 16 -37.20 -9.94 -18.71
CA GLN X 16 -37.47 -9.56 -20.09
C GLN X 16 -36.70 -10.47 -21.03
N VAL X 17 -35.54 -10.92 -20.56
CA VAL X 17 -34.77 -11.92 -21.29
C VAL X 17 -35.59 -13.19 -21.41
N LYS X 18 -35.96 -13.74 -20.25
CA LYS X 18 -36.60 -15.05 -20.19
C LYS X 18 -37.94 -15.05 -20.93
N THR X 19 -38.58 -13.90 -20.94
CA THR X 19 -39.79 -13.66 -21.72
C THR X 19 -39.51 -13.60 -23.23
N VAL X 20 -38.38 -13.02 -23.62
CA VAL X 20 -37.97 -13.08 -25.01
C VAL X 20 -37.77 -14.54 -25.40
N GLN X 21 -37.24 -15.31 -24.45
CA GLN X 21 -36.97 -16.72 -24.63
C GLN X 21 -38.26 -17.49 -24.89
N ALA X 22 -39.22 -17.34 -23.98
CA ALA X 22 -40.54 -17.93 -24.12
C ALA X 22 -41.11 -17.58 -25.48
N LEU X 23 -41.43 -16.33 -25.76
CA LEU X 23 -42.03 -15.98 -27.06
C LEU X 23 -41.34 -16.59 -28.28
N GLY X 24 -40.30 -17.40 -28.07
CA GLY X 24 -39.73 -18.21 -29.14
C GLY X 24 -38.69 -17.54 -30.02
N LEU X 25 -38.47 -16.25 -29.79
CA LEU X 25 -37.48 -15.48 -30.54
C LEU X 25 -36.13 -15.58 -29.87
N ARG X 26 -35.12 -16.01 -30.65
CA ARG X 26 -33.78 -16.11 -30.09
C ARG X 26 -32.70 -15.32 -30.88
N LYS X 27 -33.15 -14.48 -31.82
CA LYS X 27 -32.29 -13.59 -32.60
C LYS X 27 -33.13 -12.43 -33.12
N ILE X 28 -32.52 -11.26 -33.30
CA ILE X 28 -33.21 -10.14 -33.95
C ILE X 28 -33.60 -10.61 -35.35
N GLY X 29 -34.65 -10.02 -35.91
CA GLY X 29 -35.17 -10.47 -37.19
C GLY X 29 -36.12 -11.66 -37.11
N ASP X 30 -36.08 -12.39 -35.99
CA ASP X 30 -37.07 -13.40 -35.70
C ASP X 30 -38.45 -12.74 -35.70
N SER X 31 -39.34 -13.39 -36.45
CA SER X 31 -40.76 -13.08 -36.46
C SER X 31 -41.51 -14.32 -36.02
N ARG X 32 -42.80 -14.16 -35.74
CA ARG X 32 -43.59 -15.26 -35.22
C ARG X 32 -45.08 -14.91 -35.18
N GLU X 33 -45.91 -15.96 -35.13
CA GLU X 33 -47.34 -15.83 -34.95
C GLU X 33 -47.76 -16.19 -33.53
N VAL X 34 -48.77 -15.49 -33.03
CA VAL X 34 -49.11 -15.56 -31.62
C VAL X 34 -50.62 -15.69 -31.36
N SER X 35 -50.97 -16.43 -30.31
CA SER X 35 -52.36 -16.82 -30.10
C SER X 35 -53.11 -15.94 -29.11
N ASP X 36 -53.64 -14.81 -29.60
CA ASP X 36 -54.54 -13.92 -28.82
C ASP X 36 -55.24 -14.64 -27.65
N THR X 37 -54.55 -14.67 -26.51
CA THR X 37 -55.04 -15.22 -25.24
C THR X 37 -54.37 -14.43 -24.13
N PRO X 38 -54.92 -14.43 -22.90
CA PRO X 38 -54.35 -13.45 -21.96
C PRO X 38 -52.89 -13.72 -21.55
N ALA X 39 -52.45 -14.97 -21.54
CA ALA X 39 -51.09 -15.27 -21.09
C ALA X 39 -50.04 -15.02 -22.19
N VAL X 40 -50.37 -15.26 -23.45
CA VAL X 40 -49.42 -14.98 -24.52
C VAL X 40 -49.46 -13.50 -24.86
N ARG X 41 -50.65 -12.92 -25.00
CA ARG X 41 -50.72 -11.47 -25.27
C ARG X 41 -50.26 -10.70 -24.02
N GLY X 42 -50.19 -11.40 -22.88
CA GLY X 42 -49.62 -10.85 -21.65
C GLY X 42 -48.13 -11.15 -21.47
N MET X 43 -47.62 -11.98 -22.36
CA MET X 43 -46.19 -12.17 -22.53
C MET X 43 -45.63 -11.15 -23.51
N VAL X 44 -46.46 -10.66 -24.42
CA VAL X 44 -46.03 -9.64 -25.37
C VAL X 44 -46.16 -8.24 -24.77
N LYS X 45 -47.01 -8.08 -23.77
CA LYS X 45 -47.15 -6.76 -23.17
C LYS X 45 -45.84 -6.41 -22.46
N THR X 46 -45.31 -7.35 -21.68
CA THR X 46 -44.20 -7.04 -20.80
C THR X 46 -42.91 -6.78 -21.57
N VAL X 47 -42.76 -7.39 -22.75
CA VAL X 47 -41.61 -7.06 -23.60
C VAL X 47 -42.04 -6.32 -24.85
N LYS X 48 -43.09 -5.50 -24.71
CA LYS X 48 -43.72 -4.82 -25.83
C LYS X 48 -42.71 -4.03 -26.62
N HIS X 49 -41.95 -3.25 -25.87
CA HIS X 49 -41.00 -2.29 -26.40
C HIS X 49 -39.89 -2.91 -27.26
N LEU X 50 -39.53 -4.18 -27.03
CA LEU X 50 -38.54 -4.87 -27.88
C LEU X 50 -39.12 -5.44 -29.20
N LEU X 51 -40.44 -5.33 -29.36
CA LEU X 51 -41.17 -6.01 -30.44
C LEU X 51 -41.86 -5.09 -31.43
N GLU X 52 -41.74 -5.42 -32.70
CA GLU X 52 -42.59 -4.82 -33.73
C GLU X 52 -43.79 -5.74 -33.89
N VAL X 53 -44.95 -5.31 -33.37
CA VAL X 53 -46.16 -6.13 -33.34
C VAL X 53 -47.16 -5.75 -34.43
N GLN X 54 -47.65 -6.77 -35.16
CA GLN X 54 -48.35 -6.55 -36.43
C GLN X 54 -49.86 -6.30 -36.33
N GLU X 55 -50.60 -7.21 -35.73
CA GLU X 55 -52.06 -7.07 -35.73
C GLU X 55 -52.74 -7.53 -34.45
N LYS Y 1 22.91 11.05 -9.85
CA LYS Y 1 24.09 10.75 -10.70
C LYS Y 1 24.11 9.42 -11.52
N HIS Y 2 25.28 9.21 -12.16
CA HIS Y 2 25.67 8.06 -12.99
C HIS Y 2 24.71 7.82 -14.14
N PRO Y 3 24.64 8.75 -15.10
CA PRO Y 3 23.88 8.52 -16.32
C PRO Y 3 24.18 7.18 -16.94
N VAL Y 4 23.25 6.62 -17.71
CA VAL Y 4 23.45 5.36 -18.44
C VAL Y 4 22.47 5.37 -19.58
N PRO Y 5 22.79 4.63 -20.65
CA PRO Y 5 21.87 4.58 -21.78
C PRO Y 5 20.59 3.85 -21.40
N LYS Y 6 19.47 4.34 -21.95
CA LYS Y 6 18.15 3.89 -21.58
C LYS Y 6 17.75 2.59 -22.29
N LYS Y 7 18.40 2.33 -23.41
CA LYS Y 7 17.90 1.42 -24.44
C LYS Y 7 19.12 1.08 -25.32
N LYS Y 8 19.24 -0.18 -25.73
CA LYS Y 8 20.30 -0.51 -26.68
C LYS Y 8 20.09 0.32 -27.94
N THR Y 9 21.19 0.73 -28.55
CA THR Y 9 21.06 1.53 -29.75
C THR Y 9 21.06 0.52 -30.86
N SER Y 10 20.14 0.73 -31.81
CA SER Y 10 19.93 -0.20 -32.89
C SER Y 10 21.21 -0.37 -33.71
N LYS Y 11 21.34 -1.45 -34.47
CA LYS Y 11 22.49 -1.58 -35.35
C LYS Y 11 22.39 -0.46 -36.36
N SER Y 12 21.16 -0.07 -36.67
CA SER Y 12 20.92 0.92 -37.72
C SER Y 12 21.43 2.26 -37.30
N LYS Y 13 20.98 2.71 -36.14
CA LYS Y 13 21.46 3.95 -35.50
C LYS Y 13 22.95 3.97 -35.51
N ARG Y 14 23.54 3.13 -34.66
CA ARG Y 14 24.97 3.02 -34.51
C ARG Y 14 25.66 3.23 -35.83
N ASP Y 15 25.17 2.53 -36.83
CA ASP Y 15 25.82 2.72 -38.09
C ASP Y 15 25.49 4.08 -38.73
N MET Y 16 24.33 4.69 -38.47
CA MET Y 16 24.10 5.99 -39.07
C MET Y 16 25.15 6.89 -38.49
N ARG Y 17 25.47 6.66 -37.22
CA ARG Y 17 26.39 7.58 -36.53
C ARG Y 17 27.69 7.52 -37.26
N ARG Y 18 28.09 6.32 -37.66
CA ARG Y 18 29.42 6.09 -38.18
C ARG Y 18 29.59 6.66 -39.59
N SER Y 19 28.61 7.40 -40.08
CA SER Y 19 28.64 7.88 -41.46
C SER Y 19 29.71 8.87 -41.77
N HIS Y 20 30.68 9.04 -40.86
CA HIS Y 20 31.66 10.11 -40.97
C HIS Y 20 33.04 9.64 -40.66
N HIS Y 21 33.26 8.34 -40.59
CA HIS Y 21 34.55 7.86 -40.13
C HIS Y 21 35.44 7.45 -41.32
N ALA Y 22 34.89 7.65 -42.51
CA ALA Y 22 35.65 7.53 -43.72
C ALA Y 22 36.97 8.22 -43.61
N LEU Y 23 38.06 7.46 -43.69
CA LEU Y 23 39.41 8.02 -43.80
C LEU Y 23 39.54 8.81 -45.08
N THR Y 24 40.51 9.70 -45.12
CA THR Y 24 40.68 10.52 -46.31
C THR Y 24 41.95 10.08 -46.91
N ALA Y 25 41.90 9.58 -48.13
CA ALA Y 25 43.10 9.01 -48.71
C ALA Y 25 44.04 10.13 -49.09
N PRO Y 26 45.35 9.91 -48.89
CA PRO Y 26 46.33 10.95 -49.24
C PRO Y 26 46.13 11.44 -50.65
N ASN Y 27 46.34 12.73 -50.86
CA ASN Y 27 46.57 13.25 -52.19
C ASN Y 27 48.04 12.94 -52.41
N LEU Y 28 48.35 12.17 -53.45
CA LEU Y 28 49.70 11.66 -53.62
C LEU Y 28 50.30 12.08 -54.95
N THR Y 29 51.53 12.52 -54.93
CA THR Y 29 52.15 12.96 -56.16
C THR Y 29 53.34 12.07 -56.44
N GLU Y 30 53.79 12.04 -57.69
CA GLU Y 30 54.91 11.20 -58.06
C GLU Y 30 56.18 12.02 -58.15
N CYS Y 31 57.23 11.63 -57.41
CA CYS Y 31 58.47 12.40 -57.39
C CYS Y 31 59.00 12.65 -58.79
N PRO Y 32 59.34 13.91 -59.09
CA PRO Y 32 59.91 14.36 -60.37
C PRO Y 32 61.26 13.73 -60.70
N GLN Y 33 61.86 13.06 -59.70
CA GLN Y 33 63.07 12.27 -59.90
C GLN Y 33 62.73 10.83 -59.54
N CYS Y 34 63.55 10.20 -58.71
CA CYS Y 34 63.54 8.74 -58.41
C CYS Y 34 62.24 7.94 -58.63
N HIS Y 35 61.12 8.64 -58.73
CA HIS Y 35 59.84 8.03 -59.11
C HIS Y 35 59.40 6.85 -58.26
N GLY Y 36 58.79 7.20 -57.13
CA GLY Y 36 57.75 6.48 -56.46
C GLY Y 36 56.71 7.58 -56.16
N LYS Y 37 56.28 7.73 -54.91
CA LYS Y 37 55.32 8.79 -54.64
C LYS Y 37 55.64 9.66 -53.40
N LYS Y 38 55.09 10.87 -53.35
CA LYS Y 38 55.35 11.68 -52.17
C LYS Y 38 54.17 12.57 -51.79
N LEU Y 39 54.26 13.20 -50.63
CA LEU Y 39 53.23 14.12 -50.15
C LEU Y 39 53.61 15.53 -50.56
N SER Y 40 52.64 16.36 -50.94
CA SER Y 40 53.01 17.74 -51.30
C SER Y 40 53.74 18.41 -50.14
N HIS Y 41 54.70 19.25 -50.48
CA HIS Y 41 55.60 19.88 -49.52
C HIS Y 41 56.25 18.92 -48.50
N HIS Y 42 56.37 17.64 -48.82
CA HIS Y 42 57.32 16.81 -48.07
C HIS Y 42 58.44 16.26 -48.98
N ILE Y 43 59.51 15.79 -48.34
CA ILE Y 43 60.59 15.12 -49.02
C ILE Y 43 60.21 13.74 -49.50
N CYS Y 44 60.41 13.51 -50.80
CA CYS Y 44 60.15 12.23 -51.45
C CYS Y 44 60.94 11.08 -50.82
N PRO Y 45 60.24 10.18 -50.12
CA PRO Y 45 60.93 9.24 -49.25
C PRO Y 45 61.68 8.14 -49.97
N ASN Y 46 61.62 8.10 -51.30
CA ASN Y 46 62.34 7.05 -52.03
C ASN Y 46 63.81 7.44 -52.25
N CYS Y 47 64.05 8.48 -53.05
CA CYS Y 47 65.40 9.03 -53.24
C CYS Y 47 65.86 9.84 -52.09
N GLY Y 48 65.19 10.97 -51.89
CA GLY Y 48 65.43 11.91 -50.80
C GLY Y 48 65.36 13.32 -51.33
N TYR Y 49 64.65 13.50 -52.45
CA TYR Y 49 64.72 14.73 -53.24
C TYR Y 49 63.68 15.73 -52.78
N TYR Y 50 64.09 16.99 -52.70
CA TYR Y 50 63.12 18.04 -52.47
C TYR Y 50 63.33 19.23 -53.42
N ASP Y 51 64.50 19.29 -54.08
CA ASP Y 51 64.67 19.88 -55.44
C ASP Y 51 66.04 19.33 -55.99
N GLY Y 52 67.11 19.60 -55.24
CA GLY Y 52 68.31 18.78 -55.25
C GLY Y 52 68.00 17.66 -54.27
N ARG Y 53 68.87 17.36 -53.31
CA ARG Y 53 68.70 16.09 -52.62
C ARG Y 53 69.04 16.05 -51.12
N GLN Y 54 68.01 16.13 -50.28
CA GLN Y 54 68.17 16.40 -48.85
C GLN Y 54 68.38 15.21 -47.92
N VAL Y 55 67.39 14.30 -47.81
CA VAL Y 55 67.59 13.20 -46.87
C VAL Y 55 68.43 12.24 -47.64
N LEU Y 56 68.96 11.29 -46.90
CA LEU Y 56 70.04 10.45 -47.35
C LEU Y 56 69.53 9.08 -47.83
N ALA Y 57 69.76 8.85 -49.13
CA ALA Y 57 69.63 7.55 -49.82
C ALA Y 57 68.36 6.79 -49.54
N ALA Z 1 -23.87 -21.94 37.36
CA ALA Z 1 -23.51 -20.65 36.75
C ALA Z 1 -22.19 -20.06 37.35
N ALA Z 2 -22.33 -19.17 38.35
CA ALA Z 2 -21.18 -18.54 39.00
C ALA Z 2 -21.24 -18.68 40.53
N ALA Z 3 -20.11 -18.47 41.20
CA ALA Z 3 -19.92 -18.87 42.60
C ALA Z 3 -20.69 -18.05 43.65
N GLY Z 4 -20.40 -16.74 43.72
CA GLY Z 4 -20.93 -15.84 44.73
C GLY Z 4 -22.37 -16.07 45.16
N ALA Z 5 -23.22 -16.35 44.17
CA ALA Z 5 -24.62 -16.79 44.31
C ALA Z 5 -25.28 -16.60 45.71
N ALA Z 6 -25.63 -15.36 46.04
CA ALA Z 6 -26.32 -15.09 47.30
C ALA Z 6 -27.85 -15.33 47.18
N PRO Z 7 -28.52 -14.67 46.21
CA PRO Z 7 -29.92 -15.06 46.04
C PRO Z 7 -30.08 -16.11 44.93
N ARG Z 8 -31.00 -17.06 45.15
CA ARG Z 8 -31.20 -18.22 44.27
C ARG Z 8 -29.98 -19.13 44.28
N ILE Z 9 -30.20 -20.42 44.52
CA ILE Z 9 -29.11 -21.38 44.53
C ILE Z 9 -29.62 -22.66 43.92
N ILE Z 10 -28.76 -23.34 43.18
CA ILE Z 10 -29.07 -24.68 42.66
C ILE Z 10 -29.11 -25.66 43.81
N VAL Z 11 -30.34 -26.04 44.15
CA VAL Z 11 -30.62 -27.06 45.13
C VAL Z 11 -31.02 -28.33 44.41
N LYS Z 12 -30.66 -29.47 45.02
CA LYS Z 12 -31.06 -30.77 44.53
C LYS Z 12 -32.13 -31.42 45.44
N MET Z 13 -33.25 -31.82 44.82
CA MET Z 13 -34.41 -32.40 45.49
C MET Z 13 -34.32 -33.92 45.48
N GLU Z 14 -33.77 -34.51 46.54
CA GLU Z 14 -33.58 -35.96 46.55
C GLU Z 14 -34.75 -36.70 47.22
N SER Z 15 -35.05 -37.88 46.69
CA SER Z 15 -36.22 -38.65 47.07
C SER Z 15 -36.14 -39.27 48.46
N SER Z 16 -37.33 -39.53 48.98
CA SER Z 16 -37.55 -40.21 50.24
C SER Z 16 -37.61 -41.69 49.96
N ALA Z 17 -38.00 -42.01 48.72
CA ALA Z 17 -38.12 -43.36 48.23
C ALA Z 17 -36.84 -44.21 48.38
N GLY Z 18 -35.69 -43.55 48.60
CA GLY Z 18 -34.42 -44.25 48.75
C GLY Z 18 -33.94 -44.96 47.49
N THR Z 19 -34.54 -44.58 46.36
CA THR Z 19 -34.21 -45.16 45.06
C THR Z 19 -32.79 -44.83 44.63
N GLY Z 20 -32.48 -43.53 44.59
CA GLY Z 20 -31.18 -43.01 44.17
C GLY Z 20 -31.41 -41.70 43.46
N PHE Z 21 -32.46 -41.72 42.63
CA PHE Z 21 -32.99 -40.58 41.90
C PHE Z 21 -33.07 -39.26 42.67
N TYR Z 22 -32.86 -38.15 41.96
CA TYR Z 22 -33.03 -36.77 42.50
C TYR Z 22 -33.50 -35.77 41.42
N TYR Z 23 -33.74 -34.53 41.82
CA TYR Z 23 -33.95 -33.46 40.86
C TYR Z 23 -33.02 -32.29 41.13
N THR Z 24 -33.09 -31.26 40.27
CA THR Z 24 -32.37 -30.00 40.50
C THR Z 24 -33.21 -28.80 40.06
N THR Z 25 -33.32 -27.80 40.93
CA THR Z 25 -33.78 -26.47 40.51
C THR Z 25 -33.21 -25.42 41.45
N THR Z 26 -33.89 -24.29 41.59
CA THR Z 26 -33.29 -23.16 42.27
C THR Z 26 -34.21 -22.54 43.32
N LYS Z 27 -33.66 -22.24 44.50
CA LYS Z 27 -34.47 -21.58 45.55
C LYS Z 27 -33.77 -20.33 46.14
N ASN Z 28 -34.58 -19.33 46.46
CA ASN Z 28 -34.13 -17.96 46.70
C ASN Z 28 -33.48 -17.68 48.07
N ARG Z 29 -33.72 -18.55 49.04
CA ARG Z 29 -33.23 -18.37 50.42
C ARG Z 29 -33.75 -17.11 51.10
N ARG Z 30 -34.38 -16.24 50.33
CA ARG Z 30 -35.06 -15.11 50.90
C ARG Z 30 -36.43 -15.56 51.32
N ASN Z 31 -36.96 -16.58 50.65
CA ASN Z 31 -38.33 -16.94 50.91
C ASN Z 31 -38.51 -18.40 51.29
N THR Z 32 -37.52 -19.23 50.98
CA THR Z 32 -37.59 -20.61 51.43
C THR Z 32 -37.01 -20.74 52.84
N GLN Z 33 -36.07 -19.85 53.19
CA GLN Z 33 -35.47 -19.76 54.52
C GLN Z 33 -34.97 -21.09 55.13
N ALA Z 34 -35.90 -22.01 55.40
CA ALA Z 34 -35.56 -23.28 56.02
C ALA Z 34 -35.30 -24.37 55.00
N LYS Z 35 -36.36 -24.95 54.45
CA LYS Z 35 -36.23 -26.11 53.58
C LYS Z 35 -37.17 -26.08 52.39
N LEU Z 36 -37.07 -27.10 51.53
CA LEU Z 36 -37.92 -27.19 50.35
C LEU Z 36 -38.58 -28.57 50.26
N GLU Z 37 -39.91 -28.57 50.04
CA GLU Z 37 -40.76 -29.76 50.12
C GLU Z 37 -41.65 -29.94 48.88
N LEU Z 38 -41.32 -30.91 48.03
CA LEU Z 38 -42.02 -31.03 46.75
C LEU Z 38 -42.42 -32.44 46.35
N LYS Z 39 -43.48 -32.54 45.55
CA LYS Z 39 -44.14 -33.82 45.23
C LYS Z 39 -43.99 -34.29 43.79
N LYS Z 40 -42.82 -34.77 43.37
CA LYS Z 40 -42.73 -35.16 41.95
C LYS Z 40 -42.56 -36.67 41.71
N TYR Z 41 -42.88 -37.07 40.47
CA TYR Z 41 -42.74 -38.44 40.01
C TYR Z 41 -41.39 -39.07 40.34
N ASP Z 42 -41.36 -40.38 40.48
CA ASP Z 42 -40.12 -41.12 40.67
C ASP Z 42 -40.17 -42.17 39.57
N PRO Z 43 -39.11 -42.34 38.80
CA PRO Z 43 -39.24 -43.26 37.69
C PRO Z 43 -38.79 -44.65 38.08
N VAL Z 44 -38.43 -44.82 39.34
CA VAL Z 44 -38.06 -46.13 39.82
C VAL Z 44 -39.22 -46.76 40.61
N ALA Z 45 -40.39 -46.11 40.57
CA ALA Z 45 -41.62 -46.61 41.20
C ALA Z 45 -42.83 -45.91 40.57
N ALA Z 46 -43.50 -45.05 41.37
CA ALA Z 46 -44.49 -44.10 40.85
C ALA Z 46 -44.98 -43.07 41.88
N HIS Z 47 -44.23 -41.96 41.99
CA HIS Z 47 -44.73 -40.64 42.47
C HIS Z 47 -44.59 -40.28 43.96
N VAL Z 48 -43.35 -40.18 44.46
CA VAL Z 48 -43.10 -40.31 45.90
C VAL Z 48 -42.43 -39.14 46.66
N VAL Z 49 -42.52 -37.90 46.16
CA VAL Z 49 -42.20 -36.71 46.99
C VAL Z 49 -40.77 -36.60 47.60
N PHE Z 50 -40.05 -35.50 47.30
CA PHE Z 50 -38.65 -35.33 47.77
C PHE Z 50 -38.36 -34.12 48.69
N ALA Z 51 -37.15 -34.12 49.26
CA ALA Z 51 -36.71 -33.04 50.16
C ALA Z 51 -35.39 -32.40 49.68
N ALA Z 52 -35.15 -31.15 50.08
CA ALA Z 52 -34.03 -30.37 49.55
C ALA Z 52 -32.65 -30.74 50.13
N ALA Z 53 -32.04 -31.79 49.58
CA ALA Z 53 -30.69 -32.19 49.97
C ALA Z 53 -29.67 -31.12 49.52
N ALA Z 54 -28.51 -31.08 50.18
CA ALA Z 54 -27.50 -30.05 49.91
C ALA Z 54 -27.01 -30.06 48.45
N MET AA 1 46.77 -0.04 3.23
CA MET AA 1 46.79 -0.37 4.65
C MET AA 1 47.22 -1.82 4.94
N LYS AA 2 47.64 -2.10 6.16
CA LYS AA 2 48.05 -3.46 6.56
C LYS AA 2 46.92 -4.45 6.35
N ARG AA 3 47.20 -5.52 5.59
CA ARG AA 3 46.16 -6.50 5.23
C ARG AA 3 46.20 -7.78 6.07
N THR AA 4 45.07 -8.49 6.10
CA THR AA 4 44.91 -9.72 6.87
C THR AA 4 46.13 -10.66 6.85
N TYR AA 5 46.51 -11.15 5.67
CA TYR AA 5 47.55 -12.18 5.57
C TYR AA 5 48.97 -11.64 5.67
N GLN AA 6 49.66 -11.98 6.75
CA GLN AA 6 51.04 -11.52 6.95
C GLN AA 6 51.97 -12.69 7.21
N PRO AA 7 52.35 -13.39 6.15
CA PRO AA 7 53.18 -14.58 6.04
C PRO AA 7 54.11 -14.83 7.21
N ASN AA 8 54.13 -16.04 7.74
CA ASN AA 8 55.11 -16.39 8.76
C ASN AA 8 55.31 -17.89 8.79
N ASN AA 9 56.43 -18.36 8.23
CA ASN AA 9 56.70 -19.79 8.08
C ASN AA 9 56.39 -20.58 9.35
N ARG AA 10 56.93 -20.13 10.47
CA ARG AA 10 56.78 -20.87 11.72
C ARG AA 10 55.34 -20.84 12.20
N LYS AA 11 54.68 -19.70 12.03
CA LYS AA 11 53.27 -19.62 12.33
C LYS AA 11 52.50 -20.71 11.58
N ARG AA 12 52.60 -20.66 10.26
CA ARG AA 12 51.84 -21.56 9.43
C ARG AA 12 52.10 -23.01 9.81
N ALA AA 13 53.36 -23.40 9.93
CA ALA AA 13 53.70 -24.77 10.33
C ALA AA 13 53.14 -25.15 11.71
N LYS AA 14 53.26 -24.25 12.68
CA LYS AA 14 52.80 -24.56 14.04
C LYS AA 14 51.28 -24.55 14.14
N THR AA 15 50.61 -24.02 13.13
CA THR AA 15 49.17 -23.81 13.23
C THR AA 15 48.37 -24.77 12.36
N HIS AA 16 48.79 -24.92 11.12
CA HIS AA 16 48.06 -25.76 10.19
C HIS AA 16 48.88 -26.97 9.82
N GLY AA 17 49.87 -27.26 10.65
CA GLY AA 17 50.87 -28.25 10.31
C GLY AA 17 50.43 -29.67 10.50
N PHE AA 18 51.25 -30.59 10.01
CA PHE AA 18 50.94 -32.00 10.13
C PHE AA 18 51.05 -32.45 11.57
N ARG AA 19 52.11 -32.01 12.27
CA ARG AA 19 52.28 -32.42 13.67
C ARG AA 19 51.11 -31.88 14.46
N ALA AA 20 50.83 -30.60 14.25
CA ALA AA 20 49.69 -29.92 14.85
C ALA AA 20 48.37 -30.68 14.62
N ARG AA 21 48.10 -30.99 13.37
CA ARG AA 21 46.85 -31.66 13.06
C ARG AA 21 46.79 -33.03 13.75
N MET AA 22 47.92 -33.72 13.81
CA MET AA 22 47.97 -35.04 14.45
C MET AA 22 47.87 -34.95 15.97
N LYS AA 23 48.09 -33.78 16.54
CA LYS AA 23 48.09 -33.66 18.00
C LYS AA 23 46.71 -33.81 18.62
N THR AA 24 45.67 -33.83 17.79
CA THR AA 24 44.29 -33.85 18.29
C THR AA 24 43.35 -34.73 17.45
N LYS AA 25 42.33 -35.29 18.08
CA LYS AA 25 41.43 -36.18 17.37
C LYS AA 25 40.72 -35.46 16.24
N SER AA 26 40.46 -34.16 16.41
CA SER AA 26 39.71 -33.44 15.40
C SER AA 26 40.61 -33.12 14.20
N GLY AA 27 41.89 -32.92 14.48
CA GLY AA 27 42.87 -32.71 13.44
C GLY AA 27 43.20 -34.00 12.72
N ARG AA 28 43.29 -35.08 13.48
CA ARG AA 28 43.37 -36.42 12.91
C ARG AA 28 42.17 -36.62 11.97
N ASN AA 29 41.00 -36.13 12.39
CA ASN AA 29 39.78 -36.29 11.61
C ASN AA 29 39.84 -35.45 10.34
N ILE AA 30 40.55 -34.33 10.40
CA ILE AA 30 40.78 -33.57 9.17
C ILE AA 30 41.62 -34.43 8.27
N LEU AA 31 42.81 -34.78 8.74
CA LEU AA 31 43.72 -35.62 7.98
C LEU AA 31 43.01 -36.76 7.25
N ALA AA 32 42.32 -37.61 7.99
CA ALA AA 32 41.59 -38.68 7.34
C ALA AA 32 40.59 -38.12 6.30
N ARG AA 33 39.83 -37.09 6.68
CA ARG AA 33 38.78 -36.59 5.80
C ARG AA 33 39.35 -36.10 4.46
N ARG AA 34 40.47 -35.41 4.55
CA ARG AA 34 41.19 -34.90 3.40
C ARG AA 34 41.73 -36.02 2.54
N ARG AA 35 42.50 -36.94 3.15
CA ARG AA 35 43.01 -38.11 2.45
C ARG AA 35 41.89 -38.66 1.59
N ALA AA 36 40.78 -39.01 2.24
CA ALA AA 36 39.54 -39.40 1.55
C ALA AA 36 39.17 -38.52 0.36
N LYS AA 37 39.26 -37.19 0.47
CA LYS AA 37 38.85 -36.38 -0.69
C LYS AA 37 39.89 -36.47 -1.81
N GLY AA 38 41.03 -37.06 -1.53
CA GLY AA 38 42.05 -37.24 -2.54
C GLY AA 38 42.87 -36.00 -2.82
N ARG AA 39 42.94 -35.10 -1.84
CA ARG AA 39 43.72 -33.87 -1.96
C ARG AA 39 45.20 -34.13 -2.20
N HIS AA 40 45.77 -33.33 -3.09
CA HIS AA 40 47.21 -33.36 -3.25
C HIS AA 40 47.80 -32.79 -2.00
N GLN AA 41 47.14 -31.75 -1.48
CA GLN AA 41 47.62 -31.03 -0.31
C GLN AA 41 46.93 -31.56 0.91
N LEU AA 42 47.56 -32.54 1.55
CA LEU AA 42 46.99 -33.05 2.77
C LEU AA 42 47.04 -31.95 3.79
N THR AA 43 48.20 -31.30 3.87
CA THR AA 43 48.49 -30.35 4.94
C THR AA 43 49.71 -29.46 4.68
N VAL AA 44 49.44 -28.18 4.46
CA VAL AA 44 50.40 -27.09 4.68
C VAL AA 44 51.89 -27.44 4.71
N SER AA 45 52.27 -28.51 5.42
CA SER AA 45 53.63 -29.02 5.33
C SER AA 45 53.86 -29.73 4.00
N ASP AA 46 52.79 -29.90 3.21
CA ASP AA 46 52.89 -30.46 1.87
C ASP AA 46 53.32 -29.41 0.86
N GLU AA 47 53.01 -28.15 1.14
CA GLU AA 47 53.47 -27.03 0.33
C GLU AA 47 54.98 -27.04 0.17
N PRO BA 1 2.35 -46.19 2.78
CA PRO BA 1 1.84 -45.95 4.14
C PRO BA 1 0.34 -46.24 4.23
N LYS BA 2 -0.08 -47.10 5.17
CA LYS BA 2 -1.51 -47.37 5.36
C LYS BA 2 -2.15 -46.17 6.06
N MET BA 3 -3.22 -45.65 5.46
CA MET BA 3 -3.96 -44.53 6.02
C MET BA 3 -4.47 -44.83 7.43
N LYS BA 4 -4.10 -44.00 8.40
CA LYS BA 4 -4.47 -44.28 9.79
C LYS BA 4 -5.92 -43.91 10.06
N THR BA 5 -6.42 -44.38 11.19
CA THR BA 5 -7.79 -44.13 11.61
C THR BA 5 -7.84 -42.96 12.60
N HIS BA 6 -8.73 -42.01 12.37
CA HIS BA 6 -8.71 -40.85 13.21
C HIS BA 6 -9.32 -41.10 14.58
N LYS BA 7 -8.45 -41.49 15.51
CA LYS BA 7 -8.85 -41.94 16.83
C LYS BA 7 -9.82 -41.04 17.59
N MET BA 8 -9.86 -39.74 17.31
CA MET BA 8 -10.90 -38.91 17.93
C MET BA 8 -12.29 -39.37 17.52
N ALA BA 9 -12.40 -39.84 16.27
CA ALA BA 9 -13.69 -40.09 15.66
C ALA BA 9 -14.25 -41.45 16.07
N LYS BA 10 -13.41 -42.24 16.72
CA LYS BA 10 -13.75 -43.55 17.24
C LYS BA 10 -15.00 -43.54 18.14
N ARG BA 11 -14.95 -42.73 19.18
CA ARG BA 11 -15.99 -42.73 20.20
C ARG BA 11 -17.15 -41.78 19.88
N ARG BA 12 -17.16 -41.13 18.73
CA ARG BA 12 -18.12 -40.05 18.54
C ARG BA 12 -18.87 -40.20 17.26
N ILE BA 13 -18.44 -41.14 16.43
CA ILE BA 13 -19.04 -41.34 15.12
C ILE BA 13 -19.40 -42.81 14.87
N LYS BA 14 -20.45 -43.03 14.09
CA LYS BA 14 -20.87 -44.39 13.74
C LYS BA 14 -21.11 -44.55 12.24
N ILE BA 15 -20.57 -45.61 11.66
CA ILE BA 15 -20.99 -45.96 10.31
C ILE BA 15 -22.32 -46.69 10.34
N THR BA 16 -23.07 -46.56 9.25
CA THR BA 16 -24.39 -47.15 9.16
C THR BA 16 -24.40 -48.29 8.12
N GLY BA 17 -25.43 -49.12 8.17
CA GLY BA 17 -25.59 -50.14 7.17
C GLY BA 17 -25.49 -49.64 5.74
N THR BA 18 -26.32 -48.65 5.39
CA THR BA 18 -26.31 -48.13 4.02
C THR BA 18 -24.98 -47.48 3.67
N GLY BA 19 -24.49 -46.68 4.59
CA GLY BA 19 -23.26 -45.95 4.37
C GLY BA 19 -23.42 -44.50 4.70
N LYS BA 20 -24.29 -44.20 5.67
CA LYS BA 20 -24.31 -42.87 6.27
C LYS BA 20 -23.64 -42.88 7.64
N VAL BA 21 -23.57 -41.70 8.25
CA VAL BA 21 -22.69 -41.47 9.39
C VAL BA 21 -23.43 -40.79 10.51
N MET BA 22 -23.21 -41.26 11.73
CA MET BA 22 -24.00 -40.83 12.86
C MET BA 22 -23.16 -40.27 13.99
N ALA BA 23 -23.81 -39.52 14.87
CA ALA BA 23 -23.20 -39.07 16.11
C ALA BA 23 -24.25 -38.77 17.18
N PHE BA 24 -23.79 -38.34 18.35
CA PHE BA 24 -24.67 -38.12 19.47
C PHE BA 24 -24.96 -36.64 19.65
N LYS BA 25 -26.21 -36.28 19.91
CA LYS BA 25 -26.54 -34.87 20.14
C LYS BA 25 -25.82 -34.36 21.39
N SER BA 26 -25.68 -33.03 21.48
CA SER BA 26 -24.69 -32.44 22.35
C SER BA 26 -25.24 -31.37 23.28
N GLY BA 27 -24.60 -31.23 24.43
CA GLY BA 27 -24.95 -30.21 25.39
C GLY BA 27 -25.63 -30.84 26.57
N LYS BA 28 -24.84 -31.45 27.44
CA LYS BA 28 -25.41 -32.45 28.33
C LYS BA 28 -24.50 -32.70 29.51
N ARG BA 29 -23.67 -31.71 29.81
CA ARG BA 29 -22.60 -31.97 30.76
C ARG BA 29 -22.58 -30.95 31.89
N HIS BA 30 -23.14 -29.76 31.68
CA HIS BA 30 -23.36 -28.81 32.76
C HIS BA 30 -24.42 -27.81 32.36
N GLN BA 31 -24.97 -27.97 31.17
CA GLN BA 31 -26.07 -27.13 30.70
C GLN BA 31 -27.41 -27.77 31.11
N ASN BA 32 -27.42 -28.22 32.35
CA ASN BA 32 -28.44 -29.15 32.77
C ASN BA 32 -29.60 -28.43 33.46
N THR BA 33 -29.44 -27.92 34.68
CA THR BA 33 -30.53 -27.22 35.39
C THR BA 33 -31.26 -26.16 34.54
N GLY BA 34 -31.06 -26.23 33.24
CA GLY BA 34 -31.67 -25.34 32.27
C GLY BA 34 -33.17 -25.29 32.33
N LYS BA 35 -33.83 -26.41 32.01
CA LYS BA 35 -33.13 -27.59 31.47
C LYS BA 35 -33.30 -27.55 29.94
N SER BA 36 -34.49 -27.79 29.35
CA SER BA 36 -35.71 -28.33 29.96
C SER BA 36 -35.61 -29.86 29.91
N GLY BA 37 -36.42 -30.56 30.70
CA GLY BA 37 -36.35 -32.01 30.75
C GLY BA 37 -36.47 -32.74 29.40
N ASP BA 38 -37.22 -32.13 28.48
CA ASP BA 38 -37.33 -32.65 27.13
C ASP BA 38 -36.07 -32.34 26.30
N GLU BA 39 -35.38 -31.23 26.59
CA GLU BA 39 -34.08 -30.98 25.97
C GLU BA 39 -33.16 -32.09 26.48
N ILE BA 40 -32.89 -32.11 27.79
CA ILE BA 40 -32.03 -33.13 28.41
C ILE BA 40 -32.28 -34.54 27.89
N ARG BA 41 -33.55 -34.84 27.67
CA ARG BA 41 -33.91 -36.11 27.08
C ARG BA 41 -33.44 -36.16 25.63
N GLY BA 42 -33.78 -35.13 24.86
CA GLY BA 42 -33.45 -35.09 23.45
C GLY BA 42 -31.97 -35.05 23.11
N LYS BA 43 -31.15 -34.76 24.12
CA LYS BA 43 -29.76 -34.51 23.88
C LYS BA 43 -28.88 -35.73 24.15
N GLY BA 44 -29.06 -36.39 25.30
CA GLY BA 44 -28.29 -37.60 25.57
C GLY BA 44 -28.16 -38.60 24.41
N LYS BA 45 -29.00 -38.38 23.39
CA LYS BA 45 -29.37 -39.35 22.36
C LYS BA 45 -28.32 -39.68 21.32
N GLY BA 46 -28.77 -39.66 20.07
CA GLY BA 46 -27.96 -39.97 18.91
C GLY BA 46 -28.69 -39.41 17.70
N PHE BA 47 -27.99 -39.32 16.57
CA PHE BA 47 -28.52 -38.70 15.34
C PHE BA 47 -27.53 -38.63 14.16
N VAL BA 48 -28.09 -38.42 12.98
CA VAL BA 48 -27.33 -38.41 11.74
C VAL BA 48 -26.87 -37.00 11.38
N LEU BA 49 -25.62 -36.89 10.96
CA LEU BA 49 -25.07 -35.59 10.56
C LEU BA 49 -25.74 -35.08 9.29
N ALA BA 50 -25.74 -33.77 9.10
CA ALA BA 50 -26.61 -33.14 8.10
C ALA BA 50 -26.33 -33.65 6.69
N LYS BA 51 -25.07 -33.55 6.24
CA LYS BA 51 -24.59 -34.24 5.03
C LYS BA 51 -23.20 -33.78 4.64
N ALA BA 52 -23.02 -32.47 4.49
CA ALA BA 52 -21.75 -31.93 4.07
C ALA BA 52 -20.60 -32.53 4.87
N GLU BA 53 -20.94 -32.97 6.08
CA GLU BA 53 -19.96 -33.44 7.04
C GLU BA 53 -19.67 -34.93 6.93
N TRP BA 54 -20.15 -35.56 5.87
CA TRP BA 54 -20.06 -37.01 5.77
C TRP BA 54 -18.69 -37.48 5.31
N ALA BA 55 -18.24 -36.91 4.17
CA ALA BA 55 -16.97 -37.29 3.55
C ALA BA 55 -15.83 -37.32 4.56
N ARG BA 56 -15.75 -36.26 5.36
CA ARG BA 56 -14.64 -36.14 6.28
C ARG BA 56 -14.65 -37.30 7.25
N MET BA 57 -15.77 -37.50 7.92
CA MET BA 57 -15.89 -38.59 8.89
C MET BA 57 -15.52 -39.94 8.26
N LYS BA 58 -16.03 -40.17 7.06
CA LYS BA 58 -15.73 -41.40 6.36
C LYS BA 58 -14.22 -41.56 6.26
N LEU BA 59 -13.55 -40.47 5.87
CA LEU BA 59 -12.09 -40.48 5.79
C LEU BA 59 -11.44 -40.61 7.19
N MET BA 60 -12.20 -40.35 8.26
CA MET BA 60 -11.64 -40.42 9.61
C MET BA 60 -11.40 -41.85 10.06
N LEU BA 61 -12.38 -42.72 9.82
CA LEU BA 61 -12.20 -44.16 10.07
C LEU BA 61 -12.43 -44.96 8.79
N PRO BA 62 -11.34 -45.42 8.17
CA PRO BA 62 -11.43 -46.21 6.92
C PRO BA 62 -12.06 -47.60 7.13
N ARG BA 63 -11.95 -48.13 8.35
CA ARG BA 63 -12.41 -49.49 8.65
C ARG BA 63 -13.91 -49.51 8.98
N GLY BA 64 -14.51 -48.33 9.09
CA GLY BA 64 -15.91 -48.22 9.45
C GLY BA 64 -16.12 -48.23 10.95
N LYS BA 65 -15.25 -48.94 11.65
CA LYS BA 65 -15.30 -49.00 13.11
C LYS BA 65 -14.05 -48.34 13.69
#